data_9AY1
#
_entry.id   9AY1
#
loop_
_entity.id
_entity.type
_entity.pdbx_description
1 polymer 'IgG EEEV-373 Heavy chain'
2 polymer 'IgG EEEV-373 Light chain'
3 polymer 'Spike glycoprotein E1'
4 polymer 'E2 glycoprotein'
5 branched beta-D-mannopyranose-(1-4)-2-acetamido-2-deoxy-beta-D-glucopyranose-(1-4)-2-acetamido-2-deoxy-beta-D-glucopyranose
6 branched 2-acetamido-2-deoxy-beta-D-glucopyranose-(1-4)-2-acetamido-2-deoxy-beta-D-glucopyranose
7 non-polymer beta-D-mannopyranose
8 non-polymer 2-acetamido-2-deoxy-beta-D-glucopyranose
#
loop_
_entity_poly.entity_id
_entity_poly.type
_entity_poly.pdbx_seq_one_letter_code
_entity_poly.pdbx_strand_id
1 'polypeptide(L)'
;QVQLVESGGGVVQPGRSLRLSCAASGFTFSSHVMYWVRQAPGKGLEWVAVITYDGGNKYYADSVRGRLTISRDNSKNTLY
LQMNSLRAEDTAVYYCASPRGDSGSYYDIDYFDYWGQGTLVTVSSASTKGPSVFPLAPSSKSTSGGTAALGCLVKDYFPE
PVTVSWNSGALTSGVHTFPAVLQSSGLYSLSSVVTVPSSSLGTQTYICNVNHKPSNTKVDKKVEPKSC
;
1
2 'polypeptide(L)'
;DIQMTQSPSAMSASVGDRVTITCRASQGISNYLAWFQQKPGKVPKRLIYAASSLQSGVPSRFSGSGSGTEFTLTISSLQP
EDFATYYCLQHNTSPSPFGQGTKVEIKRTVAAPSVFIFPPSDEQLKSGTASVVCLLNNFYPREAKVQWKVDNALQSGNSQ
ESVTEQDSKDSTYSLSSTLTLSKADYEKHKLYACEVTHQGLSSPVTKSFNRGEC
;
2
3 'polypeptide(L)'
;YEHTAVMPNKVGIPYKALVERPGYAPVHLQIQLVNTRIIPSTNLEYITCKYKTKVPSPVVKCCGATQCTSKPHPDYQCQV
FTGVYPFMWGGAYCFCDTENTQMSEAYVERSEECSIDHAKAYKVHTGTVQAMVNITYGSVSWRSADVYVNGETPAKIGDA
KLIIGPLSSAWSPFDNKVVVYGHEVYNYDFPEYGTGKAGSFGDLQSRTSTSNDLYANTNLKLQRPQAGIVHTPFTQAPSG
FERWKRDKGAPLNDVAPFGCSIALEPLRAENCAVGSIPISIDIPDAAFTRISETPTVSDLECKITECTYASDFGGIATVA
YKSSKAGNCPIHSPSGVAVIKENDVTLAESGSFTFHFSTANIHPAFKLQVCTSAVTCKGDCKPPKDHIVDYPAQHTESFT
;
A,B,C,D
4 'polypeptide(L)'
;DLDTHFTQYKLARPYIADCPNCGHSRCDSPIAIEEVRGDAHAGVIRIQTSAMFGLKTDGVDLAYMSFMNGKTQKSIKIDN
LHVRTSAPCSLVSHHGYYILAQCPPGDTVTVGFHDGPNRHTCTVAHKVEFRPVGREKYRHPPEHGVELPCNRYTHKRADQ
GHYVEMHQPGLVADHSLLSIHSAKVKITVPSGAQVKYYCKCPDVREGITSSDHTTTCTDVKQCRAYLIDNKKWVYNSGRL
PRGEGDTFKGKLHVPFVPVKAKCIATLAPEPLVEHKHRTLILHLHPDHPTLLTTRSLGSDANPTRQWIERPTTVNFTVTG
EGLEYTWGNHPPKRVWAQ
;
a,b,c,d
#
# COMPACT_ATOMS: atom_id res chain seq x y z
N GLN A 1 -12.09 61.63 27.03
CA GLN A 1 -13.24 61.75 26.10
C GLN A 1 -12.88 61.21 24.72
N VAL A 2 -13.76 60.42 24.10
CA VAL A 2 -13.60 59.96 22.71
C VAL A 2 -13.68 61.13 21.73
N GLN A 3 -12.67 61.27 20.87
CA GLN A 3 -12.64 62.25 19.78
C GLN A 3 -12.24 61.61 18.46
N LEU A 4 -12.85 62.11 17.38
CA LEU A 4 -12.50 61.84 15.99
C LEU A 4 -12.36 63.19 15.29
N VAL A 5 -11.30 63.38 14.50
CA VAL A 5 -10.96 64.67 13.87
C VAL A 5 -10.58 64.46 12.41
N GLU A 6 -11.50 64.78 11.49
CA GLU A 6 -11.25 64.67 10.06
C GLU A 6 -10.39 65.82 9.53
N SER A 7 -9.58 65.52 8.52
CA SER A 7 -8.71 66.49 7.84
C SER A 7 -8.40 66.04 6.40
N GLY A 8 -7.88 66.96 5.59
CA GLY A 8 -7.57 66.70 4.17
C GLY A 8 -8.69 67.02 3.18
N GLY A 9 -9.88 67.40 3.64
CA GLY A 9 -10.93 67.93 2.77
C GLY A 9 -10.54 69.27 2.12
N GLY A 10 -11.20 69.63 1.01
CA GLY A 10 -10.90 70.83 0.24
C GLY A 10 -11.51 70.78 -1.16
N VAL A 11 -11.05 71.70 -1.99
CA VAL A 11 -11.47 71.77 -3.40
C VAL A 11 -10.53 70.92 -4.24
N VAL A 12 -11.10 70.06 -5.07
CA VAL A 12 -10.35 69.20 -5.99
C VAL A 12 -11.04 69.17 -7.35
N GLN A 13 -10.26 69.09 -8.42
CA GLN A 13 -10.81 69.00 -9.77
C GLN A 13 -11.36 67.61 -10.04
N PRO A 14 -12.41 67.49 -10.87
CA PRO A 14 -12.88 66.19 -11.34
C PRO A 14 -11.75 65.35 -11.96
N GLY A 15 -11.79 64.05 -11.73
CA GLY A 15 -10.77 63.10 -12.18
C GLY A 15 -9.51 63.07 -11.32
N ARG A 16 -9.28 64.05 -10.46
CA ARG A 16 -8.13 64.08 -9.54
C ARG A 16 -8.34 63.15 -8.34
N SER A 17 -7.33 63.08 -7.53
CA SER A 17 -7.31 62.29 -6.30
C SER A 17 -7.18 63.18 -5.08
N LEU A 18 -7.78 62.75 -3.97
CA LEU A 18 -7.66 63.38 -2.67
C LEU A 18 -7.58 62.29 -1.60
N ARG A 19 -6.84 62.52 -0.51
CA ARG A 19 -6.75 61.61 0.63
C ARG A 19 -7.29 62.30 1.88
N LEU A 20 -8.40 61.79 2.41
CA LEU A 20 -8.88 62.21 3.73
C LEU A 20 -8.16 61.42 4.83
N SER A 21 -8.00 62.06 5.97
CA SER A 21 -7.49 61.45 7.20
C SER A 21 -8.48 61.67 8.35
N CYS A 22 -8.50 60.77 9.33
CA CYS A 22 -9.23 60.94 10.58
C CYS A 22 -8.38 60.47 11.76
N ALA A 23 -7.88 61.40 12.57
CA ALA A 23 -7.16 61.09 13.79
C ALA A 23 -8.15 60.75 14.93
N ALA A 24 -7.86 59.68 15.67
CA ALA A 24 -8.69 59.18 16.76
C ALA A 24 -7.98 59.29 18.11
N SER A 25 -8.73 59.58 19.17
CA SER A 25 -8.22 59.65 20.56
C SER A 25 -9.31 59.34 21.59
N GLY A 26 -8.89 58.98 22.81
CA GLY A 26 -9.79 58.65 23.92
C GLY A 26 -10.35 57.23 23.93
N PHE A 27 -9.94 56.38 22.99
CA PHE A 27 -10.29 54.96 22.94
C PHE A 27 -9.20 54.13 22.25
N THR A 28 -9.27 52.81 22.38
CA THR A 28 -8.28 51.88 21.81
C THR A 28 -8.53 51.67 20.31
N PHE A 29 -8.14 52.65 19.48
CA PHE A 29 -8.43 52.67 18.04
C PHE A 29 -8.17 51.34 17.31
N SER A 30 -7.02 50.72 17.59
CA SER A 30 -6.58 49.45 16.99
C SER A 30 -7.48 48.24 17.27
N SER A 31 -8.47 48.38 18.14
CA SER A 31 -9.40 47.29 18.51
C SER A 31 -10.79 47.42 17.89
N HIS A 32 -11.12 48.54 17.23
CA HIS A 32 -12.49 48.82 16.77
C HIS A 32 -12.63 49.06 15.28
N VAL A 33 -13.79 48.65 14.76
CA VAL A 33 -14.25 48.90 13.39
C VAL A 33 -14.39 50.41 13.16
N MET A 34 -14.00 50.88 11.97
CA MET A 34 -14.10 52.30 11.58
C MET A 34 -14.88 52.43 10.28
N TYR A 35 -15.64 53.52 10.16
CA TYR A 35 -16.56 53.76 9.05
C TYR A 35 -16.43 55.18 8.49
N TRP A 36 -16.61 55.33 7.17
CA TRP A 36 -16.88 56.61 6.54
C TRP A 36 -18.34 56.72 6.12
N VAL A 37 -18.96 57.86 6.42
CA VAL A 37 -20.29 58.26 5.99
C VAL A 37 -20.17 59.63 5.33
N ARG A 38 -20.87 59.90 4.23
CA ARG A 38 -20.88 61.22 3.61
C ARG A 38 -22.28 61.81 3.57
N GLN A 39 -22.36 63.14 3.47
CA GLN A 39 -23.61 63.87 3.29
C GLN A 39 -23.42 64.98 2.27
N ALA A 40 -24.01 64.79 1.08
CA ALA A 40 -24.01 65.85 0.08
C ALA A 40 -24.82 67.06 0.60
N PRO A 41 -24.49 68.28 0.19
CA PRO A 41 -25.20 69.48 0.62
C PRO A 41 -26.72 69.37 0.40
N GLY A 42 -27.48 69.54 1.47
CA GLY A 42 -28.94 69.45 1.45
C GLY A 42 -29.52 68.05 1.19
N LYS A 43 -28.70 66.97 1.20
CA LYS A 43 -29.16 65.58 1.02
C LYS A 43 -29.13 64.79 2.33
N GLY A 44 -29.69 63.58 2.30
CA GLY A 44 -29.59 62.61 3.40
C GLY A 44 -28.20 61.99 3.56
N LEU A 45 -28.00 61.25 4.64
CA LEU A 45 -26.76 60.51 4.89
C LEU A 45 -26.56 59.39 3.87
N GLU A 46 -25.31 59.16 3.44
CA GLU A 46 -24.91 58.04 2.59
C GLU A 46 -23.74 57.28 3.24
N TRP A 47 -23.94 55.98 3.47
CA TRP A 47 -22.87 55.10 3.96
C TRP A 47 -21.82 54.89 2.86
N VAL A 48 -20.54 55.16 3.13
CA VAL A 48 -19.49 55.09 2.10
C VAL A 48 -18.72 53.78 2.18
N ALA A 49 -18.16 53.48 3.34
CA ALA A 49 -17.25 52.36 3.53
C ALA A 49 -17.08 51.96 5.01
N VAL A 50 -16.55 50.75 5.22
CA VAL A 50 -16.14 50.22 6.53
C VAL A 50 -14.81 49.47 6.41
N ILE A 51 -14.01 49.52 7.48
CA ILE A 51 -12.78 48.75 7.63
C ILE A 51 -12.70 48.09 9.02
N THR A 52 -12.27 46.83 9.04
CA THR A 52 -12.08 46.04 10.27
C THR A 52 -10.95 46.56 11.15
N TYR A 53 -10.89 46.12 12.40
CA TYR A 53 -9.86 46.51 13.37
C TYR A 53 -8.42 46.24 12.84
N ASP A 54 -8.23 45.14 12.11
CA ASP A 54 -6.94 44.78 11.52
C ASP A 54 -6.77 45.24 10.07
N GLY A 55 -7.82 45.77 9.41
CA GLY A 55 -7.70 46.16 8.01
C GLY A 55 -7.85 45.03 7.01
N GLY A 56 -8.08 43.80 7.47
CA GLY A 56 -8.09 42.60 6.65
C GLY A 56 -9.32 42.48 5.73
N ASN A 57 -10.45 43.09 6.11
CA ASN A 57 -11.61 43.24 5.24
C ASN A 57 -12.06 44.70 5.14
N LYS A 58 -12.56 45.05 3.95
CA LYS A 58 -12.92 46.38 3.50
C LYS A 58 -14.15 46.31 2.62
N TYR A 59 -15.16 47.12 2.88
CA TYR A 59 -16.39 47.12 2.08
C TYR A 59 -16.77 48.55 1.71
N TYR A 60 -17.50 48.67 0.60
CA TYR A 60 -17.77 49.94 -0.07
C TYR A 60 -19.18 49.98 -0.63
N ALA A 61 -19.81 51.15 -0.64
CA ALA A 61 -21.04 51.35 -1.39
C ALA A 61 -20.78 51.21 -2.90
N ASP A 62 -21.74 50.67 -3.65
CA ASP A 62 -21.57 50.48 -5.09
C ASP A 62 -21.33 51.80 -5.83
N SER A 63 -21.80 52.93 -5.30
CA SER A 63 -21.57 54.26 -5.87
C SER A 63 -20.09 54.69 -5.83
N VAL A 64 -19.29 54.09 -4.93
CA VAL A 64 -17.89 54.47 -4.73
C VAL A 64 -16.89 53.34 -5.01
N ARG A 65 -17.37 52.11 -5.19
CA ARG A 65 -16.55 50.91 -5.40
C ARG A 65 -15.62 51.10 -6.61
N GLY A 66 -14.35 50.76 -6.42
CA GLY A 66 -13.28 50.92 -7.41
C GLY A 66 -12.65 52.31 -7.49
N ARG A 67 -13.28 53.34 -6.91
CA ARG A 67 -12.77 54.72 -6.89
C ARG A 67 -12.26 55.15 -5.52
N LEU A 68 -12.95 54.72 -4.46
CA LEU A 68 -12.54 55.02 -3.09
C LEU A 68 -11.88 53.79 -2.47
N THR A 69 -10.87 54.03 -1.64
CA THR A 69 -10.17 52.98 -0.90
C THR A 69 -10.04 53.39 0.56
N ILE A 70 -10.65 52.63 1.45
CA ILE A 70 -10.50 52.81 2.89
C ILE A 70 -9.24 52.08 3.36
N SER A 71 -8.48 52.68 4.24
CA SER A 71 -7.32 52.08 4.90
C SER A 71 -7.15 52.65 6.30
N ARG A 72 -6.28 52.04 7.10
CA ARG A 72 -5.96 52.53 8.45
C ARG A 72 -4.49 52.30 8.80
N ASP A 73 -4.00 53.08 9.75
CA ASP A 73 -2.71 52.86 10.41
C ASP A 73 -2.94 52.85 11.92
N ASN A 74 -3.08 51.64 12.47
CA ASN A 74 -3.30 51.42 13.90
C ASN A 74 -2.16 51.97 14.75
N SER A 75 -0.95 52.07 14.21
CA SER A 75 0.17 52.63 14.97
C SER A 75 0.04 54.16 15.16
N LYS A 76 -0.67 54.82 14.25
CA LYS A 76 -0.92 56.27 14.28
C LYS A 76 -2.34 56.63 14.70
N ASN A 77 -3.15 55.68 15.14
CA ASN A 77 -4.57 55.88 15.46
C ASN A 77 -5.32 56.65 14.35
N THR A 78 -4.99 56.38 13.08
CA THR A 78 -5.46 57.18 11.94
C THR A 78 -6.17 56.31 10.91
N LEU A 79 -7.38 56.73 10.53
CA LEU A 79 -8.16 56.19 9.42
C LEU A 79 -7.94 57.01 8.14
N TYR A 80 -7.93 56.40 6.96
CA TYR A 80 -7.78 57.08 5.69
C TYR A 80 -8.88 56.70 4.71
N LEU A 81 -9.21 57.64 3.84
CA LEU A 81 -10.01 57.42 2.65
C LEU A 81 -9.26 57.99 1.45
N GLN A 82 -8.66 57.13 0.66
CA GLN A 82 -8.08 57.50 -0.63
C GLN A 82 -9.20 57.56 -1.66
N MET A 83 -9.39 58.73 -2.24
CA MET A 83 -10.40 58.98 -3.25
C MET A 83 -9.69 59.24 -4.59
N ASN A 84 -9.97 58.41 -5.58
CA ASN A 84 -9.45 58.54 -6.93
C ASN A 84 -10.59 58.77 -7.93
N SER A 85 -10.28 59.36 -9.07
CA SER A 85 -11.27 59.60 -10.13
C SER A 85 -12.54 60.27 -9.60
N LEU A 86 -12.35 61.33 -8.81
CA LEU A 86 -13.44 62.04 -8.16
C LEU A 86 -14.39 62.66 -9.19
N ARG A 87 -15.66 62.66 -8.84
CA ARG A 87 -16.77 63.19 -9.65
C ARG A 87 -17.50 64.29 -8.87
N ALA A 88 -18.25 65.10 -9.58
CA ALA A 88 -19.05 66.14 -8.95
C ALA A 88 -20.02 65.58 -7.89
N GLU A 89 -20.53 64.35 -8.13
CA GLU A 89 -21.42 63.66 -7.18
C GLU A 89 -20.75 63.29 -5.86
N ASP A 90 -19.42 63.26 -5.82
CA ASP A 90 -18.66 62.98 -4.60
C ASP A 90 -18.54 64.22 -3.70
N THR A 91 -19.05 65.36 -4.11
CA THR A 91 -19.09 66.58 -3.29
C THR A 91 -19.98 66.36 -2.08
N ALA A 92 -19.37 66.29 -0.90
CA ALA A 92 -20.06 66.02 0.34
C ALA A 92 -19.20 66.39 1.55
N VAL A 93 -19.84 66.53 2.71
CA VAL A 93 -19.14 66.44 3.99
C VAL A 93 -18.90 64.96 4.28
N TYR A 94 -17.66 64.58 4.52
CA TYR A 94 -17.29 63.21 4.89
C TYR A 94 -17.04 63.16 6.39
N TYR A 95 -17.77 62.29 7.08
CA TYR A 95 -17.71 62.03 8.51
C TYR A 95 -17.02 60.69 8.78
N CYS A 96 -16.04 60.73 9.67
CA CYS A 96 -15.43 59.57 10.27
C CYS A 96 -16.23 59.14 11.48
N ALA A 97 -16.55 57.85 11.61
CA ALA A 97 -17.36 57.33 12.70
C ALA A 97 -16.93 55.92 13.11
N SER A 98 -17.31 55.50 14.31
CA SER A 98 -17.09 54.16 14.86
C SER A 98 -18.33 53.72 15.63
N PRO A 99 -18.50 52.41 15.88
CA PRO A 99 -19.50 51.92 16.81
C PRO A 99 -19.13 52.33 18.24
N ARG A 100 -19.95 51.93 19.21
CA ARG A 100 -19.56 51.99 20.63
C ARG A 100 -18.20 51.31 20.83
N GLY A 101 -17.40 51.80 21.78
CA GLY A 101 -16.02 51.38 21.98
C GLY A 101 -15.83 49.97 22.57
N ASP A 102 -16.34 48.94 21.90
CA ASP A 102 -16.18 47.52 22.25
C ASP A 102 -15.90 46.67 20.99
N SER A 103 -15.04 45.65 21.11
CA SER A 103 -14.30 45.06 19.98
C SER A 103 -14.93 43.79 19.38
N GLY A 104 -14.42 43.38 18.22
CA GLY A 104 -14.77 42.16 17.50
C GLY A 104 -13.90 41.96 16.26
N SER A 105 -13.88 40.74 15.70
CA SER A 105 -13.06 40.40 14.54
C SER A 105 -13.76 40.72 13.20
N TYR A 106 -14.91 40.11 12.94
CA TYR A 106 -15.75 40.33 11.74
C TYR A 106 -17.24 40.33 12.12
N TYR A 107 -17.54 41.08 13.17
CA TYR A 107 -18.86 41.22 13.77
C TYR A 107 -19.03 42.63 14.35
N ASP A 108 -20.23 43.18 14.24
CA ASP A 108 -20.63 44.47 14.83
C ASP A 108 -22.16 44.54 14.90
N ILE A 109 -22.71 44.96 16.04
CA ILE A 109 -24.13 45.32 16.21
C ILE A 109 -24.31 46.68 16.93
N ASP A 110 -23.24 47.44 17.15
CA ASP A 110 -23.33 48.81 17.74
C ASP A 110 -22.94 49.84 16.68
N TYR A 111 -23.51 49.76 15.47
CA TYR A 111 -23.09 50.63 14.33
C TYR A 111 -23.27 52.13 14.56
N PHE A 112 -22.20 52.93 14.52
CA PHE A 112 -22.26 54.42 14.55
C PHE A 112 -22.70 55.03 15.89
N ASP A 113 -21.81 55.08 16.90
CA ASP A 113 -22.09 55.84 18.16
C ASP A 113 -21.22 57.09 18.29
N TYR A 114 -19.93 57.03 17.93
CA TYR A 114 -18.93 58.10 18.06
C TYR A 114 -18.53 58.58 16.66
N TRP A 115 -18.51 59.90 16.43
CA TRP A 115 -18.28 60.53 15.13
C TRP A 115 -17.39 61.76 15.24
N GLY A 116 -16.75 62.16 14.13
CA GLY A 116 -16.08 63.45 13.99
C GLY A 116 -16.99 64.58 13.46
N GLN A 117 -16.49 65.81 13.41
CA GLN A 117 -17.26 66.98 12.97
C GLN A 117 -17.48 67.04 11.45
N GLY A 118 -16.77 66.21 10.70
CA GLY A 118 -16.84 66.12 9.25
C GLY A 118 -15.91 67.09 8.51
N THR A 119 -15.47 66.70 7.31
CA THR A 119 -14.65 67.54 6.43
C THR A 119 -15.28 67.64 5.03
N LEU A 120 -15.35 68.85 4.48
CA LEU A 120 -16.00 69.13 3.21
C LEU A 120 -15.06 68.83 2.05
N VAL A 121 -15.49 67.99 1.14
CA VAL A 121 -14.85 67.75 -0.16
C VAL A 121 -15.72 68.36 -1.25
N THR A 122 -15.16 69.29 -2.00
CA THR A 122 -15.83 69.90 -3.14
C THR A 122 -15.12 69.50 -4.42
N VAL A 123 -15.80 68.76 -5.28
CA VAL A 123 -15.27 68.33 -6.57
C VAL A 123 -15.78 69.28 -7.66
N SER A 124 -14.92 70.17 -8.11
CA SER A 124 -15.27 71.17 -9.11
C SER A 124 -14.06 71.59 -9.92
N SER A 125 -14.27 71.94 -11.18
CA SER A 125 -13.25 72.53 -12.04
C SER A 125 -13.11 74.05 -11.85
N ALA A 126 -13.99 74.66 -11.06
CA ALA A 126 -13.95 76.09 -10.81
C ALA A 126 -12.72 76.48 -9.98
N SER A 127 -12.15 77.63 -10.29
CA SER A 127 -11.09 78.26 -9.53
C SER A 127 -11.67 79.21 -8.47
N THR A 128 -10.89 79.52 -7.45
CA THR A 128 -11.26 80.52 -6.45
C THR A 128 -11.59 81.84 -7.12
N LYS A 129 -12.79 82.35 -6.89
CA LYS A 129 -13.27 83.61 -7.44
C LYS A 129 -14.08 84.36 -6.37
N GLY A 130 -13.79 85.65 -6.21
CA GLY A 130 -14.57 86.52 -5.34
C GLY A 130 -15.94 86.84 -5.94
N PRO A 131 -16.96 87.09 -5.11
CA PRO A 131 -18.29 87.42 -5.58
C PRO A 131 -18.37 88.81 -6.21
N SER A 132 -19.29 88.94 -7.13
CA SER A 132 -19.84 90.24 -7.50
C SER A 132 -21.08 90.51 -6.65
N VAL A 133 -21.16 91.67 -6.03
CA VAL A 133 -22.28 92.03 -5.15
C VAL A 133 -23.11 93.11 -5.83
N PHE A 134 -24.37 92.81 -6.08
CA PHE A 134 -25.33 93.70 -6.73
C PHE A 134 -26.46 94.05 -5.77
N PRO A 135 -26.94 95.30 -5.77
CA PRO A 135 -28.05 95.68 -4.91
C PRO A 135 -29.37 95.11 -5.46
N LEU A 136 -30.21 94.63 -4.55
CA LEU A 136 -31.64 94.39 -4.78
C LEU A 136 -32.38 95.60 -4.21
N ALA A 137 -32.55 96.61 -5.05
CA ALA A 137 -33.05 97.91 -4.62
C ALA A 137 -34.53 97.83 -4.20
N PRO A 138 -34.92 98.45 -3.09
CA PRO A 138 -36.31 98.57 -2.73
C PRO A 138 -37.04 99.44 -3.75
N SER A 139 -38.26 99.05 -4.05
CA SER A 139 -39.11 99.79 -4.99
C SER A 139 -40.58 99.65 -4.59
N SER A 140 -41.46 100.35 -5.29
CA SER A 140 -42.90 100.16 -5.14
C SER A 140 -43.34 98.71 -5.41
N LYS A 141 -42.59 97.98 -6.22
CA LYS A 141 -42.83 96.57 -6.53
C LYS A 141 -42.31 95.61 -5.44
N SER A 142 -41.43 96.08 -4.57
CA SER A 142 -40.92 95.36 -3.41
C SER A 142 -41.48 95.90 -2.11
N THR A 143 -42.63 96.54 -2.14
CA THR A 143 -43.33 97.07 -0.96
C THR A 143 -44.69 96.38 -0.82
N SER A 144 -45.01 95.95 0.42
CA SER A 144 -46.27 95.33 0.76
C SER A 144 -46.68 95.72 2.18
N GLY A 145 -47.90 96.28 2.35
CA GLY A 145 -48.44 96.58 3.67
C GLY A 145 -47.58 97.48 4.57
N GLY A 146 -46.88 98.46 4.01
CA GLY A 146 -45.98 99.34 4.76
C GLY A 146 -44.60 98.77 5.06
N THR A 147 -44.33 97.59 4.58
CA THR A 147 -43.03 96.93 4.65
C THR A 147 -42.38 96.90 3.27
N ALA A 148 -41.13 97.32 3.20
CA ALA A 148 -40.31 97.19 2.01
C ALA A 148 -39.31 96.06 2.17
N ALA A 149 -39.02 95.37 1.09
CA ALA A 149 -37.92 94.43 1.01
C ALA A 149 -36.78 95.02 0.19
N LEU A 150 -35.56 94.81 0.66
CA LEU A 150 -34.33 95.12 -0.05
C LEU A 150 -33.31 94.02 0.20
N GLY A 151 -32.24 93.98 -0.59
CA GLY A 151 -31.26 92.93 -0.44
C GLY A 151 -29.98 93.15 -1.23
N CYS A 152 -29.13 92.15 -1.18
CA CYS A 152 -27.94 92.03 -1.99
C CYS A 152 -27.90 90.67 -2.67
N LEU A 153 -27.64 90.66 -3.97
CA LEU A 153 -27.34 89.47 -4.74
C LEU A 153 -25.82 89.27 -4.74
N VAL A 154 -25.34 88.18 -4.16
CA VAL A 154 -23.94 87.79 -4.10
C VAL A 154 -23.70 86.71 -5.13
N LYS A 155 -23.17 87.07 -6.28
CA LYS A 155 -23.16 86.24 -7.47
C LYS A 155 -21.75 85.84 -7.92
N ASP A 156 -21.64 84.64 -8.47
CA ASP A 156 -20.46 84.12 -9.16
C ASP A 156 -19.20 84.05 -8.28
N TYR A 157 -19.29 83.34 -7.17
CA TYR A 157 -18.14 83.07 -6.30
C TYR A 157 -17.84 81.57 -6.16
N PHE A 158 -16.61 81.26 -5.80
CA PHE A 158 -16.17 79.91 -5.52
C PHE A 158 -14.91 79.92 -4.66
N PRO A 159 -14.73 78.98 -3.71
CA PRO A 159 -15.73 78.04 -3.20
C PRO A 159 -16.68 78.69 -2.21
N GLU A 160 -17.58 77.92 -1.64
CA GLU A 160 -18.26 78.28 -0.39
C GLU A 160 -17.25 78.38 0.77
N PRO A 161 -17.53 79.12 1.85
CA PRO A 161 -18.72 79.94 2.08
C PRO A 161 -18.49 81.44 1.86
N VAL A 162 -19.59 82.17 1.68
CA VAL A 162 -19.65 83.62 1.94
C VAL A 162 -20.42 83.89 3.23
N THR A 163 -20.09 84.98 3.89
CA THR A 163 -20.88 85.53 5.00
C THR A 163 -21.46 86.88 4.61
N VAL A 164 -22.72 87.10 4.93
CA VAL A 164 -23.41 88.36 4.70
C VAL A 164 -23.95 88.87 6.02
N SER A 165 -23.66 90.12 6.34
CA SER A 165 -24.29 90.86 7.44
C SER A 165 -24.89 92.15 6.91
N TRP A 166 -25.75 92.78 7.69
CA TRP A 166 -26.37 94.06 7.38
C TRP A 166 -26.01 95.11 8.42
N ASN A 167 -25.62 96.29 7.96
CA ASN A 167 -25.17 97.41 8.80
C ASN A 167 -24.12 96.97 9.85
N SER A 168 -23.12 96.24 9.39
CA SER A 168 -22.06 95.67 10.23
C SER A 168 -22.56 94.78 11.38
N GLY A 169 -23.69 94.10 11.18
CA GLY A 169 -24.33 93.22 12.18
C GLY A 169 -25.36 93.92 13.07
N ALA A 170 -25.55 95.23 12.95
CA ALA A 170 -26.55 95.97 13.74
C ALA A 170 -27.99 95.64 13.30
N LEU A 171 -28.21 95.30 12.03
CA LEU A 171 -29.50 94.86 11.51
C LEU A 171 -29.53 93.34 11.40
N THR A 172 -30.35 92.71 12.23
CA THR A 172 -30.53 91.25 12.25
C THR A 172 -32.00 90.84 12.12
N SER A 173 -32.93 91.67 12.57
CA SER A 173 -34.36 91.40 12.48
C SER A 173 -34.84 91.45 11.02
N GLY A 174 -35.59 90.43 10.61
CA GLY A 174 -36.14 90.36 9.25
C GLY A 174 -35.11 90.02 8.17
N VAL A 175 -33.88 89.68 8.52
CA VAL A 175 -32.84 89.27 7.58
C VAL A 175 -33.00 87.80 7.23
N HIS A 176 -33.02 87.49 5.95
CA HIS A 176 -32.94 86.13 5.42
C HIS A 176 -31.77 86.06 4.43
N THR A 177 -30.71 85.33 4.81
CA THR A 177 -29.64 84.97 3.89
C THR A 177 -29.91 83.55 3.39
N PHE A 178 -30.22 83.42 2.12
CA PHE A 178 -30.58 82.16 1.52
C PHE A 178 -29.37 81.23 1.38
N PRO A 179 -29.55 79.91 1.43
CA PRO A 179 -28.53 78.96 1.03
C PRO A 179 -28.06 79.25 -0.40
N ALA A 180 -26.76 79.10 -0.63
CA ALA A 180 -26.20 79.28 -1.96
C ALA A 180 -26.73 78.20 -2.93
N VAL A 181 -26.94 78.62 -4.19
CA VAL A 181 -27.20 77.71 -5.29
C VAL A 181 -25.96 77.58 -6.15
N LEU A 182 -25.66 76.35 -6.59
CA LEU A 182 -24.62 76.10 -7.56
C LEU A 182 -25.20 76.33 -8.97
N GLN A 183 -24.68 77.34 -9.66
CA GLN A 183 -25.08 77.67 -11.02
C GLN A 183 -24.46 76.68 -12.02
N SER A 184 -24.99 76.60 -13.22
CA SER A 184 -24.45 75.79 -14.32
C SER A 184 -23.01 76.15 -14.71
N SER A 185 -22.57 77.36 -14.38
CA SER A 185 -21.18 77.81 -14.54
C SER A 185 -20.19 77.14 -13.55
N GLY A 186 -20.70 76.42 -12.54
CA GLY A 186 -19.89 75.89 -11.44
C GLY A 186 -19.58 76.90 -10.34
N LEU A 187 -20.12 78.12 -10.44
CA LEU A 187 -19.98 79.17 -9.43
C LEU A 187 -21.24 79.24 -8.56
N TYR A 188 -21.05 79.59 -7.31
CA TYR A 188 -22.15 79.78 -6.37
C TYR A 188 -22.79 81.16 -6.51
N SER A 189 -24.06 81.24 -6.17
CA SER A 189 -24.80 82.50 -6.05
C SER A 189 -25.77 82.40 -4.88
N LEU A 190 -25.88 83.45 -4.10
CA LEU A 190 -26.91 83.57 -3.08
C LEU A 190 -27.46 84.99 -3.01
N SER A 191 -28.64 85.13 -2.42
CA SER A 191 -29.20 86.42 -2.06
C SER A 191 -29.31 86.54 -0.54
N SER A 192 -29.10 87.73 -0.03
CA SER A 192 -29.49 88.10 1.33
C SER A 192 -30.51 89.23 1.23
N VAL A 193 -31.64 89.07 1.89
CA VAL A 193 -32.72 90.06 1.89
C VAL A 193 -33.07 90.48 3.30
N VAL A 194 -33.64 91.66 3.43
CA VAL A 194 -34.17 92.16 4.70
C VAL A 194 -35.46 92.93 4.44
N THR A 195 -36.41 92.74 5.32
CA THR A 195 -37.64 93.54 5.34
C THR A 195 -37.53 94.64 6.36
N VAL A 196 -37.87 95.85 5.95
CA VAL A 196 -37.76 97.07 6.75
C VAL A 196 -39.03 97.91 6.59
N PRO A 197 -39.36 98.82 7.53
CA PRO A 197 -40.47 99.73 7.34
C PRO A 197 -40.25 100.61 6.10
N SER A 198 -41.24 100.74 5.25
CA SER A 198 -41.14 101.59 4.03
C SER A 198 -40.81 103.05 4.37
N SER A 199 -41.27 103.56 5.52
CA SER A 199 -40.98 104.91 6.01
C SER A 199 -39.50 105.14 6.33
N SER A 200 -38.71 104.09 6.56
CA SER A 200 -37.29 104.20 6.89
C SER A 200 -36.38 104.36 5.66
N LEU A 201 -36.88 104.08 4.45
CA LEU A 201 -36.07 104.07 3.24
C LEU A 201 -35.39 105.40 2.91
N GLY A 202 -35.99 106.50 3.31
CA GLY A 202 -35.42 107.84 3.09
C GLY A 202 -34.46 108.33 4.17
N THR A 203 -34.44 107.69 5.33
CA THR A 203 -33.71 108.16 6.52
C THR A 203 -32.62 107.20 6.98
N GLN A 204 -32.86 105.88 6.88
CA GLN A 204 -31.93 104.85 7.31
C GLN A 204 -31.09 104.36 6.13
N THR A 205 -29.78 104.28 6.33
CA THR A 205 -28.87 103.67 5.36
C THR A 205 -28.82 102.16 5.58
N TYR A 206 -28.92 101.40 4.50
CA TYR A 206 -28.78 99.96 4.52
C TYR A 206 -27.56 99.53 3.72
N ILE A 207 -26.64 98.83 4.37
CA ILE A 207 -25.39 98.34 3.78
C ILE A 207 -25.31 96.85 4.03
N CYS A 208 -25.15 96.05 2.98
CA CYS A 208 -24.78 94.64 3.14
C CYS A 208 -23.26 94.49 3.16
N ASN A 209 -22.74 93.78 4.15
CA ASN A 209 -21.33 93.49 4.29
C ASN A 209 -21.10 92.04 3.86
N VAL A 210 -20.47 91.86 2.72
CA VAL A 210 -20.18 90.53 2.16
C VAL A 210 -18.71 90.21 2.38
N ASN A 211 -18.41 89.03 2.94
CA ASN A 211 -17.06 88.57 3.15
C ASN A 211 -16.88 87.16 2.58
N HIS A 212 -15.97 87.03 1.62
CA HIS A 212 -15.57 85.76 1.02
C HIS A 212 -14.11 85.47 1.38
N LYS A 213 -13.89 84.82 2.49
CA LYS A 213 -12.55 84.50 3.01
C LYS A 213 -11.64 83.78 1.99
N PRO A 214 -12.11 82.79 1.21
CA PRO A 214 -11.25 82.06 0.28
C PRO A 214 -10.56 82.92 -0.78
N SER A 215 -11.19 84.01 -1.19
CA SER A 215 -10.63 84.98 -2.14
C SER A 215 -10.15 86.28 -1.49
N ASN A 216 -10.19 86.36 -0.16
CA ASN A 216 -9.90 87.59 0.60
C ASN A 216 -10.75 88.81 0.18
N THR A 217 -11.95 88.58 -0.33
CA THR A 217 -12.84 89.63 -0.82
C THR A 217 -13.77 90.10 0.28
N LYS A 218 -13.76 91.40 0.56
CA LYS A 218 -14.75 92.08 1.39
C LYS A 218 -15.40 93.20 0.58
N VAL A 219 -16.72 93.22 0.56
CA VAL A 219 -17.49 94.24 -0.17
C VAL A 219 -18.59 94.76 0.74
N ASP A 220 -18.62 96.07 0.92
CA ASP A 220 -19.72 96.75 1.57
C ASP A 220 -20.55 97.45 0.49
N LYS A 221 -21.78 97.02 0.29
CA LYS A 221 -22.66 97.56 -0.75
C LYS A 221 -23.83 98.29 -0.13
N LYS A 222 -23.92 99.60 -0.39
CA LYS A 222 -25.08 100.40 -0.02
C LYS A 222 -26.24 100.07 -0.95
N VAL A 223 -27.41 99.82 -0.37
CA VAL A 223 -28.64 99.50 -1.10
C VAL A 223 -29.60 100.67 -0.92
N GLU A 224 -29.87 101.37 -2.01
CA GLU A 224 -30.72 102.55 -2.04
C GLU A 224 -31.89 102.33 -3.01
N PRO A 225 -33.02 103.01 -2.80
CA PRO A 225 -34.08 103.04 -3.79
C PRO A 225 -33.52 103.53 -5.13
N LYS A 226 -33.98 102.92 -6.22
CA LYS A 226 -33.57 103.38 -7.54
C LYS A 226 -34.18 104.75 -7.78
N SER A 227 -33.34 105.78 -7.97
CA SER A 227 -33.81 107.10 -8.40
C SER A 227 -34.36 106.97 -9.81
N CYS A 228 -35.58 107.39 -10.00
CA CYS A 228 -36.18 107.60 -11.31
C CYS A 228 -35.71 108.92 -11.91
N ASP B 1 -28.66 45.09 -3.83
CA ASP B 1 -28.34 45.57 -2.47
C ASP B 1 -29.61 45.78 -1.65
N ILE B 2 -29.51 45.86 -0.32
CA ILE B 2 -30.63 46.34 0.51
C ILE B 2 -30.85 47.85 0.22
N GLN B 3 -32.10 48.29 0.22
CA GLN B 3 -32.56 49.67 0.19
C GLN B 3 -33.46 49.91 1.40
N MET B 4 -33.34 51.07 2.04
CA MET B 4 -34.17 51.47 3.16
C MET B 4 -35.13 52.57 2.70
N THR B 5 -36.43 52.37 2.87
CA THR B 5 -37.46 53.36 2.46
C THR B 5 -38.12 53.94 3.69
N GLN B 6 -38.03 55.26 3.88
CA GLN B 6 -38.71 55.95 4.98
C GLN B 6 -39.99 56.62 4.52
N SER B 7 -41.03 56.51 5.34
CA SER B 7 -42.30 57.23 5.17
C SER B 7 -42.78 57.87 6.47
N PRO B 8 -43.19 59.15 6.44
CA PRO B 8 -43.12 60.07 5.30
C PRO B 8 -41.71 60.65 5.06
N SER B 9 -41.47 61.34 3.93
CA SER B 9 -40.22 62.06 3.69
C SER B 9 -40.11 63.35 4.51
N ALA B 10 -41.26 63.96 4.79
CA ALA B 10 -41.38 65.10 5.68
C ALA B 10 -42.75 65.04 6.38
N MET B 11 -42.83 65.60 7.56
CA MET B 11 -44.08 65.75 8.30
C MET B 11 -44.06 66.99 9.18
N SER B 12 -45.24 67.55 9.38
CA SER B 12 -45.44 68.68 10.26
C SER B 12 -46.17 68.21 11.53
N ALA B 13 -45.66 68.57 12.69
CA ALA B 13 -46.22 68.20 13.98
C ALA B 13 -46.11 69.34 14.98
N SER B 14 -47.00 69.33 15.98
CA SER B 14 -46.98 70.30 17.09
C SER B 14 -46.25 69.72 18.30
N VAL B 15 -45.78 70.58 19.17
CA VAL B 15 -45.27 70.15 20.48
C VAL B 15 -46.36 69.40 21.24
N GLY B 16 -46.01 68.26 21.81
CA GLY B 16 -46.94 67.35 22.49
C GLY B 16 -47.52 66.25 21.58
N ASP B 17 -47.43 66.40 20.27
CA ASP B 17 -47.96 65.39 19.34
C ASP B 17 -47.20 64.07 19.44
N ARG B 18 -47.90 62.98 19.14
CA ARG B 18 -47.31 61.68 18.91
C ARG B 18 -46.88 61.59 17.45
N VAL B 19 -45.60 61.42 17.21
CA VAL B 19 -45.01 61.28 15.88
C VAL B 19 -44.63 59.82 15.63
N THR B 20 -45.00 59.28 14.47
CA THR B 20 -44.69 57.90 14.07
C THR B 20 -44.01 57.88 12.71
N ILE B 21 -42.75 57.46 12.65
CA ILE B 21 -41.95 57.40 11.43
C ILE B 21 -41.72 55.93 11.07
N THR B 22 -42.04 55.54 9.85
CA THR B 22 -41.90 54.15 9.38
C THR B 22 -40.70 54.00 8.46
N CYS B 23 -39.96 52.91 8.61
CA CYS B 23 -38.85 52.53 7.77
C CYS B 23 -39.06 51.09 7.28
N ARG B 24 -38.91 50.85 5.98
CA ARG B 24 -39.08 49.54 5.34
C ARG B 24 -37.79 49.12 4.64
N ALA B 25 -37.26 47.96 4.99
CA ALA B 25 -36.14 47.35 4.29
C ALA B 25 -36.62 46.56 3.06
N SER B 26 -35.88 46.62 1.94
CA SER B 26 -36.21 45.83 0.74
C SER B 26 -36.02 44.31 0.92
N GLN B 27 -35.26 43.93 1.96
CA GLN B 27 -35.05 42.49 2.30
C GLN B 27 -35.02 42.37 3.84
N GLY B 28 -35.30 41.19 4.40
CA GLY B 28 -35.32 41.01 5.85
C GLY B 28 -33.99 41.35 6.52
N ILE B 29 -34.01 42.09 7.62
CA ILE B 29 -32.83 42.51 8.38
C ILE B 29 -32.93 42.15 9.88
N SER B 30 -33.82 41.20 10.20
CA SER B 30 -34.17 40.68 11.53
C SER B 30 -34.51 41.81 12.52
N ASN B 31 -33.61 42.20 13.41
CA ASN B 31 -33.76 43.40 14.24
C ASN B 31 -32.48 44.25 14.29
N TYR B 32 -31.52 44.00 13.40
CA TYR B 32 -30.25 44.74 13.36
C TYR B 32 -30.43 46.06 12.62
N LEU B 33 -31.12 46.99 13.28
CA LEU B 33 -31.48 48.32 12.80
C LEU B 33 -31.36 49.37 13.92
N ALA B 34 -31.03 50.59 13.54
CA ALA B 34 -30.85 51.73 14.44
C ALA B 34 -31.47 53.02 13.88
N TRP B 35 -31.74 53.99 14.77
CA TRP B 35 -32.36 55.29 14.44
C TRP B 35 -31.48 56.45 14.90
N PHE B 36 -31.36 57.48 14.07
CA PHE B 36 -30.47 58.63 14.27
C PHE B 36 -31.21 59.95 14.10
N GLN B 37 -31.01 60.89 15.02
CA GLN B 37 -31.50 62.26 14.91
C GLN B 37 -30.38 63.18 14.45
N GLN B 38 -30.61 63.99 13.41
CA GLN B 38 -29.69 65.04 12.97
C GLN B 38 -30.39 66.41 12.98
N LYS B 39 -29.86 67.36 13.75
CA LYS B 39 -30.27 68.77 13.72
C LYS B 39 -29.50 69.53 12.63
N PRO B 40 -30.05 70.60 12.03
CA PRO B 40 -29.37 71.37 10.99
C PRO B 40 -27.94 71.79 11.36
N GLY B 41 -26.97 71.47 10.49
CA GLY B 41 -25.54 71.76 10.68
C GLY B 41 -24.80 70.85 11.67
N LYS B 42 -25.49 69.98 12.43
CA LYS B 42 -24.89 69.08 13.43
C LYS B 42 -24.58 67.68 12.88
N VAL B 43 -23.72 66.95 13.59
CA VAL B 43 -23.52 65.50 13.39
C VAL B 43 -24.79 64.73 13.78
N PRO B 44 -25.08 63.59 13.13
CA PRO B 44 -26.11 62.67 13.61
C PRO B 44 -25.84 62.18 15.04
N LYS B 45 -26.90 61.91 15.80
CA LYS B 45 -26.85 61.27 17.13
C LYS B 45 -27.74 60.04 17.16
N ARG B 46 -27.24 58.87 17.60
CA ARG B 46 -28.04 57.64 17.65
C ARG B 46 -29.05 57.69 18.81
N LEU B 47 -30.31 57.35 18.54
CA LEU B 47 -31.38 57.29 19.54
C LEU B 47 -31.75 55.87 19.96
N ILE B 48 -31.81 54.92 19.02
CA ILE B 48 -32.25 53.54 19.26
C ILE B 48 -31.35 52.59 18.48
N TYR B 49 -31.12 51.38 18.99
CA TYR B 49 -30.45 50.28 18.31
C TYR B 49 -31.19 48.95 18.55
N ALA B 50 -30.81 47.89 17.84
CA ALA B 50 -31.47 46.57 17.88
C ALA B 50 -33.00 46.62 17.63
N ALA B 51 -33.47 47.64 16.88
CA ALA B 51 -34.88 47.99 16.63
C ALA B 51 -35.76 48.33 17.85
N SER B 52 -35.23 48.35 19.08
CA SER B 52 -36.00 48.75 20.28
C SER B 52 -35.17 49.16 21.50
N SER B 53 -33.86 48.88 21.55
CA SER B 53 -32.99 49.29 22.65
C SER B 53 -32.75 50.80 22.61
N LEU B 54 -33.35 51.53 23.56
CA LEU B 54 -33.14 52.97 23.71
C LEU B 54 -31.69 53.26 24.11
N GLN B 55 -31.03 54.16 23.40
CA GLN B 55 -29.64 54.57 23.68
C GLN B 55 -29.52 55.17 25.09
N SER B 56 -28.45 54.83 25.81
CA SER B 56 -28.22 55.39 27.15
C SER B 56 -28.11 56.92 27.11
N GLY B 57 -28.83 57.61 28.01
CA GLY B 57 -28.94 59.07 28.06
C GLY B 57 -29.99 59.69 27.12
N VAL B 58 -30.62 58.92 26.22
CA VAL B 58 -31.69 59.45 25.35
C VAL B 58 -33.04 59.45 26.08
N PRO B 59 -33.87 60.50 25.94
CA PRO B 59 -35.16 60.60 26.63
C PRO B 59 -36.11 59.42 26.43
N SER B 60 -36.81 59.02 27.49
CA SER B 60 -37.76 57.90 27.49
C SER B 60 -38.97 58.08 26.56
N ARG B 61 -39.22 59.29 26.05
CA ARG B 61 -40.26 59.57 25.06
C ARG B 61 -40.01 58.92 23.69
N PHE B 62 -38.77 58.56 23.37
CA PHE B 62 -38.43 57.82 22.16
C PHE B 62 -38.63 56.31 22.37
N SER B 63 -39.21 55.65 21.36
CA SER B 63 -39.49 54.21 21.40
C SER B 63 -39.46 53.62 19.98
N GLY B 64 -39.17 52.32 19.86
CA GLY B 64 -39.00 51.64 18.57
C GLY B 64 -39.75 50.31 18.51
N SER B 65 -40.20 49.93 17.31
CA SER B 65 -40.99 48.72 17.10
C SER B 65 -40.80 48.12 15.69
N GLY B 66 -41.10 46.83 15.54
CA GLY B 66 -41.01 46.09 14.28
C GLY B 66 -39.89 45.03 14.24
N SER B 67 -39.89 44.21 13.19
CA SER B 67 -38.91 43.15 12.90
C SER B 67 -38.98 42.73 11.42
N GLY B 68 -37.95 42.03 10.90
CA GLY B 68 -37.97 41.53 9.53
C GLY B 68 -37.76 42.65 8.51
N THR B 69 -38.85 43.17 7.92
CA THR B 69 -38.80 44.22 6.88
C THR B 69 -39.41 45.56 7.30
N GLU B 70 -40.26 45.64 8.32
CA GLU B 70 -40.99 46.88 8.68
C GLU B 70 -40.71 47.31 10.12
N PHE B 71 -40.28 48.57 10.26
CA PHE B 71 -39.74 49.13 11.49
C PHE B 71 -40.27 50.54 11.72
N THR B 72 -40.23 51.01 12.95
CA THR B 72 -40.81 52.30 13.33
C THR B 72 -40.02 52.99 14.45
N LEU B 73 -39.97 54.32 14.38
CA LEU B 73 -39.63 55.20 15.50
C LEU B 73 -40.90 55.95 15.95
N THR B 74 -41.26 55.83 17.22
CA THR B 74 -42.38 56.56 17.83
C THR B 74 -41.88 57.53 18.89
N ILE B 75 -42.15 58.82 18.69
CA ILE B 75 -41.94 59.86 19.72
C ILE B 75 -43.31 60.06 20.36
N SER B 76 -43.42 59.74 21.64
CA SER B 76 -44.71 59.71 22.36
C SER B 76 -45.29 61.11 22.60
N SER B 77 -44.43 62.09 22.86
CA SER B 77 -44.80 63.49 23.04
C SER B 77 -43.65 64.36 22.52
N LEU B 78 -43.83 64.94 21.34
CA LEU B 78 -42.81 65.69 20.63
C LEU B 78 -42.42 66.98 21.39
N GLN B 79 -41.14 67.13 21.70
CA GLN B 79 -40.59 68.29 22.38
C GLN B 79 -39.98 69.27 21.38
N PRO B 80 -39.80 70.56 21.74
CA PRO B 80 -39.18 71.58 20.89
C PRO B 80 -37.77 71.22 20.38
N GLU B 81 -36.98 70.48 21.15
CA GLU B 81 -35.66 70.03 20.70
C GLU B 81 -35.72 68.85 19.71
N ASP B 82 -36.88 68.22 19.51
CA ASP B 82 -37.06 67.05 18.65
C ASP B 82 -37.31 67.40 17.16
N PHE B 83 -37.47 68.68 16.81
CA PHE B 83 -37.63 69.10 15.42
C PHE B 83 -36.30 69.01 14.66
N ALA B 84 -36.18 67.98 13.83
CA ALA B 84 -34.92 67.49 13.27
C ALA B 84 -35.20 66.52 12.10
N THR B 85 -34.15 66.03 11.44
CA THR B 85 -34.26 64.93 10.47
C THR B 85 -33.92 63.60 11.14
N TYR B 86 -34.78 62.61 10.97
CA TYR B 86 -34.63 61.27 11.54
C TYR B 86 -34.29 60.24 10.46
N TYR B 87 -33.20 59.50 10.63
CA TYR B 87 -32.78 58.44 9.71
C TYR B 87 -32.91 57.06 10.36
N CYS B 88 -33.44 56.09 9.63
CA CYS B 88 -33.17 54.68 9.92
C CYS B 88 -31.88 54.21 9.24
N LEU B 89 -31.23 53.21 9.84
CA LEU B 89 -30.06 52.50 9.30
C LEU B 89 -30.26 51.01 9.54
N GLN B 90 -30.07 50.18 8.50
CA GLN B 90 -29.88 48.75 8.73
C GLN B 90 -28.40 48.46 8.99
N HIS B 91 -28.10 47.63 9.98
CA HIS B 91 -26.74 47.22 10.29
C HIS B 91 -26.55 45.70 10.29
N ASN B 92 -27.48 44.97 9.68
CA ASN B 92 -27.38 43.52 9.49
C ASN B 92 -26.29 43.14 8.47
N THR B 93 -26.11 43.94 7.41
CA THR B 93 -25.18 43.64 6.30
C THR B 93 -24.33 44.85 5.96
N SER B 94 -23.14 44.64 5.38
CA SER B 94 -22.36 45.70 4.72
C SER B 94 -22.44 45.51 3.20
N PRO B 95 -22.74 46.56 2.38
CA PRO B 95 -23.01 47.96 2.73
C PRO B 95 -24.25 48.17 3.63
N SER B 96 -24.19 49.16 4.53
CA SER B 96 -25.25 49.45 5.50
C SER B 96 -25.94 50.78 5.17
N PRO B 97 -26.92 50.80 4.24
CA PRO B 97 -27.56 52.03 3.81
C PRO B 97 -28.44 52.64 4.89
N PHE B 98 -28.40 53.96 4.97
CA PHE B 98 -29.41 54.77 5.65
C PHE B 98 -30.68 54.88 4.79
N GLY B 99 -31.82 55.14 5.43
CA GLY B 99 -33.02 55.65 4.76
C GLY B 99 -32.81 57.07 4.21
N GLN B 100 -33.77 57.58 3.44
CA GLN B 100 -33.72 58.92 2.87
C GLN B 100 -33.77 60.03 3.93
N GLY B 101 -34.16 59.70 5.16
CA GLY B 101 -34.44 60.64 6.24
C GLY B 101 -35.87 61.17 6.21
N THR B 102 -36.47 61.32 7.39
CA THR B 102 -37.78 61.94 7.58
C THR B 102 -37.58 63.25 8.33
N LYS B 103 -37.94 64.38 7.71
CA LYS B 103 -37.84 65.70 8.34
C LYS B 103 -39.10 65.99 9.16
N VAL B 104 -38.95 66.17 10.47
CA VAL B 104 -40.04 66.61 11.35
C VAL B 104 -39.92 68.13 11.54
N GLU B 105 -40.88 68.87 10.99
CA GLU B 105 -40.95 70.33 11.09
C GLU B 105 -42.06 70.77 12.06
N ILE B 106 -41.98 72.02 12.51
CA ILE B 106 -42.98 72.63 13.39
C ILE B 106 -44.22 72.97 12.56
N LYS B 107 -45.35 72.41 12.94
CA LYS B 107 -46.64 72.78 12.39
C LYS B 107 -47.08 74.14 12.95
N ARG B 108 -47.46 75.02 12.06
CA ARG B 108 -48.08 76.30 12.38
C ARG B 108 -49.32 76.53 11.52
N THR B 109 -50.02 77.64 11.77
CA THR B 109 -51.10 78.10 10.89
C THR B 109 -50.55 78.46 9.51
N VAL B 110 -51.37 78.28 8.49
CA VAL B 110 -51.05 78.70 7.13
C VAL B 110 -50.74 80.20 7.12
N ALA B 111 -49.64 80.58 6.48
CA ALA B 111 -49.23 81.95 6.27
C ALA B 111 -48.96 82.17 4.78
N ALA B 112 -49.64 83.13 4.19
CA ALA B 112 -49.41 83.50 2.80
C ALA B 112 -48.05 84.20 2.65
N PRO B 113 -47.30 83.93 1.57
CA PRO B 113 -46.06 84.63 1.31
C PRO B 113 -46.32 86.11 1.00
N SER B 114 -45.46 86.97 1.52
CA SER B 114 -45.30 88.32 0.99
C SER B 114 -44.39 88.25 -0.23
N VAL B 115 -44.89 88.62 -1.39
CA VAL B 115 -44.16 88.48 -2.66
C VAL B 115 -43.57 89.82 -3.08
N PHE B 116 -42.28 89.82 -3.39
CA PHE B 116 -41.51 90.96 -3.86
C PHE B 116 -40.75 90.58 -5.13
N ILE B 117 -40.58 91.51 -6.05
CA ILE B 117 -39.78 91.32 -7.26
C ILE B 117 -38.71 92.42 -7.37
N PHE B 118 -37.50 92.01 -7.71
CA PHE B 118 -36.36 92.89 -7.88
C PHE B 118 -35.86 92.82 -9.32
N PRO B 119 -35.88 93.96 -10.06
CA PRO B 119 -35.22 94.06 -11.34
C PRO B 119 -33.69 93.87 -11.22
N PRO B 120 -33.00 93.53 -12.31
CA PRO B 120 -31.55 93.51 -12.31
C PRO B 120 -31.00 94.92 -12.09
N SER B 121 -29.89 95.00 -11.36
CA SER B 121 -29.19 96.27 -11.14
C SER B 121 -28.48 96.75 -12.41
N ASP B 122 -28.33 98.05 -12.57
CA ASP B 122 -27.60 98.62 -13.70
C ASP B 122 -26.13 98.20 -13.71
N GLU B 123 -25.55 97.97 -12.53
CA GLU B 123 -24.19 97.43 -12.39
C GLU B 123 -24.09 96.02 -12.95
N GLN B 124 -25.08 95.16 -12.68
CA GLN B 124 -25.09 93.81 -13.25
C GLN B 124 -25.28 93.85 -14.77
N LEU B 125 -26.13 94.68 -15.25
CA LEU B 125 -26.38 94.82 -16.69
C LEU B 125 -25.11 95.24 -17.44
N LYS B 126 -24.24 96.05 -16.84
CA LYS B 126 -22.92 96.37 -17.43
C LYS B 126 -22.03 95.14 -17.60
N SER B 127 -22.20 94.11 -16.79
CA SER B 127 -21.45 92.84 -16.89
C SER B 127 -22.00 91.88 -17.95
N GLY B 128 -23.11 92.20 -18.59
CA GLY B 128 -23.70 91.40 -19.67
C GLY B 128 -24.69 90.33 -19.22
N THR B 129 -25.01 90.27 -17.94
CA THR B 129 -26.00 89.33 -17.37
C THR B 129 -27.08 90.08 -16.63
N ALA B 130 -28.30 89.58 -16.67
CA ALA B 130 -29.42 90.08 -15.92
C ALA B 130 -29.98 89.01 -14.98
N SER B 131 -30.02 89.27 -13.69
CA SER B 131 -30.70 88.44 -12.71
C SER B 131 -31.94 89.16 -12.18
N VAL B 132 -33.10 88.54 -12.36
CA VAL B 132 -34.35 89.00 -11.78
C VAL B 132 -34.65 88.13 -10.58
N VAL B 133 -34.93 88.72 -9.42
CA VAL B 133 -35.14 87.98 -8.18
C VAL B 133 -36.59 88.12 -7.74
N CYS B 134 -37.25 87.02 -7.44
CA CYS B 134 -38.56 86.98 -6.79
C CYS B 134 -38.39 86.43 -5.39
N LEU B 135 -38.81 87.18 -4.39
CA LEU B 135 -38.77 86.83 -2.99
C LEU B 135 -40.18 86.47 -2.51
N LEU B 136 -40.31 85.27 -1.92
CA LEU B 136 -41.46 84.86 -1.15
C LEU B 136 -41.05 84.87 0.32
N ASN B 137 -41.61 85.76 1.11
CA ASN B 137 -41.16 85.98 2.48
C ASN B 137 -42.19 85.48 3.50
N ASN B 138 -41.72 84.76 4.52
CA ASN B 138 -42.43 84.35 5.72
C ASN B 138 -43.76 83.63 5.45
N PHE B 139 -43.71 82.50 4.77
CA PHE B 139 -44.88 81.69 4.43
C PHE B 139 -44.84 80.30 5.09
N TYR B 140 -46.00 79.67 5.19
CA TYR B 140 -46.16 78.29 5.64
C TYR B 140 -47.45 77.70 5.06
N PRO B 141 -47.48 76.43 4.58
CA PRO B 141 -46.41 75.45 4.57
C PRO B 141 -45.31 75.76 3.53
N ARG B 142 -44.28 74.90 3.48
CA ARG B 142 -43.12 75.10 2.62
C ARG B 142 -43.42 74.98 1.11
N GLU B 143 -44.46 74.25 0.77
CA GLU B 143 -44.88 74.03 -0.61
C GLU B 143 -45.37 75.34 -1.24
N ALA B 144 -44.57 75.88 -2.15
CA ALA B 144 -44.88 77.05 -2.95
C ALA B 144 -44.42 76.83 -4.39
N LYS B 145 -45.20 77.32 -5.34
CA LYS B 145 -44.85 77.25 -6.77
C LYS B 145 -44.59 78.66 -7.28
N VAL B 146 -43.41 78.89 -7.84
CA VAL B 146 -43.03 80.13 -8.50
C VAL B 146 -42.95 79.87 -10.00
N GLN B 147 -43.63 80.74 -10.76
CA GLN B 147 -43.64 80.62 -12.25
C GLN B 147 -43.22 81.97 -12.88
N TRP B 148 -42.08 82.01 -13.56
CA TRP B 148 -41.63 83.20 -14.26
C TRP B 148 -42.33 83.34 -15.60
N LYS B 149 -42.81 84.54 -15.91
CA LYS B 149 -43.39 84.91 -17.21
C LYS B 149 -42.65 86.15 -17.74
N VAL B 150 -42.20 86.05 -18.97
CA VAL B 150 -41.56 87.16 -19.66
C VAL B 150 -42.40 87.47 -20.89
N ASP B 151 -42.95 88.68 -20.98
CA ASP B 151 -43.97 89.06 -21.98
C ASP B 151 -45.11 88.02 -22.08
N ASN B 152 -45.58 87.54 -20.92
CA ASN B 152 -46.57 86.48 -20.76
C ASN B 152 -46.14 85.06 -21.17
N ALA B 153 -44.93 84.88 -21.70
CA ALA B 153 -44.39 83.56 -22.01
C ALA B 153 -43.82 82.89 -20.74
N LEU B 154 -44.29 81.68 -20.42
CA LEU B 154 -43.80 80.91 -19.30
C LEU B 154 -42.32 80.54 -19.51
N GLN B 155 -41.49 80.82 -18.52
CA GLN B 155 -40.07 80.47 -18.52
C GLN B 155 -39.86 79.08 -17.92
N SER B 156 -38.86 78.37 -18.43
CA SER B 156 -38.46 77.06 -17.94
C SER B 156 -36.95 76.88 -18.06
N GLY B 157 -36.33 76.25 -17.05
CA GLY B 157 -34.90 75.89 -17.05
C GLY B 157 -33.92 77.03 -16.83
N ASN B 158 -34.37 78.27 -16.72
CA ASN B 158 -33.52 79.46 -16.55
C ASN B 158 -33.67 80.14 -15.18
N SER B 159 -34.25 79.44 -14.22
CA SER B 159 -34.38 79.92 -12.85
C SER B 159 -33.86 78.90 -11.83
N GLN B 160 -33.37 79.39 -10.70
CA GLN B 160 -32.98 78.58 -9.56
C GLN B 160 -33.64 79.10 -8.30
N GLU B 161 -34.06 78.17 -7.44
CA GLU B 161 -34.72 78.47 -6.18
C GLU B 161 -33.84 78.08 -4.98
N SER B 162 -33.94 78.88 -3.94
CA SER B 162 -33.34 78.58 -2.64
C SER B 162 -34.35 78.86 -1.55
N VAL B 163 -34.42 77.96 -0.55
CA VAL B 163 -35.37 78.06 0.55
C VAL B 163 -34.59 78.07 1.86
N THR B 164 -34.96 78.96 2.77
CA THR B 164 -34.38 78.97 4.11
C THR B 164 -34.80 77.74 4.91
N GLU B 165 -34.05 77.40 5.96
CA GLU B 165 -34.59 76.54 7.02
C GLU B 165 -35.77 77.24 7.72
N GLN B 166 -36.57 76.46 8.42
CA GLN B 166 -37.73 76.97 9.14
C GLN B 166 -37.28 77.99 10.20
N ASP B 167 -37.89 79.14 10.22
CA ASP B 167 -37.53 80.20 11.15
C ASP B 167 -37.78 79.77 12.60
N SER B 168 -36.82 80.03 13.46
CA SER B 168 -36.88 79.59 14.84
C SER B 168 -37.91 80.34 15.70
N LYS B 169 -38.39 81.51 15.24
CA LYS B 169 -39.31 82.36 16.00
C LYS B 169 -40.75 82.24 15.50
N ASP B 170 -40.95 82.33 14.21
CA ASP B 170 -42.30 82.35 13.62
C ASP B 170 -42.64 81.05 12.86
N SER B 171 -41.70 80.13 12.75
CA SER B 171 -41.85 78.82 12.09
C SER B 171 -42.20 78.92 10.60
N THR B 172 -41.87 80.04 9.96
CA THR B 172 -42.11 80.25 8.53
C THR B 172 -40.90 79.88 7.68
N TYR B 173 -41.12 79.81 6.38
CA TYR B 173 -40.09 79.68 5.36
C TYR B 173 -40.02 80.95 4.53
N SER B 174 -38.86 81.19 3.93
CA SER B 174 -38.69 82.17 2.87
C SER B 174 -38.04 81.51 1.66
N LEU B 175 -38.42 81.94 0.48
CA LEU B 175 -37.92 81.39 -0.78
C LEU B 175 -37.44 82.54 -1.69
N SER B 176 -36.28 82.35 -2.29
CA SER B 176 -35.75 83.22 -3.35
C SER B 176 -35.70 82.44 -4.65
N SER B 177 -36.37 82.92 -5.69
CA SER B 177 -36.24 82.42 -7.06
C SER B 177 -35.50 83.45 -7.89
N THR B 178 -34.46 83.06 -8.59
CA THR B 178 -33.64 83.93 -9.45
C THR B 178 -33.74 83.47 -10.89
N LEU B 179 -34.37 84.30 -11.73
CA LEU B 179 -34.36 84.17 -13.17
C LEU B 179 -33.09 84.79 -13.73
N THR B 180 -32.29 84.03 -14.45
CA THR B 180 -31.04 84.52 -15.05
C THR B 180 -31.14 84.51 -16.57
N LEU B 181 -30.89 85.67 -17.19
CA LEU B 181 -30.92 85.90 -18.62
C LEU B 181 -29.62 86.57 -19.07
N SER B 182 -29.29 86.44 -20.35
CA SER B 182 -28.30 87.34 -20.92
C SER B 182 -28.84 88.76 -20.98
N LYS B 183 -27.94 89.77 -20.93
CA LYS B 183 -28.34 91.17 -21.13
C LYS B 183 -29.12 91.34 -22.44
N ALA B 184 -28.69 90.70 -23.51
CA ALA B 184 -29.32 90.79 -24.81
C ALA B 184 -30.77 90.27 -24.79
N ASP B 185 -31.02 89.13 -24.10
CA ASP B 185 -32.38 88.59 -23.97
C ASP B 185 -33.23 89.42 -23.02
N TYR B 186 -32.64 89.94 -21.95
CA TYR B 186 -33.33 90.86 -21.04
C TYR B 186 -33.77 92.14 -21.75
N GLU B 187 -32.97 92.66 -22.68
CA GLU B 187 -33.30 93.88 -23.43
C GLU B 187 -34.33 93.66 -24.56
N LYS B 188 -34.56 92.41 -24.98
CA LYS B 188 -35.57 92.09 -26.00
C LYS B 188 -37.00 92.14 -25.47
N HIS B 189 -37.19 91.89 -24.20
CA HIS B 189 -38.49 91.78 -23.58
C HIS B 189 -38.82 92.98 -22.70
N LYS B 190 -40.08 93.18 -22.35
CA LYS B 190 -40.54 94.34 -21.59
C LYS B 190 -41.15 93.97 -20.25
N LEU B 191 -42.13 93.07 -20.22
CA LEU B 191 -42.84 92.68 -18.99
C LEU B 191 -42.18 91.47 -18.34
N TYR B 192 -41.69 91.63 -17.12
CA TYR B 192 -41.14 90.56 -16.29
C TYR B 192 -42.08 90.32 -15.11
N ALA B 193 -42.57 89.10 -14.93
CA ALA B 193 -43.53 88.74 -13.91
C ALA B 193 -43.14 87.45 -13.17
N CYS B 194 -43.35 87.47 -11.87
CA CYS B 194 -43.25 86.32 -10.99
C CYS B 194 -44.64 86.00 -10.45
N GLU B 195 -45.19 84.84 -10.83
CA GLU B 195 -46.50 84.34 -10.38
C GLU B 195 -46.28 83.28 -9.31
N VAL B 196 -46.88 83.51 -8.13
CA VAL B 196 -46.73 82.66 -6.96
C VAL B 196 -48.05 81.98 -6.64
N THR B 197 -48.02 80.65 -6.52
CA THR B 197 -49.12 79.82 -6.05
C THR B 197 -48.74 79.23 -4.69
N HIS B 198 -49.61 79.43 -3.70
CA HIS B 198 -49.41 78.91 -2.36
C HIS B 198 -50.76 78.66 -1.68
N GLN B 199 -50.83 77.69 -0.77
CA GLN B 199 -52.06 77.33 -0.07
C GLN B 199 -52.72 78.51 0.69
N GLY B 200 -51.91 79.43 1.20
CA GLY B 200 -52.40 80.63 1.88
C GLY B 200 -52.93 81.73 0.95
N LEU B 201 -52.83 81.55 -0.36
CA LEU B 201 -53.33 82.49 -1.36
C LEU B 201 -54.59 81.92 -2.00
N SER B 202 -55.67 82.66 -1.97
CA SER B 202 -56.94 82.26 -2.61
C SER B 202 -56.83 82.19 -4.13
N SER B 203 -55.94 82.95 -4.71
CA SER B 203 -55.57 82.94 -6.12
C SER B 203 -54.08 83.22 -6.28
N PRO B 204 -53.45 82.81 -7.38
CA PRO B 204 -52.05 83.12 -7.63
C PRO B 204 -51.78 84.62 -7.56
N VAL B 205 -50.72 85.02 -6.87
CA VAL B 205 -50.28 86.41 -6.77
C VAL B 205 -49.17 86.64 -7.78
N THR B 206 -49.37 87.61 -8.66
CA THR B 206 -48.35 88.03 -9.63
C THR B 206 -47.75 89.37 -9.22
N LYS B 207 -46.42 89.42 -9.11
CA LYS B 207 -45.66 90.67 -9.04
C LYS B 207 -44.89 90.85 -10.34
N SER B 208 -44.92 92.05 -10.88
CA SER B 208 -44.32 92.33 -12.18
C SER B 208 -43.72 93.73 -12.26
N PHE B 209 -42.83 93.93 -13.21
CA PHE B 209 -42.34 95.25 -13.61
C PHE B 209 -42.13 95.30 -15.13
N ASN B 210 -42.18 96.50 -15.70
CA ASN B 210 -41.76 96.74 -17.07
C ASN B 210 -40.30 97.19 -17.08
N ARG B 211 -39.48 96.61 -17.93
CA ARG B 211 -38.08 97.02 -18.11
C ARG B 211 -38.01 98.49 -18.52
N GLY B 212 -37.22 99.25 -17.81
CA GLY B 212 -37.03 100.69 -18.03
C GLY B 212 -38.06 101.60 -17.36
N GLU B 213 -39.12 101.06 -16.76
CA GLU B 213 -39.99 101.82 -15.86
C GLU B 213 -39.42 101.82 -14.43
N CYS B 214 -39.70 102.85 -13.70
CA CYS B 214 -39.37 103.00 -12.31
C CYS B 214 -40.40 102.35 -11.38
N TYR C 1 52.80 13.80 69.97
CA TYR C 1 51.39 13.30 69.90
C TYR C 1 50.69 13.64 68.58
N GLU C 2 51.24 14.55 67.78
CA GLU C 2 50.68 14.76 66.44
C GLU C 2 51.04 13.58 65.53
N HIS C 3 50.20 12.55 65.52
CA HIS C 3 50.51 11.32 64.79
C HIS C 3 50.25 11.49 63.30
N THR C 4 51.14 10.95 62.47
CA THR C 4 51.03 11.01 61.01
C THR C 4 51.35 9.65 60.40
N ALA C 5 50.48 9.16 59.54
CA ALA C 5 50.66 7.87 58.88
C ALA C 5 49.84 7.85 57.60
N VAL C 6 50.14 6.90 56.70
CA VAL C 6 49.43 6.77 55.43
C VAL C 6 48.57 5.50 55.45
N MET C 7 47.26 5.67 55.18
CA MET C 7 46.29 4.56 55.20
C MET C 7 45.70 4.33 53.82
N PRO C 8 45.67 3.09 53.32
CA PRO C 8 45.09 2.83 51.99
C PRO C 8 43.62 3.21 51.93
N ASN C 9 43.22 3.76 50.79
CA ASN C 9 41.87 4.30 50.62
C ASN C 9 40.86 3.17 50.41
N LYS C 10 40.18 2.75 51.49
CA LYS C 10 39.05 1.82 51.39
C LYS C 10 37.97 2.21 52.39
N VAL C 11 36.74 1.73 52.14
CA VAL C 11 35.58 2.14 52.93
C VAL C 11 35.41 1.30 54.20
N GLY C 12 35.12 0.02 54.07
CA GLY C 12 34.68 -0.77 55.23
C GLY C 12 35.75 -1.20 56.22
N ILE C 13 37.03 -0.87 56.01
CA ILE C 13 38.11 -1.45 56.80
C ILE C 13 38.66 -0.39 57.78
N PRO C 14 38.68 -0.66 59.08
CA PRO C 14 39.34 0.26 60.03
C PRO C 14 40.86 0.12 60.00
N TYR C 15 41.54 1.27 60.02
CA TYR C 15 43.00 1.30 60.05
C TYR C 15 43.55 1.61 61.43
N LYS C 16 43.19 0.77 62.39
CA LYS C 16 43.71 0.88 63.75
C LYS C 16 45.24 0.86 63.78
N ALA C 17 45.83 1.96 64.23
CA ALA C 17 47.27 2.07 64.46
C ALA C 17 47.51 2.64 65.85
N LEU C 18 48.70 2.36 66.41
CA LEU C 18 49.01 2.66 67.81
C LEU C 18 49.87 3.92 67.93
N VAL C 19 49.36 4.95 68.63
CA VAL C 19 50.16 6.16 68.89
C VAL C 19 51.02 5.89 70.12
N GLU C 20 52.31 5.71 69.90
CA GLU C 20 53.26 5.40 70.97
C GLU C 20 54.04 6.67 71.36
N ARG C 21 53.62 7.30 72.46
CA ARG C 21 54.30 8.46 73.04
C ARG C 21 55.13 8.01 74.25
N PRO C 22 56.44 8.23 74.29
CA PRO C 22 57.23 7.75 75.44
C PRO C 22 56.85 8.48 76.71
N GLY C 23 56.91 7.76 77.84
CA GLY C 23 56.57 8.31 79.14
C GLY C 23 55.10 8.23 79.50
N TYR C 24 54.26 7.77 78.58
CA TYR C 24 52.83 7.70 78.76
C TYR C 24 52.33 6.35 78.25
N ALA C 25 51.15 5.95 78.71
CA ALA C 25 50.50 4.76 78.17
C ALA C 25 50.19 4.97 76.68
N PRO C 26 50.54 4.01 75.80
CA PRO C 26 50.15 4.12 74.38
C PRO C 26 48.64 4.21 74.22
N VAL C 27 48.21 4.90 73.16
CA VAL C 27 46.79 5.03 72.81
C VAL C 27 46.61 4.63 71.36
N HIS C 28 45.58 3.83 71.08
CA HIS C 28 45.37 3.28 69.74
C HIS C 28 44.23 4.01 69.02
N LEU C 29 44.49 4.44 67.79
CA LEU C 29 43.49 5.10 66.94
C LEU C 29 42.60 4.06 66.27
N GLN C 30 41.47 4.52 65.73
CA GLN C 30 40.63 3.62 64.95
C GLN C 30 39.85 4.45 63.91
N ILE C 31 40.56 4.82 62.84
CA ILE C 31 39.95 5.47 61.68
C ILE C 31 39.21 4.47 60.80
N GLN C 32 38.02 4.84 60.35
CA GLN C 32 37.28 4.12 59.31
C GLN C 32 36.54 5.12 58.43
N LEU C 33 36.57 4.92 57.10
CA LEU C 33 35.94 5.86 56.17
C LEU C 33 34.54 5.37 55.77
N VAL C 34 33.49 6.01 56.31
CA VAL C 34 32.13 5.62 55.94
C VAL C 34 31.83 5.99 54.49
N ASN C 35 32.13 7.23 54.08
CA ASN C 35 31.86 7.72 52.74
C ASN C 35 33.08 8.44 52.17
N THR C 36 33.22 8.40 50.83
CA THR C 36 34.42 8.86 50.12
C THR C 36 34.02 9.69 48.87
N ARG C 37 33.25 10.77 49.08
CA ARG C 37 32.60 11.50 48.00
C ARG C 37 33.60 12.31 47.15
N ILE C 38 33.66 12.03 45.84
CA ILE C 38 34.61 12.71 44.92
C ILE C 38 34.15 14.13 44.55
N ILE C 39 32.84 14.36 44.37
CA ILE C 39 32.21 15.65 44.03
C ILE C 39 33.00 16.50 43.03
N PRO C 40 32.98 16.19 41.74
CA PRO C 40 33.61 17.07 40.74
C PRO C 40 32.82 18.38 40.57
N SER C 41 33.51 19.39 40.04
CA SER C 41 32.82 20.62 39.65
C SER C 41 31.74 20.31 38.61
N THR C 42 30.65 21.08 38.63
CA THR C 42 29.52 20.87 37.74
C THR C 42 29.11 22.17 37.07
N ASN C 43 28.69 22.08 35.82
CA ASN C 43 28.20 23.24 35.08
C ASN C 43 27.17 22.78 34.06
N LEU C 44 25.94 23.26 34.20
CA LEU C 44 24.88 22.83 33.31
C LEU C 44 25.06 23.45 31.93
N GLU C 45 25.05 22.63 30.89
CA GLU C 45 25.13 23.13 29.53
C GLU C 45 23.74 23.37 28.93
N TYR C 46 22.94 22.32 28.84
CA TYR C 46 21.58 22.47 28.32
C TYR C 46 20.79 21.21 28.66
N ILE C 47 19.48 21.31 28.45
CA ILE C 47 18.55 20.22 28.73
C ILE C 47 17.95 19.74 27.42
N THR C 48 17.93 18.42 27.23
CA THR C 48 17.34 17.82 26.05
C THR C 48 16.16 16.95 26.44
N CYS C 49 15.18 16.86 25.54
CA CYS C 49 13.99 16.07 25.77
C CYS C 49 13.28 15.86 24.44
N LYS C 50 12.27 15.00 24.45
CA LYS C 50 11.46 14.80 23.26
C LYS C 50 10.67 16.07 22.97
N TYR C 51 10.58 16.42 21.68
CA TYR C 51 9.91 17.65 21.29
C TYR C 51 8.42 17.40 21.08
N LYS C 52 7.73 18.40 20.54
CA LYS C 52 6.32 18.27 20.20
C LYS C 52 6.03 19.25 19.07
N THR C 53 5.48 18.75 17.97
CA THR C 53 5.26 19.59 16.78
C THR C 53 3.88 20.22 16.91
N LYS C 54 3.84 21.39 17.55
CA LYS C 54 2.59 22.13 17.71
C LYS C 54 2.28 22.86 16.40
N VAL C 55 1.27 22.40 15.69
CA VAL C 55 0.87 22.99 14.41
C VAL C 55 -0.37 23.84 14.65
N PRO C 56 -0.30 25.16 14.46
CA PRO C 56 -1.51 25.98 14.57
C PRO C 56 -2.46 25.72 13.41
N SER C 57 -3.70 26.13 13.59
CA SER C 57 -4.72 25.87 12.58
C SER C 57 -4.35 26.56 11.25
N PRO C 58 -4.33 25.83 10.13
CA PRO C 58 -3.92 26.43 8.85
C PRO C 58 -4.98 27.37 8.29
N VAL C 59 -4.52 28.39 7.56
CA VAL C 59 -5.41 29.42 7.02
C VAL C 59 -5.63 29.16 5.53
N VAL C 60 -6.89 29.25 5.08
CA VAL C 60 -7.29 28.96 3.71
C VAL C 60 -8.06 30.16 3.15
N LYS C 61 -7.64 30.67 1.98
CA LYS C 61 -8.39 31.69 1.24
C LYS C 61 -8.91 31.12 -0.07
N CYS C 62 -10.18 31.39 -0.36
CA CYS C 62 -10.81 30.77 -1.52
C CYS C 62 -10.18 31.20 -2.83
N CYS C 63 -9.91 32.49 -3.00
CA CYS C 63 -9.37 32.99 -4.26
C CYS C 63 -8.25 33.98 -3.96
N GLY C 64 -7.15 33.85 -4.69
CA GLY C 64 -5.97 34.67 -4.46
C GLY C 64 -5.04 34.12 -3.39
N ALA C 65 -3.74 34.36 -3.57
CA ALA C 65 -2.68 33.80 -2.73
C ALA C 65 -2.64 34.46 -1.34
N THR C 66 -1.69 34.02 -0.49
CA THR C 66 -1.51 34.57 0.86
C THR C 66 -0.05 34.38 1.26
N GLN C 67 0.74 35.46 1.18
CA GLN C 67 2.17 35.39 1.49
C GLN C 67 2.41 35.21 2.98
N CYS C 68 3.31 34.29 3.34
CA CYS C 68 3.62 34.03 4.76
C CYS C 68 4.73 34.96 5.29
N THR C 69 4.79 35.10 6.62
CA THR C 69 5.81 35.91 7.29
C THR C 69 6.65 35.04 8.20
N SER C 70 7.92 35.43 8.37
CA SER C 70 8.87 34.65 9.18
C SER C 70 8.64 34.98 10.64
N LYS C 71 7.90 34.12 11.34
CA LYS C 71 7.67 34.32 12.76
C LYS C 71 8.95 34.00 13.55
N PRO C 72 9.11 34.59 14.73
CA PRO C 72 10.27 34.29 15.57
C PRO C 72 10.20 32.97 16.32
N HIS C 73 9.24 32.10 15.99
CA HIS C 73 9.14 30.82 16.67
C HIS C 73 10.36 29.95 16.36
N PRO C 74 10.78 29.09 17.29
CA PRO C 74 11.91 28.19 17.02
C PRO C 74 11.56 27.19 15.93
N ASP C 75 12.41 27.11 14.91
CA ASP C 75 12.18 26.24 13.76
C ASP C 75 10.81 26.50 13.13
N TYR C 76 10.46 27.77 12.99
CA TYR C 76 9.18 28.15 12.41
C TYR C 76 9.21 27.91 10.90
N GLN C 77 8.61 26.80 10.47
CA GLN C 77 8.59 26.42 9.06
C GLN C 77 7.24 26.78 8.47
N CYS C 78 7.23 27.72 7.53
CA CYS C 78 6.00 28.15 6.87
C CYS C 78 6.10 27.89 5.36
N GLN C 79 4.98 27.50 4.76
CA GLN C 79 4.93 27.17 3.33
C GLN C 79 3.51 27.39 2.83
N VAL C 80 3.37 27.72 1.53
CA VAL C 80 2.05 27.94 0.92
C VAL C 80 1.79 26.89 -0.16
N PHE C 81 0.56 26.39 -0.20
CA PHE C 81 0.13 25.40 -1.18
C PHE C 81 -0.96 25.98 -2.07
N THR C 82 -0.93 25.63 -3.36
CA THR C 82 -1.87 26.16 -4.34
C THR C 82 -2.54 25.02 -5.09
N GLY C 83 -3.76 25.28 -5.59
CA GLY C 83 -4.51 24.27 -6.31
C GLY C 83 -5.20 23.24 -5.43
N VAL C 84 -5.18 23.43 -4.11
CA VAL C 84 -5.94 22.59 -3.19
C VAL C 84 -7.42 22.90 -3.33
N TYR C 85 -8.26 21.86 -3.24
CA TYR C 85 -9.72 22.01 -3.33
C TYR C 85 -10.30 21.28 -2.12
N PRO C 86 -10.26 21.89 -0.93
CA PRO C 86 -10.59 21.13 0.28
C PRO C 86 -12.10 20.93 0.43
N PHE C 87 -12.52 19.67 0.42
CA PHE C 87 -13.84 19.32 0.91
C PHE C 87 -13.82 19.31 2.44
N MET C 88 -14.93 19.73 3.05
CA MET C 88 -15.01 19.74 4.51
C MET C 88 -16.46 19.84 4.96
N TRP C 89 -16.86 18.93 5.86
CA TRP C 89 -18.15 18.96 6.55
C TRP C 89 -19.28 19.13 5.53
N GLY C 90 -19.90 20.30 5.41
CA GLY C 90 -20.88 20.53 4.36
C GLY C 90 -20.29 20.80 2.98
N GLY C 91 -19.89 19.74 2.29
CA GLY C 91 -19.47 19.82 0.89
C GLY C 91 -18.13 20.51 0.67
N ALA C 92 -18.01 21.19 -0.48
CA ALA C 92 -16.79 21.89 -0.85
C ALA C 92 -16.66 23.22 -0.11
N TYR C 93 -15.41 23.70 0.03
CA TYR C 93 -15.13 24.95 0.72
C TYR C 93 -15.11 26.18 -0.21
N CYS C 94 -14.70 26.01 -1.47
CA CYS C 94 -14.57 27.10 -2.44
C CYS C 94 -14.74 26.54 -3.85
N PHE C 95 -14.94 27.43 -4.84
CA PHE C 95 -14.98 26.98 -6.24
C PHE C 95 -13.97 27.67 -7.17
N CYS C 96 -13.05 28.48 -6.63
CA CYS C 96 -11.89 28.99 -7.38
C CYS C 96 -10.86 27.87 -7.58
N ASP C 97 -11.14 27.00 -8.56
CA ASP C 97 -10.42 25.75 -8.74
C ASP C 97 -8.93 25.91 -8.98
N THR C 98 -8.48 27.06 -9.51
CA THR C 98 -7.05 27.35 -9.64
C THR C 98 -6.55 28.41 -8.67
N GLU C 99 -7.40 29.36 -8.26
CA GLU C 99 -6.95 30.43 -7.36
C GLU C 99 -6.99 30.04 -5.88
N ASN C 100 -7.49 28.86 -5.54
CA ASN C 100 -7.45 28.39 -4.15
C ASN C 100 -6.03 28.21 -3.63
N THR C 101 -5.79 28.67 -2.41
CA THR C 101 -4.49 28.50 -1.76
C THR C 101 -4.68 28.21 -0.27
N GLN C 102 -3.78 27.39 0.27
CA GLN C 102 -3.72 27.09 1.69
C GLN C 102 -2.33 27.42 2.21
N MET C 103 -2.25 27.96 3.43
CA MET C 103 -0.96 28.23 4.06
C MET C 103 -0.81 27.41 5.33
N SER C 104 0.36 26.79 5.49
CA SER C 104 0.63 25.90 6.62
C SER C 104 1.72 26.48 7.52
N GLU C 105 1.52 26.36 8.84
CA GLU C 105 2.49 26.83 9.82
C GLU C 105 2.83 25.70 10.79
N ALA C 106 4.09 25.63 11.20
CA ALA C 106 4.52 24.59 12.12
C ALA C 106 5.74 25.08 12.88
N TYR C 107 5.71 24.92 14.20
CA TYR C 107 6.85 25.29 15.04
C TYR C 107 7.07 24.22 16.08
N VAL C 108 8.32 24.08 16.51
CA VAL C 108 8.69 23.03 17.46
C VAL C 108 8.65 23.61 18.86
N GLU C 109 8.05 22.87 19.79
CA GLU C 109 7.95 23.27 21.18
C GLU C 109 8.38 22.11 22.07
N ARG C 110 9.10 22.43 23.13
CA ARG C 110 9.50 21.40 24.09
C ARG C 110 8.26 20.76 24.70
N SER C 111 8.25 19.43 24.74
CA SER C 111 7.06 18.70 25.14
C SER C 111 6.80 18.84 26.64
N GLU C 112 5.61 18.39 27.05
CA GLU C 112 5.23 18.47 28.46
C GLU C 112 6.14 17.62 29.33
N GLU C 113 6.64 16.50 28.80
CA GLU C 113 7.51 15.62 29.59
C GLU C 113 8.85 16.26 29.90
N CYS C 114 9.22 17.35 29.24
CA CYS C 114 10.51 17.98 29.51
C CYS C 114 10.61 18.43 30.95
N SER C 115 9.49 18.78 31.58
CA SER C 115 9.53 19.27 32.95
C SER C 115 10.01 18.19 33.91
N ILE C 116 9.65 16.94 33.66
CA ILE C 116 9.93 15.82 34.57
C ILE C 116 11.01 14.92 34.01
N ASP C 117 10.84 14.44 32.79
CA ASP C 117 11.75 13.48 32.18
C ASP C 117 12.59 14.20 31.13
N HIS C 118 13.87 14.38 31.43
CA HIS C 118 14.73 15.16 30.54
C HIS C 118 16.19 14.90 30.92
N ALA C 119 17.04 14.78 29.90
CA ALA C 119 18.48 14.64 30.15
C ALA C 119 19.06 16.00 30.57
N LYS C 120 20.32 15.96 31.02
CA LYS C 120 21.03 17.17 31.44
C LYS C 120 22.50 17.00 31.08
N ALA C 121 22.99 17.79 30.12
CA ALA C 121 24.42 17.79 29.84
C ALA C 121 25.17 18.53 30.94
N TYR C 122 26.46 18.22 31.08
CA TYR C 122 27.27 18.84 32.10
C TYR C 122 28.73 18.89 31.66
N LYS C 123 29.46 19.89 32.15
CA LYS C 123 30.90 19.94 32.02
C LYS C 123 31.51 19.91 33.41
N VAL C 124 32.52 19.07 33.62
CA VAL C 124 33.02 18.79 34.96
C VAL C 124 34.51 19.07 35.03
N HIS C 125 34.93 19.71 36.13
CA HIS C 125 36.33 20.01 36.41
C HIS C 125 36.81 19.13 37.56
N THR C 126 38.04 19.39 38.03
CA THR C 126 38.63 18.52 39.05
C THR C 126 37.77 18.50 40.31
N GLY C 127 37.31 19.67 40.77
CA GLY C 127 36.51 19.77 42.00
C GLY C 127 37.27 19.36 43.26
N THR C 128 36.52 19.14 44.34
CA THR C 128 37.12 18.83 45.65
C THR C 128 36.41 17.68 46.34
N VAL C 129 37.22 16.74 46.88
CA VAL C 129 36.77 15.46 47.45
C VAL C 129 36.64 15.57 48.97
N GLN C 130 35.60 14.96 49.53
CA GLN C 130 35.32 15.05 50.96
C GLN C 130 34.69 13.75 51.46
N ALA C 131 34.86 13.45 52.75
CA ALA C 131 34.63 12.11 53.28
C ALA C 131 34.00 12.17 54.66
N MET C 132 33.28 11.09 55.04
CA MET C 132 32.84 10.91 56.42
C MET C 132 33.73 9.87 57.10
N VAL C 133 34.23 10.21 58.28
CA VAL C 133 35.22 9.36 58.94
C VAL C 133 34.84 9.15 60.40
N ASN C 134 35.01 7.89 60.84
CA ASN C 134 34.77 7.46 62.21
C ASN C 134 36.12 7.29 62.92
N ILE C 135 36.28 7.85 64.13
CA ILE C 135 37.52 7.64 64.86
C ILE C 135 37.27 7.27 66.32
N THR C 136 36.94 6.01 66.58
CA THR C 136 36.62 5.53 67.92
C THR C 136 37.88 5.20 68.74
N TYR C 137 38.73 6.20 68.99
CA TYR C 137 40.02 6.05 69.66
C TYR C 137 39.94 6.12 71.19
N GLY C 138 41.03 5.71 71.84
CA GLY C 138 41.17 5.87 73.29
C GLY C 138 40.05 5.21 74.06
N SER C 139 39.28 6.02 74.80
CA SER C 139 38.05 5.57 75.45
C SER C 139 36.84 6.38 74.99
N VAL C 140 36.94 7.08 73.85
CA VAL C 140 35.90 8.04 73.44
C VAL C 140 34.74 7.35 72.74
N SER C 141 35.03 6.37 71.88
CA SER C 141 34.05 5.49 71.25
C SER C 141 32.97 6.22 70.43
N TRP C 142 33.26 7.42 69.90
CA TRP C 142 32.27 8.20 69.15
C TRP C 142 32.93 9.08 68.09
N ARG C 143 32.28 9.20 66.92
CA ARG C 143 32.62 10.22 65.94
C ARG C 143 31.51 10.32 64.89
N SER C 144 31.39 11.52 64.28
CA SER C 144 30.44 11.73 63.20
C SER C 144 30.98 12.73 62.16
N ALA C 145 32.30 12.86 62.03
CA ALA C 145 32.89 13.95 61.27
C ALA C 145 32.69 13.79 59.77
N ASP C 146 32.45 14.92 59.11
CA ASP C 146 32.39 15.03 57.65
C ASP C 146 33.47 16.04 57.26
N VAL C 147 34.44 15.62 56.44
CA VAL C 147 35.74 16.31 56.37
C VAL C 147 36.20 16.46 54.92
N TYR C 148 36.78 17.61 54.60
CA TYR C 148 37.42 17.82 53.30
C TYR C 148 38.74 17.06 53.23
N VAL C 149 39.05 16.51 52.04
CA VAL C 149 40.32 15.80 51.86
C VAL C 149 41.42 16.73 51.35
N ASN C 150 41.15 18.04 51.22
CA ASN C 150 42.21 19.04 51.07
C ASN C 150 43.10 19.04 52.32
N GLY C 151 44.38 18.71 52.14
CA GLY C 151 45.30 18.65 53.29
C GLY C 151 45.43 19.96 54.04
N GLU C 152 44.99 21.06 53.44
CA GLU C 152 45.04 22.39 54.05
C GLU C 152 43.98 22.62 55.13
N THR C 153 42.91 21.81 55.18
CA THR C 153 41.72 22.14 55.96
C THR C 153 41.38 21.04 56.98
N PRO C 154 41.94 21.09 58.18
CA PRO C 154 41.60 20.08 59.20
C PRO C 154 40.14 20.16 59.62
N ALA C 155 39.57 18.99 59.91
CA ALA C 155 38.28 18.92 60.58
C ALA C 155 38.49 18.92 62.09
N LYS C 156 37.57 19.58 62.80
CA LYS C 156 37.78 19.99 64.18
C LYS C 156 36.68 19.47 65.10
N ILE C 157 36.06 18.35 64.73
CA ILE C 157 34.98 17.72 65.52
C ILE C 157 35.58 17.04 66.77
N GLY C 158 34.74 16.84 67.78
CA GLY C 158 35.17 16.24 69.06
C GLY C 158 36.33 17.00 69.69
N ASP C 159 37.20 16.26 70.40
CA ASP C 159 38.41 16.87 70.95
C ASP C 159 39.59 16.79 69.98
N ALA C 160 39.76 15.67 69.29
CA ALA C 160 40.90 15.45 68.40
C ALA C 160 40.64 16.05 67.02
N LYS C 161 41.51 16.97 66.58
CA LYS C 161 41.48 17.50 65.22
C LYS C 161 42.23 16.56 64.26
N LEU C 162 41.87 16.59 62.97
CA LEU C 162 42.69 15.86 62.00
C LEU C 162 42.70 16.50 60.62
N ILE C 163 43.83 16.27 59.93
CA ILE C 163 44.03 16.54 58.52
C ILE C 163 44.07 15.19 57.80
N ILE C 164 43.41 15.08 56.64
CA ILE C 164 43.63 13.92 55.78
C ILE C 164 43.86 14.38 54.34
N GLY C 165 44.55 13.53 53.57
CA GLY C 165 44.81 13.81 52.16
C GLY C 165 45.89 14.85 51.94
N PRO C 166 46.02 15.39 50.70
CA PRO C 166 45.17 15.15 49.52
C PRO C 166 45.29 13.75 48.95
N LEU C 167 44.30 13.33 48.16
CA LEU C 167 44.31 11.99 47.58
C LEU C 167 45.51 11.80 46.65
N SER C 168 46.04 10.57 46.64
CA SER C 168 47.23 10.28 45.84
C SER C 168 46.92 10.15 44.36
N SER C 169 45.73 9.66 44.01
CA SER C 169 45.36 9.42 42.62
C SER C 169 44.14 10.27 42.27
N ALA C 170 44.12 10.81 41.05
CA ALA C 170 43.02 11.64 40.58
C ALA C 170 42.11 10.91 39.59
N TRP C 171 41.94 9.60 39.75
CA TRP C 171 41.17 8.81 38.79
C TRP C 171 39.67 9.02 39.00
N SER C 172 39.22 10.24 38.73
CA SER C 172 37.79 10.51 38.79
C SER C 172 37.07 9.74 37.68
N PRO C 173 36.06 8.93 37.99
CA PRO C 173 35.40 8.12 36.94
C PRO C 173 34.78 8.95 35.82
N PHE C 174 34.39 10.19 36.11
CA PHE C 174 33.77 11.07 35.11
C PHE C 174 34.76 11.51 34.05
N ASP C 175 34.33 11.49 32.79
CA ASP C 175 35.14 12.01 31.69
C ASP C 175 34.94 13.52 31.60
N ASN C 176 35.39 14.11 30.48
CA ASN C 176 35.26 15.56 30.33
C ASN C 176 33.79 15.97 30.26
N LYS C 177 32.97 15.25 29.51
CA LYS C 177 31.56 15.57 29.36
C LYS C 177 30.70 14.47 29.97
N VAL C 178 29.71 14.88 30.73
CA VAL C 178 28.81 13.97 31.44
C VAL C 178 27.38 14.37 31.12
N VAL C 179 26.51 13.37 30.98
CA VAL C 179 25.08 13.59 30.82
C VAL C 179 24.37 12.81 31.91
N VAL C 180 23.44 13.45 32.59
CA VAL C 180 22.70 12.86 33.70
C VAL C 180 21.27 12.58 33.23
N TYR C 181 20.73 11.43 33.65
CA TYR C 181 19.36 11.07 33.26
C TYR C 181 18.72 10.28 34.41
N GLY C 182 17.90 10.95 35.22
CA GLY C 182 17.20 10.22 36.27
C GLY C 182 18.19 9.67 37.27
N HIS C 183 18.26 8.36 37.52
CA HIS C 183 19.26 7.83 38.45
C HIS C 183 20.59 7.46 37.79
N GLU C 184 20.76 7.70 36.49
CA GLU C 184 21.88 7.19 35.72
C GLU C 184 22.70 8.34 35.12
N VAL C 185 24.01 8.12 34.93
CA VAL C 185 24.87 9.11 34.27
C VAL C 185 25.79 8.41 33.26
N TYR C 186 26.29 9.17 32.29
CA TYR C 186 26.99 8.60 31.14
C TYR C 186 28.10 9.54 30.70
N ASN C 187 29.18 8.95 30.18
CA ASN C 187 30.26 9.74 29.61
C ASN C 187 30.03 10.00 28.12
N TYR C 188 28.86 10.53 27.81
CA TYR C 188 28.54 10.87 26.44
C TYR C 188 29.16 12.20 26.05
N ASP C 189 29.44 12.36 24.76
CA ASP C 189 29.96 13.62 24.24
C ASP C 189 28.83 14.34 23.51
N PHE C 190 28.03 15.06 24.29
CA PHE C 190 26.99 15.87 23.69
C PHE C 190 27.63 16.90 22.77
N PRO C 191 27.08 17.13 21.56
CA PRO C 191 27.81 17.90 20.55
C PRO C 191 28.17 19.32 20.99
N GLU C 192 27.16 20.13 21.25
CA GLU C 192 27.35 21.52 21.67
C GLU C 192 25.99 22.16 21.88
N TYR C 193 25.97 23.41 22.34
CA TYR C 193 24.73 24.16 22.43
C TYR C 193 24.50 24.89 21.12
N GLY C 194 23.35 24.62 20.50
CA GLY C 194 22.98 25.28 19.26
C GLY C 194 23.46 24.62 17.99
N THR C 195 24.19 23.50 18.08
CA THR C 195 24.66 22.79 16.90
C THR C 195 24.15 21.35 16.83
N GLY C 196 23.08 21.04 17.55
CA GLY C 196 22.58 19.67 17.60
C GLY C 196 22.07 19.20 16.25
N LYS C 197 22.63 18.10 15.74
CA LYS C 197 22.13 17.52 14.50
C LYS C 197 20.78 16.84 14.71
N ALA C 198 19.95 16.89 13.69
CA ALA C 198 18.62 16.28 13.78
C ALA C 198 18.74 14.76 13.91
N GLY C 199 17.89 14.19 14.73
CA GLY C 199 17.86 12.74 14.92
C GLY C 199 18.81 12.23 15.97
N SER C 200 20.02 12.79 16.02
CA SER C 200 21.00 12.40 17.02
C SER C 200 20.65 13.06 18.35
N PHE C 201 21.50 12.86 19.35
CA PHE C 201 21.27 13.49 20.65
C PHE C 201 21.41 14.99 20.54
N GLY C 202 20.69 15.70 21.40
CA GLY C 202 20.74 17.15 21.39
C GLY C 202 19.99 17.81 20.26
N ASP C 203 19.00 17.13 19.68
CA ASP C 203 18.19 17.76 18.65
C ASP C 203 17.37 18.91 19.21
N LEU C 204 16.91 18.77 20.45
CA LEU C 204 16.12 19.80 21.13
C LEU C 204 16.91 20.27 22.35
N GLN C 205 17.40 21.51 22.31
CA GLN C 205 18.28 22.02 23.35
C GLN C 205 17.74 23.33 23.91
N SER C 206 17.69 23.43 25.24
CA SER C 206 17.35 24.67 25.91
C SER C 206 18.30 24.87 27.09
N ARG C 207 18.60 26.14 27.38
CA ARG C 207 19.58 26.43 28.44
C ARG C 207 19.09 25.92 29.79
N THR C 208 17.79 25.98 30.03
CA THR C 208 17.20 25.41 31.24
C THR C 208 15.78 24.96 30.93
N SER C 209 15.22 24.14 31.82
CA SER C 209 13.89 23.59 31.58
C SER C 209 12.86 24.70 31.48
N THR C 210 12.99 25.74 32.28
CA THR C 210 12.01 26.83 32.31
C THR C 210 12.33 27.94 31.31
N SER C 211 13.40 27.80 30.52
CA SER C 211 13.75 28.85 29.57
C SER C 211 12.69 29.01 28.51
N ASN C 212 12.32 30.25 28.21
CA ASN C 212 11.36 30.51 27.15
C ASN C 212 11.95 30.20 25.78
N ASP C 213 13.20 30.55 25.57
CA ASP C 213 13.85 30.32 24.29
C ASP C 213 14.50 28.94 24.24
N LEU C 214 14.65 28.41 23.03
CA LEU C 214 15.20 27.08 22.84
C LEU C 214 15.83 26.99 21.46
N TYR C 215 16.32 25.80 21.13
CA TYR C 215 16.97 25.55 19.84
C TYR C 215 16.53 24.20 19.33
N ALA C 216 15.90 24.17 18.16
CA ALA C 216 15.27 22.96 17.63
C ALA C 216 15.71 22.76 16.19
N ASN C 217 16.70 21.91 15.98
CA ASN C 217 17.13 21.51 14.64
C ASN C 217 16.58 20.10 14.39
N THR C 218 15.34 20.03 13.91
CA THR C 218 14.67 18.76 13.70
C THR C 218 14.45 18.45 12.22
N ASN C 219 14.97 19.28 11.32
CA ASN C 219 14.81 19.07 9.88
C ASN C 219 13.34 18.92 9.50
N LEU C 220 12.50 19.79 10.07
CA LEU C 220 11.06 19.71 9.82
C LEU C 220 10.75 20.14 8.40
N LYS C 221 9.97 19.33 7.69
CA LYS C 221 9.56 19.62 6.32
C LYS C 221 8.05 19.46 6.19
N LEU C 222 7.41 20.41 5.52
CA LEU C 222 5.97 20.38 5.30
C LEU C 222 5.61 19.65 4.01
N GLN C 223 4.41 19.08 3.98
CA GLN C 223 3.94 18.28 2.85
C GLN C 223 2.61 18.82 2.34
N ARG C 224 2.37 18.69 1.02
CA ARG C 224 1.09 19.12 0.42
C ARG C 224 -0.07 18.24 0.91
N PRO C 225 -1.18 18.83 1.38
CA PRO C 225 -2.39 18.02 1.66
C PRO C 225 -2.90 17.33 0.40
N GLN C 226 -3.26 16.06 0.53
CA GLN C 226 -3.70 15.28 -0.62
C GLN C 226 -5.22 15.15 -0.68
N ALA C 227 -5.73 15.01 -1.90
CA ALA C 227 -7.14 14.79 -2.23
C ALA C 227 -8.08 15.89 -1.69
N GLY C 228 -7.54 17.05 -1.31
CA GLY C 228 -8.37 18.15 -0.82
C GLY C 228 -9.04 17.85 0.51
N ILE C 229 -8.24 17.72 1.56
CA ILE C 229 -8.67 17.44 2.93
C ILE C 229 -7.95 18.43 3.84
N VAL C 230 -8.64 19.01 4.82
CA VAL C 230 -8.05 20.11 5.60
C VAL C 230 -7.19 19.51 6.71
N HIS C 231 -5.87 19.56 6.52
CA HIS C 231 -4.90 19.08 7.52
C HIS C 231 -3.54 19.61 7.10
N THR C 232 -2.55 19.41 7.98
CA THR C 232 -1.19 19.90 7.77
C THR C 232 -0.23 18.70 7.88
N PRO C 233 -0.06 17.93 6.81
CA PRO C 233 0.88 16.81 6.88
C PRO C 233 2.31 17.35 6.87
N PHE C 234 3.12 16.89 7.82
CA PHE C 234 4.50 17.34 7.96
C PHE C 234 5.40 16.13 8.15
N THR C 235 6.58 16.18 7.56
CA THR C 235 7.58 15.13 7.73
C THR C 235 8.70 15.63 8.63
N GLN C 236 9.07 14.82 9.62
CA GLN C 236 10.05 15.22 10.60
C GLN C 236 10.84 14.01 11.05
N ALA C 237 12.12 14.23 11.33
CA ALA C 237 12.95 13.14 11.84
C ALA C 237 12.43 12.70 13.21
N PRO C 238 12.55 11.41 13.54
CA PRO C 238 12.10 10.97 14.87
C PRO C 238 12.89 11.65 15.98
N SER C 239 12.28 11.69 17.16
CA SER C 239 12.85 12.44 18.28
C SER C 239 14.29 12.02 18.55
N GLY C 240 15.18 13.01 18.59
CA GLY C 240 16.57 12.73 18.91
C GLY C 240 16.75 12.17 20.31
N PHE C 241 15.98 12.69 21.27
CA PHE C 241 16.04 12.16 22.63
C PHE C 241 15.47 10.75 22.71
N GLU C 242 14.53 10.41 21.82
CA GLU C 242 14.05 9.04 21.76
C GLU C 242 15.19 8.09 21.41
N ARG C 243 16.02 8.47 20.45
CA ARG C 243 17.27 7.77 20.26
C ARG C 243 18.19 7.99 21.45
N TRP C 244 19.07 7.02 21.69
CA TRP C 244 19.98 7.03 22.82
C TRP C 244 19.22 6.78 24.12
N LYS C 245 17.90 6.80 24.08
CA LYS C 245 17.14 6.29 25.21
C LYS C 245 16.91 4.79 25.10
N ARG C 246 16.95 4.25 23.89
CA ARG C 246 16.98 2.82 23.65
C ARG C 246 18.34 2.32 23.19
N ASP C 247 19.19 3.21 22.67
CA ASP C 247 20.52 2.84 22.19
C ASP C 247 21.61 3.40 23.09
N LYS C 248 21.28 3.66 24.35
CA LYS C 248 22.29 4.14 25.28
C LYS C 248 23.35 3.07 25.52
N GLY C 249 24.55 3.53 25.85
CA GLY C 249 25.60 2.62 26.27
C GLY C 249 25.42 2.16 27.70
N ALA C 250 26.39 1.40 28.18
CA ALA C 250 26.36 0.99 29.59
C ALA C 250 26.54 2.22 30.48
N PRO C 251 25.63 2.47 31.43
CA PRO C 251 25.77 3.67 32.26
C PRO C 251 27.04 3.65 33.10
N LEU C 252 27.61 4.85 33.31
CA LEU C 252 28.79 4.97 34.16
C LEU C 252 28.50 4.39 35.54
N ASN C 253 27.28 4.59 36.02
CA ASN C 253 26.80 4.08 37.29
C ASN C 253 27.07 2.59 37.48
N ASP C 254 27.33 1.84 36.41
CA ASP C 254 27.51 0.40 36.49
C ASP C 254 28.80 -0.11 35.83
N VAL C 255 29.64 0.78 35.30
CA VAL C 255 30.88 0.35 34.69
C VAL C 255 32.04 1.18 35.24
N ALA C 256 31.78 1.99 36.25
CA ALA C 256 32.85 2.70 36.92
C ALA C 256 33.81 1.68 37.54
N PRO C 257 35.12 1.82 37.35
CA PRO C 257 36.08 0.91 38.00
C PRO C 257 36.21 1.19 39.48
N PHE C 258 36.96 0.32 40.18
CA PHE C 258 37.20 0.45 41.62
C PHE C 258 35.92 0.38 42.43
N GLY C 259 34.85 -0.14 41.84
CA GLY C 259 33.61 -0.34 42.58
C GLY C 259 33.04 0.92 43.18
N CYS C 260 33.04 2.01 42.42
CA CYS C 260 32.44 3.26 42.86
C CYS C 260 30.96 3.28 42.53
N SER C 261 30.16 3.86 43.42
CA SER C 261 28.77 4.18 43.14
C SER C 261 28.67 5.63 42.69
N ILE C 262 27.57 5.95 42.00
CA ILE C 262 27.29 7.31 41.53
C ILE C 262 25.99 7.79 42.19
N ALA C 263 25.91 9.10 42.47
CA ALA C 263 24.70 9.68 43.03
C ALA C 263 24.52 11.11 42.50
N LEU C 264 23.25 11.54 42.39
CA LEU C 264 22.92 12.80 41.73
C LEU C 264 22.98 14.05 42.59
N GLU C 265 22.95 13.92 43.91
CA GLU C 265 22.46 15.02 44.73
C GLU C 265 23.29 16.29 44.55
N PRO C 266 24.60 16.31 44.73
CA PRO C 266 25.47 17.33 44.12
C PRO C 266 26.12 16.86 42.83
N LEU C 267 25.74 15.68 42.33
CA LEU C 267 26.53 14.85 41.39
C LEU C 267 27.90 14.41 41.92
N ARG C 268 28.01 13.14 42.32
CA ARG C 268 29.25 12.64 42.92
C ARG C 268 29.48 11.16 42.59
N ALA C 269 30.75 10.75 42.61
CA ALA C 269 31.13 9.36 42.82
C ALA C 269 31.47 9.16 44.31
N GLU C 270 31.21 7.96 44.85
CA GLU C 270 31.45 7.73 46.27
C GLU C 270 31.97 6.31 46.52
N ASN C 271 32.57 6.10 47.70
CA ASN C 271 33.25 4.84 48.06
C ASN C 271 34.32 4.44 47.05
N CYS C 272 34.88 5.41 46.32
CA CYS C 272 35.76 5.13 45.18
C CYS C 272 37.17 4.77 45.68
N ALA C 273 37.35 3.49 46.01
CA ALA C 273 38.55 3.00 46.71
C ALA C 273 39.76 2.91 45.76
N VAL C 274 40.65 3.90 45.82
CA VAL C 274 41.87 3.93 45.00
C VAL C 274 42.96 4.71 45.73
N GLY C 275 44.21 4.27 45.58
CA GLY C 275 45.35 4.98 46.17
C GLY C 275 45.39 4.95 47.69
N SER C 276 46.05 5.96 48.28
CA SER C 276 46.29 6.03 49.71
C SER C 276 46.06 7.45 50.23
N ILE C 277 45.73 7.55 51.52
CA ILE C 277 45.45 8.82 52.17
C ILE C 277 46.52 9.04 53.26
N PRO C 278 47.29 10.13 53.21
CA PRO C 278 48.03 10.53 54.41
C PRO C 278 47.03 11.07 55.45
N ILE C 279 46.97 10.39 56.59
CA ILE C 279 46.06 10.75 57.68
C ILE C 279 46.90 11.27 58.84
N SER C 280 46.59 12.47 59.32
CA SER C 280 47.29 13.07 60.46
C SER C 280 46.27 13.55 61.49
N ILE C 281 46.41 13.08 62.74
CA ILE C 281 45.50 13.49 63.80
C ILE C 281 46.28 14.07 64.97
N ASP C 282 45.61 14.92 65.74
CA ASP C 282 46.17 15.74 66.80
C ASP C 282 45.55 15.32 68.14
N ILE C 283 46.13 14.32 68.79
CA ILE C 283 45.48 13.75 69.99
C ILE C 283 45.60 14.74 71.16
N PRO C 284 44.51 15.08 71.85
CA PRO C 284 44.60 15.97 73.01
C PRO C 284 45.34 15.31 74.18
N ASP C 285 46.18 16.10 74.85
CA ASP C 285 47.00 15.56 75.94
C ASP C 285 46.17 14.88 77.01
N ALA C 286 44.97 15.40 77.29
CA ALA C 286 44.11 14.88 78.35
C ALA C 286 43.73 13.42 78.15
N ALA C 287 43.84 12.89 76.93
CA ALA C 287 43.54 11.48 76.68
C ALA C 287 44.68 10.54 77.06
N PHE C 288 45.91 11.04 77.16
CA PHE C 288 47.04 10.23 77.63
C PHE C 288 46.99 10.06 79.15
N THR C 289 47.55 8.93 79.62
CA THR C 289 47.71 8.67 81.04
C THR C 289 49.17 8.37 81.35
N ARG C 290 49.61 8.72 82.56
CA ARG C 290 50.99 8.47 82.95
C ARG C 290 51.31 6.98 82.90
N ILE C 291 52.49 6.64 82.36
CA ILE C 291 52.91 5.25 82.19
C ILE C 291 53.03 4.52 83.51
N SER C 292 53.19 5.23 84.62
CA SER C 292 53.32 4.58 85.93
C SER C 292 52.03 3.95 86.42
N GLU C 293 50.95 4.01 85.64
CA GLU C 293 49.66 3.43 86.03
C GLU C 293 49.38 2.11 85.31
N THR C 294 49.43 2.11 83.98
CA THR C 294 49.13 0.92 83.17
C THR C 294 50.20 -0.16 83.34
N PRO C 295 49.84 -1.42 83.09
CA PRO C 295 50.83 -2.52 83.20
C PRO C 295 51.99 -2.41 82.22
N THR C 296 53.20 -2.66 82.72
CA THR C 296 54.32 -3.10 81.89
C THR C 296 54.21 -4.61 81.69
N VAL C 297 54.62 -5.09 80.50
CA VAL C 297 54.32 -6.46 80.09
C VAL C 297 55.53 -7.19 79.48
N SER C 298 56.67 -7.16 80.16
CA SER C 298 57.91 -7.81 79.72
C SER C 298 57.80 -9.35 79.75
N ASP C 299 58.89 -10.01 79.31
CA ASP C 299 59.17 -11.45 79.50
C ASP C 299 58.07 -12.37 78.95
N LEU C 300 57.35 -11.95 77.93
CA LEU C 300 56.21 -12.67 77.37
C LEU C 300 56.59 -13.65 76.25
N GLU C 301 55.76 -14.69 76.08
CA GLU C 301 55.91 -15.71 75.04
C GLU C 301 54.64 -15.75 74.16
N CYS C 302 54.80 -16.12 72.89
CA CYS C 302 53.67 -16.15 71.95
C CYS C 302 53.57 -17.48 71.20
N LYS C 303 52.33 -17.98 71.09
CA LYS C 303 52.05 -19.27 70.45
C LYS C 303 50.75 -19.18 69.66
N ILE C 304 50.81 -19.32 68.31
CA ILE C 304 49.57 -19.31 67.51
C ILE C 304 49.02 -20.72 67.42
N THR C 305 47.68 -20.83 67.36
CA THR C 305 47.00 -22.10 67.11
C THR C 305 46.66 -22.23 65.62
N GLU C 306 45.58 -22.92 65.27
CA GLU C 306 45.35 -23.43 63.89
C GLU C 306 44.95 -22.31 62.92
N CYS C 307 45.98 -21.54 62.49
CA CYS C 307 45.83 -20.41 61.57
C CYS C 307 45.32 -20.79 60.18
N THR C 308 44.21 -20.18 59.74
CA THR C 308 43.69 -20.37 58.39
C THR C 308 44.21 -19.24 57.48
N TYR C 309 44.23 -19.50 56.17
CA TYR C 309 44.71 -18.53 55.19
C TYR C 309 43.54 -17.84 54.49
N ALA C 310 42.53 -17.45 55.27
CA ALA C 310 41.28 -16.85 54.79
C ALA C 310 41.29 -15.32 54.94
N SER C 311 40.29 -14.64 54.33
CA SER C 311 40.13 -13.20 54.50
C SER C 311 39.28 -12.81 55.71
N ASP C 312 38.53 -13.73 56.31
CA ASP C 312 37.98 -13.51 57.64
C ASP C 312 39.09 -13.66 58.68
N PHE C 313 38.75 -13.48 59.96
CA PHE C 313 39.72 -13.66 61.04
C PHE C 313 40.02 -15.14 61.28
N GLY C 314 40.78 -15.76 60.38
CA GLY C 314 41.17 -17.15 60.47
C GLY C 314 42.33 -17.47 61.38
N GLY C 315 42.95 -16.47 62.01
CA GLY C 315 44.09 -16.70 62.90
C GLY C 315 43.71 -16.55 64.35
N ILE C 316 44.18 -17.49 65.18
CA ILE C 316 43.98 -17.41 66.63
C ILE C 316 45.33 -17.64 67.32
N ALA C 317 45.60 -16.87 68.38
CA ALA C 317 46.90 -16.90 69.03
C ALA C 317 46.79 -16.64 70.53
N THR C 318 47.77 -17.16 71.28
CA THR C 318 47.85 -17.06 72.75
C THR C 318 49.17 -16.42 73.15
N VAL C 319 49.15 -15.63 74.23
CA VAL C 319 50.35 -14.97 74.73
C VAL C 319 50.45 -15.15 76.25
N ALA C 320 51.67 -15.38 76.71
CA ALA C 320 51.98 -15.55 78.14
C ALA C 320 52.44 -14.22 78.74
N TYR C 321 51.47 -13.39 79.12
CA TYR C 321 51.78 -12.05 79.63
C TYR C 321 52.40 -12.10 81.03
N LYS C 322 53.47 -11.31 81.27
CA LYS C 322 54.15 -11.26 82.56
C LYS C 322 53.97 -9.88 83.22
N SER C 323 52.71 -9.45 83.34
CA SER C 323 52.33 -8.07 83.74
C SER C 323 52.89 -7.63 85.09
N SER C 324 53.14 -6.32 85.22
CA SER C 324 53.57 -5.64 86.44
C SER C 324 52.42 -5.05 87.29
N LYS C 325 51.18 -5.15 86.83
CA LYS C 325 50.00 -4.47 87.39
C LYS C 325 48.81 -5.36 87.03
N ALA C 326 47.58 -4.95 87.39
CA ALA C 326 46.40 -5.53 86.73
C ALA C 326 45.58 -4.43 86.06
N GLY C 327 45.06 -4.71 84.85
CA GLY C 327 44.33 -3.70 84.09
C GLY C 327 44.43 -3.96 82.58
N ASN C 328 43.95 -2.97 81.81
CA ASN C 328 43.91 -3.08 80.35
C ASN C 328 45.24 -2.66 79.70
N CYS C 329 45.44 -3.14 78.46
CA CYS C 329 46.70 -2.94 77.73
C CYS C 329 46.44 -2.96 76.21
N PRO C 330 46.44 -1.81 75.54
CA PRO C 330 46.21 -1.79 74.09
C PRO C 330 47.18 -2.69 73.33
N ILE C 331 46.67 -3.28 72.24
CA ILE C 331 47.35 -4.34 71.50
C ILE C 331 47.28 -4.03 70.01
N HIS C 332 48.36 -4.31 69.27
CA HIS C 332 48.49 -3.84 67.88
C HIS C 332 49.61 -4.60 67.17
N SER C 333 49.57 -4.62 65.84
CA SER C 333 50.74 -5.04 65.05
C SER C 333 51.27 -3.90 64.18
N PRO C 334 52.46 -3.36 64.47
CA PRO C 334 53.05 -2.36 63.55
C PRO C 334 53.21 -2.88 62.14
N SER C 335 53.52 -4.16 61.97
CA SER C 335 53.66 -4.71 60.63
C SER C 335 52.28 -4.84 59.98
N GLY C 336 52.23 -4.58 58.69
CA GLY C 336 50.98 -4.68 57.95
C GLY C 336 50.58 -6.07 57.52
N VAL C 337 51.44 -7.06 57.73
CA VAL C 337 51.11 -8.42 57.32
C VAL C 337 50.04 -9.03 58.21
N ALA C 338 49.86 -8.50 59.42
CA ALA C 338 48.86 -9.00 60.35
C ALA C 338 47.96 -7.85 60.81
N VAL C 339 46.70 -8.17 61.04
CA VAL C 339 45.70 -7.22 61.52
C VAL C 339 44.87 -7.90 62.59
N ILE C 340 44.55 -7.16 63.66
CA ILE C 340 44.09 -7.69 64.92
C ILE C 340 42.60 -7.39 65.10
N LYS C 341 41.81 -8.40 65.47
CA LYS C 341 40.39 -8.17 65.74
C LYS C 341 40.20 -7.27 66.95
N GLU C 342 40.93 -7.58 68.03
CA GLU C 342 40.76 -6.93 69.32
C GLU C 342 41.28 -5.49 69.32
N ASN C 343 40.54 -4.60 69.97
CA ASN C 343 41.02 -3.25 70.22
C ASN C 343 41.91 -3.16 71.46
N ASP C 344 41.73 -4.08 72.41
CA ASP C 344 42.29 -3.96 73.76
C ASP C 344 42.20 -5.34 74.44
N VAL C 345 42.95 -5.53 75.53
CA VAL C 345 42.83 -6.75 76.34
C VAL C 345 43.08 -6.46 77.81
N THR C 346 42.39 -7.18 78.70
CA THR C 346 42.49 -7.01 80.16
C THR C 346 43.38 -8.09 80.76
N LEU C 347 44.37 -7.68 81.55
CA LEU C 347 45.35 -8.60 82.15
C LEU C 347 45.21 -8.68 83.67
N ALA C 348 45.07 -9.90 84.17
CA ALA C 348 45.37 -10.21 85.57
C ALA C 348 46.89 -10.24 85.78
N GLU C 349 47.28 -10.45 87.04
CA GLU C 349 48.70 -10.52 87.42
C GLU C 349 49.37 -11.71 86.74
N SER C 350 50.13 -11.45 85.68
CA SER C 350 50.90 -12.47 84.97
C SER C 350 50.00 -13.62 84.54
N GLY C 351 48.92 -13.29 83.83
CA GLY C 351 48.00 -14.27 83.30
C GLY C 351 48.30 -14.60 81.85
N SER C 352 47.30 -15.13 81.15
CA SER C 352 47.43 -15.43 79.74
C SER C 352 46.08 -15.30 79.07
N PHE C 353 46.06 -14.63 77.91
CA PHE C 353 44.82 -14.40 77.18
C PHE C 353 45.08 -14.46 75.68
N THR C 354 44.14 -15.05 74.96
CA THR C 354 44.18 -15.19 73.51
C THR C 354 43.68 -13.92 72.80
N PHE C 355 44.00 -13.82 71.50
CA PHE C 355 43.41 -12.83 70.60
C PHE C 355 43.18 -13.45 69.22
N HIS C 356 42.23 -12.88 68.46
CA HIS C 356 41.96 -13.30 67.08
C HIS C 356 42.69 -12.36 66.11
N PHE C 357 43.10 -12.88 64.95
CA PHE C 357 43.73 -12.04 63.91
C PHE C 357 43.40 -12.58 62.52
N SER C 358 43.79 -11.82 61.49
CA SER C 358 43.73 -12.28 60.11
C SER C 358 45.02 -11.88 59.40
N THR C 359 45.28 -12.54 58.28
CA THR C 359 46.54 -12.35 57.56
C THR C 359 46.39 -12.87 56.14
N ALA C 360 47.49 -12.87 55.37
CA ALA C 360 47.46 -13.42 54.02
C ALA C 360 48.75 -14.14 53.65
N ASN C 361 49.64 -14.47 54.59
CA ASN C 361 50.86 -15.19 54.28
C ASN C 361 50.89 -16.53 55.00
N ILE C 362 51.57 -17.50 54.38
CA ILE C 362 51.61 -18.86 54.92
C ILE C 362 52.31 -18.88 56.27
N HIS C 363 53.40 -18.12 56.40
CA HIS C 363 54.21 -18.12 57.62
C HIS C 363 54.30 -16.68 58.11
N PRO C 364 53.31 -16.21 58.87
CA PRO C 364 53.32 -14.81 59.33
C PRO C 364 54.34 -14.58 60.43
N ALA C 365 55.46 -13.94 60.09
CA ALA C 365 56.45 -13.54 61.10
C ALA C 365 56.23 -12.08 61.40
N PHE C 366 55.18 -11.80 62.18
CA PHE C 366 54.83 -10.43 62.54
C PHE C 366 55.23 -10.11 63.97
N LYS C 367 55.82 -8.93 64.16
CA LYS C 367 56.02 -8.37 65.49
C LYS C 367 54.66 -7.99 66.05
N LEU C 368 54.16 -8.78 67.00
CA LEU C 368 53.03 -8.33 67.81
C LEU C 368 53.50 -7.27 68.80
N GLN C 369 52.71 -6.22 68.99
CA GLN C 369 53.02 -5.21 69.98
C GLN C 369 51.92 -5.13 71.03
N VAL C 370 52.36 -4.95 72.28
CA VAL C 370 51.50 -4.73 73.44
C VAL C 370 52.05 -3.49 74.15
N CYS C 371 51.29 -2.96 75.11
CA CYS C 371 51.64 -1.66 75.68
C CYS C 371 53.10 -1.63 76.16
N THR C 372 53.94 -0.87 75.44
CA THR C 372 55.39 -0.71 75.64
C THR C 372 56.22 -2.01 75.58
N SER C 373 55.79 -3.06 74.86
CA SER C 373 56.62 -4.25 74.64
C SER C 373 56.19 -4.99 73.38
N ALA C 374 57.08 -5.87 72.86
CA ALA C 374 56.82 -6.56 71.60
C ALA C 374 57.34 -8.01 71.62
N VAL C 375 56.73 -8.86 70.78
CA VAL C 375 57.07 -10.29 70.71
C VAL C 375 56.84 -10.80 69.28
N THR C 376 57.61 -11.82 68.86
CA THR C 376 57.53 -12.35 67.49
C THR C 376 56.62 -13.58 67.47
N CYS C 377 55.40 -13.40 66.96
CA CYS C 377 54.40 -14.47 66.94
C CYS C 377 54.49 -15.35 65.69
N LYS C 378 55.68 -15.79 65.33
CA LYS C 378 55.85 -16.51 64.08
C LYS C 378 55.15 -17.86 64.12
N GLY C 379 54.59 -18.27 62.99
CA GLY C 379 53.88 -19.52 62.93
C GLY C 379 53.60 -19.96 61.52
N ASP C 380 52.65 -20.89 61.37
CA ASP C 380 52.29 -21.46 60.09
C ASP C 380 50.78 -21.44 59.90
N CYS C 381 50.35 -21.37 58.64
CA CYS C 381 48.93 -21.29 58.29
C CYS C 381 48.60 -22.32 57.21
N LYS C 382 47.30 -22.52 56.97
CA LYS C 382 46.82 -23.54 56.03
C LYS C 382 45.72 -22.97 55.12
N PRO C 383 45.69 -23.36 53.83
CA PRO C 383 44.79 -22.69 52.88
C PRO C 383 43.33 -22.84 53.28
N PRO C 384 42.47 -21.91 52.87
CA PRO C 384 41.03 -22.02 53.17
C PRO C 384 40.35 -23.07 52.31
N LYS C 385 39.36 -23.75 52.89
CA LYS C 385 38.76 -24.93 52.28
C LYS C 385 37.71 -24.60 51.22
N ASP C 386 37.37 -23.32 51.03
CA ASP C 386 36.04 -22.95 50.53
C ASP C 386 36.07 -21.58 49.85
N HIS C 387 35.65 -21.52 48.58
CA HIS C 387 35.67 -20.26 47.80
C HIS C 387 34.48 -19.32 48.09
N ILE C 388 33.50 -19.72 48.92
CA ILE C 388 32.29 -18.92 49.15
C ILE C 388 32.52 -17.82 50.20
N VAL C 389 32.93 -16.60 49.80
CA VAL C 389 32.87 -15.43 50.69
C VAL C 389 32.48 -14.17 49.89
N ASP C 390 31.85 -13.20 50.58
CA ASP C 390 31.44 -11.94 49.93
C ASP C 390 32.57 -10.91 49.85
N TYR C 391 33.01 -10.37 51.00
CA TYR C 391 33.98 -9.28 51.03
C TYR C 391 35.15 -9.59 51.95
N PRO C 392 36.35 -8.95 51.71
CA PRO C 392 37.54 -9.22 52.53
C PRO C 392 37.78 -8.21 53.65
N ALA C 393 38.77 -8.46 54.52
CA ALA C 393 39.06 -7.54 55.63
C ALA C 393 40.56 -7.37 55.95
N GLN C 394 41.48 -7.77 55.06
CA GLN C 394 42.91 -7.64 55.41
C GLN C 394 43.82 -7.15 54.28
N HIS C 395 43.54 -7.43 53.00
CA HIS C 395 44.26 -6.90 51.84
C HIS C 395 45.72 -6.54 52.16
N THR C 396 46.55 -7.54 52.43
CA THR C 396 47.96 -7.32 52.71
C THR C 396 48.80 -8.27 51.87
N GLU C 397 48.29 -8.67 50.70
CA GLU C 397 48.97 -9.69 49.91
C GLU C 397 50.33 -9.17 49.45
N SER C 398 51.36 -9.98 49.65
CA SER C 398 52.72 -9.62 49.25
C SER C 398 53.47 -10.90 48.93
N PHE C 399 54.79 -10.83 48.89
CA PHE C 399 55.60 -12.01 48.61
C PHE C 399 55.35 -13.09 49.64
N THR C 400 55.19 -14.32 49.18
CA THR C 400 54.89 -15.43 50.07
C THR C 400 55.47 -16.73 49.51
N TYR D 1 19.50 -84.25 10.21
CA TYR D 1 18.16 -83.68 10.49
C TYR D 1 18.27 -82.46 11.39
N GLU D 2 19.24 -82.47 12.29
CA GLU D 2 19.51 -81.31 13.16
C GLU D 2 20.41 -80.36 12.39
N HIS D 3 19.80 -79.39 11.71
CA HIS D 3 20.53 -78.48 10.83
C HIS D 3 20.87 -77.21 11.59
N THR D 4 22.08 -77.13 12.13
CA THR D 4 22.56 -75.91 12.75
C THR D 4 23.06 -74.96 11.68
N ALA D 5 22.74 -73.68 11.82
CA ALA D 5 23.12 -72.70 10.80
C ALA D 5 23.08 -71.31 11.40
N VAL D 6 24.13 -70.53 11.14
CA VAL D 6 24.16 -69.13 11.54
C VAL D 6 23.36 -68.31 10.54
N MET D 7 22.58 -67.36 11.03
CA MET D 7 21.68 -66.58 10.19
C MET D 7 21.88 -65.09 10.44
N PRO D 8 22.04 -64.28 9.39
CA PRO D 8 22.08 -62.83 9.59
C PRO D 8 20.77 -62.31 10.17
N ASN D 9 20.87 -61.29 11.01
CA ASN D 9 19.70 -60.75 11.72
C ASN D 9 19.04 -59.69 10.86
N LYS D 10 18.09 -60.10 10.03
CA LYS D 10 17.27 -59.19 9.25
C LYS D 10 15.81 -59.59 9.36
N VAL D 11 14.92 -58.60 9.23
CA VAL D 11 13.49 -58.86 9.43
C VAL D 11 12.86 -59.41 8.16
N GLY D 12 12.92 -58.65 7.08
CA GLY D 12 12.25 -59.04 5.85
C GLY D 12 13.14 -59.77 4.87
N ILE D 13 13.96 -60.69 5.36
CA ILE D 13 14.85 -61.46 4.49
C ILE D 13 14.67 -62.95 4.75
N PRO D 14 14.40 -63.76 3.75
CA PRO D 14 14.23 -65.20 3.97
C PRO D 14 15.58 -65.89 4.19
N TYR D 15 15.49 -67.14 4.63
CA TYR D 15 16.66 -67.98 4.85
C TYR D 15 16.43 -69.36 4.25
N LYS D 16 16.08 -69.40 2.97
CA LYS D 16 15.70 -70.66 2.31
C LYS D 16 16.95 -71.50 2.09
N ALA D 17 17.35 -72.20 3.15
CA ALA D 17 18.48 -73.12 3.07
C ALA D 17 17.99 -74.51 2.70
N LEU D 18 18.92 -75.44 2.49
CA LEU D 18 18.61 -76.81 2.09
C LEU D 18 19.24 -77.78 3.07
N VAL D 19 18.46 -78.75 3.55
CA VAL D 19 18.95 -79.74 4.49
C VAL D 19 19.60 -80.88 3.72
N GLU D 20 20.86 -81.15 4.01
CA GLU D 20 21.60 -82.24 3.37
C GLU D 20 21.46 -83.54 4.17
N ARG D 21 20.22 -84.00 4.29
CA ARG D 21 19.94 -85.19 5.09
C ARG D 21 20.35 -86.44 4.32
N PRO D 22 21.31 -87.23 4.81
CA PRO D 22 21.70 -88.44 4.07
C PRO D 22 20.62 -89.51 4.13
N GLY D 23 20.57 -90.31 3.06
CA GLY D 23 19.65 -91.44 3.00
C GLY D 23 18.23 -91.08 2.62
N TYR D 24 17.90 -89.80 2.57
CA TYR D 24 16.55 -89.35 2.24
C TYR D 24 16.62 -88.20 1.25
N ALA D 25 15.46 -87.82 0.72
CA ALA D 25 15.41 -86.69 -0.20
C ALA D 25 15.68 -85.40 0.56
N PRO D 26 16.60 -84.55 0.10
CA PRO D 26 16.86 -83.29 0.81
C PRO D 26 15.61 -82.41 0.88
N VAL D 27 15.46 -81.70 2.00
CA VAL D 27 14.30 -80.87 2.25
C VAL D 27 14.79 -79.44 2.45
N HIS D 28 14.18 -78.50 1.73
CA HIS D 28 14.53 -77.10 1.89
C HIS D 28 13.93 -76.55 3.18
N LEU D 29 14.60 -75.54 3.72
CA LEU D 29 14.11 -74.81 4.89
C LEU D 29 13.73 -73.39 4.46
N GLN D 30 13.08 -72.67 5.37
CA GLN D 30 12.77 -71.27 5.11
C GLN D 30 12.42 -70.61 6.43
N ILE D 31 13.22 -69.63 6.86
CA ILE D 31 13.04 -68.98 8.15
C ILE D 31 12.95 -67.48 7.93
N GLN D 32 11.98 -66.85 8.59
CA GLN D 32 11.78 -65.40 8.52
C GLN D 32 11.61 -64.85 9.92
N LEU D 33 12.14 -63.66 10.17
CA LEU D 33 12.04 -63.02 11.47
C LEU D 33 11.04 -61.88 11.38
N VAL D 34 9.85 -62.08 11.93
CA VAL D 34 8.84 -61.02 11.91
C VAL D 34 9.25 -59.90 12.87
N ASN D 35 9.64 -60.24 14.09
CA ASN D 35 10.00 -59.24 15.09
C ASN D 35 11.30 -59.66 15.77
N THR D 36 12.01 -58.66 16.30
CA THR D 36 13.23 -58.88 17.05
C THR D 36 13.21 -58.07 18.35
N ARG D 37 12.09 -58.17 19.08
CA ARG D 37 11.89 -57.44 20.31
C ARG D 37 13.02 -57.73 21.29
N ILE D 38 13.57 -56.68 21.91
CA ILE D 38 14.67 -56.83 22.87
C ILE D 38 14.16 -56.91 24.30
N ILE D 39 13.31 -55.97 24.70
CA ILE D 39 12.71 -55.95 26.03
C ILE D 39 13.79 -56.01 27.10
N PRO D 40 14.60 -54.97 27.28
CA PRO D 40 15.57 -54.99 28.37
C PRO D 40 14.89 -54.86 29.72
N SER D 41 15.48 -55.48 30.74
CA SER D 41 14.96 -55.35 32.09
C SER D 41 15.08 -53.89 32.55
N THR D 42 14.06 -53.42 33.26
CA THR D 42 13.98 -52.02 33.64
C THR D 42 13.58 -51.89 35.10
N ASN D 43 13.94 -50.75 35.70
CA ASN D 43 13.57 -50.44 37.08
C ASN D 43 13.25 -48.97 37.18
N LEU D 44 12.01 -48.65 37.54
CA LEU D 44 11.60 -47.26 37.66
C LEU D 44 12.30 -46.60 38.83
N GLU D 45 12.71 -45.35 38.64
CA GLU D 45 13.35 -44.57 39.69
C GLU D 45 12.42 -43.52 40.29
N TYR D 46 11.88 -42.65 39.45
CA TYR D 46 10.92 -41.63 39.90
C TYR D 46 10.28 -41.02 38.68
N ILE D 47 9.23 -40.25 38.91
CA ILE D 47 8.50 -39.57 37.85
C ILE D 47 8.42 -38.09 38.19
N THR D 48 8.63 -37.24 37.19
CA THR D 48 8.61 -35.80 37.38
C THR D 48 7.59 -35.16 36.45
N CYS D 49 7.12 -33.98 36.85
CA CYS D 49 6.09 -33.26 36.12
C CYS D 49 6.00 -31.85 36.68
N LYS D 50 5.18 -31.03 36.06
CA LYS D 50 5.01 -29.67 36.56
C LYS D 50 4.38 -29.68 37.94
N TYR D 51 4.73 -28.67 38.73
CA TYR D 51 4.25 -28.56 40.10
C TYR D 51 3.26 -27.42 40.23
N LYS D 52 2.60 -27.36 41.38
CA LYS D 52 1.65 -26.30 41.69
C LYS D 52 1.88 -25.84 43.12
N THR D 53 2.13 -24.54 43.29
CA THR D 53 2.42 -23.98 44.61
C THR D 53 1.10 -23.76 45.34
N LYS D 54 0.66 -24.77 46.08
CA LYS D 54 -0.59 -24.68 46.82
C LYS D 54 -0.42 -23.80 48.04
N VAL D 55 -0.72 -22.51 47.92
CA VAL D 55 -0.50 -21.55 48.99
C VAL D 55 -1.78 -21.46 49.83
N PRO D 56 -1.75 -21.85 51.10
CA PRO D 56 -2.96 -21.73 51.94
C PRO D 56 -3.20 -20.27 52.35
N SER D 57 -4.30 -20.07 53.05
CA SER D 57 -4.68 -18.72 53.47
C SER D 57 -3.66 -18.17 54.47
N PRO D 58 -3.27 -16.92 54.36
CA PRO D 58 -2.31 -16.35 55.32
C PRO D 58 -2.93 -16.18 56.70
N VAL D 59 -2.07 -16.20 57.71
CA VAL D 59 -2.49 -15.95 59.09
C VAL D 59 -2.08 -14.53 59.46
N VAL D 60 -3.06 -13.72 59.85
CA VAL D 60 -2.89 -12.28 60.05
C VAL D 60 -3.40 -11.92 61.45
N LYS D 61 -2.50 -11.82 62.43
CA LYS D 61 -2.89 -11.33 63.74
C LYS D 61 -2.86 -9.81 63.76
N CYS D 62 -3.95 -9.19 64.20
CA CYS D 62 -4.05 -7.74 64.06
C CYS D 62 -3.11 -6.99 64.99
N CYS D 63 -2.90 -7.48 66.21
CA CYS D 63 -2.01 -6.81 67.16
C CYS D 63 -1.21 -7.89 67.89
N GLY D 64 -0.02 -8.18 67.39
CA GLY D 64 0.85 -9.17 68.01
C GLY D 64 1.53 -10.08 67.00
N ALA D 65 2.70 -10.59 67.39
CA ALA D 65 3.47 -11.48 66.52
C ALA D 65 2.94 -12.90 66.60
N THR D 66 3.45 -13.75 65.71
CA THR D 66 3.03 -15.15 65.66
C THR D 66 4.17 -15.97 65.07
N GLN D 67 4.87 -16.71 65.92
CA GLN D 67 5.96 -17.57 65.46
C GLN D 67 5.40 -18.70 64.59
N CYS D 68 6.11 -18.99 63.51
CA CYS D 68 5.69 -20.08 62.62
C CYS D 68 6.33 -21.40 63.03
N THR D 69 5.74 -22.49 62.56
CA THR D 69 6.18 -23.83 62.89
C THR D 69 6.70 -24.53 61.63
N SER D 70 7.64 -25.45 61.83
CA SER D 70 8.26 -26.18 60.71
C SER D 70 7.37 -27.38 60.40
N LYS D 71 6.39 -27.17 59.53
CA LYS D 71 5.49 -28.25 59.14
C LYS D 71 6.21 -29.25 58.24
N PRO D 72 5.77 -30.51 58.22
CA PRO D 72 6.42 -31.53 57.38
C PRO D 72 6.03 -31.51 55.92
N HIS D 73 5.38 -30.46 55.42
CA HIS D 73 5.05 -30.39 54.01
C HIS D 73 6.33 -30.30 53.17
N PRO D 74 6.32 -30.84 51.95
CA PRO D 74 7.53 -30.77 51.12
C PRO D 74 7.86 -29.34 50.74
N ASP D 75 9.11 -28.95 50.97
CA ASP D 75 9.58 -27.59 50.68
C ASP D 75 8.69 -26.55 51.34
N TYR D 76 8.27 -26.83 52.57
CA TYR D 76 7.37 -25.94 53.30
C TYR D 76 8.12 -24.69 53.72
N GLN D 77 7.91 -23.59 52.99
CA GLN D 77 8.57 -22.32 53.28
C GLN D 77 7.61 -21.42 54.05
N CYS D 78 8.00 -21.04 55.25
CA CYS D 78 7.18 -20.17 56.09
C CYS D 78 8.03 -19.01 56.59
N GLN D 79 7.44 -17.82 56.60
CA GLN D 79 8.14 -16.65 57.10
C GLN D 79 7.14 -15.64 57.63
N VAL D 80 7.49 -14.98 58.72
CA VAL D 80 6.61 -14.01 59.36
C VAL D 80 7.09 -12.61 59.03
N PHE D 81 6.14 -11.74 58.69
CA PHE D 81 6.43 -10.35 58.35
C PHE D 81 5.90 -9.42 59.42
N THR D 82 6.51 -8.25 59.53
CA THR D 82 6.17 -7.30 60.58
C THR D 82 5.88 -5.94 59.97
N GLY D 83 5.07 -5.17 60.67
CA GLY D 83 4.70 -3.84 60.21
C GLY D 83 3.92 -3.85 58.90
N VAL D 84 2.71 -4.42 58.91
CA VAL D 84 1.87 -4.46 57.72
C VAL D 84 0.55 -3.78 58.04
N TYR D 85 -0.08 -3.19 57.03
CA TYR D 85 -1.37 -2.50 57.23
C TYR D 85 -2.37 -2.86 56.13
N PRO D 86 -2.88 -4.09 56.14
CA PRO D 86 -3.74 -4.56 55.03
C PRO D 86 -5.08 -3.84 54.97
N PHE D 87 -5.43 -3.39 53.78
CA PHE D 87 -6.78 -2.98 53.43
C PHE D 87 -7.56 -4.12 52.78
N MET D 88 -8.89 -4.05 52.91
CA MET D 88 -9.81 -4.87 52.13
C MET D 88 -11.02 -4.01 51.75
N TRP D 89 -11.89 -4.57 50.92
CA TRP D 89 -13.10 -3.87 50.47
C TRP D 89 -13.87 -3.22 51.62
N GLY D 90 -13.80 -3.78 52.82
CA GLY D 90 -14.47 -3.25 53.99
C GLY D 90 -13.70 -2.23 54.79
N GLY D 91 -12.63 -1.66 54.24
CA GLY D 91 -11.78 -0.70 54.95
C GLY D 91 -10.50 -1.33 55.49
N ALA D 92 -9.76 -0.54 56.26
CA ALA D 92 -8.52 -1.03 56.89
C ALA D 92 -8.84 -2.15 57.87
N TYR D 93 -7.94 -3.15 57.92
CA TYR D 93 -8.24 -4.40 58.63
C TYR D 93 -7.96 -4.38 60.14
N CYS D 94 -7.15 -3.43 60.64
CA CYS D 94 -6.78 -3.40 62.06
C CYS D 94 -6.65 -1.96 62.55
N PHE D 95 -6.71 -1.79 63.88
CA PHE D 95 -6.42 -0.48 64.46
C PHE D 95 -4.97 -0.28 64.92
N CYS D 96 -4.19 -1.34 65.11
CA CYS D 96 -2.75 -1.20 65.39
C CYS D 96 -1.98 -0.75 64.15
N ASP D 97 -0.84 -0.08 64.38
CA ASP D 97 -0.01 0.42 63.27
C ASP D 97 1.32 -0.29 63.10
N THR D 98 1.79 -1.02 64.11
CA THR D 98 3.06 -1.73 64.00
C THR D 98 3.00 -3.17 64.48
N GLU D 99 2.04 -3.54 65.33
CA GLU D 99 1.97 -4.90 65.83
C GLU D 99 1.34 -5.85 64.83
N ASN D 100 0.85 -5.35 63.70
CA ASN D 100 0.24 -6.22 62.69
C ASN D 100 1.31 -7.12 62.11
N THR D 101 1.11 -8.44 62.18
CA THR D 101 2.05 -9.38 61.60
C THR D 101 1.29 -10.37 60.72
N GLN D 102 1.94 -10.79 59.64
CA GLN D 102 1.37 -11.76 58.72
C GLN D 102 2.21 -13.04 58.73
N MET D 103 1.55 -14.18 58.87
CA MET D 103 2.22 -15.48 58.86
C MET D 103 1.84 -16.17 57.56
N SER D 104 2.70 -16.03 56.55
CA SER D 104 2.46 -16.60 55.23
C SER D 104 3.28 -17.86 55.04
N GLU D 105 2.62 -18.92 54.57
CA GLU D 105 3.28 -20.19 54.34
C GLU D 105 2.89 -20.71 52.96
N ALA D 106 3.77 -21.53 52.38
CA ALA D 106 3.51 -22.11 51.07
C ALA D 106 4.34 -23.36 50.91
N TYR D 107 3.79 -24.35 50.21
CA TYR D 107 4.51 -25.59 49.94
C TYR D 107 4.22 -26.05 48.52
N VAL D 108 5.13 -26.84 48.00
CA VAL D 108 5.04 -27.32 46.62
C VAL D 108 4.33 -28.67 46.61
N GLU D 109 3.30 -28.79 45.77
CA GLU D 109 2.56 -30.04 45.61
C GLU D 109 2.42 -30.32 44.13
N ARG D 110 2.55 -31.59 43.75
CA ARG D 110 2.54 -31.95 42.34
C ARG D 110 1.23 -31.57 41.67
N SER D 111 1.31 -31.08 40.44
CA SER D 111 0.14 -30.55 39.76
C SER D 111 -0.87 -31.67 39.44
N GLU D 112 -2.12 -31.25 39.22
CA GLU D 112 -3.16 -32.20 38.84
C GLU D 112 -2.85 -32.83 37.49
N GLU D 113 -2.07 -32.14 36.66
CA GLU D 113 -1.73 -32.67 35.34
C GLU D 113 -0.76 -33.83 35.41
N CYS D 114 -0.16 -34.08 36.58
CA CYS D 114 0.78 -35.17 36.71
C CYS D 114 0.13 -36.52 36.46
N SER D 115 -1.18 -36.62 36.63
CA SER D 115 -1.85 -37.91 36.49
C SER D 115 -1.79 -38.43 35.06
N ILE D 116 -1.71 -37.54 34.08
CA ILE D 116 -1.70 -37.92 32.67
C ILE D 116 -0.35 -37.68 32.02
N ASP D 117 0.20 -36.49 32.19
CA ASP D 117 1.48 -36.12 31.57
C ASP D 117 2.55 -36.11 32.65
N HIS D 118 3.55 -36.96 32.47
CA HIS D 118 4.63 -37.06 33.44
C HIS D 118 5.80 -37.85 32.86
N ALA D 119 7.02 -37.33 33.02
CA ALA D 119 8.19 -38.07 32.56
C ALA D 119 8.45 -39.25 33.50
N LYS D 120 9.12 -40.26 32.97
CA LYS D 120 9.43 -41.47 33.73
C LYS D 120 10.92 -41.78 33.61
N ALA D 121 11.62 -41.72 34.74
CA ALA D 121 13.02 -42.14 34.75
C ALA D 121 13.11 -43.66 34.82
N TYR D 122 14.10 -44.22 34.13
CA TYR D 122 14.27 -45.66 34.10
C TYR D 122 15.75 -46.01 34.04
N LYS D 123 16.17 -46.92 34.91
CA LYS D 123 17.48 -47.55 34.82
C LYS D 123 17.27 -48.98 34.32
N VAL D 124 18.01 -49.37 33.29
CA VAL D 124 17.75 -50.61 32.57
C VAL D 124 18.93 -51.55 32.72
N HIS D 125 18.67 -52.83 32.53
CA HIS D 125 19.68 -53.88 32.52
C HIS D 125 19.71 -54.54 31.13
N THR D 126 20.50 -55.61 31.01
CA THR D 126 20.65 -56.26 29.71
C THR D 126 19.34 -56.85 29.22
N GLY D 127 18.62 -57.53 30.10
CA GLY D 127 17.35 -58.14 29.71
C GLY D 127 17.55 -59.32 28.76
N THR D 128 16.42 -59.79 28.23
CA THR D 128 16.41 -60.94 27.33
C THR D 128 15.50 -60.65 26.15
N VAL D 129 16.00 -60.95 24.94
CA VAL D 129 15.30 -60.59 23.72
C VAL D 129 14.41 -61.74 23.28
N GLN D 130 13.36 -61.40 22.53
CA GLN D 130 12.40 -62.36 21.99
C GLN D 130 12.16 -62.07 20.52
N ALA D 131 11.68 -63.08 19.79
CA ALA D 131 11.43 -62.92 18.36
C ALA D 131 10.19 -63.71 17.97
N MET D 132 9.49 -63.25 16.95
CA MET D 132 8.45 -64.06 16.33
C MET D 132 8.98 -64.57 15.00
N VAL D 133 9.03 -65.90 14.87
CA VAL D 133 9.62 -66.56 13.71
C VAL D 133 8.52 -67.27 12.95
N ASN D 134 8.60 -67.14 11.63
CA ASN D 134 7.74 -67.84 10.71
C ASN D 134 8.60 -68.77 9.85
N ILE D 135 8.27 -70.06 9.83
CA ILE D 135 9.02 -71.10 9.12
C ILE D 135 8.05 -71.83 8.20
N THR D 136 8.22 -71.65 6.88
CA THR D 136 7.31 -72.24 5.91
C THR D 136 8.04 -73.31 5.09
N TYR D 137 8.74 -74.18 5.79
CA TYR D 137 9.60 -75.21 5.22
C TYR D 137 8.79 -76.40 4.67
N GLY D 138 9.49 -77.26 3.92
CA GLY D 138 8.92 -78.54 3.49
C GLY D 138 7.62 -78.39 2.72
N SER D 139 6.58 -79.11 3.15
CA SER D 139 5.23 -79.00 2.58
C SER D 139 4.23 -78.33 3.52
N VAL D 140 4.58 -78.07 4.78
CA VAL D 140 3.61 -77.48 5.73
C VAL D 140 3.35 -76.00 5.43
N SER D 141 4.33 -75.28 4.89
CA SER D 141 4.20 -73.90 4.40
C SER D 141 3.72 -72.90 5.48
N TRP D 142 3.83 -73.20 6.77
CA TRP D 142 3.33 -72.32 7.82
C TRP D 142 4.07 -72.52 9.15
N ARG D 143 4.24 -71.43 9.90
CA ARG D 143 4.52 -71.47 11.34
C ARG D 143 4.16 -70.13 11.95
N SER D 144 3.84 -70.10 13.25
CA SER D 144 3.56 -68.83 13.95
C SER D 144 4.11 -68.85 15.38
N ALA D 145 5.43 -69.00 15.52
CA ALA D 145 6.07 -69.25 16.80
C ALA D 145 6.70 -67.99 17.39
N ASP D 146 6.41 -67.73 18.67
CA ASP D 146 7.11 -66.74 19.48
C ASP D 146 8.23 -67.45 20.23
N VAL D 147 9.47 -66.91 20.14
CA VAL D 147 10.66 -67.60 20.64
C VAL D 147 11.56 -66.64 21.41
N TYR D 148 12.47 -67.21 22.20
CA TYR D 148 13.47 -66.45 22.92
C TYR D 148 14.82 -66.51 22.19
N VAL D 149 15.84 -65.89 22.79
CA VAL D 149 17.21 -65.91 22.24
C VAL D 149 18.18 -66.70 23.09
N ASN D 150 17.82 -67.04 24.33
CA ASN D 150 18.70 -67.83 25.17
C ASN D 150 19.00 -69.17 24.49
N GLY D 151 20.24 -69.62 24.61
CA GLY D 151 20.66 -70.82 23.93
C GLY D 151 20.20 -72.12 24.58
N GLU D 152 19.06 -72.10 25.28
CA GLU D 152 18.51 -73.33 25.87
C GLU D 152 17.04 -73.57 25.49
N THR D 153 16.22 -72.53 25.38
CA THR D 153 14.76 -72.73 25.23
C THR D 153 14.38 -73.34 23.89
N PRO D 154 13.79 -74.54 23.86
CA PRO D 154 13.24 -75.08 22.60
C PRO D 154 11.90 -74.45 22.26
N ALA D 155 11.61 -74.37 20.96
CA ALA D 155 10.33 -73.89 20.44
C ALA D 155 9.73 -74.94 19.50
N LYS D 156 8.64 -75.60 19.92
CA LYS D 156 8.11 -76.79 19.24
C LYS D 156 6.67 -76.61 18.73
N ILE D 157 6.42 -75.47 18.07
CA ILE D 157 5.12 -75.19 17.45
C ILE D 157 4.92 -76.06 16.21
N GLY D 158 3.67 -76.43 15.93
CA GLY D 158 3.41 -77.42 14.87
C GLY D 158 4.15 -78.72 15.15
N ASP D 159 4.96 -79.18 14.19
CA ASP D 159 5.72 -80.42 14.32
C ASP D 159 7.20 -80.21 14.62
N ALA D 160 7.86 -79.23 14.01
CA ALA D 160 9.29 -79.01 14.20
C ALA D 160 9.60 -78.29 15.51
N LYS D 161 10.79 -78.58 16.06
CA LYS D 161 11.29 -77.93 17.27
C LYS D 161 12.68 -77.35 17.00
N LEU D 162 12.95 -76.14 17.52
CA LEU D 162 14.20 -75.45 17.23
C LEU D 162 14.62 -74.56 18.38
N ILE D 163 15.88 -74.09 18.32
CA ILE D 163 16.47 -73.22 19.34
C ILE D 163 17.24 -72.09 18.64
N ILE D 164 17.15 -70.90 19.23
CA ILE D 164 17.57 -69.64 18.61
C ILE D 164 18.58 -68.95 19.52
N GLY D 165 19.58 -68.30 18.92
CA GLY D 165 20.50 -67.44 19.66
C GLY D 165 21.54 -68.21 20.44
N PRO D 166 22.29 -67.52 21.33
CA PRO D 166 22.17 -66.09 21.69
C PRO D 166 22.73 -65.16 20.63
N LEU D 167 22.34 -63.87 20.67
CA LEU D 167 22.79 -62.92 19.67
C LEU D 167 24.30 -62.72 19.72
N SER D 168 24.89 -62.50 18.55
CA SER D 168 26.33 -62.27 18.49
C SER D 168 26.73 -60.91 19.04
N SER D 169 25.85 -59.93 18.98
CA SER D 169 26.14 -58.57 19.43
C SER D 169 25.31 -58.26 20.66
N ALA D 170 25.96 -57.79 21.72
CA ALA D 170 25.27 -57.33 22.92
C ALA D 170 24.85 -55.86 22.80
N TRP D 171 24.73 -55.35 21.58
CA TRP D 171 24.42 -53.94 21.38
C TRP D 171 23.02 -53.62 21.88
N SER D 172 22.92 -52.64 22.78
CA SER D 172 21.63 -52.18 23.28
C SER D 172 21.50 -50.69 23.00
N PRO D 173 20.54 -50.24 22.19
CA PRO D 173 20.39 -48.79 21.96
C PRO D 173 20.12 -48.01 23.23
N PHE D 174 19.45 -48.62 24.20
CA PHE D 174 19.20 -47.95 25.47
C PHE D 174 20.50 -47.75 26.23
N ASP D 175 20.62 -46.61 26.91
CA ASP D 175 21.76 -46.38 27.79
C ASP D 175 21.42 -46.91 29.19
N ASN D 176 22.33 -46.69 30.14
CA ASN D 176 22.05 -47.14 31.50
C ASN D 176 20.91 -46.33 32.12
N LYS D 177 20.79 -45.06 31.77
CA LYS D 177 19.70 -44.22 32.24
C LYS D 177 18.82 -43.84 31.06
N VAL D 178 17.52 -44.05 31.20
CA VAL D 178 16.55 -43.80 30.13
C VAL D 178 15.39 -43.01 30.70
N VAL D 179 14.96 -41.99 29.96
CA VAL D 179 13.82 -41.16 30.35
C VAL D 179 12.72 -41.36 29.32
N VAL D 180 11.52 -41.69 29.80
CA VAL D 180 10.36 -41.93 28.94
C VAL D 180 9.35 -40.83 29.18
N TYR D 181 8.91 -40.18 28.11
CA TYR D 181 7.96 -39.07 28.19
C TYR D 181 6.71 -39.43 27.39
N GLY D 182 5.78 -40.11 28.05
CA GLY D 182 4.48 -40.36 27.46
C GLY D 182 4.54 -41.38 26.33
N HIS D 183 5.16 -41.00 25.21
CA HIS D 183 5.25 -41.88 24.05
C HIS D 183 6.65 -41.97 23.44
N GLU D 184 7.50 -40.96 23.61
CA GLU D 184 8.84 -40.98 23.04
C GLU D 184 9.87 -41.28 24.14
N VAL D 185 11.00 -41.83 23.73
CA VAL D 185 12.05 -42.26 24.65
C VAL D 185 13.28 -41.40 24.43
N TYR D 186 13.80 -40.85 25.53
CA TYR D 186 15.02 -40.05 25.51
C TYR D 186 16.03 -40.66 26.47
N ASN D 187 17.27 -40.84 25.99
CA ASN D 187 18.33 -41.35 26.86
C ASN D 187 19.01 -40.21 27.61
N TYR D 188 18.19 -39.40 28.26
CA TYR D 188 18.68 -38.30 29.08
C TYR D 188 19.19 -38.83 30.41
N ASP D 189 20.24 -38.21 30.93
CA ASP D 189 20.86 -38.65 32.17
C ASP D 189 20.21 -37.92 33.34
N PHE D 190 19.10 -38.46 33.83
CA PHE D 190 18.51 -37.91 35.03
C PHE D 190 19.47 -38.10 36.21
N PRO D 191 19.67 -37.08 37.05
CA PRO D 191 20.77 -37.14 38.03
C PRO D 191 20.68 -38.30 39.01
N GLU D 192 19.63 -38.30 39.82
CA GLU D 192 19.36 -39.36 40.80
C GLU D 192 18.09 -38.93 41.52
N TYR D 193 17.57 -39.81 42.36
CA TYR D 193 16.41 -39.42 43.16
C TYR D 193 16.81 -38.47 44.27
N GLY D 194 15.94 -37.49 44.53
CA GLY D 194 16.14 -36.60 45.66
C GLY D 194 17.35 -35.72 45.57
N THR D 195 17.80 -35.37 44.36
CA THR D 195 18.96 -34.51 44.21
C THR D 195 18.80 -33.49 43.09
N GLY D 196 17.63 -33.37 42.49
CA GLY D 196 17.45 -32.48 41.36
C GLY D 196 17.71 -31.01 41.67
N LYS D 197 18.49 -30.35 40.82
CA LYS D 197 18.71 -28.92 40.98
C LYS D 197 17.46 -28.14 40.59
N ALA D 198 17.23 -27.02 41.27
CA ALA D 198 16.06 -26.21 40.97
C ALA D 198 16.15 -25.63 39.57
N GLY D 199 15.04 -25.61 38.86
CA GLY D 199 14.97 -25.08 37.52
C GLY D 199 15.37 -26.07 36.44
N SER D 200 16.29 -26.96 36.75
CA SER D 200 16.71 -27.97 35.79
C SER D 200 15.68 -29.10 35.74
N PHE D 201 16.01 -30.17 35.01
CA PHE D 201 15.13 -31.33 34.96
C PHE D 201 15.00 -31.97 36.35
N GLY D 202 13.83 -32.50 36.63
CA GLY D 202 13.60 -33.16 37.90
C GLY D 202 13.67 -32.24 39.10
N ASP D 203 13.17 -31.01 38.96
CA ASP D 203 13.06 -30.13 40.11
C ASP D 203 12.10 -30.72 41.15
N LEU D 204 11.00 -31.31 40.67
CA LEU D 204 10.07 -32.05 41.52
C LEU D 204 10.17 -33.53 41.17
N GLN D 205 10.49 -34.35 42.17
CA GLN D 205 10.69 -35.78 41.95
C GLN D 205 9.77 -36.56 42.87
N SER D 206 8.91 -37.39 42.27
CA SER D 206 8.00 -38.25 43.02
C SER D 206 8.35 -39.71 42.75
N ARG D 207 8.38 -40.51 43.82
CA ARG D 207 8.70 -41.93 43.66
C ARG D 207 7.70 -42.61 42.75
N THR D 208 6.40 -42.35 42.96
CA THR D 208 5.36 -42.90 42.11
C THR D 208 4.16 -41.97 42.18
N SER D 209 3.28 -42.08 41.18
CA SER D 209 2.07 -41.27 41.19
C SER D 209 1.24 -41.53 42.44
N THR D 210 1.27 -42.75 42.96
CA THR D 210 0.56 -43.05 44.20
C THR D 210 1.29 -42.54 45.42
N SER D 211 2.62 -42.49 45.38
CA SER D 211 3.40 -42.11 46.55
C SER D 211 3.07 -40.70 47.00
N ASN D 212 2.81 -40.55 48.31
CA ASN D 212 2.48 -39.24 48.85
C ASN D 212 3.72 -38.35 48.96
N ASP D 213 4.83 -38.91 49.44
CA ASP D 213 6.05 -38.13 49.63
C ASP D 213 6.72 -37.87 48.29
N LEU D 214 7.46 -36.76 48.23
CA LEU D 214 8.19 -36.40 47.02
C LEU D 214 9.36 -35.50 47.41
N TYR D 215 10.08 -35.04 46.40
CA TYR D 215 11.27 -34.21 46.60
C TYR D 215 11.13 -32.97 45.72
N ALA D 216 10.85 -31.82 46.33
CA ALA D 216 10.54 -30.59 45.61
C ALA D 216 11.57 -29.53 45.98
N ASN D 217 12.62 -29.41 45.17
CA ASN D 217 13.62 -28.36 45.34
C ASN D 217 13.36 -27.30 44.26
N THR D 218 12.51 -26.33 44.59
CA THR D 218 12.12 -25.30 43.64
C THR D 218 12.67 -23.93 44.00
N ASN D 219 13.47 -23.83 45.06
CA ASN D 219 14.02 -22.55 45.51
C ASN D 219 12.91 -21.54 45.78
N LEU D 220 11.80 -22.01 46.35
CA LEU D 220 10.68 -21.13 46.65
C LEU D 220 11.01 -20.24 47.84
N LYS D 221 10.77 -18.93 47.68
CA LYS D 221 11.01 -17.97 48.76
C LYS D 221 9.92 -16.90 48.73
N LEU D 222 9.18 -16.77 49.83
CA LEU D 222 8.17 -15.74 49.92
C LEU D 222 8.82 -14.37 50.10
N GLN D 223 8.03 -13.32 49.88
CA GLN D 223 8.50 -11.95 50.08
C GLN D 223 7.36 -11.11 50.63
N ARG D 224 7.72 -9.92 51.13
CA ARG D 224 6.76 -9.09 51.83
C ARG D 224 5.64 -8.64 50.88
N PRO D 225 4.37 -8.70 51.29
CA PRO D 225 3.31 -8.08 50.49
C PRO D 225 3.52 -6.57 50.42
N GLN D 226 3.13 -6.00 49.28
CA GLN D 226 3.42 -4.60 48.99
C GLN D 226 2.19 -3.72 49.20
N ALA D 227 2.43 -2.54 49.78
CA ALA D 227 1.46 -1.46 49.97
C ALA D 227 0.21 -1.87 50.78
N GLY D 228 0.34 -2.84 51.68
CA GLY D 228 -0.74 -3.18 52.61
C GLY D 228 -1.93 -3.86 51.96
N ILE D 229 -1.69 -5.02 51.37
CA ILE D 229 -2.71 -5.77 50.62
C ILE D 229 -2.61 -7.25 51.00
N VAL D 230 -3.75 -7.91 51.20
CA VAL D 230 -3.74 -9.32 51.67
C VAL D 230 -3.48 -10.23 50.47
N HIS D 231 -2.25 -10.74 50.36
CA HIS D 231 -1.87 -11.78 49.41
C HIS D 231 -0.53 -12.36 49.83
N THR D 232 -0.04 -13.34 49.08
CA THR D 232 1.21 -14.05 49.40
C THR D 232 2.13 -14.03 48.20
N PRO D 233 2.86 -12.93 48.01
CA PRO D 233 3.86 -12.89 46.92
C PRO D 233 4.97 -13.90 47.17
N PHE D 234 5.10 -14.86 46.26
CA PHE D 234 6.12 -15.89 46.36
C PHE D 234 6.96 -15.90 45.09
N THR D 235 8.28 -15.93 45.25
CA THR D 235 9.20 -15.96 44.12
C THR D 235 9.87 -17.32 44.07
N GLN D 236 9.76 -17.98 42.91
CA GLN D 236 10.35 -19.30 42.73
C GLN D 236 10.87 -19.43 41.31
N ALA D 237 11.76 -20.40 41.10
CA ALA D 237 12.25 -20.67 39.76
C ALA D 237 11.10 -21.18 38.88
N PRO D 238 11.16 -20.91 37.57
CA PRO D 238 10.13 -21.45 36.67
C PRO D 238 10.15 -22.97 36.67
N SER D 239 9.00 -23.56 36.36
CA SER D 239 8.85 -25.01 36.44
C SER D 239 9.94 -25.70 35.63
N GLY D 240 10.77 -26.47 36.32
CA GLY D 240 11.86 -27.17 35.65
C GLY D 240 11.38 -28.19 34.64
N PHE D 241 10.23 -28.83 34.89
CA PHE D 241 9.68 -29.77 33.91
C PHE D 241 9.19 -29.06 32.67
N GLU D 242 8.70 -27.82 32.81
CA GLU D 242 8.36 -27.05 31.61
C GLU D 242 9.58 -26.84 30.75
N ARG D 243 10.71 -26.50 31.36
CA ARG D 243 11.97 -26.53 30.63
C ARG D 243 12.34 -27.97 30.30
N TRP D 244 13.15 -28.12 29.26
CA TRP D 244 13.55 -29.43 28.74
C TRP D 244 12.38 -30.09 28.03
N LYS D 245 11.18 -29.53 28.14
CA LYS D 245 10.08 -29.99 27.30
C LYS D 245 10.04 -29.28 25.97
N ARG D 246 10.44 -28.00 25.94
CA ARG D 246 10.51 -27.25 24.70
C ARG D 246 11.92 -27.20 24.12
N ASP D 247 12.88 -27.85 24.77
CA ASP D 247 14.24 -27.90 24.23
C ASP D 247 14.88 -29.27 24.45
N LYS D 248 14.09 -30.32 24.49
CA LYS D 248 14.65 -31.66 24.59
C LYS D 248 15.32 -32.06 23.28
N GLY D 249 16.26 -32.98 23.40
CA GLY D 249 16.96 -33.49 22.22
C GLY D 249 16.07 -34.40 21.40
N ALA D 250 16.67 -34.97 20.35
CA ALA D 250 15.94 -35.89 19.50
C ALA D 250 15.60 -37.16 20.27
N PRO D 251 14.38 -37.69 20.13
CA PRO D 251 14.03 -38.92 20.84
C PRO D 251 14.89 -40.10 20.37
N LEU D 252 15.10 -41.04 21.28
CA LEU D 252 15.90 -42.21 20.93
C LEU D 252 15.28 -43.00 19.79
N ASN D 253 13.95 -42.97 19.68
CA ASN D 253 13.29 -43.67 18.59
C ASN D 253 13.53 -43.00 17.24
N ASP D 254 14.23 -41.87 17.23
CA ASP D 254 14.59 -41.18 16.00
C ASP D 254 16.09 -41.08 15.77
N VAL D 255 16.91 -41.58 16.69
CA VAL D 255 18.36 -41.57 16.52
C VAL D 255 18.99 -42.93 16.75
N ALA D 256 18.21 -43.95 17.09
CA ALA D 256 18.78 -45.28 17.30
C ALA D 256 19.23 -45.85 15.96
N PRO D 257 20.50 -46.25 15.80
CA PRO D 257 20.94 -46.82 14.52
C PRO D 257 20.37 -48.21 14.27
N PHE D 258 20.77 -48.83 13.17
CA PHE D 258 20.32 -50.17 12.79
C PHE D 258 18.80 -50.23 12.59
N GLY D 259 18.16 -49.09 12.40
CA GLY D 259 16.73 -49.08 12.13
C GLY D 259 15.87 -49.66 13.23
N CYS D 260 16.16 -49.33 14.48
CA CYS D 260 15.42 -49.86 15.62
C CYS D 260 14.40 -48.83 16.10
N SER D 261 13.17 -49.28 16.34
CA SER D 261 12.10 -48.41 16.80
C SER D 261 11.60 -48.90 18.15
N ILE D 262 11.10 -47.96 18.96
CA ILE D 262 10.67 -48.26 20.31
C ILE D 262 9.16 -48.02 20.42
N ALA D 263 8.59 -48.31 21.59
CA ALA D 263 7.16 -48.11 21.80
C ALA D 263 6.88 -47.94 23.29
N LEU D 264 5.73 -47.33 23.58
CA LEU D 264 5.27 -47.22 24.96
C LEU D 264 4.86 -48.62 25.42
N GLU D 265 5.78 -49.31 26.04
CA GLU D 265 5.74 -50.77 26.11
C GLU D 265 6.75 -51.27 27.14
N PRO D 266 6.96 -52.58 27.27
CA PRO D 266 8.13 -53.08 28.01
C PRO D 266 9.45 -52.54 27.45
N LEU D 267 9.39 -51.68 26.45
CA LEU D 267 10.54 -50.97 25.88
C LEU D 267 11.36 -51.88 24.99
N ARG D 268 10.69 -52.75 24.25
CA ARG D 268 11.35 -53.51 23.21
C ARG D 268 11.84 -52.58 22.10
N ALA D 269 12.97 -52.93 21.50
CA ALA D 269 13.52 -52.20 20.36
C ALA D 269 13.43 -53.15 19.16
N GLU D 270 12.28 -53.14 18.49
CA GLU D 270 12.03 -54.10 17.42
C GLU D 270 12.82 -53.74 16.16
N ASN D 271 13.02 -54.76 15.33
CA ASN D 271 13.71 -54.62 14.03
C ASN D 271 15.12 -54.08 14.20
N CYS D 272 15.77 -54.40 15.33
CA CYS D 272 17.13 -53.96 15.57
C CYS D 272 18.09 -54.89 14.83
N ALA D 273 18.22 -54.64 13.53
CA ALA D 273 19.01 -55.50 12.65
C ALA D 273 20.48 -55.33 12.97
N VAL D 274 21.06 -56.29 13.69
CA VAL D 274 22.49 -56.27 14.01
C VAL D 274 22.90 -57.68 14.42
N GLY D 275 24.12 -58.05 14.05
CA GLY D 275 24.66 -59.35 14.45
C GLY D 275 24.00 -60.50 13.69
N SER D 276 24.23 -61.71 14.22
CA SER D 276 23.70 -62.93 13.64
C SER D 276 23.16 -63.83 14.74
N ILE D 277 22.41 -64.85 14.34
CA ILE D 277 21.77 -65.77 15.27
C ILE D 277 22.24 -67.20 14.93
N PRO D 278 22.82 -67.93 15.88
CA PRO D 278 23.19 -69.33 15.60
C PRO D 278 21.99 -70.26 15.68
N ILE D 279 21.26 -70.38 14.58
CA ILE D 279 19.99 -71.12 14.58
C ILE D 279 20.27 -72.62 14.46
N SER D 280 19.66 -73.40 15.35
CA SER D 280 19.68 -74.85 15.26
C SER D 280 18.24 -75.37 15.30
N ILE D 281 17.89 -76.27 14.37
CA ILE D 281 16.53 -76.79 14.23
C ILE D 281 16.54 -78.30 14.08
N ASP D 282 15.61 -78.98 14.76
CA ASP D 282 15.44 -80.44 14.69
C ASP D 282 14.22 -80.77 13.83
N ILE D 283 14.44 -81.07 12.55
CA ILE D 283 13.32 -81.47 11.68
C ILE D 283 12.86 -82.88 12.04
N PRO D 284 11.55 -83.12 12.23
CA PRO D 284 11.08 -84.49 12.46
C PRO D 284 11.31 -85.37 11.23
N ASP D 285 11.73 -86.61 11.46
CA ASP D 285 12.02 -87.50 10.34
C ASP D 285 10.79 -87.87 9.53
N ALA D 286 9.59 -87.56 10.02
CA ALA D 286 8.37 -87.90 9.29
C ALA D 286 8.33 -87.21 7.94
N ALA D 287 8.73 -85.93 7.90
CA ALA D 287 8.73 -85.20 6.63
C ALA D 287 9.71 -85.78 5.62
N PHE D 288 10.75 -86.47 6.07
CA PHE D 288 11.71 -87.05 5.15
C PHE D 288 11.08 -88.20 4.37
N THR D 289 11.53 -88.35 3.13
CA THR D 289 11.08 -89.43 2.26
C THR D 289 12.29 -90.18 1.70
N ARG D 290 12.07 -91.44 1.31
CA ARG D 290 13.15 -92.26 0.79
C ARG D 290 13.76 -91.60 -0.44
N ILE D 291 15.09 -91.62 -0.50
CA ILE D 291 15.80 -91.00 -1.62
C ILE D 291 15.47 -91.70 -2.93
N SER D 292 15.13 -92.98 -2.88
CA SER D 292 14.85 -93.75 -4.09
C SER D 292 13.57 -93.32 -4.80
N GLU D 293 12.87 -92.29 -4.31
CA GLU D 293 11.65 -91.83 -4.93
C GLU D 293 11.83 -90.54 -5.73
N THR D 294 12.84 -89.74 -5.42
CA THR D 294 13.05 -88.49 -6.14
C THR D 294 13.49 -88.77 -7.57
N PRO D 295 12.85 -88.16 -8.58
CA PRO D 295 13.29 -88.38 -9.96
C PRO D 295 14.70 -87.86 -10.20
N THR D 296 15.40 -88.51 -11.12
CA THR D 296 16.77 -88.13 -11.45
C THR D 296 16.75 -87.04 -12.53
N VAL D 297 17.51 -85.98 -12.30
CA VAL D 297 17.50 -84.82 -13.20
C VAL D 297 18.90 -84.58 -13.76
N SER D 298 19.67 -85.65 -13.95
CA SER D 298 21.06 -85.50 -14.39
C SER D 298 21.11 -85.06 -15.86
N ASP D 299 22.33 -84.72 -16.29
CA ASP D 299 22.59 -84.32 -17.67
C ASP D 299 21.74 -83.12 -18.09
N LEU D 300 21.57 -82.17 -17.18
CA LEU D 300 20.86 -80.93 -17.46
C LEU D 300 21.85 -79.80 -17.66
N GLU D 301 21.32 -78.63 -18.03
CA GLU D 301 22.16 -77.46 -18.23
C GLU D 301 21.39 -76.21 -17.83
N CYS D 302 22.13 -75.15 -17.52
CA CYS D 302 21.56 -73.90 -17.05
C CYS D 302 21.94 -72.77 -17.99
N LYS D 303 20.95 -71.95 -18.36
CA LYS D 303 21.19 -70.82 -19.24
C LYS D 303 20.63 -69.55 -18.60
N ILE D 304 21.46 -68.51 -18.53
CA ILE D 304 21.00 -67.22 -18.04
C ILE D 304 20.13 -66.57 -19.11
N THR D 305 19.08 -65.88 -18.67
CA THR D 305 18.19 -65.17 -19.60
C THR D 305 18.36 -63.67 -19.51
N GLU D 306 18.25 -63.09 -18.32
CA GLU D 306 18.46 -61.65 -18.15
C GLU D 306 18.73 -61.39 -16.67
N CYS D 307 19.92 -60.89 -16.36
CA CYS D 307 20.28 -60.54 -15.00
C CYS D 307 20.45 -59.03 -14.89
N THR D 308 19.91 -58.45 -13.81
CA THR D 308 20.06 -57.03 -13.53
C THR D 308 20.95 -56.87 -12.32
N TYR D 309 21.99 -56.06 -12.46
CA TYR D 309 22.89 -55.80 -11.35
C TYR D 309 22.19 -54.90 -10.33
N ALA D 310 21.16 -55.44 -9.66
CA ALA D 310 20.31 -54.62 -8.81
C ALA D 310 20.03 -55.36 -7.50
N SER D 311 19.11 -54.81 -6.70
CA SER D 311 18.74 -55.37 -5.42
C SER D 311 17.49 -56.24 -5.47
N ASP D 312 16.54 -55.91 -6.33
CA ASP D 312 15.34 -56.73 -6.46
C ASP D 312 15.63 -57.95 -7.33
N PHE D 313 14.64 -58.84 -7.42
CA PHE D 313 14.82 -60.08 -8.19
C PHE D 313 14.78 -59.80 -9.68
N GLY D 314 15.83 -59.15 -10.19
CA GLY D 314 15.90 -58.86 -11.61
C GLY D 314 16.53 -59.96 -12.43
N GLY D 315 17.20 -60.89 -11.76
CA GLY D 315 17.86 -61.98 -12.47
C GLY D 315 16.90 -63.11 -12.80
N ILE D 316 16.90 -63.53 -14.06
CA ILE D 316 16.10 -64.66 -14.49
C ILE D 316 16.98 -65.60 -15.30
N ALA D 317 16.58 -66.86 -15.34
CA ALA D 317 17.36 -67.88 -16.05
C ALA D 317 16.45 -69.07 -16.34
N THR D 318 16.76 -69.75 -17.44
CA THR D 318 16.02 -70.95 -17.82
C THR D 318 16.91 -72.18 -17.68
N VAL D 319 16.35 -73.24 -17.10
CA VAL D 319 17.08 -74.49 -16.87
C VAL D 319 16.50 -75.56 -17.78
N ALA D 320 17.37 -76.19 -18.58
CA ALA D 320 16.95 -77.28 -19.47
C ALA D 320 16.95 -78.57 -18.67
N TYR D 321 15.82 -78.86 -18.02
CA TYR D 321 15.72 -80.05 -17.19
C TYR D 321 15.75 -81.31 -18.03
N LYS D 322 16.45 -82.33 -17.53
CA LYS D 322 16.49 -83.66 -18.15
C LYS D 322 16.11 -84.67 -17.07
N SER D 323 14.82 -84.88 -16.89
CA SER D 323 14.30 -85.72 -15.81
C SER D 323 13.70 -87.00 -16.37
N SER D 324 13.39 -87.92 -15.47
CA SER D 324 12.76 -89.19 -15.83
C SER D 324 11.33 -89.28 -15.33
N LYS D 325 11.10 -89.09 -14.03
CA LYS D 325 9.78 -89.15 -13.45
C LYS D 325 9.27 -87.73 -13.20
N ALA D 326 8.09 -87.62 -12.58
CA ALA D 326 7.45 -86.34 -12.30
C ALA D 326 7.25 -86.19 -10.80
N GLY D 327 7.55 -85.00 -10.29
CA GLY D 327 7.36 -84.74 -8.88
C GLY D 327 7.95 -83.40 -8.49
N ASN D 328 7.79 -83.07 -7.21
CA ASN D 328 8.31 -81.81 -6.70
C ASN D 328 9.83 -81.87 -6.57
N CYS D 329 10.46 -80.70 -6.60
CA CYS D 329 11.91 -80.64 -6.51
C CYS D 329 12.34 -79.32 -5.87
N PRO D 330 12.86 -79.33 -4.64
CA PRO D 330 13.36 -78.10 -4.04
C PRO D 330 14.57 -77.56 -4.80
N ILE D 331 14.69 -76.24 -4.82
CA ILE D 331 15.79 -75.58 -5.50
C ILE D 331 16.45 -74.61 -4.52
N HIS D 332 17.78 -74.61 -4.50
CA HIS D 332 18.52 -73.77 -3.57
C HIS D 332 19.94 -73.62 -4.07
N SER D 333 20.52 -72.45 -3.82
CA SER D 333 21.92 -72.22 -4.14
C SER D 333 22.74 -72.18 -2.86
N PRO D 334 23.59 -73.17 -2.58
CA PRO D 334 24.39 -73.12 -1.35
C PRO D 334 25.28 -71.89 -1.27
N SER D 335 25.80 -71.42 -2.40
CA SER D 335 26.62 -70.22 -2.41
C SER D 335 25.76 -69.00 -2.09
N GLY D 336 26.34 -68.04 -1.37
CA GLY D 336 25.66 -66.81 -1.06
C GLY D 336 25.70 -65.76 -2.13
N VAL D 337 26.28 -66.08 -3.29
CA VAL D 337 26.40 -65.09 -4.37
C VAL D 337 25.02 -64.65 -4.84
N ALA D 338 24.12 -65.60 -5.06
CA ALA D 338 22.79 -65.29 -5.57
C ALA D 338 21.75 -65.91 -4.64
N VAL D 339 20.58 -65.28 -4.57
CA VAL D 339 19.47 -65.76 -3.77
C VAL D 339 18.27 -65.97 -4.69
N ILE D 340 17.60 -67.11 -4.54
CA ILE D 340 16.52 -67.51 -5.43
C ILE D 340 15.20 -67.36 -4.70
N LYS D 341 14.32 -66.50 -5.22
CA LYS D 341 13.00 -66.36 -4.61
C LYS D 341 12.16 -67.61 -4.84
N GLU D 342 12.35 -68.28 -5.96
CA GLU D 342 11.60 -69.50 -6.24
C GLU D 342 11.98 -70.59 -5.25
N ASN D 343 10.98 -71.35 -4.80
CA ASN D 343 11.22 -72.37 -3.78
C ASN D 343 11.04 -73.79 -4.29
N ASP D 344 9.92 -74.10 -4.94
CA ASP D 344 9.65 -75.44 -5.42
C ASP D 344 9.27 -75.41 -6.89
N VAL D 345 9.73 -76.40 -7.63
CA VAL D 345 9.39 -76.54 -9.04
C VAL D 345 9.04 -77.99 -9.31
N THR D 346 7.91 -78.22 -9.97
CA THR D 346 7.54 -79.55 -10.41
C THR D 346 8.26 -79.89 -11.71
N LEU D 347 8.69 -81.13 -11.84
CA LEU D 347 9.50 -81.56 -12.96
C LEU D 347 8.68 -82.38 -13.94
N ALA D 348 8.68 -81.97 -15.21
CA ALA D 348 8.08 -82.75 -16.28
C ALA D 348 9.17 -83.58 -16.96
N GLU D 349 8.80 -84.31 -18.01
CA GLU D 349 9.78 -85.13 -18.73
C GLU D 349 10.58 -84.26 -19.68
N SER D 350 11.80 -83.90 -19.29
CA SER D 350 12.71 -83.10 -20.11
C SER D 350 12.06 -81.76 -20.49
N GLY D 351 11.69 -81.00 -19.46
CA GLY D 351 11.07 -79.71 -19.64
C GLY D 351 12.02 -78.56 -19.36
N SER D 352 11.48 -77.35 -19.38
CA SER D 352 12.25 -76.15 -19.08
C SER D 352 11.35 -75.15 -18.38
N PHE D 353 11.83 -74.62 -17.26
CA PHE D 353 11.02 -73.75 -16.40
C PHE D 353 11.89 -72.60 -15.92
N THR D 354 11.44 -71.38 -16.17
CA THR D 354 12.18 -70.20 -15.76
C THR D 354 12.02 -69.97 -14.26
N PHE D 355 12.99 -69.25 -13.69
CA PHE D 355 12.92 -68.88 -12.28
C PHE D 355 13.57 -67.52 -12.11
N HIS D 356 13.20 -66.84 -11.03
CA HIS D 356 13.70 -65.50 -10.74
C HIS D 356 14.70 -65.55 -9.59
N PHE D 357 15.64 -64.61 -9.61
CA PHE D 357 16.64 -64.51 -8.55
C PHE D 357 17.20 -63.10 -8.56
N SER D 358 18.09 -62.84 -7.60
CA SER D 358 18.79 -61.56 -7.54
C SER D 358 20.24 -61.82 -7.18
N THR D 359 21.12 -60.94 -7.65
CA THR D 359 22.56 -61.13 -7.46
C THR D 359 23.20 -59.76 -7.28
N ALA D 360 24.48 -59.78 -6.91
CA ALA D 360 25.23 -58.53 -6.71
C ALA D 360 26.58 -58.53 -7.42
N ASN D 361 26.79 -59.44 -8.38
CA ASN D 361 28.06 -59.52 -9.09
C ASN D 361 27.83 -59.29 -10.58
N ILE D 362 28.80 -58.65 -11.21
CA ILE D 362 28.69 -58.32 -12.63
C ILE D 362 28.61 -59.60 -13.46
N HIS D 363 29.44 -60.59 -13.14
CA HIS D 363 29.46 -61.88 -13.84
C HIS D 363 29.23 -62.95 -12.79
N PRO D 364 27.98 -63.25 -12.46
CA PRO D 364 27.70 -64.20 -11.36
C PRO D 364 28.01 -65.63 -11.79
N ALA D 365 28.93 -66.26 -11.05
CA ALA D 365 29.27 -67.66 -11.25
C ALA D 365 28.88 -68.39 -9.95
N PHE D 366 27.63 -68.83 -9.88
CA PHE D 366 27.09 -69.41 -8.65
C PHE D 366 26.60 -70.83 -8.92
N LYS D 367 26.87 -71.72 -7.96
CA LYS D 367 26.38 -73.08 -8.07
C LYS D 367 24.87 -73.12 -7.81
N LEU D 368 24.19 -73.99 -8.56
CA LEU D 368 22.76 -74.19 -8.39
C LEU D 368 22.50 -75.65 -8.08
N GLN D 369 21.84 -75.91 -6.96
CA GLN D 369 21.54 -77.28 -6.53
C GLN D 369 20.06 -77.55 -6.80
N VAL D 370 19.78 -78.59 -7.58
CA VAL D 370 18.41 -78.89 -8.01
C VAL D 370 18.11 -80.34 -7.62
N CYS D 371 17.53 -80.53 -6.44
CA CYS D 371 17.18 -81.86 -5.89
C CYS D 371 18.25 -82.88 -6.20
N THR D 372 19.44 -82.66 -5.63
CA THR D 372 20.61 -83.53 -5.85
C THR D 372 21.03 -83.53 -7.32
N SER D 373 21.27 -82.33 -7.83
CA SER D 373 21.81 -82.18 -9.18
C SER D 373 22.47 -80.80 -9.26
N ALA D 374 23.78 -80.77 -9.36
CA ALA D 374 24.53 -79.51 -9.35
C ALA D 374 24.73 -78.99 -10.75
N VAL D 375 24.64 -77.67 -10.90
CA VAL D 375 24.87 -77.00 -12.18
C VAL D 375 25.23 -75.56 -11.90
N THR D 376 26.17 -75.03 -12.67
CA THR D 376 26.65 -73.66 -12.48
C THR D 376 26.01 -72.76 -13.52
N CYS D 377 25.35 -71.70 -13.08
CA CYS D 377 24.70 -70.76 -13.98
C CYS D 377 25.56 -69.51 -14.10
N LYS D 378 26.51 -69.55 -15.02
CA LYS D 378 27.36 -68.40 -15.29
C LYS D 378 26.70 -67.48 -16.30
N GLY D 379 26.81 -66.18 -16.07
CA GLY D 379 26.18 -65.22 -16.95
C GLY D 379 26.68 -63.81 -16.69
N ASP D 380 25.95 -62.83 -17.21
CA ASP D 380 26.30 -61.43 -17.07
C ASP D 380 25.09 -60.64 -16.59
N CYS D 381 25.38 -59.52 -15.91
CA CYS D 381 24.34 -58.68 -15.34
C CYS D 381 24.52 -57.25 -15.83
N LYS D 382 23.46 -56.47 -15.71
CA LYS D 382 23.48 -55.07 -16.14
C LYS D 382 22.92 -54.19 -15.04
N PRO D 383 23.63 -53.12 -14.64
CA PRO D 383 23.12 -52.26 -13.59
C PRO D 383 21.88 -51.52 -14.05
N PRO D 384 20.93 -51.25 -13.14
CA PRO D 384 19.74 -50.51 -13.52
C PRO D 384 19.96 -49.00 -13.43
N LYS D 385 19.19 -48.28 -14.24
CA LYS D 385 19.16 -46.82 -14.20
C LYS D 385 18.10 -46.23 -13.27
N ASP D 386 16.98 -46.92 -13.07
CA ASP D 386 15.89 -46.46 -12.22
C ASP D 386 15.99 -47.25 -10.92
N HIS D 387 16.77 -46.73 -9.98
CA HIS D 387 17.00 -47.40 -8.70
C HIS D 387 15.80 -47.14 -7.78
N ILE D 388 14.67 -47.76 -8.13
CA ILE D 388 13.43 -47.59 -7.39
C ILE D 388 12.80 -48.96 -7.18
N VAL D 389 13.03 -49.56 -6.01
CA VAL D 389 12.59 -50.90 -5.68
C VAL D 389 12.21 -50.94 -4.20
N ASP D 390 11.86 -52.14 -3.72
CA ASP D 390 11.75 -52.36 -2.29
C ASP D 390 13.15 -52.42 -1.68
N TYR D 391 13.23 -52.70 -0.38
CA TYR D 391 14.54 -52.78 0.24
C TYR D 391 15.30 -54.02 -0.25
N PRO D 392 16.63 -53.94 -0.33
CA PRO D 392 17.39 -55.02 -0.97
C PRO D 392 17.14 -56.37 -0.32
N ALA D 393 17.05 -57.40 -1.17
CA ALA D 393 16.86 -58.78 -0.73
C ALA D 393 18.05 -59.67 -1.05
N GLN D 394 19.04 -59.17 -1.79
CA GLN D 394 20.20 -59.98 -2.12
C GLN D 394 21.12 -60.16 -0.92
N HIS D 395 21.25 -59.12 -0.09
CA HIS D 395 22.05 -59.14 1.12
C HIS D 395 23.39 -59.87 0.93
N THR D 396 24.06 -59.62 -0.19
CA THR D 396 25.27 -60.35 -0.52
C THR D 396 26.36 -59.44 -1.06
N GLU D 397 26.41 -58.19 -0.59
CA GLU D 397 27.43 -57.27 -1.08
C GLU D 397 28.82 -57.77 -0.69
N SER D 398 29.70 -57.88 -1.68
CA SER D 398 31.08 -58.29 -1.44
C SER D 398 31.93 -57.80 -2.61
N PHE D 399 33.16 -58.29 -2.70
CA PHE D 399 34.01 -57.93 -3.83
C PHE D 399 33.42 -58.47 -5.11
N THR D 400 33.42 -57.64 -6.15
CA THR D 400 32.85 -58.03 -7.44
C THR D 400 33.82 -57.75 -8.59
N TYR E 1 25.60 23.20 -45.27
CA TYR E 1 24.32 22.93 -44.58
C TYR E 1 24.26 21.48 -44.11
N GLU E 2 24.91 20.59 -44.85
CA GLU E 2 24.98 19.18 -44.47
C GLU E 2 26.02 19.02 -43.38
N HIS E 3 25.62 19.38 -42.16
CA HIS E 3 26.52 19.32 -41.01
C HIS E 3 26.45 17.92 -40.40
N THR E 4 27.48 17.13 -40.61
CA THR E 4 27.57 15.78 -40.03
C THR E 4 28.65 15.77 -38.95
N ALA E 5 28.26 15.39 -37.74
CA ALA E 5 29.19 15.35 -36.63
C ALA E 5 28.69 14.36 -35.59
N VAL E 6 29.61 13.68 -34.93
CA VAL E 6 29.26 12.71 -33.90
C VAL E 6 29.13 13.44 -32.56
N MET E 7 28.21 12.96 -31.71
CA MET E 7 27.97 13.57 -30.42
C MET E 7 27.86 12.49 -29.34
N PRO E 8 28.23 12.82 -28.09
CA PRO E 8 28.07 11.85 -26.99
C PRO E 8 26.62 11.44 -26.82
N ASN E 9 26.40 10.21 -26.37
CA ASN E 9 25.05 9.74 -26.05
C ASN E 9 24.73 10.07 -24.58
N LYS E 10 24.55 11.36 -24.28
CA LYS E 10 24.19 11.78 -22.93
C LYS E 10 23.01 12.75 -22.96
N VAL E 11 22.13 12.63 -21.96
CA VAL E 11 20.78 13.21 -22.04
C VAL E 11 20.75 14.66 -21.57
N GLY E 12 21.47 15.01 -20.50
CA GLY E 12 21.36 16.33 -19.91
C GLY E 12 22.23 17.42 -20.49
N ILE E 13 23.16 17.07 -21.36
CA ILE E 13 24.22 17.97 -21.81
C ILE E 13 24.02 18.30 -23.30
N PRO E 14 23.78 19.57 -23.66
CA PRO E 14 23.63 19.95 -25.09
C PRO E 14 24.95 19.92 -25.85
N TYR E 15 24.87 19.87 -27.18
CA TYR E 15 26.06 19.92 -28.04
C TYR E 15 25.97 21.10 -29.00
N LYS E 16 26.32 22.29 -28.49
CA LYS E 16 26.23 23.55 -29.23
C LYS E 16 27.45 23.74 -30.13
N ALA E 17 27.37 23.16 -31.32
CA ALA E 17 28.40 23.35 -32.33
C ALA E 17 28.06 24.55 -33.21
N LEU E 18 29.02 24.94 -34.04
CA LEU E 18 28.89 26.10 -34.92
C LEU E 18 29.16 25.67 -36.35
N VAL E 19 28.15 25.84 -37.22
CA VAL E 19 28.31 25.45 -38.62
C VAL E 19 28.96 26.59 -39.38
N GLU E 20 30.05 26.29 -40.09
CA GLU E 20 30.76 27.28 -40.89
C GLU E 20 30.45 27.03 -42.35
N ARG E 21 29.35 27.62 -42.81
CA ARG E 21 28.97 27.51 -44.22
C ARG E 21 29.73 28.53 -45.06
N PRO E 22 30.49 28.11 -46.07
CA PRO E 22 31.23 29.09 -46.88
C PRO E 22 30.29 30.05 -47.58
N GLY E 23 30.73 31.31 -47.70
CA GLY E 23 29.93 32.34 -48.34
C GLY E 23 28.83 32.91 -47.48
N TYR E 24 28.68 32.44 -46.24
CA TYR E 24 27.65 32.92 -45.36
C TYR E 24 28.19 33.04 -43.94
N ALA E 25 27.54 33.88 -43.15
CA ALA E 25 27.90 34.02 -41.75
C ALA E 25 27.62 32.71 -41.00
N PRO E 26 28.48 32.32 -40.06
CA PRO E 26 28.23 31.07 -39.31
C PRO E 26 26.96 31.18 -38.48
N VAL E 27 26.26 30.04 -38.36
CA VAL E 27 24.98 29.95 -37.66
C VAL E 27 25.19 29.07 -36.43
N HIS E 28 24.90 29.62 -35.25
CA HIS E 28 25.02 28.84 -34.02
C HIS E 28 24.00 27.70 -34.01
N LEU E 29 24.43 26.53 -33.54
CA LEU E 29 23.59 25.34 -33.47
C LEU E 29 23.55 24.84 -32.02
N GLN E 30 22.49 24.11 -31.67
CA GLN E 30 22.36 23.56 -30.32
C GLN E 30 21.38 22.40 -30.38
N ILE E 31 21.87 21.20 -30.07
CA ILE E 31 21.05 19.98 -30.12
C ILE E 31 21.14 19.30 -28.76
N GLN E 32 19.99 19.04 -28.16
CA GLN E 32 19.91 18.31 -26.90
C GLN E 32 18.81 17.27 -26.99
N LEU E 33 19.12 16.04 -26.59
CA LEU E 33 18.16 14.95 -26.66
C LEU E 33 17.61 14.68 -25.26
N VAL E 34 16.31 14.89 -25.07
CA VAL E 34 15.71 14.73 -23.76
C VAL E 34 15.31 13.30 -23.46
N ASN E 35 15.25 12.44 -24.47
CA ASN E 35 14.85 11.05 -24.28
C ASN E 35 15.74 10.15 -25.11
N THR E 36 16.03 8.96 -24.58
CA THR E 36 16.86 7.97 -25.27
C THR E 36 16.21 6.59 -25.18
N ARG E 37 14.92 6.54 -25.53
CA ARG E 37 14.11 5.32 -25.47
C ARG E 37 14.75 4.18 -26.27
N ILE E 38 14.77 2.98 -25.69
CA ILE E 38 15.31 1.81 -26.41
C ILE E 38 14.20 1.06 -27.13
N ILE E 39 13.09 0.78 -26.45
CA ILE E 39 11.94 0.09 -27.02
C ILE E 39 12.36 -1.22 -27.68
N PRO E 40 12.74 -2.24 -26.91
CA PRO E 40 13.01 -3.55 -27.52
C PRO E 40 11.73 -4.30 -27.85
N SER E 41 11.78 -5.09 -28.92
CA SER E 41 10.62 -5.88 -29.30
C SER E 41 10.40 -6.98 -28.26
N THR E 42 9.12 -7.28 -27.99
CA THR E 42 8.74 -8.21 -26.94
C THR E 42 7.84 -9.29 -27.51
N ASN E 43 7.74 -10.39 -26.76
CA ASN E 43 6.87 -11.50 -27.16
C ASN E 43 6.46 -12.27 -25.91
N LEU E 44 5.15 -12.28 -25.63
CA LEU E 44 4.62 -12.89 -24.43
C LEU E 44 4.73 -14.41 -24.49
N GLU E 45 5.35 -15.01 -23.47
CA GLU E 45 5.42 -16.48 -23.37
C GLU E 45 4.23 -17.04 -22.62
N TYR E 46 4.02 -16.59 -21.38
CA TYR E 46 2.85 -16.98 -20.60
C TYR E 46 2.64 -16.02 -19.44
N ILE E 47 1.46 -16.13 -18.83
CA ILE E 47 1.05 -15.34 -17.66
C ILE E 47 1.02 -16.24 -16.43
N THR E 48 1.48 -15.71 -15.30
CA THR E 48 1.54 -16.43 -14.02
C THR E 48 0.81 -15.65 -12.93
N CYS E 49 0.13 -16.37 -12.04
CA CYS E 49 -0.50 -15.76 -10.86
C CYS E 49 -0.84 -16.88 -9.88
N LYS E 50 -1.20 -16.50 -8.65
CA LYS E 50 -1.54 -17.55 -7.68
C LYS E 50 -2.81 -18.26 -8.10
N TYR E 51 -2.83 -19.58 -7.91
CA TYR E 51 -3.95 -20.42 -8.27
C TYR E 51 -5.12 -20.23 -7.31
N LYS E 52 -6.25 -20.85 -7.67
CA LYS E 52 -7.36 -21.09 -6.75
C LYS E 52 -7.77 -22.54 -6.86
N THR E 53 -7.75 -23.28 -5.74
CA THR E 53 -8.20 -24.69 -5.74
C THR E 53 -9.72 -24.73 -5.62
N LYS E 54 -10.40 -24.66 -6.75
CA LYS E 54 -11.87 -24.67 -6.75
C LYS E 54 -12.39 -26.09 -6.52
N VAL E 55 -12.84 -26.39 -5.30
CA VAL E 55 -13.42 -27.71 -5.00
C VAL E 55 -14.90 -27.78 -5.37
N PRO E 56 -15.30 -28.69 -6.25
CA PRO E 56 -16.74 -28.93 -6.48
C PRO E 56 -17.40 -29.58 -5.28
N SER E 57 -18.72 -29.49 -5.24
CA SER E 57 -19.47 -30.19 -4.20
C SER E 57 -19.21 -31.70 -4.27
N PRO E 58 -18.79 -32.34 -3.18
CA PRO E 58 -18.58 -33.79 -3.19
C PRO E 58 -19.87 -34.55 -3.38
N VAL E 59 -19.76 -35.76 -3.89
CA VAL E 59 -20.91 -36.65 -4.13
C VAL E 59 -20.78 -37.84 -3.18
N VAL E 60 -21.85 -38.11 -2.43
CA VAL E 60 -21.88 -39.14 -1.41
C VAL E 60 -22.95 -40.16 -1.77
N LYS E 61 -22.55 -41.39 -2.05
CA LYS E 61 -23.49 -42.47 -2.29
C LYS E 61 -23.75 -43.23 -0.98
N CYS E 62 -25.02 -43.37 -0.62
CA CYS E 62 -25.32 -43.87 0.71
C CYS E 62 -24.97 -45.34 0.89
N CYS E 63 -25.15 -46.16 -0.14
CA CYS E 63 -24.80 -47.58 -0.03
C CYS E 63 -24.25 -48.02 -1.38
N GLY E 64 -22.93 -48.19 -1.44
CA GLY E 64 -22.30 -48.67 -2.65
C GLY E 64 -21.18 -47.77 -3.14
N ALA E 65 -20.12 -48.37 -3.66
CA ALA E 65 -18.99 -47.60 -4.14
C ALA E 65 -19.31 -46.97 -5.50
N THR E 66 -18.47 -46.04 -5.92
CA THR E 66 -18.64 -45.38 -7.21
C THR E 66 -17.27 -44.99 -7.74
N GLN E 67 -16.82 -45.68 -8.78
CA GLN E 67 -15.54 -45.34 -9.39
C GLN E 67 -15.59 -43.95 -10.01
N CYS E 68 -14.47 -43.23 -9.91
CA CYS E 68 -14.39 -41.88 -10.43
C CYS E 68 -13.83 -41.87 -11.85
N THR E 69 -14.16 -40.81 -12.59
CA THR E 69 -13.74 -40.67 -13.98
C THR E 69 -12.78 -39.48 -14.13
N SER E 70 -11.90 -39.57 -15.13
CA SER E 70 -10.88 -38.55 -15.36
C SER E 70 -11.49 -37.43 -16.17
N LYS E 71 -11.89 -36.35 -15.49
CA LYS E 71 -12.43 -35.20 -16.20
C LYS E 71 -11.30 -34.39 -16.85
N PRO E 72 -11.59 -33.70 -17.97
CA PRO E 72 -10.53 -32.96 -18.66
C PRO E 72 -10.08 -31.67 -17.96
N HIS E 73 -10.55 -31.41 -16.75
CA HIS E 73 -10.16 -30.19 -16.07
C HIS E 73 -8.65 -30.23 -15.74
N PRO E 74 -7.99 -29.07 -15.72
CA PRO E 74 -6.54 -29.07 -15.47
C PRO E 74 -6.21 -29.52 -14.05
N ASP E 75 -5.34 -30.51 -13.94
CA ASP E 75 -4.94 -31.09 -12.66
C ASP E 75 -6.15 -31.60 -11.88
N TYR E 76 -7.09 -32.22 -12.59
CA TYR E 76 -8.29 -32.77 -11.98
C TYR E 76 -7.91 -33.96 -11.11
N GLN E 77 -7.95 -33.78 -9.80
CA GLN E 77 -7.60 -34.84 -8.85
C GLN E 77 -8.88 -35.39 -8.23
N CYS E 78 -9.06 -36.71 -8.31
CA CYS E 78 -10.24 -37.35 -7.77
C CYS E 78 -9.86 -38.61 -7.02
N GLN E 79 -10.51 -38.84 -5.88
CA GLN E 79 -10.34 -40.07 -5.12
C GLN E 79 -11.67 -40.47 -4.51
N VAL E 80 -11.79 -41.76 -4.18
CA VAL E 80 -12.99 -42.29 -3.55
C VAL E 80 -12.60 -42.85 -2.18
N PHE E 81 -13.22 -42.33 -1.14
CA PHE E 81 -13.04 -42.80 0.23
C PHE E 81 -14.20 -43.71 0.65
N THR E 82 -13.92 -44.60 1.60
CA THR E 82 -14.81 -45.70 1.98
C THR E 82 -14.89 -45.78 3.50
N GLY E 83 -15.92 -46.46 4.00
CA GLY E 83 -16.04 -46.65 5.44
C GLY E 83 -16.36 -45.39 6.20
N VAL E 84 -16.95 -44.40 5.53
CA VAL E 84 -17.31 -43.12 6.14
C VAL E 84 -18.63 -43.24 6.88
N TYR E 85 -19.00 -42.21 7.64
CA TYR E 85 -20.31 -42.19 8.29
C TYR E 85 -20.72 -40.75 8.55
N PRO E 86 -21.06 -39.98 7.51
CA PRO E 86 -21.17 -38.52 7.67
C PRO E 86 -22.38 -38.12 8.50
N PHE E 87 -22.15 -37.36 9.56
CA PHE E 87 -23.20 -36.60 10.21
C PHE E 87 -23.32 -35.24 9.52
N MET E 88 -24.57 -34.76 9.36
CA MET E 88 -24.79 -33.44 8.75
C MET E 88 -26.10 -32.83 9.28
N TRP E 89 -26.00 -32.20 10.45
CA TRP E 89 -27.00 -31.48 11.25
C TRP E 89 -28.35 -32.17 11.47
N GLY E 90 -28.80 -33.01 10.55
CA GLY E 90 -30.01 -33.79 10.73
C GLY E 90 -29.71 -35.26 11.01
N GLY E 91 -28.70 -35.50 11.83
CA GLY E 91 -28.25 -36.86 12.13
C GLY E 91 -27.39 -37.46 11.05
N ALA E 92 -27.25 -38.79 11.13
CA ALA E 92 -26.43 -39.54 10.17
C ALA E 92 -27.04 -39.50 8.77
N TYR E 93 -26.19 -39.33 7.76
CA TYR E 93 -26.64 -39.09 6.40
C TYR E 93 -27.03 -40.37 5.65
N CYS E 94 -26.53 -41.53 6.07
CA CYS E 94 -26.78 -42.80 5.41
C CYS E 94 -26.82 -43.91 6.47
N PHE E 95 -27.66 -44.93 6.24
CA PHE E 95 -27.70 -46.03 7.23
C PHE E 95 -26.48 -46.94 7.11
N CYS E 96 -26.04 -47.24 5.89
CA CYS E 96 -24.90 -48.15 5.69
C CYS E 96 -23.67 -47.66 6.42
N ASP E 97 -22.92 -48.58 7.05
CA ASP E 97 -21.71 -48.20 7.75
C ASP E 97 -20.46 -48.46 6.93
N THR E 98 -20.52 -49.35 5.96
CA THR E 98 -19.35 -49.67 5.14
C THR E 98 -19.55 -49.40 3.65
N GLU E 99 -20.76 -49.52 3.14
CA GLU E 99 -21.00 -49.30 1.71
C GLU E 99 -21.07 -47.82 1.34
N ASN E 100 -21.20 -46.94 2.32
CA ASN E 100 -21.23 -45.51 2.03
C ASN E 100 -19.83 -45.04 1.64
N THR E 101 -19.74 -44.39 0.48
CA THR E 101 -18.46 -43.92 -0.04
C THR E 101 -18.60 -42.47 -0.47
N GLN E 102 -17.51 -41.71 -0.33
CA GLN E 102 -17.46 -40.31 -0.77
C GLN E 102 -16.41 -40.19 -1.86
N MET E 103 -16.80 -39.58 -2.98
CA MET E 103 -15.92 -39.38 -4.11
C MET E 103 -15.71 -37.88 -4.28
N SER E 104 -14.77 -37.34 -3.51
CA SER E 104 -14.41 -35.94 -3.66
C SER E 104 -13.59 -35.72 -4.93
N GLU E 105 -13.63 -34.49 -5.43
CA GLU E 105 -12.82 -34.08 -6.57
C GLU E 105 -12.36 -32.65 -6.35
N ALA E 106 -11.25 -32.28 -7.00
CA ALA E 106 -10.80 -30.89 -6.98
C ALA E 106 -10.03 -30.60 -8.26
N TYR E 107 -10.17 -29.37 -8.76
CA TYR E 107 -9.39 -28.94 -9.92
C TYR E 107 -8.99 -27.48 -9.76
N VAL E 108 -7.88 -27.12 -10.42
CA VAL E 108 -7.23 -25.82 -10.22
C VAL E 108 -7.68 -24.86 -11.32
N GLU E 109 -8.02 -23.64 -10.94
CA GLU E 109 -8.21 -22.56 -11.91
C GLU E 109 -7.42 -21.34 -11.46
N ARG E 110 -7.14 -20.45 -12.41
CA ARG E 110 -6.43 -19.23 -12.04
C ARG E 110 -7.33 -18.35 -11.20
N SER E 111 -6.75 -17.74 -10.16
CA SER E 111 -7.52 -16.99 -9.19
C SER E 111 -8.16 -15.77 -9.83
N GLU E 112 -9.15 -15.24 -9.13
CA GLU E 112 -9.94 -14.12 -9.64
C GLU E 112 -9.07 -12.89 -9.86
N GLU E 113 -8.19 -12.60 -8.91
CA GLU E 113 -7.27 -11.47 -8.97
C GLU E 113 -6.27 -11.58 -10.12
N CYS E 114 -6.16 -12.73 -10.78
CA CYS E 114 -5.24 -12.89 -11.93
C CYS E 114 -5.53 -11.93 -13.06
N SER E 115 -6.71 -11.34 -13.09
CA SER E 115 -7.02 -10.35 -14.11
C SER E 115 -6.29 -9.03 -13.90
N ILE E 116 -5.74 -8.80 -12.70
CA ILE E 116 -5.12 -7.50 -12.39
C ILE E 116 -3.64 -7.67 -12.09
N ASP E 117 -3.31 -8.38 -11.02
CA ASP E 117 -1.92 -8.60 -10.63
C ASP E 117 -1.50 -9.96 -11.16
N HIS E 118 -0.52 -9.98 -12.05
CA HIS E 118 -0.08 -11.21 -12.68
C HIS E 118 1.29 -11.01 -13.30
N ALA E 119 2.24 -11.87 -12.94
CA ALA E 119 3.56 -11.80 -13.55
C ALA E 119 3.48 -12.16 -15.03
N LYS E 120 4.23 -11.44 -15.85
CA LYS E 120 4.24 -11.65 -17.29
C LYS E 120 5.65 -11.93 -17.76
N ALA E 121 5.82 -13.04 -18.48
CA ALA E 121 7.12 -13.38 -19.06
C ALA E 121 7.20 -12.86 -20.48
N TYR E 122 8.43 -12.76 -20.98
CA TYR E 122 8.65 -12.21 -22.31
C TYR E 122 9.92 -12.78 -22.92
N LYS E 123 9.99 -12.69 -24.25
CA LYS E 123 11.22 -12.88 -25.00
C LYS E 123 11.50 -11.59 -25.76
N VAL E 124 12.78 -11.24 -25.89
CA VAL E 124 13.18 -9.94 -26.42
C VAL E 124 13.85 -10.12 -27.78
N HIS E 125 13.46 -9.30 -28.74
CA HIS E 125 14.14 -9.19 -30.03
C HIS E 125 15.01 -7.93 -29.99
N THR E 126 15.60 -7.56 -31.14
CA THR E 126 16.52 -6.44 -31.20
C THR E 126 15.84 -5.14 -30.85
N GLY E 127 14.64 -4.91 -31.39
CA GLY E 127 13.92 -3.67 -31.12
C GLY E 127 14.42 -2.51 -31.95
N THR E 128 13.77 -1.37 -31.77
CA THR E 128 14.08 -0.15 -32.51
C THR E 128 14.22 1.01 -31.56
N VAL E 129 15.33 1.75 -31.66
CA VAL E 129 15.60 2.86 -30.75
C VAL E 129 14.79 4.08 -31.19
N GLN E 130 14.61 5.03 -30.26
CA GLN E 130 13.82 6.22 -30.53
C GLN E 130 14.26 7.35 -29.60
N ALA E 131 14.04 8.61 -30.01
CA ALA E 131 14.48 9.74 -29.21
C ALA E 131 13.54 10.93 -29.36
N MET E 132 13.54 11.80 -28.35
CA MET E 132 12.86 13.09 -28.43
C MET E 132 13.94 14.17 -28.39
N VAL E 133 14.00 15.01 -29.42
CA VAL E 133 15.16 15.86 -29.67
C VAL E 133 14.74 17.31 -29.77
N ASN E 134 15.55 18.17 -29.16
CA ASN E 134 15.25 19.57 -28.90
C ASN E 134 16.32 20.43 -29.56
N ILE E 135 15.90 21.38 -30.40
CA ILE E 135 16.78 22.04 -31.37
C ILE E 135 16.62 23.55 -31.28
N THR E 136 17.74 24.29 -31.37
CA THR E 136 17.68 25.69 -31.75
C THR E 136 18.91 26.05 -32.59
N TYR E 137 18.72 26.97 -33.53
CA TYR E 137 19.80 27.40 -34.42
C TYR E 137 19.57 28.85 -34.84
N GLY E 138 20.67 29.55 -35.15
CA GLY E 138 20.60 30.99 -35.36
C GLY E 138 19.97 31.67 -34.16
N SER E 139 18.85 32.38 -34.39
CA SER E 139 18.01 32.89 -33.31
C SER E 139 16.56 32.46 -33.51
N VAL E 140 16.30 31.43 -34.31
CA VAL E 140 15.01 31.33 -35.00
C VAL E 140 13.93 30.49 -34.29
N SER E 141 14.27 29.64 -33.31
CA SER E 141 13.27 28.69 -32.81
C SER E 141 13.71 28.02 -31.50
N TRP E 142 12.73 27.35 -30.84
CA TRP E 142 13.02 26.32 -29.84
C TRP E 142 12.24 25.03 -30.14
N ARG E 143 12.13 24.71 -31.42
CA ARG E 143 11.45 23.52 -31.95
C ARG E 143 12.01 22.21 -31.38
N SER E 144 11.12 21.25 -31.08
CA SER E 144 11.50 19.91 -30.63
C SER E 144 10.54 18.86 -31.21
N ALA E 145 11.05 17.63 -31.40
CA ALA E 145 10.31 16.62 -32.18
C ALA E 145 10.76 15.20 -31.81
N ASP E 146 9.91 14.23 -32.17
CA ASP E 146 10.11 12.81 -31.86
C ASP E 146 10.67 12.09 -33.09
N VAL E 147 11.80 11.38 -32.93
CA VAL E 147 12.60 10.91 -34.06
C VAL E 147 13.14 9.50 -33.83
N TYR E 148 13.44 8.79 -34.92
CA TYR E 148 14.06 7.46 -34.85
C TYR E 148 15.59 7.56 -34.94
N VAL E 149 16.26 6.48 -34.54
CA VAL E 149 17.72 6.42 -34.51
C VAL E 149 18.31 5.73 -35.73
N ASN E 150 17.53 4.92 -36.44
CA ASN E 150 18.06 4.26 -37.62
C ASN E 150 18.54 5.31 -38.62
N GLY E 151 19.67 5.05 -39.26
CA GLY E 151 20.33 6.05 -40.07
C GLY E 151 19.69 6.29 -41.43
N GLU E 152 18.39 6.02 -41.57
CA GLU E 152 17.67 6.33 -42.80
C GLU E 152 16.46 7.26 -42.62
N THR E 153 15.91 7.41 -41.41
CA THR E 153 14.61 8.09 -41.25
C THR E 153 14.80 9.55 -40.87
N PRO E 154 14.41 10.51 -41.72
CA PRO E 154 14.45 11.92 -41.33
C PRO E 154 13.24 12.31 -40.48
N ALA E 155 13.38 13.44 -39.79
CA ALA E 155 12.28 14.03 -39.02
C ALA E 155 12.24 15.54 -39.21
N LYS E 156 11.03 16.10 -39.27
CA LYS E 156 10.82 17.53 -39.54
C LYS E 156 9.76 18.14 -38.62
N ILE E 157 10.13 19.23 -37.94
CA ILE E 157 9.21 20.27 -37.50
C ILE E 157 9.92 21.60 -37.80
N GLY E 158 9.15 22.61 -38.21
CA GLY E 158 9.79 23.78 -38.83
C GLY E 158 10.51 23.39 -40.11
N ASP E 159 11.41 24.28 -40.57
CA ASP E 159 12.07 24.06 -41.86
C ASP E 159 13.29 23.14 -41.76
N ALA E 160 13.91 23.01 -40.60
CA ALA E 160 15.10 22.16 -40.44
C ALA E 160 14.76 20.67 -40.46
N LYS E 161 15.62 19.89 -41.13
CA LYS E 161 15.50 18.43 -41.24
C LYS E 161 16.76 17.77 -40.67
N LEU E 162 16.61 16.66 -39.94
CA LEU E 162 17.79 15.97 -39.40
C LEU E 162 17.61 14.46 -39.39
N ILE E 163 18.75 13.77 -39.36
CA ILE E 163 18.86 12.31 -39.27
C ILE E 163 19.92 12.00 -38.23
N ILE E 164 19.66 11.04 -37.34
CA ILE E 164 20.61 10.74 -36.27
C ILE E 164 20.84 9.24 -36.20
N GLY E 165 21.90 8.84 -35.49
CA GLY E 165 22.17 7.45 -35.27
C GLY E 165 22.69 6.76 -36.51
N PRO E 166 22.78 5.42 -36.49
CA PRO E 166 22.41 4.51 -35.39
C PRO E 166 23.38 4.58 -34.23
N LEU E 167 22.99 4.10 -33.05
CA LEU E 167 23.86 4.20 -31.87
C LEU E 167 25.15 3.42 -32.08
N SER E 168 26.24 3.95 -31.55
CA SER E 168 27.53 3.28 -31.67
C SER E 168 27.61 2.01 -30.85
N SER E 169 26.77 1.87 -29.82
CA SER E 169 26.79 0.71 -28.94
C SER E 169 25.47 -0.04 -29.09
N ALA E 170 25.56 -1.37 -29.28
CA ALA E 170 24.38 -2.22 -29.33
C ALA E 170 23.99 -2.75 -27.96
N TRP E 171 24.36 -2.05 -26.90
CA TRP E 171 24.12 -2.53 -25.53
C TRP E 171 22.62 -2.47 -25.22
N SER E 172 22.02 -3.63 -24.98
CA SER E 172 20.63 -3.69 -24.53
C SER E 172 20.59 -4.11 -23.07
N PRO E 173 20.20 -3.24 -22.14
CA PRO E 173 20.22 -3.63 -20.71
C PRO E 173 19.33 -4.82 -20.41
N PHE E 174 18.25 -5.00 -21.16
CA PHE E 174 17.40 -6.17 -20.94
C PHE E 174 18.14 -7.44 -21.30
N ASP E 175 17.96 -8.48 -20.49
CA ASP E 175 18.58 -9.76 -20.76
C ASP E 175 17.73 -10.51 -21.79
N ASN E 176 18.13 -11.76 -22.09
CA ASN E 176 17.40 -12.52 -23.11
C ASN E 176 15.98 -12.82 -22.67
N LYS E 177 15.77 -13.13 -21.38
CA LYS E 177 14.45 -13.39 -20.83
C LYS E 177 14.17 -12.40 -19.71
N VAL E 178 12.97 -11.83 -19.72
CA VAL E 178 12.59 -10.84 -18.71
C VAL E 178 11.21 -11.18 -18.17
N VAL E 179 10.94 -10.68 -16.97
CA VAL E 179 9.65 -10.84 -16.31
C VAL E 179 9.13 -9.47 -15.92
N VAL E 180 7.85 -9.22 -16.17
CA VAL E 180 7.23 -7.93 -15.90
C VAL E 180 6.18 -8.13 -14.83
N TYR E 181 6.23 -7.29 -13.81
CA TYR E 181 5.24 -7.36 -12.73
C TYR E 181 4.80 -5.94 -12.39
N GLY E 182 3.71 -5.50 -13.01
CA GLY E 182 3.08 -4.23 -12.70
C GLY E 182 3.82 -3.02 -13.23
N HIS E 183 4.94 -2.67 -12.58
CA HIS E 183 5.80 -1.61 -13.07
C HIS E 183 7.28 -1.91 -12.90
N GLU E 184 7.65 -3.04 -12.31
CA GLU E 184 9.04 -3.42 -12.12
C GLU E 184 9.36 -4.59 -13.05
N VAL E 185 10.49 -4.50 -13.74
CA VAL E 185 10.91 -5.52 -14.69
C VAL E 185 12.07 -6.31 -14.07
N TYR E 186 11.95 -7.64 -14.11
CA TYR E 186 13.00 -8.52 -13.61
C TYR E 186 13.51 -9.39 -14.75
N ASN E 187 14.82 -9.46 -14.91
CA ASN E 187 15.42 -10.31 -15.93
C ASN E 187 15.60 -11.74 -15.40
N TYR E 188 14.50 -12.27 -14.86
CA TYR E 188 14.49 -13.62 -14.34
C TYR E 188 14.31 -14.63 -15.46
N ASP E 189 15.00 -15.77 -15.36
CA ASP E 189 14.91 -16.81 -16.37
C ASP E 189 13.76 -17.75 -16.02
N PHE E 190 12.56 -17.41 -16.49
CA PHE E 190 11.45 -18.35 -16.44
C PHE E 190 11.81 -19.60 -17.23
N PRO E 191 11.45 -20.80 -16.74
CA PRO E 191 12.05 -22.03 -17.30
C PRO E 191 11.65 -22.37 -18.73
N GLU E 192 10.37 -22.65 -18.96
CA GLU E 192 9.78 -22.95 -20.27
C GLU E 192 8.28 -22.92 -20.03
N TYR E 193 7.49 -22.91 -21.09
CA TYR E 193 6.07 -23.14 -20.91
C TYR E 193 5.81 -24.58 -20.48
N GLY E 194 4.86 -24.77 -19.56
CA GLY E 194 4.41 -26.10 -19.22
C GLY E 194 5.42 -26.98 -18.50
N THR E 195 6.38 -26.40 -17.79
CA THR E 195 7.36 -27.17 -17.03
C THR E 195 7.55 -26.65 -15.60
N GLY E 196 6.77 -25.66 -15.16
CA GLY E 196 6.93 -25.10 -13.83
C GLY E 196 6.75 -26.13 -12.73
N LYS E 197 7.80 -26.38 -11.96
CA LYS E 197 7.73 -27.27 -10.83
C LYS E 197 6.98 -26.64 -9.66
N ALA E 198 6.28 -27.48 -8.90
CA ALA E 198 5.38 -26.97 -7.87
C ALA E 198 6.15 -26.17 -6.82
N GLY E 199 5.52 -25.12 -6.30
CA GLY E 199 6.08 -24.30 -5.26
C GLY E 199 6.92 -23.14 -5.76
N SER E 200 7.70 -23.37 -6.80
CA SER E 200 8.58 -22.33 -7.35
C SER E 200 7.77 -21.37 -8.22
N PHE E 201 8.46 -20.46 -8.90
CA PHE E 201 7.82 -19.55 -9.84
C PHE E 201 7.16 -20.32 -10.98
N GLY E 202 6.13 -19.73 -11.57
CA GLY E 202 5.46 -20.36 -12.71
C GLY E 202 4.76 -21.67 -12.40
N ASP E 203 4.28 -21.83 -11.17
CA ASP E 203 3.52 -23.02 -10.78
C ASP E 203 2.27 -23.18 -11.62
N LEU E 204 1.59 -22.07 -11.90
CA LEU E 204 0.46 -21.99 -12.81
C LEU E 204 0.81 -21.09 -13.98
N GLN E 205 0.67 -21.60 -15.21
CA GLN E 205 0.99 -20.84 -16.42
C GLN E 205 -0.17 -20.90 -17.41
N SER E 206 -0.60 -19.73 -17.89
CA SER E 206 -1.62 -19.63 -18.93
C SER E 206 -1.05 -18.88 -20.14
N ARG E 207 -1.43 -19.29 -21.35
CA ARG E 207 -0.86 -18.67 -22.54
C ARG E 207 -1.32 -17.23 -22.73
N THR E 208 -2.44 -16.85 -22.11
CA THR E 208 -2.96 -15.48 -22.13
C THR E 208 -4.09 -15.40 -21.10
N SER E 209 -4.45 -14.18 -20.68
CA SER E 209 -5.45 -14.05 -19.62
C SER E 209 -6.78 -14.69 -20.02
N THR E 210 -7.13 -14.62 -21.31
CA THR E 210 -8.36 -15.22 -21.81
C THR E 210 -8.22 -16.70 -22.18
N SER E 211 -7.02 -17.27 -22.14
CA SER E 211 -6.82 -18.63 -22.61
C SER E 211 -7.53 -19.62 -21.68
N ASN E 212 -8.47 -20.39 -22.23
CA ASN E 212 -9.22 -21.36 -21.44
C ASN E 212 -8.38 -22.57 -21.05
N ASP E 213 -7.32 -22.85 -21.79
CA ASP E 213 -6.34 -23.89 -21.46
C ASP E 213 -5.22 -23.32 -20.59
N LEU E 214 -4.68 -24.16 -19.70
CA LEU E 214 -3.63 -23.74 -18.77
C LEU E 214 -2.86 -24.95 -18.28
N TYR E 215 -1.70 -24.68 -17.67
CA TYR E 215 -0.88 -25.71 -17.04
C TYR E 215 -0.75 -25.41 -15.55
N ALA E 216 -1.04 -26.42 -14.70
CA ALA E 216 -0.97 -26.25 -13.25
C ALA E 216 -0.41 -27.52 -12.63
N ASN E 217 0.90 -27.52 -12.34
CA ASN E 217 1.58 -28.62 -11.65
C ASN E 217 1.80 -28.18 -10.20
N THR E 218 0.78 -28.41 -9.36
CA THR E 218 0.81 -27.91 -7.99
C THR E 218 0.76 -29.01 -6.95
N ASN E 219 0.96 -30.26 -7.33
CA ASN E 219 1.02 -31.38 -6.37
C ASN E 219 -0.25 -31.47 -5.53
N LEU E 220 -1.40 -31.17 -6.14
CA LEU E 220 -2.69 -31.23 -5.45
C LEU E 220 -3.09 -32.68 -5.23
N LYS E 221 -3.13 -33.13 -3.98
CA LYS E 221 -3.59 -34.48 -3.64
C LYS E 221 -4.74 -34.39 -2.63
N LEU E 222 -5.78 -35.18 -2.84
CA LEU E 222 -6.91 -35.16 -1.90
C LEU E 222 -6.59 -35.97 -0.65
N GLN E 223 -7.35 -35.69 0.42
CA GLN E 223 -7.14 -36.31 1.72
C GLN E 223 -8.44 -36.92 2.22
N ARG E 224 -8.34 -37.98 3.03
CA ARG E 224 -9.54 -38.58 3.62
C ARG E 224 -10.28 -37.54 4.48
N PRO E 225 -11.61 -37.44 4.37
CA PRO E 225 -12.36 -36.51 5.24
C PRO E 225 -12.30 -36.95 6.70
N GLN E 226 -12.08 -35.98 7.60
CA GLN E 226 -11.89 -36.28 9.01
C GLN E 226 -13.21 -36.43 9.75
N ALA E 227 -13.32 -37.48 10.59
CA ALA E 227 -14.44 -37.68 11.53
C ALA E 227 -15.83 -37.60 10.89
N GLY E 228 -16.05 -38.37 9.82
CA GLY E 228 -17.38 -38.41 9.21
C GLY E 228 -18.04 -37.04 9.08
N ILE E 229 -17.27 -36.06 8.64
CA ILE E 229 -17.73 -34.69 8.43
C ILE E 229 -17.74 -34.41 6.94
N VAL E 230 -18.81 -33.80 6.43
CA VAL E 230 -18.93 -33.60 4.97
C VAL E 230 -18.06 -32.42 4.55
N HIS E 231 -16.87 -32.72 4.04
CA HIS E 231 -15.97 -31.69 3.51
C HIS E 231 -14.94 -32.35 2.60
N THR E 232 -14.19 -31.51 1.88
CA THR E 232 -13.22 -31.97 0.89
C THR E 232 -11.83 -31.43 1.25
N PRO E 233 -11.17 -32.02 2.25
CA PRO E 233 -9.82 -31.55 2.60
C PRO E 233 -8.82 -32.00 1.54
N PHE E 234 -7.99 -31.08 1.10
CA PHE E 234 -6.99 -31.36 0.08
C PHE E 234 -5.62 -30.91 0.57
N THR E 235 -4.61 -31.71 0.26
CA THR E 235 -3.22 -31.41 0.59
C THR E 235 -2.59 -30.71 -0.60
N GLN E 236 -2.17 -29.47 -0.41
CA GLN E 236 -1.80 -28.58 -1.50
C GLN E 236 -0.54 -27.81 -1.16
N ALA E 237 0.40 -27.75 -2.11
CA ALA E 237 1.62 -26.97 -1.91
C ALA E 237 1.29 -25.48 -1.86
N PRO E 238 2.08 -24.68 -1.13
CA PRO E 238 1.78 -23.24 -1.08
C PRO E 238 1.90 -22.60 -2.45
N SER E 239 1.15 -21.50 -2.63
CA SER E 239 1.06 -20.86 -3.94
C SER E 239 2.45 -20.49 -4.45
N GLY E 240 2.80 -21.00 -5.63
CA GLY E 240 4.10 -20.73 -6.20
C GLY E 240 4.33 -19.26 -6.49
N PHE E 241 3.30 -18.54 -6.93
CA PHE E 241 3.46 -17.12 -7.21
C PHE E 241 3.61 -16.30 -5.93
N GLU E 242 3.02 -16.75 -4.82
CA GLU E 242 3.27 -16.07 -3.55
C GLU E 242 4.75 -16.12 -3.20
N ARG E 243 5.38 -17.28 -3.37
CA ARG E 243 6.83 -17.32 -3.33
C ARG E 243 7.41 -16.53 -4.49
N TRP E 244 8.58 -15.95 -4.27
CA TRP E 244 9.23 -15.05 -5.20
C TRP E 244 8.50 -13.71 -5.28
N LYS E 245 7.30 -13.63 -4.71
CA LYS E 245 6.69 -12.33 -4.46
C LYS E 245 7.12 -11.74 -3.12
N ARG E 246 7.63 -12.56 -2.19
CA ARG E 246 8.23 -12.04 -0.97
C ARG E 246 9.75 -11.98 -1.01
N ASP E 247 10.39 -12.75 -1.89
CA ASP E 247 11.85 -12.83 -1.95
C ASP E 247 12.34 -12.64 -3.38
N LYS E 248 11.69 -11.76 -4.13
CA LYS E 248 12.21 -11.40 -5.45
C LYS E 248 13.49 -10.58 -5.32
N GLY E 249 14.39 -10.77 -6.27
CA GLY E 249 15.64 -10.04 -6.25
C GLY E 249 15.41 -8.58 -6.58
N ALA E 250 16.51 -7.85 -6.76
CA ALA E 250 16.40 -6.43 -7.09
C ALA E 250 15.85 -6.28 -8.50
N PRO E 251 14.83 -5.45 -8.72
CA PRO E 251 14.30 -5.27 -10.08
C PRO E 251 15.33 -4.62 -10.99
N LEU E 252 15.20 -4.89 -12.29
CA LEU E 252 16.19 -4.42 -13.25
C LEU E 252 16.27 -2.90 -13.30
N ASN E 253 15.18 -2.20 -12.96
CA ASN E 253 15.22 -0.75 -12.92
C ASN E 253 16.08 -0.21 -11.78
N ASP E 254 16.53 -1.06 -10.88
CA ASP E 254 17.44 -0.68 -9.80
C ASP E 254 18.85 -1.25 -9.95
N VAL E 255 19.11 -2.12 -10.94
CA VAL E 255 20.43 -2.67 -11.16
C VAL E 255 20.94 -2.45 -12.57
N ALA E 256 20.17 -1.79 -13.43
CA ALA E 256 20.63 -1.53 -14.79
C ALA E 256 21.75 -0.50 -14.76
N PRO E 257 22.92 -0.79 -15.34
CA PRO E 257 24.02 0.20 -15.33
C PRO E 257 23.68 1.41 -16.20
N PHE E 258 24.53 2.42 -16.12
CA PHE E 258 24.40 3.66 -16.89
C PHE E 258 23.14 4.44 -16.54
N GLY E 259 22.48 4.11 -15.43
CA GLY E 259 21.35 4.89 -14.93
C GLY E 259 20.10 4.89 -15.78
N CYS E 260 19.59 3.72 -16.15
CA CYS E 260 18.46 3.59 -17.06
C CYS E 260 17.21 3.17 -16.29
N SER E 261 16.05 3.59 -16.80
CA SER E 261 14.77 3.34 -16.13
C SER E 261 13.76 2.79 -17.13
N ILE E 262 12.78 2.06 -16.60
CA ILE E 262 11.79 1.38 -17.43
C ILE E 262 10.40 1.88 -17.05
N ALA E 263 9.37 1.44 -17.76
CA ALA E 263 8.02 1.92 -17.47
C ALA E 263 6.99 0.93 -17.99
N LEU E 264 5.75 1.09 -17.49
CA LEU E 264 4.60 0.35 -18.00
C LEU E 264 4.26 0.90 -19.38
N GLU E 265 4.88 0.34 -20.40
CA GLU E 265 5.02 1.00 -21.70
C GLU E 265 5.48 -0.05 -22.72
N PRO E 266 5.79 0.34 -23.97
CA PRO E 266 6.52 -0.59 -24.84
C PRO E 266 7.83 -1.09 -24.23
N LEU E 267 8.11 -0.69 -23.00
CA LEU E 267 9.19 -1.27 -22.19
C LEU E 267 10.55 -0.80 -22.64
N ARG E 268 10.64 0.47 -23.03
CA ARG E 268 11.94 1.05 -23.34
C ARG E 268 12.77 1.23 -22.07
N ALA E 269 14.08 1.38 -22.27
CA ALA E 269 15.01 1.70 -21.19
C ALA E 269 15.56 3.10 -21.46
N GLU E 270 14.81 4.10 -21.02
CA GLU E 270 15.11 5.48 -21.41
C GLU E 270 16.36 5.99 -20.68
N ASN E 271 17.00 6.99 -21.30
CA ASN E 271 18.16 7.67 -20.71
C ASN E 271 19.32 6.72 -20.48
N CYS E 272 19.43 5.66 -21.29
CA CYS E 272 20.52 4.71 -21.15
C CYS E 272 21.76 5.28 -21.82
N ALA E 273 22.58 5.97 -21.03
CA ALA E 273 23.72 6.73 -21.57
C ALA E 273 24.87 5.78 -21.86
N VAL E 274 25.17 5.59 -23.15
CA VAL E 274 26.31 4.75 -23.55
C VAL E 274 26.62 5.05 -25.02
N GLY E 275 27.91 5.05 -25.35
CA GLY E 275 28.30 5.22 -26.74
C GLY E 275 28.13 6.65 -27.25
N SER E 276 28.03 6.78 -28.57
CA SER E 276 27.91 8.07 -29.22
C SER E 276 26.83 8.00 -30.30
N ILE E 277 26.39 9.17 -30.76
CA ILE E 277 25.32 9.28 -31.74
C ILE E 277 25.81 10.08 -32.93
N PRO E 278 25.89 9.50 -34.14
CA PRO E 278 26.30 10.29 -35.31
C PRO E 278 25.16 11.12 -35.89
N ILE E 279 24.94 12.31 -35.35
CA ILE E 279 23.84 13.16 -35.77
C ILE E 279 24.24 13.91 -37.05
N SER E 280 23.24 14.12 -37.92
CA SER E 280 23.42 14.93 -39.12
C SER E 280 22.18 15.80 -39.32
N ILE E 281 22.38 17.05 -39.73
CA ILE E 281 21.30 18.02 -39.83
C ILE E 281 21.49 18.88 -41.07
N ASP E 282 20.39 19.22 -41.74
CA ASP E 282 20.42 20.08 -42.94
C ASP E 282 19.68 21.39 -42.64
N ILE E 283 20.42 22.38 -42.12
CA ILE E 283 19.83 23.68 -41.77
C ILE E 283 19.25 24.35 -43.03
N PRO E 284 18.04 24.91 -43.00
CA PRO E 284 17.48 25.53 -44.21
C PRO E 284 18.26 26.79 -44.60
N ASP E 285 18.45 26.99 -45.91
CA ASP E 285 19.26 28.12 -46.36
C ASP E 285 18.63 29.46 -46.03
N ALA E 286 17.33 29.49 -45.72
CA ALA E 286 16.68 30.77 -45.40
C ALA E 286 17.28 31.38 -44.14
N ALA E 287 17.59 30.55 -43.14
CA ALA E 287 18.12 31.03 -41.88
C ALA E 287 19.53 31.62 -42.01
N PHE E 288 20.24 31.34 -43.10
CA PHE E 288 21.59 31.88 -43.28
C PHE E 288 21.55 33.35 -43.70
N THR E 289 22.66 34.06 -43.45
CA THR E 289 22.83 35.44 -43.88
C THR E 289 24.18 35.59 -44.56
N ARG E 290 24.27 36.45 -45.58
CA ARG E 290 25.52 36.59 -46.32
C ARG E 290 26.60 37.21 -45.45
N ILE E 291 27.85 36.78 -45.67
CA ILE E 291 28.96 37.20 -44.82
C ILE E 291 29.22 38.69 -44.89
N SER E 292 28.77 39.37 -45.95
CA SER E 292 28.95 40.81 -46.12
C SER E 292 28.04 41.67 -45.23
N GLU E 293 27.22 41.09 -44.34
CA GLU E 293 26.32 41.89 -43.50
C GLU E 293 26.65 41.84 -42.00
N THR E 294 27.15 40.72 -41.49
CA THR E 294 27.44 40.60 -40.06
C THR E 294 28.65 41.46 -39.66
N PRO E 295 28.73 41.88 -38.39
CA PRO E 295 29.95 42.53 -37.90
C PRO E 295 31.17 41.64 -38.10
N THR E 296 32.25 42.21 -38.64
CA THR E 296 33.56 41.63 -38.39
C THR E 296 34.10 42.15 -37.06
N VAL E 297 35.01 41.39 -36.44
CA VAL E 297 35.59 41.77 -35.16
C VAL E 297 37.12 41.69 -35.23
N SER E 298 37.79 42.69 -34.65
CA SER E 298 39.22 42.92 -34.85
C SER E 298 39.91 43.26 -33.53
N ASP E 299 41.24 43.09 -33.52
CA ASP E 299 42.15 43.49 -32.44
C ASP E 299 41.68 43.03 -31.04
N LEU E 300 40.88 41.98 -30.98
CA LEU E 300 40.33 41.49 -29.72
C LEU E 300 41.36 40.71 -28.91
N GLU E 301 41.18 40.68 -27.59
CA GLU E 301 41.98 39.85 -26.70
C GLU E 301 41.13 39.30 -25.57
N CYS E 302 41.57 38.19 -24.98
CA CYS E 302 40.82 37.48 -23.95
C CYS E 302 41.54 37.57 -22.61
N LYS E 303 40.77 37.54 -21.52
CA LYS E 303 41.33 37.63 -20.17
C LYS E 303 40.32 37.04 -19.20
N ILE E 304 40.66 35.90 -18.60
CA ILE E 304 39.78 35.32 -17.59
C ILE E 304 40.02 36.00 -16.25
N THR E 305 39.02 35.92 -15.38
CA THR E 305 39.08 36.55 -14.06
C THR E 305 39.10 35.52 -12.93
N GLU E 306 38.11 34.64 -12.87
CA GLU E 306 38.01 33.64 -11.80
C GLU E 306 37.53 32.34 -12.42
N CYS E 307 38.46 31.42 -12.71
CA CYS E 307 38.10 30.10 -13.20
C CYS E 307 38.10 29.10 -12.06
N THR E 308 37.08 28.24 -12.02
CA THR E 308 36.99 27.19 -11.00
C THR E 308 37.02 25.82 -11.68
N TYR E 309 37.96 24.97 -11.27
CA TYR E 309 38.12 23.62 -11.83
C TYR E 309 36.97 22.71 -11.38
N ALA E 310 35.77 22.88 -11.97
CA ALA E 310 34.52 22.38 -11.38
C ALA E 310 33.52 21.94 -12.45
N SER E 311 32.52 21.17 -12.01
CA SER E 311 31.55 20.52 -12.92
C SER E 311 30.54 21.49 -13.51
N ASP E 312 30.21 22.57 -12.81
CA ASP E 312 29.27 23.59 -13.25
C ASP E 312 30.02 24.81 -13.81
N PHE E 313 29.26 25.78 -14.31
CA PHE E 313 29.83 26.97 -14.97
C PHE E 313 30.46 27.94 -13.97
N GLY E 314 31.66 27.60 -13.49
CA GLY E 314 32.41 28.43 -12.57
C GLY E 314 33.42 29.38 -13.20
N GLY E 315 33.73 29.18 -14.48
CA GLY E 315 34.70 30.05 -15.15
C GLY E 315 34.02 31.29 -15.72
N ILE E 316 34.65 32.44 -15.49
CA ILE E 316 34.17 33.71 -16.01
C ILE E 316 35.33 34.41 -16.69
N ALA E 317 35.11 34.86 -17.93
CA ALA E 317 36.16 35.51 -18.71
C ALA E 317 35.58 36.69 -19.48
N THR E 318 36.33 37.79 -19.50
CA THR E 318 35.93 38.98 -20.23
C THR E 318 36.73 39.14 -21.52
N VAL E 319 36.10 39.68 -22.57
CA VAL E 319 36.74 39.90 -23.86
C VAL E 319 36.52 41.35 -24.30
N ALA E 320 37.50 41.91 -25.02
CA ALA E 320 37.42 43.27 -25.58
C ALA E 320 37.32 43.20 -27.11
N TYR E 321 36.36 43.96 -27.69
CA TYR E 321 35.93 43.80 -29.09
C TYR E 321 36.06 45.10 -29.89
N LYS E 322 36.86 45.11 -30.97
CA LYS E 322 36.76 46.18 -31.97
C LYS E 322 35.88 45.68 -33.13
N SER E 323 34.57 45.92 -33.03
CA SER E 323 33.65 45.50 -34.08
C SER E 323 33.53 46.53 -35.21
N SER E 324 33.15 46.05 -36.40
CA SER E 324 32.83 46.89 -37.55
C SER E 324 31.41 47.45 -37.50
N LYS E 325 30.54 46.85 -36.69
CA LYS E 325 29.09 47.11 -36.66
C LYS E 325 28.56 46.90 -35.24
N ALA E 326 27.34 47.37 -34.99
CA ALA E 326 26.52 46.84 -33.90
C ALA E 326 25.72 45.63 -34.38
N GLY E 327 25.47 44.66 -33.49
CA GLY E 327 24.65 43.50 -33.82
C GLY E 327 24.99 42.27 -32.99
N ASN E 328 24.27 41.17 -33.25
CA ASN E 328 24.58 39.87 -32.62
C ASN E 328 25.83 39.23 -33.25
N CYS E 329 26.45 38.34 -32.46
CA CYS E 329 27.65 37.61 -32.84
C CYS E 329 27.64 36.22 -32.22
N PRO E 330 27.51 35.15 -33.02
CA PRO E 330 27.65 33.79 -32.49
C PRO E 330 29.00 33.58 -31.83
N ILE E 331 29.02 32.78 -30.77
CA ILE E 331 30.27 32.45 -30.08
C ILE E 331 30.27 30.94 -29.78
N HIS E 332 31.41 30.29 -30.05
CA HIS E 332 31.53 28.85 -29.85
C HIS E 332 33.01 28.52 -29.63
N SER E 333 33.25 27.42 -28.90
CA SER E 333 34.60 26.93 -28.70
C SER E 333 34.80 25.63 -29.48
N PRO E 334 35.57 25.63 -30.56
CA PRO E 334 35.74 24.38 -31.32
C PRO E 334 36.40 23.27 -30.51
N SER E 335 37.33 23.61 -29.62
CA SER E 335 37.99 22.61 -28.79
C SER E 335 37.06 22.12 -27.68
N GLY E 336 37.30 20.88 -27.24
CA GLY E 336 36.52 20.32 -26.14
C GLY E 336 36.91 20.86 -24.76
N VAL E 337 38.05 21.54 -24.66
CA VAL E 337 38.63 21.97 -23.37
C VAL E 337 37.66 22.80 -22.52
N ALA E 338 36.70 23.47 -23.13
CA ALA E 338 35.73 24.27 -22.38
C ALA E 338 34.38 24.24 -23.09
N VAL E 339 33.29 24.41 -22.32
CA VAL E 339 31.96 24.60 -22.91
C VAL E 339 31.41 25.93 -22.45
N ILE E 340 30.73 26.63 -23.35
CA ILE E 340 30.35 28.04 -23.16
C ILE E 340 28.91 28.11 -22.70
N LYS E 341 28.69 28.79 -21.57
CA LYS E 341 27.34 28.95 -21.05
C LYS E 341 26.48 29.80 -21.97
N GLU E 342 27.04 30.86 -22.53
CA GLU E 342 26.26 31.82 -23.31
C GLU E 342 26.31 31.45 -24.79
N ASN E 343 25.14 31.33 -25.40
CA ASN E 343 25.07 30.89 -26.80
C ASN E 343 25.61 31.96 -27.75
N ASP E 344 25.18 33.21 -27.60
CA ASP E 344 25.59 34.28 -28.51
C ASP E 344 25.55 35.62 -27.79
N VAL E 345 26.35 36.57 -28.28
CA VAL E 345 26.62 37.85 -27.61
C VAL E 345 26.27 39.02 -28.53
N THR E 346 25.91 40.17 -27.93
CA THR E 346 25.56 41.39 -28.67
C THR E 346 26.69 42.41 -28.59
N LEU E 347 27.04 43.03 -29.73
CA LEU E 347 28.23 43.87 -29.86
C LEU E 347 27.91 45.33 -30.17
N ALA E 348 28.81 46.22 -29.74
CA ALA E 348 28.88 47.62 -30.16
C ALA E 348 30.34 48.04 -30.21
N GLU E 349 30.66 49.07 -31.01
CA GLU E 349 32.06 49.38 -31.32
C GLU E 349 32.90 49.68 -30.07
N SER E 350 34.09 49.06 -30.02
CA SER E 350 35.10 49.19 -28.97
C SER E 350 34.70 48.70 -27.57
N GLY E 351 33.51 48.10 -27.40
CA GLY E 351 33.10 47.62 -26.10
C GLY E 351 33.82 46.35 -25.63
N SER E 352 33.65 46.01 -24.35
CA SER E 352 34.14 44.74 -23.80
C SER E 352 32.99 44.01 -23.10
N PHE E 353 32.90 42.69 -23.33
CA PHE E 353 31.71 41.92 -22.99
C PHE E 353 32.11 40.56 -22.44
N THR E 354 31.29 40.03 -21.52
CA THR E 354 31.67 38.93 -20.62
C THR E 354 30.77 37.72 -20.83
N PHE E 355 31.35 36.52 -20.66
CA PHE E 355 30.61 35.27 -20.79
C PHE E 355 31.01 34.31 -19.68
N HIS E 356 30.18 33.29 -19.47
CA HIS E 356 30.45 32.25 -18.47
C HIS E 356 30.81 30.93 -19.16
N PHE E 357 31.62 30.12 -18.50
CA PHE E 357 32.04 28.84 -19.07
C PHE E 357 32.45 27.88 -17.95
N SER E 358 32.72 26.63 -18.32
CA SER E 358 33.28 25.61 -17.44
C SER E 358 34.36 24.82 -18.17
N THR E 359 35.20 24.11 -17.40
CA THR E 359 36.31 23.34 -17.95
C THR E 359 36.79 22.30 -16.94
N ALA E 360 37.48 21.26 -17.45
CA ALA E 360 38.08 20.23 -16.59
C ALA E 360 39.57 20.44 -16.29
N ASN E 361 40.26 21.33 -16.97
CA ASN E 361 41.72 21.38 -16.93
C ASN E 361 42.24 22.48 -16.00
N ILE E 362 43.36 22.21 -15.31
CA ILE E 362 43.96 23.19 -14.40
C ILE E 362 44.35 24.44 -15.17
N HIS E 363 44.89 24.27 -16.39
CA HIS E 363 45.33 25.37 -17.23
C HIS E 363 44.51 25.31 -18.52
N PRO E 364 43.37 26.01 -18.58
CA PRO E 364 42.52 25.93 -19.78
C PRO E 364 43.11 26.73 -20.93
N ALA E 365 43.46 26.03 -22.01
CA ALA E 365 44.00 26.65 -23.22
C ALA E 365 43.05 26.32 -24.36
N PHE E 366 42.06 27.18 -24.59
CA PHE E 366 41.06 26.97 -25.62
C PHE E 366 40.89 28.25 -26.44
N LYS E 367 40.52 28.09 -27.70
CA LYS E 367 40.30 29.21 -28.59
C LYS E 367 38.81 29.54 -28.69
N LEU E 368 38.51 30.79 -28.97
CA LEU E 368 37.14 31.28 -29.05
C LEU E 368 36.81 31.68 -30.48
N GLN E 369 35.69 31.17 -31.00
CA GLN E 369 35.19 31.56 -32.33
C GLN E 369 34.18 32.69 -32.16
N VAL E 370 34.68 33.93 -32.12
CA VAL E 370 33.80 35.12 -31.95
C VAL E 370 33.40 35.57 -33.36
N CYS E 371 32.34 34.93 -33.89
CA CYS E 371 31.80 35.19 -35.22
C CYS E 371 32.89 35.39 -36.29
N THR E 372 33.62 34.31 -36.60
CA THR E 372 34.67 34.26 -37.63
C THR E 372 35.92 35.03 -37.21
N SER E 373 36.33 34.88 -35.94
CA SER E 373 37.57 35.43 -35.41
C SER E 373 38.01 34.59 -34.21
N ALA E 374 39.33 34.53 -33.97
CA ALA E 374 39.90 33.65 -32.95
C ALA E 374 40.60 34.44 -31.85
N VAL E 375 40.65 33.85 -30.65
CA VAL E 375 41.39 34.42 -29.52
C VAL E 375 41.60 33.30 -28.51
N THR E 376 42.73 33.35 -27.81
CA THR E 376 43.11 32.28 -26.87
C THR E 376 42.94 32.77 -25.44
N CYS E 377 42.16 32.03 -24.64
CA CYS E 377 41.91 32.38 -23.24
C CYS E 377 42.77 31.50 -22.35
N LYS E 378 44.01 31.91 -22.11
CA LYS E 378 44.87 31.21 -21.17
C LYS E 378 44.58 31.68 -19.74
N GLY E 379 44.85 30.79 -18.79
CA GLY E 379 44.66 31.14 -17.40
C GLY E 379 44.83 29.94 -16.49
N ASP E 380 44.40 30.11 -15.24
CA ASP E 380 44.48 29.07 -14.23
C ASP E 380 43.14 28.94 -13.51
N CYS E 381 42.93 27.77 -12.90
CA CYS E 381 41.68 27.46 -12.23
C CYS E 381 41.96 26.88 -10.84
N LYS E 382 40.92 26.82 -10.01
CA LYS E 382 41.05 26.30 -8.65
C LYS E 382 39.95 25.28 -8.34
N PRO E 383 40.27 24.21 -7.60
CA PRO E 383 39.24 23.21 -7.30
C PRO E 383 38.15 23.77 -6.43
N PRO E 384 36.91 23.26 -6.56
CA PRO E 384 35.78 23.78 -5.78
C PRO E 384 35.74 23.23 -4.36
N LYS E 385 34.93 23.90 -3.52
CA LYS E 385 34.82 23.51 -2.12
C LYS E 385 33.79 22.40 -1.90
N ASP E 386 32.59 22.54 -2.48
CA ASP E 386 31.51 21.57 -2.28
C ASP E 386 31.71 20.40 -3.22
N HIS E 387 32.19 19.27 -2.70
CA HIS E 387 32.52 18.10 -3.58
C HIS E 387 31.29 17.63 -4.36
N ILE E 388 30.41 16.86 -3.71
CA ILE E 388 29.25 16.27 -4.47
C ILE E 388 28.15 17.35 -4.61
N VAL E 389 27.66 17.55 -5.84
CA VAL E 389 26.57 18.55 -6.09
C VAL E 389 25.60 17.95 -7.13
N ASP E 390 25.53 18.54 -8.33
CA ASP E 390 24.59 18.06 -9.38
C ASP E 390 25.40 17.48 -10.55
N TYR E 391 24.81 16.55 -11.32
CA TYR E 391 25.54 15.88 -12.42
C TYR E 391 26.37 16.90 -13.20
N PRO E 392 27.62 16.57 -13.59
CA PRO E 392 28.50 17.54 -14.26
C PRO E 392 28.05 17.90 -15.67
N ALA E 393 28.59 19.00 -16.20
CA ALA E 393 28.23 19.45 -17.56
C ALA E 393 29.50 19.78 -18.36
N GLN E 394 30.66 19.76 -17.71
CA GLN E 394 31.91 20.13 -18.39
C GLN E 394 32.40 19.06 -19.38
N HIS E 395 32.13 17.79 -19.12
CA HIS E 395 32.41 16.64 -20.01
C HIS E 395 33.66 16.77 -20.89
N THR E 396 34.84 16.92 -20.27
CA THR E 396 36.10 17.01 -21.02
C THR E 396 37.26 16.38 -20.23
N GLU E 397 36.97 15.41 -19.37
CA GLU E 397 38.03 14.86 -18.50
C GLU E 397 39.04 14.05 -19.32
N SER E 398 40.30 14.49 -19.28
CA SER E 398 41.42 13.84 -19.97
C SER E 398 42.74 14.38 -19.38
N PHE E 399 43.86 13.76 -19.78
CA PHE E 399 45.16 13.99 -19.13
C PHE E 399 45.50 15.48 -18.97
N THR E 400 46.05 15.82 -17.80
CA THR E 400 46.02 17.19 -17.26
C THR E 400 47.18 17.43 -16.28
N TYR F 1 15.54 -46.85 -20.27
CA TYR F 1 14.24 -46.29 -19.86
C TYR F 1 14.01 -44.93 -20.53
N GLU F 2 14.73 -43.91 -20.06
CA GLU F 2 14.67 -42.58 -20.68
C GLU F 2 15.46 -42.64 -21.98
N HIS F 3 14.78 -43.07 -23.04
CA HIS F 3 15.47 -43.36 -24.30
C HIS F 3 15.85 -42.05 -24.99
N THR F 4 17.01 -41.51 -24.61
CA THR F 4 17.56 -40.34 -25.28
C THR F 4 18.19 -40.75 -26.60
N ALA F 5 17.83 -40.05 -27.67
CA ALA F 5 18.35 -40.39 -28.99
C ALA F 5 18.20 -39.20 -29.93
N VAL F 6 19.19 -38.98 -30.77
CA VAL F 6 19.14 -37.95 -31.80
C VAL F 6 18.62 -38.57 -33.08
N MET F 7 17.61 -37.95 -33.68
CA MET F 7 17.04 -38.46 -34.93
C MET F 7 17.02 -37.36 -35.99
N PRO F 8 17.23 -37.72 -37.26
CA PRO F 8 17.28 -36.70 -38.31
C PRO F 8 15.95 -35.95 -38.43
N ASN F 9 16.04 -34.67 -38.76
CA ASN F 9 14.84 -33.84 -38.92
C ASN F 9 14.26 -34.11 -40.31
N LYS F 10 13.35 -35.10 -40.38
CA LYS F 10 12.66 -35.43 -41.62
C LYS F 10 11.19 -35.63 -41.30
N VAL F 11 10.38 -35.74 -42.35
CA VAL F 11 8.93 -35.85 -42.19
C VAL F 11 8.49 -37.30 -42.35
N GLY F 12 8.82 -37.91 -43.48
CA GLY F 12 8.34 -39.24 -43.78
C GLY F 12 9.28 -40.36 -43.39
N ILE F 13 9.50 -40.58 -42.09
CA ILE F 13 10.38 -41.66 -41.65
C ILE F 13 10.06 -42.08 -40.21
N PRO F 14 9.83 -43.37 -39.96
CA PRO F 14 9.62 -43.84 -38.58
C PRO F 14 10.94 -43.96 -37.84
N TYR F 15 10.95 -43.50 -36.58
CA TYR F 15 12.15 -43.66 -35.75
C TYR F 15 11.99 -44.90 -34.87
N LYS F 16 12.13 -46.06 -35.51
CA LYS F 16 11.92 -47.32 -34.81
C LYS F 16 13.07 -47.58 -33.83
N ALA F 17 12.87 -47.22 -32.56
CA ALA F 17 13.88 -47.39 -31.51
C ALA F 17 13.40 -48.40 -30.48
N LEU F 18 14.31 -49.24 -29.97
CA LEU F 18 14.00 -50.25 -28.97
C LEU F 18 14.35 -49.73 -27.56
N VAL F 19 13.52 -50.06 -26.56
CA VAL F 19 13.78 -49.68 -25.17
C VAL F 19 14.21 -50.93 -24.41
N GLU F 20 15.53 -51.08 -24.19
CA GLU F 20 16.06 -52.29 -23.53
C GLU F 20 16.27 -52.07 -22.03
N ARG F 21 15.18 -51.84 -21.31
CA ARG F 21 15.26 -51.72 -19.85
C ARG F 21 15.44 -53.10 -19.21
N PRO F 22 16.53 -53.37 -18.48
CA PRO F 22 16.72 -54.73 -17.93
C PRO F 22 15.59 -55.14 -17.00
N GLY F 23 15.29 -56.44 -16.98
CA GLY F 23 14.22 -57.01 -16.17
C GLY F 23 12.89 -57.15 -16.90
N TYR F 24 12.72 -56.51 -18.05
CA TYR F 24 11.48 -56.54 -18.80
C TYR F 24 11.78 -56.71 -20.28
N ALA F 25 10.76 -57.12 -21.04
CA ALA F 25 10.91 -57.32 -22.49
C ALA F 25 11.17 -56.00 -23.21
N PRO F 26 12.14 -55.93 -24.12
CA PRO F 26 12.33 -54.70 -24.90
C PRO F 26 11.09 -54.36 -25.72
N VAL F 27 10.82 -53.06 -25.88
CA VAL F 27 9.67 -52.56 -26.63
C VAL F 27 10.17 -51.60 -27.71
N HIS F 28 9.49 -51.60 -28.85
CA HIS F 28 9.83 -50.68 -29.95
C HIS F 28 9.00 -49.41 -29.87
N LEU F 29 9.57 -48.30 -30.39
CA LEU F 29 8.90 -47.02 -30.45
C LEU F 29 8.96 -46.48 -31.87
N GLN F 30 7.87 -45.87 -32.36
CA GLN F 30 7.86 -45.26 -33.69
C GLN F 30 7.56 -43.77 -33.60
N ILE F 31 8.45 -42.94 -34.14
CA ILE F 31 8.31 -41.49 -34.10
C ILE F 31 8.35 -40.92 -35.52
N GLN F 32 7.37 -40.09 -35.87
CA GLN F 32 7.30 -39.44 -37.18
C GLN F 32 6.90 -37.97 -37.00
N LEU F 33 7.48 -37.08 -37.83
CA LEU F 33 7.24 -35.64 -37.72
C LEU F 33 6.30 -35.19 -38.83
N VAL F 34 5.01 -35.04 -38.51
CA VAL F 34 4.04 -34.64 -39.52
C VAL F 34 4.28 -33.18 -39.93
N ASN F 35 4.56 -32.32 -38.98
CA ASN F 35 4.74 -30.89 -39.23
C ASN F 35 6.05 -30.43 -38.62
N THR F 36 6.65 -29.42 -39.23
CA THR F 36 7.92 -28.86 -38.75
C THR F 36 7.87 -27.33 -38.85
N ARG F 37 6.76 -26.76 -38.41
CA ARG F 37 6.60 -25.32 -38.46
C ARG F 37 7.63 -24.61 -37.59
N ILE F 38 8.19 -23.54 -38.12
CA ILE F 38 9.22 -22.77 -37.42
C ILE F 38 8.63 -21.60 -36.66
N ILE F 39 7.79 -20.80 -37.31
CA ILE F 39 7.13 -19.65 -36.70
C ILE F 39 8.16 -18.72 -36.06
N PRO F 40 8.96 -18.01 -36.84
CA PRO F 40 9.88 -17.03 -36.25
C PRO F 40 9.12 -15.81 -35.74
N SER F 41 9.73 -15.14 -34.76
CA SER F 41 9.14 -13.91 -34.24
C SER F 41 9.17 -12.82 -35.31
N THR F 42 8.12 -12.00 -35.32
CA THR F 42 7.95 -10.99 -36.37
C THR F 42 7.55 -9.67 -35.76
N ASN F 43 7.74 -8.59 -36.53
CA ASN F 43 7.35 -7.26 -36.10
C ASN F 43 6.99 -6.45 -37.33
N LEU F 44 5.77 -5.93 -37.38
CA LEU F 44 5.32 -5.19 -38.54
C LEU F 44 6.06 -3.87 -38.67
N GLU F 45 6.56 -3.57 -39.87
CA GLU F 45 7.23 -2.31 -40.12
C GLU F 45 6.29 -1.27 -40.72
N TYR F 46 5.73 -1.55 -41.89
CA TYR F 46 4.78 -0.64 -42.52
C TYR F 46 4.12 -1.36 -43.68
N ILE F 47 3.22 -0.65 -44.35
CA ILE F 47 2.41 -1.19 -45.42
C ILE F 47 2.53 -0.29 -46.63
N THR F 48 2.74 -0.89 -47.81
CA THR F 48 2.85 -0.15 -49.06
C THR F 48 1.80 -0.64 -50.05
N CYS F 49 1.39 0.28 -50.92
CA CYS F 49 0.39 -0.01 -51.95
C CYS F 49 0.45 1.10 -52.98
N LYS F 50 -0.29 0.91 -54.07
CA LYS F 50 -0.40 1.97 -55.06
C LYS F 50 -1.20 3.12 -54.47
N TYR F 51 -0.79 4.34 -54.79
CA TYR F 51 -1.39 5.53 -54.20
C TYR F 51 -2.39 6.18 -55.15
N LYS F 52 -3.15 7.13 -54.61
CA LYS F 52 -4.07 7.93 -55.39
C LYS F 52 -3.77 9.41 -55.11
N THR F 53 -3.60 10.18 -56.16
CA THR F 53 -3.25 11.60 -56.04
C THR F 53 -4.54 12.40 -56.01
N LYS F 54 -5.10 12.57 -54.81
CA LYS F 54 -6.39 13.22 -54.63
C LYS F 54 -6.22 14.72 -54.86
N VAL F 55 -6.68 15.21 -55.99
CA VAL F 55 -6.55 16.63 -56.35
C VAL F 55 -7.84 17.35 -55.94
N PRO F 56 -7.79 18.27 -54.98
CA PRO F 56 -9.00 19.04 -54.63
C PRO F 56 -9.30 20.09 -55.70
N SER F 57 -10.49 20.67 -55.60
CA SER F 57 -10.93 21.65 -56.58
C SER F 57 -10.07 22.92 -56.46
N PRO F 58 -9.43 23.37 -57.53
CA PRO F 58 -8.64 24.60 -57.45
C PRO F 58 -9.52 25.81 -57.28
N VAL F 59 -8.94 26.86 -56.69
CA VAL F 59 -9.63 28.12 -56.47
C VAL F 59 -9.00 29.15 -57.42
N VAL F 60 -9.84 29.82 -58.20
CA VAL F 60 -9.41 30.79 -59.20
C VAL F 60 -9.99 32.14 -58.82
N LYS F 61 -9.11 33.13 -58.59
CA LYS F 61 -9.54 34.51 -58.36
C LYS F 61 -9.46 35.26 -59.69
N CYS F 62 -10.55 35.93 -60.05
CA CYS F 62 -10.58 36.56 -61.37
C CYS F 62 -9.64 37.75 -61.47
N CYS F 63 -9.45 38.49 -60.38
CA CYS F 63 -8.58 39.67 -60.40
C CYS F 63 -7.89 39.75 -59.04
N GLY F 64 -6.61 39.38 -58.99
CA GLY F 64 -5.80 39.49 -57.75
C GLY F 64 -5.29 38.17 -57.21
N ALA F 65 -3.98 38.12 -56.95
CA ALA F 65 -3.27 36.92 -56.50
C ALA F 65 -3.71 36.44 -55.11
N THR F 66 -3.38 35.18 -54.79
CA THR F 66 -3.79 34.53 -53.54
C THR F 66 -2.63 33.69 -53.00
N GLN F 67 -2.07 34.07 -51.85
CA GLN F 67 -1.02 33.27 -51.23
C GLN F 67 -1.57 31.96 -50.70
N CYS F 68 -0.79 30.90 -50.82
CA CYS F 68 -1.24 29.58 -50.40
C CYS F 68 -0.84 29.28 -48.96
N THR F 69 -1.47 28.27 -48.39
CA THR F 69 -1.25 27.85 -47.02
C THR F 69 -0.67 26.43 -47.00
N SER F 70 0.39 26.23 -46.22
CA SER F 70 1.05 24.93 -46.16
C SER F 70 0.16 23.96 -45.39
N LYS F 71 -0.61 23.15 -46.12
CA LYS F 71 -1.50 22.18 -45.50
C LYS F 71 -0.70 21.04 -44.86
N PRO F 72 -1.24 20.40 -43.83
CA PRO F 72 -0.55 19.27 -43.20
C PRO F 72 -0.70 17.94 -43.95
N HIS F 73 -1.27 17.95 -45.15
CA HIS F 73 -1.43 16.71 -45.89
C HIS F 73 -0.07 16.14 -46.30
N PRO F 74 0.05 14.82 -46.45
CA PRO F 74 1.35 14.24 -46.83
C PRO F 74 1.73 14.65 -48.24
N ASP F 75 2.95 15.14 -48.39
CA ASP F 75 3.47 15.55 -49.70
C ASP F 75 2.54 16.56 -50.37
N TYR F 76 2.02 17.49 -49.58
CA TYR F 76 1.10 18.50 -50.09
C TYR F 76 1.87 19.53 -50.93
N GLN F 77 1.56 19.60 -52.22
CA GLN F 77 2.20 20.54 -53.13
C GLN F 77 1.21 21.63 -53.50
N CYS F 78 1.61 22.89 -53.32
CA CYS F 78 0.76 24.03 -53.63
C CYS F 78 1.52 25.05 -54.45
N GLN F 79 0.88 25.58 -55.49
CA GLN F 79 1.48 26.64 -56.28
C GLN F 79 0.37 27.51 -56.85
N VAL F 80 0.71 28.76 -57.16
CA VAL F 80 -0.22 29.70 -57.75
C VAL F 80 0.37 30.20 -59.06
N PHE F 81 -0.44 30.18 -60.12
CA PHE F 81 0.00 30.54 -61.46
C PHE F 81 -0.65 31.84 -61.91
N THR F 82 0.14 32.66 -62.60
CA THR F 82 -0.32 33.96 -63.08
C THR F 82 -0.55 33.89 -64.59
N GLY F 83 -1.20 34.93 -65.10
CA GLY F 83 -1.50 34.98 -66.52
C GLY F 83 -2.45 33.89 -66.96
N VAL F 84 -3.51 33.66 -66.20
CA VAL F 84 -4.49 32.62 -66.52
C VAL F 84 -5.68 33.30 -67.18
N TYR F 85 -6.38 32.56 -68.05
CA TYR F 85 -7.57 33.08 -68.73
C TYR F 85 -8.52 31.93 -69.07
N PRO F 86 -9.19 31.35 -68.07
CA PRO F 86 -9.95 30.11 -68.31
C PRO F 86 -11.24 30.33 -69.08
N PHE F 87 -11.46 29.49 -70.10
CA PHE F 87 -12.77 29.35 -70.73
C PHE F 87 -13.45 28.11 -70.15
N MET F 88 -14.73 28.24 -69.76
CA MET F 88 -15.44 27.11 -69.14
C MET F 88 -16.90 27.08 -69.62
N TRP F 89 -17.09 26.56 -70.82
CA TRP F 89 -18.37 26.27 -71.46
C TRP F 89 -19.28 27.47 -71.71
N GLY F 90 -19.10 28.57 -70.98
CA GLY F 90 -19.76 29.83 -71.27
C GLY F 90 -18.76 30.91 -71.65
N GLY F 91 -17.77 30.56 -72.47
CA GLY F 91 -16.67 31.47 -72.80
C GLY F 91 -15.76 31.71 -71.59
N ALA F 92 -14.99 32.81 -71.68
CA ALA F 92 -14.20 33.26 -70.53
C ALA F 92 -15.13 33.78 -69.44
N TYR F 93 -14.60 33.89 -68.21
CA TYR F 93 -15.42 34.38 -67.11
C TYR F 93 -14.73 35.40 -66.20
N CYS F 94 -13.45 35.70 -66.41
CA CYS F 94 -12.79 36.81 -65.74
C CYS F 94 -12.54 37.92 -66.76
N PHE F 95 -12.99 39.13 -66.44
CA PHE F 95 -12.80 40.25 -67.36
C PHE F 95 -11.38 40.81 -67.32
N CYS F 96 -10.63 40.58 -66.26
CA CYS F 96 -9.21 40.92 -66.24
C CYS F 96 -8.44 40.09 -67.26
N ASP F 97 -7.30 40.61 -67.71
CA ASP F 97 -6.47 39.93 -68.71
C ASP F 97 -5.12 39.47 -68.16
N THR F 98 -4.74 39.88 -66.94
CA THR F 98 -3.41 39.59 -66.41
C THR F 98 -3.42 39.21 -64.93
N GLU F 99 -4.24 39.87 -64.11
CA GLU F 99 -4.27 39.62 -62.67
C GLU F 99 -5.03 38.35 -62.30
N ASN F 100 -5.53 37.61 -63.30
CA ASN F 100 -6.24 36.38 -63.02
C ASN F 100 -5.25 35.31 -62.57
N THR F 101 -5.51 34.70 -61.42
CA THR F 101 -4.59 33.70 -60.87
C THR F 101 -5.36 32.47 -60.42
N GLN F 102 -4.80 31.31 -60.74
CA GLN F 102 -5.31 30.03 -60.26
C GLN F 102 -4.39 29.49 -59.17
N MET F 103 -4.98 29.11 -58.05
CA MET F 103 -4.27 28.37 -57.01
C MET F 103 -4.62 26.89 -57.16
N SER F 104 -3.62 26.07 -57.47
CA SER F 104 -3.78 24.64 -57.60
C SER F 104 -3.01 23.93 -56.49
N GLU F 105 -3.57 22.82 -56.00
CA GLU F 105 -2.93 22.06 -54.94
C GLU F 105 -3.26 20.59 -55.10
N ALA F 106 -2.41 19.74 -54.52
CA ALA F 106 -2.59 18.30 -54.63
C ALA F 106 -1.87 17.62 -53.48
N TYR F 107 -2.30 16.40 -53.17
CA TYR F 107 -1.64 15.60 -52.14
C TYR F 107 -1.89 14.13 -52.41
N VAL F 108 -1.10 13.29 -51.76
CA VAL F 108 -1.12 11.85 -51.99
C VAL F 108 -2.01 11.20 -50.95
N GLU F 109 -2.91 10.32 -51.39
CA GLU F 109 -3.80 9.60 -50.50
C GLU F 109 -3.76 8.11 -50.83
N ARG F 110 -3.87 7.27 -49.80
CA ARG F 110 -3.86 5.83 -50.02
C ARG F 110 -5.06 5.41 -50.88
N SER F 111 -4.82 4.53 -51.83
CA SER F 111 -5.89 4.06 -52.69
C SER F 111 -6.82 3.12 -51.92
N GLU F 112 -8.04 2.96 -52.46
CA GLU F 112 -8.97 2.00 -51.87
C GLU F 112 -8.41 0.59 -51.94
N GLU F 113 -7.58 0.30 -52.94
CA GLU F 113 -7.02 -1.02 -53.11
C GLU F 113 -6.06 -1.40 -51.99
N CYS F 114 -5.59 -0.43 -51.21
CA CYS F 114 -4.72 -0.76 -50.09
C CYS F 114 -5.40 -1.65 -49.07
N SER F 115 -6.74 -1.65 -49.04
CA SER F 115 -7.48 -2.45 -48.07
C SER F 115 -7.23 -3.93 -48.27
N ILE F 116 -7.22 -4.39 -49.51
CA ILE F 116 -7.09 -5.81 -49.80
C ILE F 116 -5.81 -6.13 -50.56
N ASP F 117 -5.20 -5.15 -51.21
CA ASP F 117 -3.97 -5.35 -51.98
C ASP F 117 -2.92 -4.42 -51.41
N HIS F 118 -1.98 -4.99 -50.66
CA HIS F 118 -0.96 -4.18 -50.00
C HIS F 118 0.18 -5.08 -49.55
N ALA F 119 1.41 -4.64 -49.82
CA ALA F 119 2.57 -5.37 -49.35
C ALA F 119 2.78 -5.10 -47.86
N LYS F 120 3.48 -6.03 -47.21
CA LYS F 120 3.78 -5.92 -45.79
C LYS F 120 5.26 -6.12 -45.56
N ALA F 121 5.86 -5.29 -44.72
CA ALA F 121 7.25 -5.43 -44.33
C ALA F 121 7.36 -5.94 -42.90
N TYR F 122 8.38 -6.76 -42.65
CA TYR F 122 8.57 -7.33 -41.33
C TYR F 122 10.06 -7.44 -41.01
N LYS F 123 10.36 -7.48 -39.73
CA LYS F 123 11.68 -7.83 -39.24
C LYS F 123 11.59 -9.14 -38.47
N VAL F 124 12.57 -10.01 -38.65
CA VAL F 124 12.49 -11.40 -38.20
C VAL F 124 13.46 -11.60 -37.04
N HIS F 125 12.96 -12.22 -35.98
CA HIS F 125 13.79 -12.67 -34.87
C HIS F 125 13.89 -14.20 -34.91
N THR F 126 14.52 -14.79 -33.90
CA THR F 126 14.79 -16.21 -33.88
C THR F 126 13.50 -17.02 -33.80
N GLY F 127 12.62 -16.66 -32.86
CA GLY F 127 11.40 -17.40 -32.67
C GLY F 127 11.65 -18.78 -32.07
N THR F 128 10.61 -19.61 -32.14
CA THR F 128 10.69 -20.96 -31.60
C THR F 128 9.85 -21.90 -32.45
N VAL F 129 10.39 -23.07 -32.75
CA VAL F 129 9.79 -23.98 -33.72
C VAL F 129 8.91 -24.98 -32.99
N GLN F 130 7.84 -25.41 -33.67
CA GLN F 130 6.93 -26.44 -33.17
C GLN F 130 6.92 -27.61 -34.15
N ALA F 131 6.26 -28.69 -33.75
CA ALA F 131 6.22 -29.89 -34.58
C ALA F 131 5.03 -30.74 -34.16
N MET F 132 4.57 -31.57 -35.10
CA MET F 132 3.46 -32.50 -34.85
C MET F 132 4.02 -33.92 -34.82
N VAL F 133 4.37 -34.41 -33.64
CA VAL F 133 4.92 -35.76 -33.50
C VAL F 133 3.78 -36.78 -33.47
N ASN F 134 4.00 -37.90 -34.15
CA ASN F 134 3.07 -39.04 -34.15
C ASN F 134 3.76 -40.24 -33.52
N ILE F 135 3.23 -40.75 -32.41
CA ILE F 135 3.86 -41.84 -31.66
C ILE F 135 3.08 -43.12 -31.85
N THR F 136 3.80 -44.21 -32.17
CA THR F 136 3.21 -45.54 -32.38
C THR F 136 4.12 -46.56 -31.67
N TYR F 137 3.93 -46.73 -30.36
CA TYR F 137 4.79 -47.59 -29.56
C TYR F 137 3.99 -48.62 -28.78
N GLY F 138 4.61 -49.77 -28.48
CA GLY F 138 3.97 -50.82 -27.71
C GLY F 138 2.68 -51.32 -28.33
N SER F 139 1.55 -51.00 -27.70
CA SER F 139 0.23 -51.37 -28.20
C SER F 139 -0.69 -50.17 -28.37
N VAL F 140 -0.24 -48.96 -28.02
CA VAL F 140 -1.07 -47.77 -28.20
C VAL F 140 -1.34 -47.53 -29.69
N SER F 141 -0.28 -47.56 -30.49
CA SER F 141 -0.35 -47.54 -31.96
C SER F 141 -0.91 -46.24 -32.52
N TRP F 142 -1.25 -45.26 -31.69
CA TRP F 142 -1.83 -44.03 -32.20
C TRP F 142 -1.72 -42.94 -31.14
N ARG F 143 -1.05 -41.84 -31.50
CA ARG F 143 -0.93 -40.71 -30.58
C ARG F 143 -0.52 -39.48 -31.38
N SER F 144 -1.38 -38.47 -31.40
CA SER F 144 -1.10 -37.23 -32.11
C SER F 144 -0.75 -36.15 -31.10
N ALA F 145 0.49 -35.66 -31.15
CA ALA F 145 0.98 -34.69 -30.18
C ALA F 145 1.59 -33.51 -30.90
N ASP F 146 1.21 -32.30 -30.50
CA ASP F 146 1.84 -31.07 -30.96
C ASP F 146 2.76 -30.57 -29.85
N VAL F 147 4.05 -30.44 -30.16
CA VAL F 147 5.06 -30.14 -29.17
C VAL F 147 5.88 -28.94 -29.61
N TYR F 148 6.66 -28.41 -28.67
CA TYR F 148 7.62 -27.36 -28.99
C TYR F 148 8.97 -27.99 -29.28
N VAL F 149 9.99 -27.15 -29.46
CA VAL F 149 11.33 -27.63 -29.76
C VAL F 149 12.31 -27.36 -28.64
N ASN F 150 11.99 -26.48 -27.69
CA ASN F 150 12.91 -26.21 -26.59
C ASN F 150 13.15 -27.48 -25.80
N GLY F 151 14.39 -27.65 -25.34
CA GLY F 151 14.74 -28.84 -24.59
C GLY F 151 14.29 -28.78 -23.15
N GLU F 152 13.21 -28.06 -22.87
CA GLU F 152 12.72 -27.93 -21.50
C GLU F 152 11.22 -28.22 -21.34
N THR F 153 10.44 -27.98 -22.37
CA THR F 153 9.00 -28.22 -22.26
C THR F 153 8.71 -29.71 -22.46
N PRO F 154 8.12 -30.39 -21.49
CA PRO F 154 7.81 -31.81 -21.67
C PRO F 154 6.58 -32.00 -22.56
N ALA F 155 6.27 -33.26 -22.84
CA ALA F 155 5.06 -33.61 -23.58
C ALA F 155 4.46 -34.83 -22.89
N LYS F 156 3.62 -34.58 -21.88
CA LYS F 156 2.95 -35.66 -21.15
C LYS F 156 1.66 -36.03 -21.90
N ILE F 157 1.85 -36.60 -23.08
CA ILE F 157 0.76 -36.88 -23.99
C ILE F 157 0.18 -38.25 -23.64
N GLY F 158 -1.09 -38.26 -23.26
CA GLY F 158 -1.72 -39.48 -22.79
C GLY F 158 -1.02 -40.02 -21.56
N ASP F 159 -0.29 -41.13 -21.73
CA ASP F 159 0.53 -41.67 -20.65
C ASP F 159 2.02 -41.52 -20.88
N ALA F 160 2.47 -41.40 -22.12
CA ALA F 160 3.89 -41.23 -22.42
C ALA F 160 4.33 -39.80 -22.14
N LYS F 161 5.58 -39.65 -21.75
CA LYS F 161 6.17 -38.34 -21.47
C LYS F 161 7.35 -38.14 -22.41
N LEU F 162 7.34 -37.01 -23.12
CA LEU F 162 8.30 -36.77 -24.18
C LEU F 162 8.97 -35.41 -24.00
N ILE F 163 10.26 -35.36 -24.28
CA ILE F 163 11.01 -34.10 -24.34
C ILE F 163 11.77 -34.10 -25.66
N ILE F 164 11.66 -33.00 -26.40
CA ILE F 164 12.19 -32.93 -27.77
C ILE F 164 13.01 -31.65 -27.93
N GLY F 165 14.17 -31.78 -28.57
CA GLY F 165 15.01 -30.64 -28.86
C GLY F 165 15.98 -30.33 -27.74
N PRO F 166 16.65 -29.16 -27.80
CA PRO F 166 16.52 -28.09 -28.81
C PRO F 166 17.13 -28.47 -30.15
N LEU F 167 16.64 -27.86 -31.23
CA LEU F 167 17.12 -28.22 -32.56
C LEU F 167 18.60 -27.92 -32.71
N SER F 168 19.32 -28.86 -33.35
CA SER F 168 20.77 -28.73 -33.47
C SER F 168 21.18 -27.59 -34.38
N SER F 169 20.41 -27.30 -35.43
CA SER F 169 20.74 -26.26 -36.40
C SER F 169 19.75 -25.11 -36.25
N ALA F 170 20.27 -23.89 -36.10
CA ALA F 170 19.44 -22.70 -36.02
C ALA F 170 19.15 -22.10 -37.39
N TRP F 171 19.23 -22.91 -38.44
CA TRP F 171 19.01 -22.40 -39.79
C TRP F 171 17.59 -21.85 -39.95
N SER F 172 17.49 -20.68 -40.58
CA SER F 172 16.19 -20.09 -40.88
C SER F 172 16.17 -19.56 -42.31
N PRO F 173 15.29 -20.08 -43.18
CA PRO F 173 15.22 -19.51 -44.53
C PRO F 173 14.88 -18.03 -44.55
N PHE F 174 14.08 -17.57 -43.60
CA PHE F 174 13.80 -16.14 -43.51
C PHE F 174 15.06 -15.38 -43.10
N ASP F 175 15.31 -14.25 -43.76
CA ASP F 175 16.39 -13.36 -43.38
C ASP F 175 15.83 -12.21 -42.54
N ASN F 176 16.66 -11.21 -42.27
CA ASN F 176 16.22 -10.10 -41.42
C ASN F 176 15.07 -9.33 -42.06
N LYS F 177 15.16 -9.09 -43.37
CA LYS F 177 14.15 -8.34 -44.09
C LYS F 177 13.28 -9.30 -44.90
N VAL F 178 11.97 -9.24 -44.68
CA VAL F 178 11.03 -10.04 -45.46
C VAL F 178 9.86 -9.16 -45.88
N VAL F 179 9.36 -9.39 -47.08
CA VAL F 179 8.22 -8.66 -47.61
C VAL F 179 7.13 -9.66 -47.94
N VAL F 180 5.93 -9.41 -47.44
CA VAL F 180 4.78 -10.30 -47.65
C VAL F 180 3.79 -9.56 -48.55
N TYR F 181 3.45 -10.20 -49.67
CA TYR F 181 2.51 -9.63 -50.63
C TYR F 181 1.35 -10.61 -50.80
N GLY F 182 0.34 -10.48 -49.93
CA GLY F 182 -0.88 -11.24 -50.07
C GLY F 182 -0.71 -12.71 -49.72
N HIS F 183 0.00 -13.45 -50.58
CA HIS F 183 0.18 -14.88 -50.37
C HIS F 183 1.64 -15.28 -50.51
N GLU F 184 2.40 -14.52 -51.28
CA GLU F 184 3.81 -14.82 -51.53
C GLU F 184 4.67 -13.96 -50.62
N VAL F 185 5.78 -14.54 -50.16
CA VAL F 185 6.72 -13.86 -49.28
C VAL F 185 8.04 -13.69 -50.01
N TYR F 186 8.53 -12.45 -50.07
CA TYR F 186 9.80 -12.14 -50.72
C TYR F 186 10.79 -11.66 -49.67
N ASN F 187 12.04 -12.09 -49.81
CA ASN F 187 13.10 -11.63 -48.90
C ASN F 187 13.78 -10.37 -49.43
N TYR F 188 12.95 -9.39 -49.74
CA TYR F 188 13.42 -8.11 -50.24
C TYR F 188 13.86 -7.22 -49.10
N ASP F 189 14.78 -6.30 -49.39
CA ASP F 189 15.34 -5.41 -48.37
C ASP F 189 14.67 -4.03 -48.48
N PHE F 190 13.51 -3.92 -47.87
CA PHE F 190 12.85 -2.62 -47.77
C PHE F 190 13.74 -1.68 -46.96
N PRO F 191 13.96 -0.44 -47.41
CA PRO F 191 15.00 0.40 -46.79
C PRO F 191 14.79 0.67 -45.31
N GLU F 192 13.71 1.37 -44.98
CA GLU F 192 13.35 1.72 -43.61
C GLU F 192 12.07 2.54 -43.69
N TYR F 193 11.46 2.80 -42.53
CA TYR F 193 10.29 3.66 -42.51
C TYR F 193 10.70 5.11 -42.79
N GLY F 194 9.86 5.81 -43.54
CA GLY F 194 10.07 7.23 -43.75
C GLY F 194 11.25 7.61 -44.61
N THR F 195 11.82 6.67 -45.35
CA THR F 195 12.99 6.95 -46.19
C THR F 195 12.81 6.50 -47.63
N GLY F 196 11.61 6.09 -48.02
CA GLY F 196 11.39 5.61 -49.37
C GLY F 196 11.65 6.67 -50.42
N LYS F 197 12.43 6.33 -51.44
CA LYS F 197 12.63 7.21 -52.58
C LYS F 197 11.51 7.04 -53.60
N ALA F 198 11.15 8.14 -54.26
CA ALA F 198 10.07 8.08 -55.24
C ALA F 198 10.39 7.08 -56.35
N GLY F 199 9.35 6.43 -56.88
CA GLY F 199 9.52 5.50 -57.98
C GLY F 199 10.01 4.12 -57.60
N SER F 200 10.91 4.02 -56.63
CA SER F 200 11.35 2.72 -56.13
C SER F 200 10.26 2.10 -55.26
N PHE F 201 10.57 0.96 -54.66
CA PHE F 201 9.63 0.32 -53.74
C PHE F 201 9.40 1.21 -52.52
N GLY F 202 8.19 1.18 -52.00
CA GLY F 202 7.86 1.99 -50.84
C GLY F 202 7.90 3.48 -51.12
N ASP F 203 7.36 3.92 -52.25
CA ASP F 203 7.25 5.35 -52.52
C ASP F 203 6.41 6.03 -51.45
N LEU F 204 5.31 5.41 -51.04
CA LEU F 204 4.57 5.83 -49.87
C LEU F 204 4.51 4.67 -48.88
N GLN F 205 4.70 4.97 -47.60
CA GLN F 205 4.71 3.96 -46.56
C GLN F 205 3.75 4.36 -45.46
N SER F 206 2.91 3.42 -45.04
CA SER F 206 1.95 3.65 -43.97
C SER F 206 2.18 2.63 -42.86
N ARG F 207 2.12 3.11 -41.62
CA ARG F 207 2.42 2.24 -40.49
C ARG F 207 1.45 1.06 -40.43
N THR F 208 0.15 1.33 -40.55
CA THR F 208 -0.86 0.28 -40.61
C THR F 208 -1.91 0.69 -41.63
N SER F 209 -2.76 -0.27 -41.99
CA SER F 209 -3.86 0.04 -42.90
C SER F 209 -4.79 1.10 -42.32
N THR F 210 -4.97 1.09 -41.00
CA THR F 210 -5.82 2.07 -40.34
C THR F 210 -5.06 3.32 -39.93
N SER F 211 -3.74 3.35 -40.09
CA SER F 211 -2.96 4.50 -39.68
C SER F 211 -3.33 5.72 -40.51
N ASN F 212 -3.79 6.78 -39.86
CA ASN F 212 -4.14 8.00 -40.58
C ASN F 212 -2.91 8.67 -41.17
N ASP F 213 -1.87 8.86 -40.37
CA ASP F 213 -0.65 9.49 -40.84
C ASP F 213 0.15 8.54 -41.71
N LEU F 214 0.91 9.09 -42.64
CA LEU F 214 1.71 8.28 -43.55
C LEU F 214 2.90 9.11 -44.04
N TYR F 215 3.65 8.54 -44.98
CA TYR F 215 4.82 9.19 -45.55
C TYR F 215 4.88 8.85 -47.02
N ALA F 216 4.83 9.87 -47.88
CA ALA F 216 4.72 9.67 -49.33
C ALA F 216 5.71 10.59 -50.03
N ASN F 217 6.91 10.08 -50.28
CA ASN F 217 7.88 10.79 -51.11
C ASN F 217 7.67 10.35 -52.55
N THR F 218 6.93 11.15 -53.31
CA THR F 218 6.55 10.80 -54.66
C THR F 218 7.07 11.78 -55.70
N ASN F 219 7.82 12.79 -55.28
CA ASN F 219 8.33 13.81 -56.19
C ASN F 219 7.19 14.44 -56.99
N LEU F 220 6.08 14.72 -56.32
CA LEU F 220 4.93 15.33 -56.97
C LEU F 220 5.24 16.73 -57.44
N LYS F 221 4.77 17.08 -58.64
CA LYS F 221 5.04 18.39 -59.22
C LYS F 221 3.83 18.90 -59.96
N LEU F 222 3.47 20.16 -59.73
CA LEU F 222 2.37 20.78 -60.45
C LEU F 222 2.89 21.50 -61.69
N GLN F 223 1.98 21.76 -62.63
CA GLN F 223 2.32 22.47 -63.86
C GLN F 223 1.21 23.45 -64.22
N ARG F 224 1.58 24.48 -64.97
CA ARG F 224 0.62 25.51 -65.34
C ARG F 224 -0.41 24.97 -66.31
N PRO F 225 -1.71 25.22 -66.09
CA PRO F 225 -2.70 24.91 -67.13
C PRO F 225 -2.40 25.70 -68.40
N GLN F 226 -2.66 25.09 -69.54
CA GLN F 226 -2.35 25.69 -70.83
C GLN F 226 -3.63 26.13 -71.54
N ALA F 227 -3.51 27.20 -72.32
CA ALA F 227 -4.61 27.70 -73.15
C ALA F 227 -5.85 28.02 -72.32
N GLY F 228 -5.64 28.35 -71.05
CA GLY F 228 -6.74 28.73 -70.17
C GLY F 228 -7.84 27.70 -70.06
N ILE F 229 -7.53 26.55 -69.46
CA ILE F 229 -8.53 25.51 -69.19
C ILE F 229 -8.40 25.12 -67.72
N VAL F 230 -9.53 25.11 -67.00
CA VAL F 230 -9.52 24.85 -65.57
C VAL F 230 -9.23 23.39 -65.28
N HIS F 231 -7.98 23.07 -64.93
CA HIS F 231 -7.61 21.76 -64.41
C HIS F 231 -6.32 21.91 -63.64
N THR F 232 -5.84 20.80 -63.10
CA THR F 232 -4.61 20.78 -62.27
C THR F 232 -3.65 19.75 -62.87
N PRO F 233 -2.98 20.10 -63.96
CA PRO F 233 -1.99 19.17 -64.53
C PRO F 233 -0.82 18.97 -63.59
N PHE F 234 -0.69 17.76 -63.07
CA PHE F 234 0.38 17.42 -62.14
C PHE F 234 1.22 16.30 -62.74
N THR F 235 2.54 16.45 -62.65
CA THR F 235 3.48 15.44 -63.12
C THR F 235 4.15 14.79 -61.91
N GLN F 236 4.25 13.47 -61.93
CA GLN F 236 4.81 12.74 -60.82
C GLN F 236 5.43 11.45 -61.31
N ALA F 237 6.30 10.88 -60.49
CA ALA F 237 6.85 9.56 -60.78
C ALA F 237 5.72 8.51 -60.77
N PRO F 238 5.78 7.51 -61.65
CA PRO F 238 4.78 6.44 -61.62
C PRO F 238 4.81 5.69 -60.30
N SER F 239 3.66 5.13 -59.92
CA SER F 239 3.53 4.49 -58.61
C SER F 239 4.63 3.47 -58.38
N GLY F 240 5.44 3.70 -57.34
CA GLY F 240 6.57 2.83 -57.06
C GLY F 240 6.16 1.43 -56.66
N PHE F 241 4.91 1.23 -56.25
CA PHE F 241 4.44 -0.13 -55.97
C PHE F 241 4.04 -0.87 -57.23
N GLU F 242 3.53 -0.17 -58.24
CA GLU F 242 3.29 -0.81 -59.53
C GLU F 242 4.60 -1.31 -60.12
N ARG F 243 5.64 -0.48 -60.05
CA ARG F 243 6.99 -0.99 -60.28
C ARG F 243 7.35 -1.99 -59.19
N TRP F 244 8.14 -2.99 -59.57
CA TRP F 244 8.55 -4.09 -58.70
C TRP F 244 7.39 -5.04 -58.45
N LYS F 245 6.18 -4.66 -58.84
CA LYS F 245 5.07 -5.60 -58.88
C LYS F 245 5.19 -6.51 -60.11
N ARG F 246 5.72 -5.98 -61.20
CA ARG F 246 6.07 -6.77 -62.36
C ARG F 246 7.54 -7.16 -62.38
N ASP F 247 8.33 -6.64 -61.45
CA ASP F 247 9.77 -6.87 -61.43
C ASP F 247 10.22 -7.57 -60.16
N LYS F 248 9.30 -8.09 -59.34
CA LYS F 248 9.70 -8.83 -58.15
C LYS F 248 10.39 -10.13 -58.54
N GLY F 249 11.41 -10.49 -57.76
CA GLY F 249 12.17 -11.70 -58.00
C GLY F 249 11.36 -12.94 -57.68
N ALA F 250 12.05 -14.08 -57.76
CA ALA F 250 11.42 -15.37 -57.45
C ALA F 250 10.98 -15.41 -55.98
N PRO F 251 9.78 -15.91 -55.67
CA PRO F 251 9.32 -15.94 -54.27
C PRO F 251 10.18 -16.81 -53.39
N LEU F 252 10.25 -16.45 -52.10
CA LEU F 252 10.97 -17.30 -51.15
C LEU F 252 10.38 -18.70 -51.09
N ASN F 253 9.13 -18.85 -51.50
CA ASN F 253 8.50 -20.17 -51.52
C ASN F 253 9.16 -21.11 -52.53
N ASP F 254 9.95 -20.58 -53.46
CA ASP F 254 10.59 -21.38 -54.50
C ASP F 254 12.11 -21.18 -54.56
N VAL F 255 12.72 -20.58 -53.55
CA VAL F 255 14.17 -20.43 -53.51
C VAL F 255 14.70 -20.90 -52.17
N ALA F 256 13.81 -21.15 -51.23
CA ALA F 256 14.24 -21.61 -49.92
C ALA F 256 14.80 -23.02 -50.03
N PRO F 257 16.03 -23.27 -49.57
CA PRO F 257 16.59 -24.63 -49.68
C PRO F 257 15.95 -25.60 -48.70
N PHE F 258 16.37 -26.87 -48.74
CA PHE F 258 15.84 -27.92 -47.86
C PHE F 258 14.36 -28.15 -48.06
N GLY F 259 13.80 -27.71 -49.18
CA GLY F 259 12.40 -27.95 -49.47
C GLY F 259 11.44 -27.37 -48.45
N CYS F 260 11.67 -26.13 -48.02
CA CYS F 260 10.78 -25.49 -47.07
C CYS F 260 9.44 -25.15 -47.72
N SER F 261 8.47 -24.77 -46.89
CA SER F 261 7.17 -24.35 -47.39
C SER F 261 6.62 -23.26 -46.48
N ILE F 262 5.98 -22.26 -47.09
CA ILE F 262 5.47 -21.10 -46.38
C ILE F 262 4.01 -20.88 -46.78
N ALA F 263 3.27 -20.21 -45.92
CA ALA F 263 1.84 -20.03 -46.16
C ALA F 263 1.34 -18.76 -45.46
N LEU F 264 0.07 -18.44 -45.74
CA LEU F 264 -0.61 -17.30 -45.09
C LEU F 264 -0.85 -17.67 -43.64
N GLU F 265 0.03 -17.24 -42.77
CA GLU F 265 0.15 -17.81 -41.43
C GLU F 265 1.01 -16.89 -40.56
N PRO F 266 1.32 -17.28 -39.32
CA PRO F 266 2.34 -16.54 -38.55
C PRO F 266 3.73 -16.56 -39.21
N LEU F 267 3.79 -17.03 -40.46
CA LEU F 267 5.02 -17.10 -41.27
C LEU F 267 5.89 -18.27 -40.84
N ARG F 268 5.26 -19.38 -40.50
CA ARG F 268 6.00 -20.60 -40.27
C ARG F 268 6.73 -21.04 -41.53
N ALA F 269 7.69 -21.95 -41.37
CA ALA F 269 8.43 -22.55 -42.49
C ALA F 269 8.28 -24.05 -42.37
N GLU F 270 7.22 -24.59 -42.97
CA GLU F 270 6.87 -25.99 -42.74
C GLU F 270 7.85 -26.94 -43.41
N ASN F 271 8.15 -28.04 -42.72
CA ASN F 271 8.88 -29.18 -43.29
C ASN F 271 10.25 -28.79 -43.83
N CYS F 272 10.95 -27.89 -43.15
CA CYS F 272 12.33 -27.60 -43.52
C CYS F 272 13.22 -28.73 -43.02
N ALA F 273 13.39 -29.75 -43.87
CA ALA F 273 14.15 -30.95 -43.46
C ALA F 273 15.63 -30.59 -43.40
N VAL F 274 16.14 -30.38 -42.19
CA VAL F 274 17.55 -30.07 -41.99
C VAL F 274 17.91 -30.35 -40.54
N GLY F 275 19.09 -30.94 -40.33
CA GLY F 275 19.59 -31.17 -38.99
C GLY F 275 18.98 -32.38 -38.32
N SER F 276 19.26 -32.50 -37.01
CA SER F 276 18.78 -33.61 -36.20
C SER F 276 18.20 -33.06 -34.90
N ILE F 277 17.37 -33.88 -34.25
CA ILE F 277 16.65 -33.48 -33.05
C ILE F 277 17.06 -34.39 -31.90
N PRO F 278 17.54 -33.85 -30.77
CA PRO F 278 17.85 -34.70 -29.61
C PRO F 278 16.61 -35.07 -28.80
N ILE F 279 15.90 -36.11 -29.28
CA ILE F 279 14.68 -36.58 -28.62
C ILE F 279 15.04 -37.42 -27.39
N SER F 280 14.42 -37.11 -26.25
CA SER F 280 14.49 -37.94 -25.06
C SER F 280 13.07 -38.21 -24.57
N ILE F 281 12.73 -39.49 -24.40
CA ILE F 281 11.37 -39.90 -24.08
C ILE F 281 11.37 -40.83 -22.87
N ASP F 282 10.43 -40.59 -21.94
CA ASP F 282 10.22 -41.45 -20.77
C ASP F 282 8.92 -42.20 -20.99
N ILE F 283 9.01 -43.49 -21.31
CA ILE F 283 7.82 -44.29 -21.55
C ILE F 283 7.14 -44.66 -20.24
N PRO F 284 5.84 -44.96 -20.24
CA PRO F 284 5.19 -45.46 -19.03
C PRO F 284 5.71 -46.83 -18.64
N ASP F 285 5.78 -47.06 -17.33
CA ASP F 285 6.24 -48.36 -16.84
C ASP F 285 5.18 -49.44 -16.96
N ALA F 286 3.90 -49.07 -17.10
CA ALA F 286 2.84 -50.07 -17.16
C ALA F 286 2.95 -50.93 -18.40
N ALA F 287 3.33 -50.34 -19.53
CA ALA F 287 3.37 -51.06 -20.80
C ALA F 287 4.47 -52.12 -20.85
N PHE F 288 5.45 -52.05 -19.96
CA PHE F 288 6.50 -53.08 -19.89
C PHE F 288 5.93 -54.43 -19.41
N THR F 289 6.53 -55.51 -19.89
CA THR F 289 6.16 -56.89 -19.56
C THR F 289 7.41 -57.65 -19.14
N ARG F 290 7.28 -58.53 -18.13
CA ARG F 290 8.46 -59.18 -17.55
C ARG F 290 9.21 -60.01 -18.60
N ILE F 291 10.55 -59.93 -18.57
CA ILE F 291 11.37 -60.67 -19.53
C ILE F 291 11.13 -62.17 -19.43
N SER F 292 10.86 -62.67 -18.23
CA SER F 292 10.69 -64.11 -18.02
C SER F 292 9.41 -64.65 -18.64
N GLU F 293 8.47 -63.80 -19.04
CA GLU F 293 7.21 -64.25 -19.61
C GLU F 293 7.26 -64.38 -21.13
N THR F 294 8.01 -63.52 -21.80
CA THR F 294 8.12 -63.58 -23.25
C THR F 294 8.84 -64.85 -23.69
N PRO F 295 8.48 -65.40 -24.85
CA PRO F 295 9.14 -66.63 -25.33
C PRO F 295 10.60 -66.40 -25.69
N THR F 296 11.36 -67.49 -25.63
CA THR F 296 12.76 -67.48 -26.08
C THR F 296 12.81 -67.93 -27.54
N VAL F 297 13.52 -67.16 -28.36
CA VAL F 297 13.52 -67.39 -29.80
C VAL F 297 14.93 -67.69 -30.29
N SER F 298 15.72 -68.36 -29.46
CA SER F 298 17.10 -68.69 -29.82
C SER F 298 17.12 -69.68 -30.97
N ASP F 299 18.33 -69.99 -31.44
CA ASP F 299 18.55 -70.97 -32.52
C ASP F 299 17.77 -70.59 -33.78
N LEU F 300 17.82 -69.31 -34.13
CA LEU F 300 17.14 -68.81 -35.31
C LEU F 300 18.11 -68.71 -36.47
N GLU F 301 17.57 -68.44 -37.67
CA GLU F 301 18.40 -68.31 -38.86
C GLU F 301 17.76 -67.30 -39.80
N CYS F 302 18.60 -66.49 -40.44
CA CYS F 302 18.16 -65.46 -41.36
C CYS F 302 18.80 -65.64 -42.73
N LYS F 303 18.00 -65.47 -43.79
CA LYS F 303 18.52 -65.49 -45.15
C LYS F 303 17.57 -64.71 -46.05
N ILE F 304 18.13 -63.88 -46.95
CA ILE F 304 17.32 -63.04 -47.83
C ILE F 304 16.76 -63.86 -48.99
N THR F 305 15.66 -63.38 -49.58
CA THR F 305 15.14 -63.91 -50.84
C THR F 305 15.60 -63.08 -52.02
N GLU F 306 15.28 -61.78 -52.02
CA GLU F 306 15.81 -60.81 -52.97
C GLU F 306 15.95 -59.46 -52.29
N CYS F 307 16.93 -58.69 -52.73
CA CYS F 307 17.16 -57.32 -52.26
C CYS F 307 17.43 -56.43 -53.45
N THR F 308 16.84 -55.22 -53.49
CA THR F 308 17.22 -54.26 -54.51
C THR F 308 17.76 -52.98 -53.89
N TYR F 309 18.77 -52.44 -54.57
CA TYR F 309 19.57 -51.28 -54.20
C TYR F 309 18.76 -50.01 -54.47
N ALA F 310 17.60 -49.88 -53.81
CA ALA F 310 16.53 -48.99 -54.23
C ALA F 310 15.96 -48.16 -53.08
N SER F 311 15.35 -47.01 -53.44
CA SER F 311 14.73 -46.10 -52.49
C SER F 311 13.48 -46.68 -51.82
N ASP F 312 12.87 -47.66 -52.46
CA ASP F 312 11.63 -48.33 -52.05
C ASP F 312 11.92 -49.47 -51.06
N PHE F 313 10.86 -50.11 -50.55
CA PHE F 313 11.02 -51.37 -49.81
C PHE F 313 11.38 -52.52 -50.77
N GLY F 314 12.59 -52.44 -51.32
CA GLY F 314 13.07 -53.40 -52.30
C GLY F 314 13.59 -54.72 -51.75
N GLY F 315 13.54 -54.91 -50.42
CA GLY F 315 14.11 -56.09 -49.78
C GLY F 315 13.03 -57.02 -49.24
N ILE F 316 13.14 -58.31 -49.61
CA ILE F 316 12.30 -59.36 -49.04
C ILE F 316 13.19 -60.45 -48.46
N ALA F 317 12.94 -60.80 -47.19
CA ALA F 317 13.77 -61.75 -46.48
C ALA F 317 12.93 -62.62 -45.56
N THR F 318 13.45 -63.81 -45.26
CA THR F 318 12.74 -64.81 -44.45
C THR F 318 13.64 -65.23 -43.29
N VAL F 319 13.02 -65.48 -42.13
CA VAL F 319 13.73 -65.84 -40.92
C VAL F 319 13.19 -67.17 -40.42
N ALA F 320 14.11 -68.07 -40.06
CA ALA F 320 13.74 -69.38 -39.53
C ALA F 320 13.64 -69.26 -38.01
N TYR F 321 12.46 -68.87 -37.53
CA TYR F 321 12.28 -68.69 -36.09
C TYR F 321 12.22 -70.03 -35.36
N LYS F 322 12.81 -70.06 -34.16
CA LYS F 322 12.77 -71.22 -33.27
C LYS F 322 12.36 -70.70 -31.89
N SER F 323 11.06 -70.58 -31.66
CA SER F 323 10.54 -69.99 -30.45
C SER F 323 10.21 -71.08 -29.42
N SER F 324 9.82 -70.64 -28.22
CA SER F 324 9.37 -71.54 -27.17
C SER F 324 7.88 -71.42 -26.93
N LYS F 325 7.38 -70.22 -26.63
CA LYS F 325 5.96 -69.96 -26.54
C LYS F 325 5.47 -69.39 -27.87
N ALA F 326 4.23 -68.93 -27.91
CA ALA F 326 3.65 -68.32 -29.10
C ALA F 326 3.10 -66.96 -28.75
N GLY F 327 3.39 -65.97 -29.59
CA GLY F 327 2.89 -64.63 -29.37
C GLY F 327 3.60 -63.61 -30.25
N ASN F 328 3.22 -62.36 -30.06
CA ASN F 328 3.83 -61.24 -30.77
C ASN F 328 5.20 -60.90 -30.18
N CYS F 329 6.10 -60.43 -31.05
CA CYS F 329 7.38 -59.88 -30.61
C CYS F 329 7.90 -58.82 -31.59
N PRO F 330 8.29 -57.63 -31.13
CA PRO F 330 8.77 -56.60 -32.06
C PRO F 330 10.17 -56.92 -32.58
N ILE F 331 10.46 -56.43 -33.79
CA ILE F 331 11.73 -56.67 -34.45
C ILE F 331 12.34 -55.34 -34.92
N HIS F 332 13.68 -55.29 -34.95
CA HIS F 332 14.40 -54.07 -35.32
C HIS F 332 15.84 -54.41 -35.64
N SER F 333 16.43 -53.64 -36.56
CA SER F 333 17.86 -53.74 -36.82
C SER F 333 18.56 -52.53 -36.23
N PRO F 334 19.39 -52.67 -35.19
CA PRO F 334 20.07 -51.49 -34.64
C PRO F 334 20.99 -50.79 -35.63
N SER F 335 21.62 -51.54 -36.52
CA SER F 335 22.47 -50.93 -37.54
C SER F 335 21.63 -50.10 -38.51
N GLY F 336 22.21 -49.00 -38.98
CA GLY F 336 21.53 -48.13 -39.91
C GLY F 336 21.58 -48.57 -41.35
N VAL F 337 22.11 -49.76 -41.63
CA VAL F 337 22.24 -50.22 -43.01
C VAL F 337 20.87 -50.39 -43.65
N ALA F 338 19.92 -50.98 -42.93
CA ALA F 338 18.61 -51.28 -43.47
C ALA F 338 17.51 -50.85 -42.51
N VAL F 339 16.32 -50.60 -43.05
CA VAL F 339 15.13 -50.28 -42.28
C VAL F 339 14.07 -51.35 -42.53
N ILE F 340 13.33 -51.70 -41.48
CA ILE F 340 12.36 -52.80 -41.50
C ILE F 340 10.95 -52.21 -41.59
N LYS F 341 10.16 -52.69 -42.55
CA LYS F 341 8.79 -52.21 -42.70
C LYS F 341 7.88 -52.71 -41.58
N GLU F 342 8.07 -53.96 -41.16
CA GLU F 342 7.25 -54.59 -40.13
C GLU F 342 7.59 -54.04 -38.74
N ASN F 343 6.57 -53.96 -37.86
CA ASN F 343 6.76 -53.49 -36.49
C ASN F 343 6.79 -54.62 -35.48
N ASP F 344 5.89 -55.59 -35.61
CA ASP F 344 5.83 -56.76 -34.75
C ASP F 344 5.32 -57.93 -35.60
N VAL F 345 5.76 -59.14 -35.23
CA VAL F 345 5.41 -60.36 -35.95
C VAL F 345 4.91 -61.41 -34.96
N THR F 346 3.75 -62.01 -35.24
CA THR F 346 3.27 -63.14 -34.44
C THR F 346 4.10 -64.38 -34.74
N LEU F 347 4.58 -65.05 -33.69
CA LEU F 347 5.37 -66.28 -33.82
C LEU F 347 4.58 -67.49 -33.35
N ALA F 348 4.47 -68.50 -34.21
CA ALA F 348 4.08 -69.85 -33.82
C ALA F 348 5.27 -70.57 -33.18
N GLU F 349 5.04 -71.81 -32.74
CA GLU F 349 6.09 -72.62 -32.11
C GLU F 349 7.14 -72.97 -33.17
N SER F 350 8.24 -72.24 -33.16
CA SER F 350 9.31 -72.41 -34.15
C SER F 350 8.79 -72.25 -35.58
N GLY F 351 8.25 -71.05 -35.85
CA GLY F 351 7.68 -70.73 -37.14
C GLY F 351 8.71 -70.15 -38.10
N SER F 352 8.20 -69.67 -39.23
CA SER F 352 9.05 -69.03 -40.24
C SER F 352 8.24 -67.94 -40.94
N PHE F 353 8.70 -66.70 -40.82
CA PHE F 353 7.96 -65.54 -41.34
C PHE F 353 8.88 -64.62 -42.12
N THR F 354 8.26 -63.90 -43.05
CA THR F 354 8.87 -62.94 -43.96
C THR F 354 8.94 -61.56 -43.31
N PHE F 355 9.90 -60.75 -43.74
CA PHE F 355 9.83 -59.32 -43.49
C PHE F 355 10.24 -58.55 -44.73
N HIS F 356 9.72 -57.34 -44.86
CA HIS F 356 10.10 -56.41 -45.92
C HIS F 356 11.12 -55.44 -45.35
N PHE F 357 12.03 -54.97 -46.21
CA PHE F 357 13.05 -54.02 -45.76
C PHE F 357 13.53 -53.18 -46.95
N SER F 358 14.36 -52.19 -46.65
CA SER F 358 15.04 -51.40 -47.67
C SER F 358 16.47 -51.11 -47.22
N THR F 359 17.38 -50.99 -48.19
CA THR F 359 18.76 -50.61 -47.87
C THR F 359 19.42 -49.94 -49.06
N ALA F 360 20.35 -49.03 -48.75
CA ALA F 360 21.18 -48.37 -49.74
C ALA F 360 22.50 -49.09 -50.00
N ASN F 361 22.74 -50.24 -49.37
CA ASN F 361 24.03 -50.93 -49.46
C ASN F 361 23.89 -52.20 -50.29
N ILE F 362 24.87 -52.43 -51.17
CA ILE F 362 24.80 -53.58 -52.08
C ILE F 362 24.85 -54.88 -51.31
N HIS F 363 25.67 -54.94 -50.26
CA HIS F 363 25.81 -56.14 -49.42
C HIS F 363 25.45 -55.78 -47.99
N PRO F 364 24.19 -55.96 -47.59
CA PRO F 364 23.78 -55.55 -46.23
C PRO F 364 24.24 -56.53 -45.17
N ALA F 365 25.23 -56.11 -44.38
CA ALA F 365 25.71 -56.91 -43.25
C ALA F 365 25.18 -56.26 -41.97
N PHE F 366 23.95 -56.58 -41.63
CA PHE F 366 23.24 -55.92 -40.55
C PHE F 366 22.72 -56.92 -39.53
N LYS F 367 22.88 -56.60 -38.25
CA LYS F 367 22.29 -57.43 -37.21
C LYS F 367 20.78 -57.24 -37.20
N LEU F 368 20.08 -58.26 -36.71
CA LEU F 368 18.63 -58.19 -36.55
C LEU F 368 18.31 -58.63 -35.14
N GLN F 369 17.65 -57.75 -34.38
CA GLN F 369 17.32 -58.02 -32.98
C GLN F 369 15.86 -58.41 -32.89
N VAL F 370 15.58 -59.61 -32.35
CA VAL F 370 14.22 -60.14 -32.27
C VAL F 370 14.01 -60.67 -30.84
N CYS F 371 13.36 -59.88 -29.99
CA CYS F 371 13.13 -60.24 -28.59
C CYS F 371 14.38 -60.88 -27.96
N THR F 372 15.45 -60.08 -27.89
CA THR F 372 16.73 -60.48 -27.30
C THR F 372 17.36 -61.67 -28.02
N SER F 373 17.51 -61.56 -29.34
CA SER F 373 18.16 -62.60 -30.13
C SER F 373 18.78 -61.95 -31.36
N ALA F 374 20.11 -61.98 -31.45
CA ALA F 374 20.82 -61.34 -32.55
C ALA F 374 21.06 -62.32 -33.69
N VAL F 375 21.03 -61.80 -34.92
CA VAL F 375 21.29 -62.61 -36.10
C VAL F 375 21.67 -61.68 -37.24
N THR F 376 22.63 -62.10 -38.05
CA THR F 376 23.14 -61.29 -39.16
C THR F 376 22.57 -61.83 -40.48
N CYS F 377 21.89 -60.96 -41.22
CA CYS F 377 21.32 -61.34 -42.52
C CYS F 377 22.26 -60.88 -43.63
N LYS F 378 23.39 -61.56 -43.72
CA LYS F 378 24.35 -61.26 -44.78
C LYS F 378 23.78 -61.65 -46.14
N GLY F 379 24.00 -60.80 -47.12
CA GLY F 379 23.48 -61.09 -48.45
C GLY F 379 23.92 -60.05 -49.46
N ASP F 380 23.30 -60.11 -50.64
CA ASP F 380 23.61 -59.21 -51.75
C ASP F 380 22.33 -58.58 -52.27
N CYS F 381 22.48 -57.44 -52.94
CA CYS F 381 21.36 -56.68 -53.46
C CYS F 381 21.51 -56.48 -54.96
N LYS F 382 20.46 -55.97 -55.61
CA LYS F 382 20.37 -55.91 -57.06
C LYS F 382 20.01 -54.50 -57.53
N PRO F 383 20.61 -53.98 -58.59
CA PRO F 383 20.33 -52.58 -58.99
C PRO F 383 18.91 -52.41 -59.52
N PRO F 384 18.21 -51.32 -59.13
CA PRO F 384 16.88 -51.03 -59.71
C PRO F 384 16.99 -50.54 -61.15
N LYS F 385 15.86 -50.29 -61.79
CA LYS F 385 15.83 -49.87 -63.19
C LYS F 385 15.09 -48.58 -63.45
N ASP F 386 14.17 -48.19 -62.58
CA ASP F 386 13.34 -47.00 -62.80
C ASP F 386 13.93 -45.83 -62.03
N HIS F 387 13.73 -44.63 -62.56
CA HIS F 387 14.27 -43.42 -61.95
C HIS F 387 13.18 -42.47 -61.45
N ILE F 388 11.93 -42.93 -61.39
CA ILE F 388 10.78 -42.08 -61.06
C ILE F 388 9.96 -42.74 -59.95
N VAL F 389 10.13 -42.27 -58.71
CA VAL F 389 9.17 -42.40 -57.62
C VAL F 389 9.24 -41.13 -56.78
N ASP F 390 8.41 -41.05 -55.73
CA ASP F 390 8.57 -40.08 -54.66
C ASP F 390 9.92 -40.28 -53.94
N TYR F 391 10.31 -39.30 -53.12
CA TYR F 391 11.55 -39.40 -52.33
C TYR F 391 11.52 -40.67 -51.45
N PRO F 392 12.68 -41.18 -51.03
CA PRO F 392 12.76 -42.57 -50.50
C PRO F 392 11.97 -42.82 -49.22
N ALA F 393 11.77 -44.11 -48.94
CA ALA F 393 11.18 -44.60 -47.69
C ALA F 393 12.24 -45.22 -46.79
N GLN F 394 13.51 -44.83 -47.00
CA GLN F 394 14.64 -45.39 -46.27
C GLN F 394 15.77 -44.38 -46.05
N HIS F 395 16.24 -43.79 -47.15
CA HIS F 395 17.11 -42.59 -47.20
C HIS F 395 18.10 -42.50 -46.04
N THR F 396 18.94 -43.53 -45.88
CA THR F 396 20.04 -43.50 -44.90
C THR F 396 21.35 -43.93 -45.55
N GLU F 397 21.64 -43.35 -46.70
CA GLU F 397 22.78 -43.80 -47.50
C GLU F 397 24.09 -43.57 -46.76
N SER F 398 25.00 -44.53 -46.90
CA SER F 398 26.36 -44.42 -46.35
C SER F 398 27.32 -45.02 -47.38
N PHE F 399 28.56 -45.24 -46.97
CA PHE F 399 29.54 -45.83 -47.88
C PHE F 399 29.14 -47.25 -48.25
N THR F 400 29.30 -47.58 -49.53
CA THR F 400 28.93 -48.91 -50.02
C THR F 400 29.91 -49.38 -51.08
N ASP G 1 -13.54 22.12 43.57
CA ASP G 1 -14.24 20.85 43.26
C ASP G 1 -14.33 20.64 41.73
N LEU G 2 -15.24 19.77 41.28
CA LEU G 2 -15.37 19.54 39.84
C LEU G 2 -15.67 20.83 39.08
N ASP G 3 -16.54 21.68 39.62
CA ASP G 3 -17.00 22.90 38.91
C ASP G 3 -15.98 24.03 38.92
N THR G 4 -14.77 23.82 39.44
CA THR G 4 -13.74 24.85 39.47
C THR G 4 -12.86 24.81 38.22
N HIS G 5 -13.43 24.42 37.07
CA HIS G 5 -12.72 24.33 35.80
C HIS G 5 -13.54 24.95 34.68
N PHE G 6 -14.23 26.05 35.00
CA PHE G 6 -15.15 26.70 34.07
C PHE G 6 -14.48 27.12 32.76
N THR G 7 -13.18 27.42 32.75
CA THR G 7 -12.55 27.93 31.52
C THR G 7 -12.69 26.94 30.38
N GLN G 8 -12.41 25.67 30.62
CA GLN G 8 -12.61 24.65 29.60
C GLN G 8 -14.04 24.14 29.58
N TYR G 9 -14.68 24.10 30.74
CA TYR G 9 -16.03 23.54 30.87
C TYR G 9 -17.08 24.39 30.17
N LYS G 10 -17.05 25.71 30.34
CA LYS G 10 -18.06 26.61 29.76
C LYS G 10 -17.71 27.02 28.33
N LEU G 11 -16.46 27.42 28.10
CA LEU G 11 -16.15 28.13 26.86
C LEU G 11 -15.86 27.22 25.69
N ALA G 12 -15.37 26.01 25.94
CA ALA G 12 -14.95 25.13 24.85
C ALA G 12 -16.17 24.63 24.07
N ARG G 13 -15.92 24.25 22.82
CA ARG G 13 -16.97 23.69 21.94
C ARG G 13 -16.46 22.42 21.27
N PRO G 14 -17.23 21.33 21.27
CA PRO G 14 -16.81 20.13 20.51
C PRO G 14 -16.71 20.45 19.03
N TYR G 15 -15.51 20.31 18.48
CA TYR G 15 -15.31 20.56 17.06
C TYR G 15 -15.22 19.23 16.30
N ILE G 16 -15.33 19.33 14.98
CA ILE G 16 -15.31 18.16 14.11
C ILE G 16 -14.24 18.37 13.05
N ALA G 17 -13.42 17.35 12.84
CA ALA G 17 -12.29 17.44 11.91
C ALA G 17 -12.26 16.19 11.03
N ASP G 18 -11.15 15.96 10.33
CA ASP G 18 -11.09 14.94 9.28
C ASP G 18 -10.34 13.71 9.82
N CYS G 19 -11.07 12.79 10.44
CA CYS G 19 -10.47 11.53 10.88
C CYS G 19 -9.89 10.77 9.70
N PRO G 20 -8.68 10.23 9.80
CA PRO G 20 -8.08 9.55 8.63
C PRO G 20 -8.74 8.23 8.29
N ASN G 21 -9.25 7.49 9.26
CA ASN G 21 -9.76 6.14 9.02
C ASN G 21 -11.13 5.99 9.67
N CYS G 22 -12.02 6.93 9.36
CA CYS G 22 -13.35 6.96 9.95
C CYS G 22 -14.18 5.82 9.38
N GLY G 23 -14.07 4.64 9.99
CA GLY G 23 -14.88 3.49 9.62
C GLY G 23 -14.38 2.76 8.40
N HIS G 24 -14.66 3.32 7.21
CA HIS G 24 -14.21 2.74 5.95
C HIS G 24 -13.17 3.61 5.27
N SER G 25 -13.41 4.91 5.19
CA SER G 25 -12.46 5.86 4.62
C SER G 25 -12.40 7.08 5.54
N ARG G 26 -11.80 8.16 5.07
CA ARG G 26 -11.65 9.36 5.89
C ARG G 26 -12.88 10.23 5.77
N CYS G 27 -13.79 10.10 6.73
CA CYS G 27 -14.96 10.97 6.82
C CYS G 27 -14.60 12.18 7.70
N ASP G 28 -15.61 12.95 8.09
CA ASP G 28 -15.46 14.01 9.06
C ASP G 28 -16.15 13.55 10.34
N SER G 29 -15.37 12.90 11.25
CA SER G 29 -15.97 12.37 12.47
C SER G 29 -15.97 13.43 13.58
N PRO G 30 -16.98 13.43 14.47
CA PRO G 30 -16.94 14.33 15.63
C PRO G 30 -15.91 13.94 16.66
N ILE G 31 -15.29 12.76 16.53
CA ILE G 31 -14.29 12.30 17.47
C ILE G 31 -12.94 12.17 16.74
N ALA G 32 -12.64 13.13 15.87
CA ALA G 32 -11.36 13.12 15.17
C ALA G 32 -10.21 13.16 16.16
N ILE G 33 -9.38 12.12 16.15
CA ILE G 33 -8.31 11.97 17.13
C ILE G 33 -7.16 12.89 16.79
N GLU G 34 -6.51 13.44 17.83
CA GLU G 34 -5.37 14.32 17.64
C GLU G 34 -4.41 14.18 18.82
N GLU G 35 -3.12 14.20 18.51
CA GLU G 35 -2.06 14.26 19.52
C GLU G 35 -2.17 13.09 20.51
N VAL G 36 -1.95 11.89 19.98
CA VAL G 36 -1.83 10.72 20.83
C VAL G 36 -0.46 10.76 21.50
N ARG G 37 -0.45 10.69 22.83
CA ARG G 37 0.78 10.86 23.60
C ARG G 37 1.01 9.61 24.45
N GLY G 38 1.57 8.59 23.83
CA GLY G 38 1.91 7.37 24.56
C GLY G 38 3.35 7.36 25.04
N ASP G 39 3.73 8.37 25.82
CA ASP G 39 5.12 8.53 26.26
C ASP G 39 5.32 8.13 27.72
N ALA G 40 4.33 7.51 28.35
CA ALA G 40 4.45 7.09 29.74
C ALA G 40 5.21 5.76 29.81
N HIS G 41 5.24 5.16 31.00
CA HIS G 41 5.96 3.90 31.19
C HIS G 41 5.02 2.71 31.34
N ALA G 42 4.10 2.75 32.28
CA ALA G 42 3.29 1.58 32.61
C ALA G 42 2.21 1.30 31.58
N GLY G 43 2.13 2.07 30.51
CA GLY G 43 1.16 1.83 29.47
C GLY G 43 -0.11 2.62 29.56
N VAL G 44 -0.05 3.84 30.08
CA VAL G 44 -1.21 4.73 30.17
C VAL G 44 -1.10 5.75 29.05
N ILE G 45 -2.21 5.95 28.34
CA ILE G 45 -2.23 6.75 27.11
C ILE G 45 -3.14 7.96 27.33
N ARG G 46 -2.69 9.11 26.86
CA ARG G 46 -3.50 10.33 26.88
C ARG G 46 -3.88 10.65 25.45
N ILE G 47 -5.19 10.76 25.18
CA ILE G 47 -5.71 11.00 23.85
C ILE G 47 -6.50 12.29 23.85
N GLN G 48 -6.19 13.17 22.90
CA GLN G 48 -6.90 14.45 22.76
C GLN G 48 -7.89 14.30 21.61
N THR G 49 -9.10 13.87 21.91
CA THR G 49 -10.13 13.72 20.89
C THR G 49 -10.73 15.09 20.52
N SER G 50 -11.54 15.08 19.46
CA SER G 50 -12.27 16.27 19.04
C SER G 50 -13.60 16.44 19.76
N ALA G 51 -14.11 15.39 20.41
CA ALA G 51 -15.32 15.51 21.21
C ALA G 51 -14.98 16.08 22.57
N MET G 52 -15.99 16.65 23.25
CA MET G 52 -15.77 17.20 24.59
C MET G 52 -16.48 16.33 25.63
N PHE G 53 -15.71 15.53 26.36
CA PHE G 53 -16.26 14.60 27.34
C PHE G 53 -16.59 15.29 28.68
N GLY G 54 -17.45 14.62 29.44
CA GLY G 54 -17.79 15.04 30.79
C GLY G 54 -18.97 15.98 30.89
N LEU G 55 -18.89 17.16 30.28
CA LEU G 55 -19.85 18.23 30.58
C LEU G 55 -21.04 18.20 29.63
N LYS G 56 -22.20 17.93 30.21
CA LYS G 56 -23.52 18.26 29.65
C LYS G 56 -23.59 19.73 29.24
N THR G 57 -24.47 20.07 28.29
CA THR G 57 -24.65 21.48 27.87
C THR G 57 -25.03 22.39 29.04
N ASP G 58 -25.59 21.82 30.10
CA ASP G 58 -26.25 22.57 31.16
C ASP G 58 -25.28 22.88 32.29
N GLY G 59 -24.16 23.54 31.95
CA GLY G 59 -23.11 23.82 32.92
C GLY G 59 -22.04 22.73 32.98
N VAL G 60 -22.21 21.76 33.89
CA VAL G 60 -21.21 20.72 34.13
C VAL G 60 -21.89 19.38 34.45
N ASP G 61 -21.15 18.29 34.24
CA ASP G 61 -21.52 16.93 34.66
C ASP G 61 -20.25 16.08 34.60
N LEU G 62 -20.40 14.76 34.75
CA LEU G 62 -19.34 13.82 34.37
C LEU G 62 -19.86 12.56 33.69
N ALA G 63 -21.07 12.11 33.99
CA ALA G 63 -21.69 10.95 33.34
C ALA G 63 -22.21 11.26 31.89
N TYR G 64 -21.85 12.42 31.33
CA TYR G 64 -22.36 12.87 30.04
C TYR G 64 -21.19 13.23 29.11
N MET G 65 -21.52 13.36 27.83
CA MET G 65 -20.58 13.68 26.76
C MET G 65 -21.18 14.70 25.83
N SER G 66 -20.36 15.61 25.34
CA SER G 66 -20.82 16.59 24.37
C SER G 66 -20.04 16.38 23.08
N PHE G 67 -20.75 15.95 22.05
CA PHE G 67 -20.19 15.82 20.71
C PHE G 67 -21.09 16.56 19.75
N MET G 68 -20.51 17.05 18.65
CA MET G 68 -21.21 17.93 17.73
C MET G 68 -21.69 17.17 16.49
N ASN G 69 -23.00 16.95 16.41
CA ASN G 69 -23.64 16.45 15.20
C ASN G 69 -24.38 17.60 14.52
N GLY G 70 -24.03 17.89 13.26
CA GLY G 70 -24.64 19.03 12.63
C GLY G 70 -24.11 20.34 13.19
N LYS G 71 -24.97 21.35 13.18
CA LYS G 71 -24.64 22.67 13.72
C LYS G 71 -24.87 22.78 15.22
N THR G 72 -25.36 21.72 15.88
CA THR G 72 -25.72 21.76 17.28
C THR G 72 -25.00 20.67 18.07
N GLN G 73 -24.78 20.93 19.36
CA GLN G 73 -24.06 20.00 20.26
C GLN G 73 -25.04 19.00 20.87
N LYS G 74 -25.28 17.88 20.18
CA LYS G 74 -26.23 16.87 20.63
C LYS G 74 -25.68 16.02 21.78
N SER G 75 -25.55 16.61 22.98
CA SER G 75 -24.98 15.92 24.14
C SER G 75 -25.82 14.73 24.61
N ILE G 76 -25.15 13.66 25.11
CA ILE G 76 -25.79 12.42 25.56
C ILE G 76 -25.05 11.84 26.77
N LYS G 77 -25.66 10.85 27.43
CA LYS G 77 -24.95 10.05 28.43
C LYS G 77 -23.83 9.23 27.78
N ILE G 78 -22.61 9.36 28.29
CA ILE G 78 -21.52 8.48 27.86
C ILE G 78 -21.75 7.09 28.42
N ASP G 79 -21.73 6.09 27.53
CA ASP G 79 -22.34 4.80 27.83
C ASP G 79 -21.52 3.57 27.40
N ASN G 80 -20.86 3.65 26.24
CA ASN G 80 -20.15 2.49 25.68
C ASN G 80 -18.87 2.93 24.96
N LEU G 81 -18.25 4.01 25.43
CA LEU G 81 -17.04 4.60 24.86
C LEU G 81 -15.89 3.60 24.77
N HIS G 82 -15.52 3.19 23.56
CA HIS G 82 -14.42 2.25 23.35
C HIS G 82 -13.09 3.03 23.23
N VAL G 83 -12.00 2.40 23.65
CA VAL G 83 -10.64 2.91 23.41
C VAL G 83 -9.84 1.68 23.02
N ARG G 84 -9.54 1.50 21.73
CA ARG G 84 -9.02 0.23 21.26
C ARG G 84 -7.56 0.31 20.83
N THR G 85 -6.91 -0.84 20.93
CA THR G 85 -5.55 -1.05 20.43
C THR G 85 -5.53 -2.44 19.82
N SER G 86 -4.33 -3.01 19.64
CA SER G 86 -4.22 -4.41 19.23
C SER G 86 -5.19 -5.28 20.01
N ALA G 87 -5.40 -4.95 21.28
CA ALA G 87 -6.48 -5.50 22.08
C ALA G 87 -7.26 -4.35 22.71
N PRO G 88 -8.55 -4.53 22.98
CA PRO G 88 -9.34 -3.42 23.54
C PRO G 88 -8.77 -2.96 24.87
N CYS G 89 -8.81 -1.65 25.10
CA CYS G 89 -8.20 -1.05 26.29
C CYS G 89 -9.22 -0.95 27.43
N SER G 90 -8.85 -0.24 28.48
CA SER G 90 -9.74 0.04 29.62
C SER G 90 -9.48 1.48 30.02
N LEU G 91 -10.40 2.38 29.67
CA LEU G 91 -10.17 3.80 29.94
C LEU G 91 -10.22 4.09 31.43
N VAL G 92 -9.44 5.09 31.83
CA VAL G 92 -9.27 5.44 33.24
C VAL G 92 -10.16 6.64 33.59
N SER G 93 -10.00 7.75 32.87
CA SER G 93 -10.80 8.95 33.16
C SER G 93 -10.85 9.84 31.92
N HIS G 94 -11.91 10.67 31.82
CA HIS G 94 -12.08 11.56 30.67
C HIS G 94 -12.45 12.98 31.11
N HIS G 95 -11.81 13.98 30.49
CA HIS G 95 -11.98 15.40 30.87
C HIS G 95 -11.97 16.25 29.60
N GLY G 96 -13.16 16.69 29.19
CA GLY G 96 -13.25 17.56 28.02
C GLY G 96 -12.62 16.94 26.79
N TYR G 97 -11.72 17.69 26.14
CA TYR G 97 -11.07 17.19 24.93
C TYR G 97 -10.26 15.92 25.17
N TYR G 98 -9.75 15.71 26.37
CA TYR G 98 -8.79 14.63 26.62
C TYR G 98 -9.43 13.45 27.33
N ILE G 99 -8.93 12.24 27.03
CA ILE G 99 -9.42 11.01 27.67
C ILE G 99 -8.23 10.09 27.94
N LEU G 100 -7.98 9.80 29.22
CA LEU G 100 -6.81 9.02 29.65
C LEU G 100 -7.20 7.55 29.76
N ALA G 101 -6.45 6.68 29.09
CA ALA G 101 -6.78 5.26 29.06
C ALA G 101 -5.50 4.44 29.16
N GLN G 102 -5.66 3.20 29.61
CA GLN G 102 -4.56 2.24 29.70
C GLN G 102 -4.78 1.15 28.66
N CYS G 103 -3.78 0.91 27.83
CA CYS G 103 -3.89 0.05 26.67
C CYS G 103 -2.82 -1.04 26.70
N PRO G 104 -3.08 -2.17 26.03
CA PRO G 104 -2.01 -3.13 25.77
C PRO G 104 -1.20 -2.73 24.55
N PRO G 105 -0.03 -3.31 24.34
CA PRO G 105 0.81 -2.90 23.19
C PRO G 105 0.09 -3.10 21.88
N GLY G 106 0.36 -2.21 20.93
CA GLY G 106 -0.26 -2.29 19.62
C GLY G 106 0.27 -1.18 18.74
N ASP G 107 -0.22 -1.19 17.50
CA ASP G 107 0.24 -0.21 16.51
C ASP G 107 -0.84 0.77 16.07
N THR G 108 -2.10 0.57 16.45
CA THR G 108 -3.17 1.47 16.11
C THR G 108 -3.99 1.81 17.35
N VAL G 109 -4.48 3.04 17.41
CA VAL G 109 -5.36 3.49 18.48
C VAL G 109 -6.66 3.97 17.85
N THR G 110 -7.79 3.43 18.31
CA THR G 110 -9.10 3.81 17.82
C THR G 110 -9.97 4.25 18.99
N VAL G 111 -10.79 5.28 18.79
CA VAL G 111 -11.73 5.75 19.79
C VAL G 111 -13.13 5.70 19.21
N GLY G 112 -14.09 5.32 20.03
CA GLY G 112 -15.47 5.51 19.64
C GLY G 112 -16.49 5.06 20.66
N PHE G 113 -17.40 5.97 21.00
CA PHE G 113 -18.69 5.56 21.55
C PHE G 113 -19.53 4.92 20.45
N HIS G 114 -20.76 4.54 20.80
CA HIS G 114 -21.74 3.98 19.85
C HIS G 114 -23.13 4.51 20.24
N ASP G 115 -23.44 5.73 19.80
CA ASP G 115 -24.67 6.46 20.17
C ASP G 115 -25.93 5.61 19.99
N GLY G 116 -25.86 4.55 19.21
CA GLY G 116 -26.83 3.46 19.18
C GLY G 116 -27.43 3.24 17.80
N PRO G 117 -28.06 4.28 17.23
CA PRO G 117 -28.45 4.20 15.81
C PRO G 117 -27.26 4.35 14.90
N ASN G 118 -26.14 4.83 15.43
CA ASN G 118 -24.94 5.05 14.65
C ASN G 118 -23.74 4.88 15.57
N ARG G 119 -22.58 4.62 14.98
CA ARG G 119 -21.38 4.32 15.74
C ARG G 119 -20.52 5.56 15.96
N HIS G 120 -20.11 6.24 14.90
CA HIS G 120 -19.31 7.45 15.00
C HIS G 120 -17.98 7.18 15.73
N THR G 121 -17.18 6.28 15.14
CA THR G 121 -15.86 5.96 15.67
C THR G 121 -14.77 6.64 14.85
N CYS G 122 -13.53 6.51 15.31
CA CYS G 122 -12.40 7.09 14.61
C CYS G 122 -11.11 6.41 15.07
N THR G 123 -10.18 6.22 14.14
CA THR G 123 -8.88 5.64 14.46
C THR G 123 -7.77 6.48 13.83
N VAL G 124 -6.52 6.10 14.11
CA VAL G 124 -5.37 6.82 13.59
C VAL G 124 -4.15 5.90 13.70
N ALA G 125 -3.25 6.00 12.73
CA ALA G 125 -2.06 5.15 12.69
C ALA G 125 -1.00 5.73 13.62
N HIS G 126 -0.71 5.03 14.71
CA HIS G 126 0.32 5.49 15.65
C HIS G 126 0.76 4.32 16.52
N LYS G 127 2.03 3.94 16.43
CA LYS G 127 2.52 2.81 17.21
C LYS G 127 2.52 3.14 18.70
N VAL G 128 2.20 2.14 19.52
CA VAL G 128 2.18 2.31 20.97
C VAL G 128 3.02 1.18 21.56
N GLU G 129 4.14 1.55 22.19
CA GLU G 129 5.04 0.58 22.80
C GLU G 129 5.19 0.89 24.28
N PHE G 130 5.30 -0.16 25.09
CA PHE G 130 5.22 -0.04 26.54
C PHE G 130 6.46 -0.66 27.17
N ARG G 131 7.45 0.16 27.49
CA ARG G 131 8.64 -0.33 28.16
C ARG G 131 8.41 -0.23 29.67
N PRO G 132 8.32 -1.34 30.40
CA PRO G 132 8.19 -1.26 31.85
C PRO G 132 9.44 -0.66 32.46
N VAL G 133 9.25 0.08 33.55
CA VAL G 133 10.37 0.70 34.24
C VAL G 133 11.18 -0.38 34.94
N GLY G 134 12.49 -0.39 34.70
CA GLY G 134 13.37 -1.34 35.36
C GLY G 134 14.28 -2.06 34.39
N ARG G 135 14.91 -3.13 34.88
CA ARG G 135 15.86 -3.89 34.08
C ARG G 135 15.25 -5.07 33.37
N GLU G 136 13.99 -5.37 33.61
CA GLU G 136 13.34 -6.55 33.05
C GLU G 136 12.32 -6.12 32.00
N LYS G 137 12.51 -6.57 30.77
CA LYS G 137 11.61 -6.21 29.67
C LYS G 137 10.33 -7.03 29.78
N TYR G 138 9.50 -6.62 30.74
CA TYR G 138 8.25 -7.31 31.00
C TYR G 138 7.17 -6.82 30.02
N ARG G 139 5.93 -7.27 30.22
CA ARG G 139 4.81 -6.84 29.37
C ARG G 139 3.68 -6.21 30.16
N HIS G 140 3.33 -6.75 31.32
CA HIS G 140 2.20 -6.26 32.08
C HIS G 140 2.64 -6.00 33.52
N PRO G 141 2.09 -4.99 34.18
CA PRO G 141 2.46 -4.75 35.59
C PRO G 141 2.11 -5.95 36.45
N PRO G 142 3.08 -6.57 37.10
CA PRO G 142 2.82 -7.81 37.85
C PRO G 142 2.13 -7.52 39.18
N GLU G 143 1.69 -8.60 39.83
CA GLU G 143 1.00 -8.46 41.11
C GLU G 143 1.93 -7.95 42.20
N HIS G 144 3.19 -8.38 42.19
CA HIS G 144 4.12 -8.09 43.26
C HIS G 144 5.45 -7.68 42.64
N GLY G 145 6.48 -7.58 43.47
CA GLY G 145 7.80 -7.17 43.05
C GLY G 145 8.18 -5.81 43.62
N VAL G 146 9.43 -5.43 43.35
CA VAL G 146 9.95 -4.17 43.86
C VAL G 146 9.32 -3.01 43.10
N GLU G 147 9.50 -1.79 43.61
CA GLU G 147 8.95 -0.59 43.00
C GLU G 147 10.09 0.34 42.60
N LEU G 148 9.86 1.11 41.56
CA LEU G 148 10.88 1.99 41.00
C LEU G 148 10.26 3.34 40.65
N PRO G 149 11.07 4.40 40.61
CA PRO G 149 10.50 5.73 40.27
C PRO G 149 10.14 5.88 38.79
N CYS G 150 8.96 5.40 38.43
CA CYS G 150 8.48 5.51 37.06
C CYS G 150 7.95 6.92 36.80
N ASN G 151 7.51 7.16 35.57
CA ASN G 151 6.87 8.41 35.18
C ASN G 151 5.62 8.09 34.38
N ARG G 152 4.51 8.76 34.69
CA ARG G 152 3.25 8.49 34.02
C ARG G 152 2.32 9.69 34.20
N TYR G 153 1.09 9.55 33.74
CA TYR G 153 0.10 10.62 33.80
C TYR G 153 -0.82 10.41 34.99
N THR G 154 -1.04 11.47 35.73
CA THR G 154 -1.92 11.41 36.89
C THR G 154 -3.37 11.29 36.45
N HIS G 155 -4.16 10.53 37.23
CA HIS G 155 -5.59 10.49 36.99
C HIS G 155 -6.27 11.78 37.43
N LYS G 156 -5.61 12.58 38.25
CA LYS G 156 -6.17 13.84 38.69
C LYS G 156 -6.27 14.85 37.54
N ARG G 157 -7.25 15.74 37.67
CA ARG G 157 -7.64 16.67 36.62
C ARG G 157 -7.39 18.14 36.98
N ALA G 158 -7.43 18.47 38.27
CA ALA G 158 -7.32 19.86 38.73
C ALA G 158 -5.85 20.26 38.80
N ASP G 159 -5.21 20.34 37.64
CA ASP G 159 -3.82 20.74 37.55
C ASP G 159 -3.66 21.83 36.49
N GLN G 160 -2.62 22.64 36.65
CA GLN G 160 -2.31 23.70 35.70
C GLN G 160 -0.83 23.73 35.38
N GLY G 161 -0.23 22.54 35.25
CA GLY G 161 1.18 22.48 34.88
C GLY G 161 1.45 23.02 33.49
N HIS G 162 0.53 22.77 32.56
CA HIS G 162 0.71 23.20 31.17
C HIS G 162 -0.62 23.73 30.64
N TYR G 163 -0.53 24.52 29.58
CA TYR G 163 -1.69 25.15 28.98
C TYR G 163 -1.68 24.94 27.48
N VAL G 164 -2.85 25.08 26.86
CA VAL G 164 -2.99 25.00 25.42
C VAL G 164 -3.85 26.16 24.93
N GLU G 165 -3.65 26.52 23.66
CA GLU G 165 -4.34 27.67 23.10
C GLU G 165 -5.77 27.32 22.74
N MET G 166 -6.63 28.35 22.71
CA MET G 166 -8.03 28.19 22.32
C MET G 166 -8.54 29.54 21.82
N HIS G 167 -8.77 29.65 20.51
CA HIS G 167 -9.19 30.91 19.87
C HIS G 167 -10.50 30.72 19.10
N GLN G 168 -10.97 31.82 18.48
CA GLN G 168 -12.25 31.81 17.76
C GLN G 168 -12.27 30.73 16.68
N PRO G 169 -13.39 30.00 16.50
CA PRO G 169 -13.46 29.02 15.41
C PRO G 169 -13.42 29.70 14.04
N GLY G 170 -12.97 28.95 13.04
CA GLY G 170 -12.97 29.44 11.67
C GLY G 170 -14.35 29.40 11.03
N LEU G 171 -14.39 29.84 9.77
CA LEU G 171 -15.62 29.86 8.96
C LEU G 171 -15.99 28.45 8.51
N VAL G 172 -16.73 27.74 9.36
CA VAL G 172 -17.21 26.40 9.01
C VAL G 172 -18.18 26.48 7.84
N ALA G 173 -17.98 25.63 6.82
CA ALA G 173 -18.89 25.58 5.68
C ALA G 173 -20.09 24.67 5.98
N ASP G 174 -21.27 25.03 5.46
CA ASP G 174 -22.46 24.16 5.61
C ASP G 174 -23.36 24.31 4.38
N HIS G 175 -23.24 23.37 3.43
CA HIS G 175 -24.02 23.45 2.19
C HIS G 175 -25.52 23.45 2.46
N SER G 176 -25.99 22.79 3.52
CA SER G 176 -27.43 22.66 3.75
C SER G 176 -28.13 24.00 3.92
N LEU G 177 -27.39 25.10 4.14
CA LEU G 177 -28.00 26.43 4.29
C LEU G 177 -28.50 27.03 2.97
N LEU G 178 -27.96 26.60 1.83
CA LEU G 178 -28.35 27.17 0.53
C LEU G 178 -29.65 26.52 0.00
N SER G 179 -30.75 26.80 0.69
CA SER G 179 -32.07 26.44 0.18
C SER G 179 -32.48 27.39 -0.96
N ILE G 180 -33.61 27.07 -1.62
CA ILE G 180 -34.14 27.91 -2.70
C ILE G 180 -35.63 28.14 -2.50
N HIS G 181 -36.12 29.27 -3.05
CA HIS G 181 -37.55 29.61 -2.99
C HIS G 181 -38.20 29.55 -4.36
N SER G 182 -37.72 28.66 -5.22
CA SER G 182 -38.26 28.43 -6.56
C SER G 182 -38.05 29.60 -7.50
N ALA G 183 -37.54 30.72 -7.01
CA ALA G 183 -37.19 31.88 -7.81
C ALA G 183 -35.76 32.33 -7.57
N LYS G 184 -35.31 32.29 -6.31
CA LYS G 184 -33.96 32.65 -5.89
C LYS G 184 -33.57 31.82 -4.67
N VAL G 185 -32.26 31.77 -4.37
CA VAL G 185 -31.79 30.98 -3.23
C VAL G 185 -32.03 31.73 -1.92
N LYS G 186 -32.49 31.00 -0.90
CA LYS G 186 -32.76 31.55 0.43
C LYS G 186 -31.72 31.07 1.42
N ILE G 187 -31.12 32.00 2.13
CA ILE G 187 -30.21 31.70 3.22
C ILE G 187 -31.03 31.62 4.51
N THR G 188 -30.50 30.95 5.52
CA THR G 188 -31.17 30.82 6.81
C THR G 188 -30.15 30.88 7.95
N VAL G 189 -30.59 31.31 9.13
CA VAL G 189 -29.76 31.24 10.34
C VAL G 189 -30.57 30.58 11.45
N PRO G 190 -30.03 29.56 12.17
CA PRO G 190 -30.81 28.95 13.25
C PRO G 190 -31.08 29.89 14.42
N SER G 191 -30.04 30.43 15.06
CA SER G 191 -30.22 31.32 16.21
C SER G 191 -28.95 32.12 16.46
N GLY G 192 -29.03 33.44 16.38
CA GLY G 192 -27.91 34.32 16.68
C GLY G 192 -26.74 34.22 15.73
N ALA G 193 -26.74 33.26 14.81
CA ALA G 193 -25.69 33.07 13.82
C ALA G 193 -25.67 34.22 12.81
N GLN G 194 -24.51 34.39 12.14
CA GLN G 194 -24.32 35.44 11.13
C GLN G 194 -23.54 34.85 9.94
N VAL G 195 -24.29 34.22 9.03
CA VAL G 195 -23.73 33.50 7.88
C VAL G 195 -23.14 34.45 6.84
N LYS G 196 -22.33 33.90 5.94
CA LYS G 196 -21.75 34.64 4.81
C LYS G 196 -22.27 34.12 3.47
N TYR G 197 -22.76 35.04 2.63
CA TYR G 197 -23.32 34.74 1.31
C TYR G 197 -22.29 35.01 0.21
N TYR G 198 -21.99 33.99 -0.58
CA TYR G 198 -21.09 34.07 -1.72
C TYR G 198 -21.63 33.24 -2.88
N CYS G 199 -21.66 33.81 -4.10
CA CYS G 199 -22.15 33.06 -5.27
C CYS G 199 -21.36 33.39 -6.53
N LYS G 200 -21.38 32.46 -7.49
CA LYS G 200 -20.56 32.57 -8.70
C LYS G 200 -21.06 33.66 -9.63
N CYS G 201 -22.37 33.85 -9.74
CA CYS G 201 -22.93 34.93 -10.56
C CYS G 201 -22.35 36.28 -10.15
N PRO G 202 -22.21 37.23 -11.09
CA PRO G 202 -21.71 38.57 -10.73
C PRO G 202 -22.75 39.32 -9.89
N ASP G 203 -22.47 39.41 -8.59
CA ASP G 203 -23.41 39.88 -7.56
C ASP G 203 -22.59 40.35 -6.36
N VAL G 204 -23.28 40.77 -5.28
CA VAL G 204 -22.62 41.07 -4.00
C VAL G 204 -21.88 39.80 -3.54
N ARG G 205 -20.55 39.87 -3.47
CA ARG G 205 -19.70 38.73 -3.15
C ARG G 205 -19.50 38.55 -1.64
N GLU G 206 -19.66 39.63 -0.87
CA GLU G 206 -19.39 39.62 0.57
C GLU G 206 -20.54 39.00 1.37
N GLY G 207 -21.76 39.50 1.19
CA GLY G 207 -22.95 38.88 1.73
C GLY G 207 -23.00 38.55 3.21
N ILE G 208 -22.27 39.28 4.07
CA ILE G 208 -22.38 39.02 5.51
C ILE G 208 -23.78 39.43 5.95
N THR G 209 -24.54 38.50 6.54
CA THR G 209 -25.92 38.82 6.91
C THR G 209 -26.52 37.82 7.89
N SER G 210 -27.51 38.28 8.65
CA SER G 210 -28.52 37.42 9.28
C SER G 210 -29.50 36.92 8.21
N SER G 211 -30.63 36.33 8.63
CA SER G 211 -31.61 35.72 7.71
C SER G 211 -31.94 36.65 6.54
N ASP G 212 -31.68 36.18 5.31
CA ASP G 212 -31.70 37.04 4.12
C ASP G 212 -31.73 36.17 2.85
N HIS G 213 -31.62 36.80 1.67
CA HIS G 213 -31.71 36.09 0.40
C HIS G 213 -30.79 36.68 -0.67
N THR G 214 -30.45 35.85 -1.66
CA THR G 214 -29.56 36.24 -2.77
C THR G 214 -30.16 37.34 -3.62
N THR G 215 -29.29 38.11 -4.29
CA THR G 215 -29.72 39.18 -5.18
C THR G 215 -30.23 38.65 -6.53
N THR G 216 -29.39 37.89 -7.24
CA THR G 216 -29.71 37.44 -8.60
C THR G 216 -29.43 35.95 -8.80
N CYS G 217 -28.31 35.44 -8.26
CA CYS G 217 -27.89 34.08 -8.54
C CYS G 217 -28.92 33.06 -8.07
N THR G 218 -29.00 31.94 -8.78
CA THR G 218 -30.07 30.95 -8.59
C THR G 218 -29.54 29.52 -8.39
N ASP G 219 -28.40 29.17 -8.99
CA ASP G 219 -27.84 27.82 -8.89
C ASP G 219 -27.21 27.56 -7.53
N VAL G 220 -27.80 26.66 -6.74
CA VAL G 220 -27.28 26.31 -5.42
C VAL G 220 -25.82 25.85 -5.53
N LYS G 221 -25.52 24.97 -6.50
CA LYS G 221 -24.16 24.50 -6.69
C LYS G 221 -23.18 25.60 -7.11
N GLN G 222 -23.67 26.79 -7.47
CA GLN G 222 -22.82 27.94 -7.76
C GLN G 222 -22.74 28.94 -6.60
N CYS G 223 -22.89 28.46 -5.36
CA CYS G 223 -22.85 29.35 -4.20
C CYS G 223 -22.06 28.72 -3.04
N ARG G 224 -21.82 29.53 -2.01
CA ARG G 224 -21.18 29.09 -0.77
C ARG G 224 -21.94 29.63 0.44
N ALA G 225 -22.11 28.76 1.42
CA ALA G 225 -22.74 29.09 2.69
C ALA G 225 -21.71 28.88 3.80
N TYR G 226 -21.07 29.97 4.26
CA TYR G 226 -20.19 29.88 5.41
C TYR G 226 -20.94 30.31 6.67
N LEU G 227 -20.69 29.60 7.76
CA LEU G 227 -21.39 29.79 9.02
C LEU G 227 -20.42 30.35 10.07
N ILE G 228 -20.90 31.33 10.84
CA ILE G 228 -20.14 31.97 11.91
C ILE G 228 -20.81 31.66 13.24
N ASP G 229 -20.05 31.12 14.20
CA ASP G 229 -20.58 30.74 15.52
C ASP G 229 -19.61 31.19 16.62
N ASN G 230 -19.15 32.44 16.54
CA ASN G 230 -18.10 32.96 17.42
C ASN G 230 -18.51 33.03 18.89
N LYS G 231 -19.72 32.59 19.25
CA LYS G 231 -20.12 32.59 20.65
C LYS G 231 -19.29 31.64 21.51
N LYS G 232 -18.86 30.50 20.96
CA LYS G 232 -17.97 29.57 21.65
C LYS G 232 -16.62 29.54 20.96
N TRP G 233 -15.67 28.84 21.59
CA TRP G 233 -14.30 28.76 21.08
C TRP G 233 -13.86 27.30 21.04
N VAL G 234 -12.90 27.01 20.17
CA VAL G 234 -12.46 25.65 19.91
C VAL G 234 -10.95 25.57 20.05
N TYR G 235 -10.46 24.34 20.17
CA TYR G 235 -9.04 24.10 20.27
C TYR G 235 -8.32 24.44 18.96
N ASN G 236 -7.06 24.85 19.09
CA ASN G 236 -6.23 25.19 17.93
C ASN G 236 -5.77 23.89 17.26
N SER G 237 -6.69 23.27 16.52
CA SER G 237 -6.39 22.01 15.86
C SER G 237 -5.82 22.24 14.47
N GLY G 238 -4.93 21.33 14.06
CA GLY G 238 -4.30 21.42 12.76
C GLY G 238 -5.12 20.91 11.61
N ARG G 239 -6.32 20.41 11.87
CA ARG G 239 -7.22 19.92 10.83
C ARG G 239 -8.43 20.82 10.64
N LEU G 240 -8.39 22.04 11.17
CA LEU G 240 -9.51 22.96 11.11
C LEU G 240 -9.06 24.29 10.53
N PRO G 241 -9.79 24.89 9.60
CA PRO G 241 -9.31 26.14 8.96
C PRO G 241 -9.30 27.30 9.96
N ARG G 242 -8.19 28.05 9.95
CA ARG G 242 -8.01 29.17 10.86
C ARG G 242 -9.08 30.25 10.66
N GLY G 243 -9.56 30.83 11.75
CA GLY G 243 -10.34 32.05 11.64
C GLY G 243 -9.48 33.21 11.14
N GLU G 244 -10.07 34.09 10.33
CA GLU G 244 -9.33 35.15 9.64
C GLU G 244 -8.97 36.33 10.55
N GLY G 245 -9.27 36.25 11.85
CA GLY G 245 -9.15 37.39 12.75
C GLY G 245 -8.01 37.30 13.74
N ASP G 246 -8.31 37.46 15.01
CA ASP G 246 -7.33 37.45 16.08
C ASP G 246 -7.29 36.09 16.79
N THR G 247 -6.11 35.73 17.27
CA THR G 247 -5.94 34.56 18.13
C THR G 247 -6.52 34.83 19.51
N PHE G 248 -7.82 34.57 19.69
CA PHE G 248 -8.44 34.77 20.98
C PHE G 248 -7.74 33.93 22.05
N LYS G 249 -7.56 34.53 23.22
CA LYS G 249 -6.77 33.92 24.28
C LYS G 249 -7.64 32.98 25.11
N GLY G 250 -7.13 32.58 26.26
CA GLY G 250 -7.80 31.60 27.10
C GLY G 250 -7.04 30.29 27.13
N LYS G 251 -6.31 30.07 28.21
CA LYS G 251 -5.42 28.91 28.31
C LYS G 251 -6.18 27.77 28.96
N LEU G 252 -6.51 26.74 28.17
CA LEU G 252 -7.14 25.55 28.71
C LEU G 252 -6.07 24.68 29.37
N HIS G 253 -6.19 24.48 30.68
CA HIS G 253 -5.23 23.64 31.38
C HIS G 253 -5.32 22.20 30.88
N VAL G 254 -4.17 21.55 30.78
CA VAL G 254 -4.10 20.16 30.33
C VAL G 254 -4.54 19.27 31.50
N PRO G 255 -5.61 18.49 31.34
CA PRO G 255 -6.14 17.75 32.50
C PRO G 255 -5.18 16.72 33.08
N PHE G 256 -4.34 16.09 32.26
CA PHE G 256 -3.49 15.00 32.71
C PHE G 256 -2.04 15.28 32.30
N VAL G 257 -1.30 15.90 33.21
CA VAL G 257 0.12 16.18 32.99
C VAL G 257 0.94 15.02 33.51
N PRO G 258 2.13 14.76 32.95
CA PRO G 258 2.98 13.69 33.50
C PRO G 258 3.44 14.03 34.91
N VAL G 259 3.61 12.98 35.72
CA VAL G 259 4.09 13.12 37.09
C VAL G 259 5.02 11.97 37.40
N LYS G 260 5.81 12.14 38.47
CA LYS G 260 6.83 11.14 38.84
C LYS G 260 6.26 10.24 39.93
N ALA G 261 5.50 9.24 39.51
CA ALA G 261 4.86 8.32 40.44
C ALA G 261 5.75 7.10 40.69
N LYS G 262 5.20 6.08 41.33
CA LYS G 262 5.91 4.84 41.65
C LYS G 262 5.12 3.67 41.08
N CYS G 263 5.70 2.97 40.11
CA CYS G 263 5.07 1.80 39.54
C CYS G 263 5.66 0.53 40.12
N ILE G 264 4.85 -0.52 40.20
CA ILE G 264 5.33 -1.81 40.67
C ILE G 264 6.09 -2.49 39.52
N ALA G 265 7.34 -2.85 39.78
CA ALA G 265 8.18 -3.50 38.78
C ALA G 265 8.33 -4.97 39.11
N THR G 266 8.58 -5.76 38.07
CA THR G 266 8.71 -7.21 38.23
C THR G 266 9.98 -7.55 39.00
N LEU G 267 10.03 -8.78 39.51
CA LEU G 267 11.15 -9.25 40.32
C LEU G 267 11.61 -10.60 39.78
N ALA G 268 12.78 -10.63 39.15
CA ALA G 268 13.26 -11.85 38.54
C ALA G 268 13.58 -12.91 39.59
N PRO G 269 13.46 -14.20 39.25
CA PRO G 269 13.77 -15.25 40.23
C PRO G 269 15.23 -15.18 40.66
N GLU G 270 15.47 -15.56 41.92
CA GLU G 270 16.82 -15.48 42.45
C GLU G 270 17.76 -16.43 41.71
N PRO G 271 18.96 -15.99 41.35
CA PRO G 271 19.92 -16.91 40.72
C PRO G 271 20.41 -17.95 41.71
N LEU G 272 20.79 -19.11 41.18
CA LEU G 272 21.39 -20.19 41.98
C LEU G 272 22.91 -20.08 41.84
N VAL G 273 23.59 -19.61 42.88
CA VAL G 273 25.05 -19.52 42.82
C VAL G 273 25.65 -20.91 43.01
N GLU G 274 26.80 -21.14 42.36
CA GLU G 274 27.61 -22.34 42.61
C GLU G 274 29.08 -21.94 42.53
N HIS G 275 29.75 -21.87 43.68
CA HIS G 275 31.14 -21.41 43.71
C HIS G 275 32.10 -22.45 43.13
N LYS G 276 33.20 -21.93 42.57
CA LYS G 276 34.20 -22.69 41.82
C LYS G 276 35.53 -21.95 41.96
N HIS G 277 36.66 -22.63 41.76
CA HIS G 277 37.95 -21.97 42.07
C HIS G 277 38.22 -20.74 41.21
N ARG G 278 38.21 -19.55 41.83
CA ARG G 278 38.33 -18.25 41.14
C ARG G 278 37.34 -18.12 39.99
N THR G 279 36.15 -18.71 40.15
CA THR G 279 35.15 -18.75 39.09
C THR G 279 33.78 -18.79 39.74
N LEU G 280 32.85 -17.97 39.23
CA LEU G 280 31.51 -17.86 39.78
C LEU G 280 30.52 -18.45 38.78
N ILE G 281 30.19 -19.73 38.97
CA ILE G 281 29.15 -20.34 38.16
C ILE G 281 27.80 -19.80 38.62
N LEU G 282 27.02 -19.27 37.68
CA LEU G 282 25.77 -18.61 37.99
C LEU G 282 24.65 -19.29 37.20
N HIS G 283 23.74 -19.95 37.92
CA HIS G 283 22.57 -20.55 37.29
C HIS G 283 21.45 -19.51 37.24
N LEU G 284 20.88 -19.31 36.04
CA LEU G 284 19.86 -18.30 35.84
C LEU G 284 18.62 -18.94 35.22
N HIS G 285 17.45 -18.55 35.74
CA HIS G 285 16.17 -19.02 35.23
C HIS G 285 15.24 -17.82 35.06
N PRO G 286 15.49 -16.97 34.06
CA PRO G 286 14.66 -15.78 33.87
C PRO G 286 13.23 -16.16 33.48
N ASP G 287 12.28 -15.34 33.92
CA ASP G 287 10.90 -15.46 33.47
C ASP G 287 10.64 -14.60 32.24
N HIS G 288 11.21 -13.42 32.19
CA HIS G 288 11.09 -12.52 31.06
C HIS G 288 12.47 -11.94 30.76
N PRO G 289 12.72 -11.52 29.51
CA PRO G 289 14.05 -10.98 29.18
C PRO G 289 14.49 -9.89 30.13
N THR G 290 15.56 -10.17 30.87
CA THR G 290 16.04 -9.26 31.90
C THR G 290 17.50 -8.94 31.66
N LEU G 291 17.87 -7.68 31.95
CA LEU G 291 19.25 -7.25 31.79
C LEU G 291 20.12 -7.85 32.88
N LEU G 292 21.34 -8.25 32.51
CA LEU G 292 22.34 -8.69 33.46
C LEU G 292 23.60 -7.87 33.28
N THR G 293 24.03 -7.20 34.35
CA THR G 293 25.21 -6.33 34.29
C THR G 293 26.19 -6.75 35.37
N THR G 294 27.45 -6.92 34.99
CA THR G 294 28.51 -7.21 35.95
C THR G 294 29.76 -6.41 35.59
N ARG G 295 30.56 -6.13 36.60
CA ARG G 295 31.77 -5.33 36.41
C ARG G 295 32.80 -5.74 37.45
N SER G 296 34.06 -5.83 37.03
CA SER G 296 35.13 -6.12 37.96
C SER G 296 35.36 -4.94 38.89
N LEU G 297 35.72 -5.23 40.14
CA LEU G 297 35.95 -4.20 41.14
C LEU G 297 37.38 -3.68 41.16
N GLY G 298 38.26 -4.20 40.33
CA GLY G 298 39.67 -3.83 40.34
C GLY G 298 39.95 -2.56 39.57
N SER G 299 41.22 -2.39 39.19
CA SER G 299 41.61 -1.20 38.45
C SER G 299 40.93 -1.14 37.09
N ASP G 300 40.85 -2.27 36.39
CA ASP G 300 40.18 -2.34 35.11
C ASP G 300 38.74 -2.78 35.32
N ALA G 301 37.79 -1.97 34.83
CA ALA G 301 36.38 -2.26 35.08
C ALA G 301 35.97 -3.59 34.45
N ASN G 302 36.39 -3.83 33.23
CA ASN G 302 36.01 -5.03 32.47
C ASN G 302 34.50 -5.22 32.46
N PRO G 303 33.73 -4.28 31.91
CA PRO G 303 32.27 -4.38 31.97
C PRO G 303 31.74 -5.54 31.16
N THR G 304 30.57 -6.02 31.56
CA THR G 304 29.86 -7.04 30.80
C THR G 304 28.37 -6.83 30.98
N ARG G 305 27.67 -6.66 29.88
CA ARG G 305 26.23 -6.40 29.91
C ARG G 305 25.57 -7.09 28.73
N GLN G 306 24.63 -7.97 29.01
CA GLN G 306 23.98 -8.72 27.94
C GLN G 306 22.61 -9.19 28.41
N TRP G 307 21.59 -8.95 27.59
CA TRP G 307 20.26 -9.43 27.91
C TRP G 307 20.23 -10.95 27.87
N ILE G 308 19.54 -11.54 28.84
CA ILE G 308 19.37 -12.99 28.89
C ILE G 308 17.89 -13.30 29.02
N GLU G 309 17.39 -14.16 28.13
CA GLU G 309 15.98 -14.56 28.15
C GLU G 309 15.81 -16.06 28.38
N ARG G 310 16.42 -16.90 27.56
CA ARG G 310 16.34 -18.33 27.77
C ARG G 310 17.24 -18.73 28.94
N PRO G 311 16.78 -19.60 29.83
CA PRO G 311 17.61 -19.98 30.98
C PRO G 311 18.94 -20.56 30.53
N THR G 312 20.03 -20.04 31.11
CA THR G 312 21.37 -20.44 30.75
C THR G 312 22.27 -20.27 31.96
N THR G 313 23.43 -20.91 31.90
CA THR G 313 24.44 -20.79 32.95
C THR G 313 25.60 -19.99 32.39
N VAL G 314 25.96 -18.94 33.09
CA VAL G 314 27.06 -18.09 32.69
C VAL G 314 28.09 -18.16 33.80
N ASN G 315 29.35 -17.93 33.45
CA ASN G 315 30.39 -17.96 34.46
C ASN G 315 31.28 -16.73 34.32
N PHE G 316 31.82 -16.33 35.45
CA PHE G 316 32.69 -15.16 35.50
C PHE G 316 33.94 -15.47 36.29
N THR G 317 35.03 -14.80 35.93
CA THR G 317 36.31 -15.01 36.59
C THR G 317 36.43 -14.02 37.74
N VAL G 318 36.09 -14.46 38.94
CA VAL G 318 36.16 -13.59 40.11
C VAL G 318 37.58 -13.65 40.65
N THR G 319 38.34 -12.58 40.44
CA THR G 319 39.71 -12.52 40.95
C THR G 319 39.72 -12.12 42.42
N GLY G 320 40.92 -12.02 42.99
CA GLY G 320 41.06 -11.52 44.35
C GLY G 320 40.66 -10.06 44.51
N GLU G 321 40.68 -9.30 43.41
CA GLU G 321 40.22 -7.91 43.45
C GLU G 321 38.75 -7.82 43.83
N GLY G 322 37.96 -8.81 43.43
CA GLY G 322 36.53 -8.82 43.67
C GLY G 322 35.73 -8.51 42.41
N LEU G 323 34.46 -8.89 42.46
CA LEU G 323 33.55 -8.81 41.32
C LEU G 323 32.16 -8.46 41.82
N GLU G 324 31.42 -7.70 41.01
CA GLU G 324 30.07 -7.25 41.33
C GLU G 324 29.14 -7.57 40.17
N TYR G 325 27.92 -8.01 40.49
CA TYR G 325 26.95 -8.33 39.46
C TYR G 325 25.56 -7.93 39.93
N THR G 326 24.77 -7.37 39.03
CA THR G 326 23.42 -6.91 39.33
C THR G 326 22.45 -7.69 38.45
N TRP G 327 21.81 -8.70 39.02
CA TRP G 327 20.87 -9.54 38.28
C TRP G 327 19.47 -8.95 38.39
N GLY G 328 18.94 -8.48 37.27
CA GLY G 328 17.58 -7.93 37.29
C GLY G 328 17.50 -6.71 38.18
N ASN G 329 16.39 -6.60 38.91
CA ASN G 329 16.18 -5.49 39.83
C ASN G 329 16.70 -5.77 41.23
N HIS G 330 17.36 -6.90 41.45
CA HIS G 330 17.91 -7.20 42.76
C HIS G 330 19.02 -6.19 43.11
N PRO G 331 19.22 -5.91 44.39
CA PRO G 331 20.31 -5.02 44.77
C PRO G 331 21.65 -5.65 44.41
N PRO G 332 22.65 -4.83 44.11
CA PRO G 332 23.96 -5.38 43.73
C PRO G 332 24.62 -6.14 44.87
N LYS G 333 25.45 -7.12 44.52
CA LYS G 333 26.22 -7.90 45.49
C LYS G 333 27.67 -8.01 45.05
N ARG G 334 28.52 -8.53 45.94
CA ARG G 334 29.96 -8.63 45.73
C ARG G 334 30.51 -9.99 46.16
N VAL G 335 31.72 -10.33 45.70
CA VAL G 335 32.33 -11.65 45.96
C VAL G 335 33.86 -11.54 46.01
N TRP G 336 34.52 -12.49 46.73
CA TRP G 336 35.98 -12.63 46.86
C TRP G 336 36.51 -13.84 46.06
N ALA G 337 37.80 -14.16 46.21
CA ALA G 337 38.32 -15.51 45.96
C ALA G 337 39.49 -15.82 46.89
N GLN G 338 39.84 -17.12 46.98
CA GLN G 338 40.95 -17.58 47.85
C GLN G 338 42.24 -17.74 47.06
N ASP H 1 -29.15 -34.68 35.67
CA ASP H 1 -28.24 -35.35 36.62
C ASP H 1 -27.22 -34.36 37.16
N LEU H 2 -27.51 -33.07 36.99
CA LEU H 2 -26.61 -32.01 37.44
C LEU H 2 -26.81 -31.66 38.91
N ASP H 3 -27.62 -32.42 39.64
CA ASP H 3 -27.91 -32.16 41.04
C ASP H 3 -27.10 -33.04 41.97
N THR H 4 -26.08 -33.72 41.46
CA THR H 4 -25.22 -34.57 42.27
C THR H 4 -23.91 -33.89 42.65
N HIS H 5 -23.90 -32.56 42.70
CA HIS H 5 -22.71 -31.80 43.07
C HIS H 5 -23.05 -30.72 44.08
N PHE H 6 -23.98 -31.01 44.99
CA PHE H 6 -24.43 -30.00 45.94
C PHE H 6 -23.36 -29.62 46.94
N THR H 7 -22.34 -30.45 47.12
CA THR H 7 -21.23 -30.07 48.01
C THR H 7 -20.58 -28.79 47.50
N GLN H 8 -20.33 -28.72 46.19
CA GLN H 8 -19.87 -27.46 45.60
C GLN H 8 -20.99 -26.43 45.61
N TYR H 9 -22.20 -26.85 45.27
CA TYR H 9 -23.28 -25.89 45.05
C TYR H 9 -23.74 -25.24 46.34
N LYS H 10 -23.97 -26.04 47.38
CA LYS H 10 -24.60 -25.52 48.58
C LYS H 10 -23.59 -25.14 49.67
N LEU H 11 -22.59 -25.98 49.90
CA LEU H 11 -21.65 -25.72 50.99
C LEU H 11 -20.70 -24.56 50.69
N ALA H 12 -20.63 -24.09 49.45
CA ALA H 12 -19.74 -23.00 49.07
C ALA H 12 -20.54 -21.73 48.84
N ARG H 13 -19.89 -20.59 49.00
CA ARG H 13 -20.51 -19.29 48.81
C ARG H 13 -19.62 -18.41 47.94
N PRO H 14 -20.18 -17.37 47.32
CA PRO H 14 -19.36 -16.44 46.53
C PRO H 14 -18.31 -15.74 47.40
N TYR H 15 -17.24 -15.31 46.74
CA TYR H 15 -16.04 -14.85 47.44
C TYR H 15 -15.41 -13.65 46.69
N ILE H 16 -14.73 -12.74 47.44
CA ILE H 16 -14.17 -11.49 46.89
C ILE H 16 -12.72 -11.32 47.34
N ALA H 17 -11.90 -10.63 46.52
CA ALA H 17 -10.46 -10.59 46.79
C ALA H 17 -9.75 -9.49 46.01
N ASP H 18 -8.46 -9.31 46.34
CA ASP H 18 -7.58 -8.36 45.67
C ASP H 18 -7.32 -8.76 44.22
N CYS H 19 -8.02 -8.15 43.27
CA CYS H 19 -7.59 -8.24 41.87
C CYS H 19 -6.41 -7.31 41.65
N PRO H 20 -5.28 -7.81 41.14
CA PRO H 20 -4.11 -6.94 40.98
C PRO H 20 -4.33 -5.77 40.02
N ASN H 21 -5.15 -5.94 38.99
CA ASN H 21 -5.36 -4.91 37.98
C ASN H 21 -6.84 -4.76 37.68
N CYS H 22 -7.63 -4.60 38.72
CA CYS H 22 -9.07 -4.42 38.59
C CYS H 22 -9.36 -3.07 37.94
N GLY H 23 -9.68 -3.09 36.65
CA GLY H 23 -9.94 -1.85 35.93
C GLY H 23 -8.69 -1.01 35.74
N HIS H 24 -8.66 0.17 36.34
CA HIS H 24 -7.51 1.06 36.23
C HIS H 24 -6.50 0.90 37.35
N SER H 25 -6.84 0.19 38.41
CA SER H 25 -5.95 0.04 39.56
C SER H 25 -6.19 -1.34 40.17
N ARG H 26 -5.74 -1.51 41.42
CA ARG H 26 -5.95 -2.76 42.15
C ARG H 26 -7.08 -2.56 43.16
N CYS H 27 -8.31 -2.71 42.68
CA CYS H 27 -9.47 -2.69 43.55
C CYS H 27 -9.63 -4.07 44.19
N ASP H 28 -10.77 -4.33 44.82
CA ASP H 28 -11.09 -5.65 45.36
C ASP H 28 -12.31 -6.18 44.62
N SER H 29 -12.08 -6.79 43.45
CA SER H 29 -13.19 -7.24 42.60
C SER H 29 -13.80 -8.52 43.14
N PRO H 30 -15.07 -8.78 42.82
CA PRO H 30 -15.68 -10.07 43.19
C PRO H 30 -15.25 -11.23 42.30
N ILE H 31 -14.52 -10.99 41.22
CA ILE H 31 -14.12 -12.05 40.31
C ILE H 31 -12.60 -12.13 40.22
N ALA H 32 -11.91 -11.83 41.31
CA ALA H 32 -10.46 -11.93 41.31
C ALA H 32 -10.05 -13.36 40.95
N ILE H 33 -9.10 -13.47 40.02
CA ILE H 33 -8.72 -14.75 39.47
C ILE H 33 -7.46 -15.27 40.15
N GLU H 34 -7.24 -16.57 40.07
CA GLU H 34 -6.06 -17.18 40.66
C GLU H 34 -5.88 -18.58 40.11
N GLU H 35 -4.62 -18.97 39.91
CA GLU H 35 -4.25 -20.30 39.43
C GLU H 35 -4.92 -20.61 38.08
N VAL H 36 -4.50 -19.85 37.08
CA VAL H 36 -4.88 -20.15 35.70
C VAL H 36 -3.97 -21.26 35.19
N ARG H 37 -4.57 -22.34 34.69
CA ARG H 37 -3.84 -23.53 34.29
C ARG H 37 -3.81 -23.62 32.77
N GLY H 38 -2.91 -22.85 32.16
CA GLY H 38 -2.77 -22.89 30.72
C GLY H 38 -1.71 -23.87 30.26
N ASP H 39 -1.92 -25.16 30.53
CA ASP H 39 -0.92 -26.18 30.19
C ASP H 39 -1.45 -27.24 29.23
N ALA H 40 -2.62 -27.04 28.63
CA ALA H 40 -3.13 -28.00 27.66
C ALA H 40 -2.49 -27.73 26.30
N HIS H 41 -3.01 -28.38 25.26
CA HIS H 41 -2.49 -28.22 23.90
C HIS H 41 -3.47 -27.56 22.95
N ALA H 42 -4.77 -27.82 23.08
CA ALA H 42 -5.76 -27.34 22.13
C ALA H 42 -6.17 -25.90 22.37
N GLY H 43 -5.41 -25.14 23.14
CA GLY H 43 -5.74 -23.74 23.36
C GLY H 43 -6.74 -23.48 24.46
N VAL H 44 -7.04 -24.47 25.30
CA VAL H 44 -8.04 -24.33 26.35
C VAL H 44 -7.35 -23.93 27.65
N ILE H 45 -8.04 -23.13 28.45
CA ILE H 45 -7.50 -22.62 29.70
C ILE H 45 -8.53 -22.81 30.80
N ARG H 46 -8.08 -23.30 31.95
CA ARG H 46 -8.93 -23.40 33.13
C ARG H 46 -8.60 -22.25 34.08
N ILE H 47 -9.62 -21.51 34.49
CA ILE H 47 -9.46 -20.33 35.32
C ILE H 47 -10.29 -20.50 36.59
N GLN H 48 -9.68 -20.22 37.73
CA GLN H 48 -10.36 -20.30 39.02
C GLN H 48 -10.65 -18.88 39.50
N THR H 49 -11.88 -18.43 39.26
CA THR H 49 -12.28 -17.10 39.68
C THR H 49 -12.80 -17.11 41.12
N SER H 50 -12.67 -15.97 41.79
CA SER H 50 -13.17 -15.86 43.16
C SER H 50 -14.69 -16.01 43.19
N ALA H 51 -15.39 -15.41 42.23
CA ALA H 51 -16.83 -15.60 42.15
C ALA H 51 -17.14 -17.05 41.79
N MET H 52 -18.18 -17.59 42.41
CA MET H 52 -18.54 -19.01 42.27
C MET H 52 -19.87 -19.08 41.53
N PHE H 53 -19.81 -19.23 40.21
CA PHE H 53 -21.02 -19.37 39.41
C PHE H 53 -21.42 -20.84 39.32
N GLY H 54 -22.71 -21.05 39.09
CA GLY H 54 -23.28 -22.39 39.12
C GLY H 54 -24.79 -22.33 39.23
N LEU H 55 -25.36 -23.07 40.17
CA LEU H 55 -26.80 -22.96 40.38
C LEU H 55 -27.12 -21.64 41.08
N LYS H 56 -28.41 -21.32 41.13
CA LYS H 56 -28.87 -20.08 41.73
C LYS H 56 -28.87 -20.23 43.25
N THR H 57 -29.54 -19.31 43.95
CA THR H 57 -29.49 -19.26 45.40
C THR H 57 -29.79 -20.62 46.03
N ASP H 58 -30.85 -21.28 45.57
CA ASP H 58 -31.22 -22.53 46.20
C ASP H 58 -30.78 -23.78 45.42
N GLY H 59 -31.34 -24.01 44.25
CA GLY H 59 -30.99 -25.21 43.51
C GLY H 59 -31.10 -25.17 42.00
N VAL H 60 -31.38 -24.01 41.41
CA VAL H 60 -31.80 -23.94 40.02
C VAL H 60 -30.91 -22.96 39.25
N ASP H 61 -31.26 -22.77 37.98
CA ASP H 61 -30.63 -21.75 37.11
C ASP H 61 -29.13 -21.99 36.99
N LEU H 62 -28.80 -23.12 36.36
CA LEU H 62 -27.42 -23.38 35.99
C LEU H 62 -26.83 -22.24 35.18
N ALA H 63 -27.65 -21.56 34.38
CA ALA H 63 -27.20 -20.46 33.54
C ALA H 63 -27.09 -19.14 34.29
N TYR H 64 -27.01 -19.16 35.61
CA TYR H 64 -26.85 -17.95 36.40
C TYR H 64 -25.54 -17.99 37.18
N MET H 65 -25.02 -16.80 37.47
CA MET H 65 -23.81 -16.65 38.27
C MET H 65 -24.16 -15.97 39.58
N SER H 66 -23.39 -16.28 40.61
CA SER H 66 -23.60 -15.71 41.94
C SER H 66 -22.28 -15.18 42.46
N PHE H 67 -22.14 -13.86 42.49
CA PHE H 67 -20.99 -13.21 43.10
C PHE H 67 -21.41 -12.57 44.41
N MET H 68 -20.43 -12.08 45.17
CA MET H 68 -20.70 -11.39 46.42
C MET H 68 -20.45 -9.91 46.27
N ASN H 69 -21.47 -9.11 46.61
CA ASN H 69 -21.38 -7.65 46.59
C ASN H 69 -21.60 -7.13 48.01
N GLY H 70 -20.62 -6.42 48.54
CA GLY H 70 -20.71 -5.97 49.93
C GLY H 70 -20.84 -7.14 50.89
N LYS H 71 -21.73 -6.99 51.89
CA LYS H 71 -21.95 -8.03 52.90
C LYS H 71 -22.66 -9.27 52.37
N THR H 72 -23.28 -9.20 51.19
CA THR H 72 -24.24 -10.19 50.77
C THR H 72 -23.91 -10.71 49.38
N GLN H 73 -24.45 -11.88 49.05
CA GLN H 73 -24.32 -12.42 47.71
C GLN H 73 -25.46 -11.92 46.84
N LYS H 74 -25.33 -12.14 45.54
CA LYS H 74 -26.36 -11.67 44.59
C LYS H 74 -26.31 -12.55 43.35
N SER H 75 -27.33 -13.38 43.18
CA SER H 75 -27.43 -14.27 42.03
C SER H 75 -28.15 -13.54 40.91
N ILE H 76 -27.43 -13.33 39.79
CA ILE H 76 -27.99 -12.61 38.64
C ILE H 76 -27.72 -13.39 37.37
N LYS H 77 -28.05 -12.79 36.23
CA LYS H 77 -27.81 -13.43 34.95
C LYS H 77 -26.33 -13.48 34.63
N ILE H 78 -25.99 -14.28 33.62
CA ILE H 78 -24.59 -14.45 33.19
C ILE H 78 -24.39 -13.83 31.82
N ASP H 79 -25.15 -12.77 31.52
CA ASP H 79 -25.30 -12.30 30.14
C ASP H 79 -23.96 -12.04 29.44
N ASN H 80 -23.04 -11.33 30.08
CA ASN H 80 -21.83 -10.87 29.41
C ASN H 80 -20.59 -11.31 30.16
N LEU H 81 -20.53 -12.58 30.50
CA LEU H 81 -19.31 -13.15 31.09
C LEU H 81 -18.23 -13.17 30.02
N HIS H 82 -17.24 -12.29 30.16
CA HIS H 82 -16.21 -12.09 29.15
C HIS H 82 -14.86 -12.57 29.68
N VAL H 83 -14.19 -13.39 28.88
CA VAL H 83 -12.81 -13.81 29.16
C VAL H 83 -11.96 -13.34 27.98
N ARG H 84 -10.88 -12.63 28.28
CA ARG H 84 -10.10 -12.00 27.22
C ARG H 84 -8.61 -12.28 27.39
N THR H 85 -7.93 -12.19 26.26
CA THR H 85 -6.47 -12.26 26.19
C THR H 85 -6.06 -11.22 25.15
N SER H 86 -4.83 -11.34 24.62
CA SER H 86 -4.41 -10.53 23.49
C SER H 86 -5.53 -10.43 22.45
N ALA H 87 -6.31 -11.49 22.29
CA ALA H 87 -7.53 -11.49 21.50
C ALA H 87 -8.68 -12.01 22.36
N PRO H 88 -9.92 -11.60 22.05
CA PRO H 88 -11.06 -12.11 22.84
C PRO H 88 -11.18 -13.61 22.74
N CYS H 89 -11.54 -14.24 23.86
CA CYS H 89 -11.67 -15.69 23.93
C CYS H 89 -13.11 -16.11 23.65
N SER H 90 -13.40 -17.38 23.90
CA SER H 90 -14.75 -17.91 23.75
C SER H 90 -15.03 -18.88 24.89
N LEU H 91 -16.12 -18.66 25.61
CA LEU H 91 -16.45 -19.52 26.75
C LEU H 91 -16.80 -20.93 26.29
N VAL H 92 -16.55 -21.89 27.19
CA VAL H 92 -16.90 -23.28 26.91
C VAL H 92 -17.84 -23.80 27.99
N SER H 93 -17.40 -23.82 29.25
CA SER H 93 -18.24 -24.28 30.34
C SER H 93 -17.77 -23.66 31.64
N HIS H 94 -18.65 -23.67 32.63
CA HIS H 94 -18.34 -23.08 33.92
C HIS H 94 -19.03 -23.89 35.01
N HIS H 95 -18.38 -24.00 36.16
CA HIS H 95 -18.92 -24.77 37.27
C HIS H 95 -18.20 -24.37 38.54
N GLY H 96 -18.94 -23.92 39.54
CA GLY H 96 -18.31 -23.52 40.78
C GLY H 96 -17.37 -22.35 40.55
N TYR H 97 -16.23 -22.38 41.25
CA TYR H 97 -15.24 -21.32 41.09
C TYR H 97 -14.56 -21.35 39.74
N TYR H 98 -14.61 -22.47 39.04
CA TYR H 98 -13.80 -22.70 37.86
C TYR H 98 -14.60 -22.50 36.58
N ILE H 99 -14.02 -21.80 35.62
CA ILE H 99 -14.62 -21.59 34.31
C ILE H 99 -13.62 -22.05 33.26
N LEU H 100 -14.09 -22.88 32.34
CA LEU H 100 -13.24 -23.45 31.29
C LEU H 100 -13.47 -22.68 30.00
N ALA H 101 -12.40 -22.09 29.46
CA ALA H 101 -12.48 -21.33 28.22
C ALA H 101 -11.21 -21.54 27.42
N GLN H 102 -11.29 -21.28 26.12
CA GLN H 102 -10.15 -21.37 25.23
C GLN H 102 -9.78 -19.99 24.71
N CYS H 103 -8.49 -19.67 24.74
CA CYS H 103 -8.02 -18.34 24.39
C CYS H 103 -6.90 -18.40 23.36
N PRO H 104 -6.78 -17.38 22.52
CA PRO H 104 -5.57 -17.23 21.70
C PRO H 104 -4.37 -16.87 22.56
N PRO H 105 -3.15 -17.12 22.10
CA PRO H 105 -1.98 -16.79 22.92
C PRO H 105 -1.91 -15.30 23.24
N GLY H 106 -1.45 -14.99 24.43
CA GLY H 106 -1.35 -13.61 24.87
C GLY H 106 -0.58 -13.51 26.17
N ASP H 107 -0.29 -12.28 26.57
CA ASP H 107 0.52 -12.05 27.76
C ASP H 107 -0.32 -11.88 29.02
N THR H 108 -1.60 -11.55 28.90
CA THR H 108 -2.44 -11.35 30.07
C THR H 108 -3.81 -11.97 29.82
N VAL H 109 -4.46 -12.36 30.90
CA VAL H 109 -5.80 -12.94 30.85
C VAL H 109 -6.72 -12.08 31.70
N THR H 110 -7.87 -11.71 31.14
CA THR H 110 -8.83 -10.86 31.82
C THR H 110 -10.17 -11.58 31.91
N VAL H 111 -10.89 -11.35 33.00
CA VAL H 111 -12.22 -11.91 33.18
C VAL H 111 -13.16 -10.77 33.58
N GLY H 112 -14.34 -10.74 32.98
CA GLY H 112 -15.31 -9.72 33.32
C GLY H 112 -16.73 -10.10 32.99
N PHE H 113 -17.63 -9.96 33.96
CA PHE H 113 -19.05 -10.17 33.74
C PHE H 113 -19.73 -8.81 33.58
N HIS H 114 -21.06 -8.80 33.61
CA HIS H 114 -21.81 -7.54 33.50
C HIS H 114 -22.99 -7.58 34.45
N ASP H 115 -22.94 -6.78 35.52
CA ASP H 115 -24.12 -6.59 36.35
C ASP H 115 -25.19 -5.81 35.63
N GLY H 116 -24.80 -4.95 34.69
CA GLY H 116 -25.73 -4.19 33.88
C GLY H 116 -25.56 -2.70 34.03
N PRO H 117 -25.47 -2.21 35.27
CA PRO H 117 -25.01 -0.84 35.48
C PRO H 117 -23.51 -0.72 35.73
N ASN H 118 -22.81 -1.85 35.79
CA ASN H 118 -21.40 -1.85 36.17
C ASN H 118 -20.61 -2.75 35.24
N ARG H 119 -19.31 -2.44 35.14
CA ARG H 119 -18.41 -3.22 34.30
C ARG H 119 -17.90 -4.45 35.05
N HIS H 120 -17.22 -4.24 36.18
CA HIS H 120 -16.76 -5.31 37.06
C HIS H 120 -15.88 -6.31 36.30
N THR H 121 -14.71 -5.82 35.89
CA THR H 121 -13.72 -6.64 35.21
C THR H 121 -12.51 -6.85 36.11
N CYS H 122 -11.73 -7.88 35.77
CA CYS H 122 -10.50 -8.17 36.50
C CYS H 122 -9.55 -8.92 35.58
N THR H 123 -8.25 -8.69 35.77
CA THR H 123 -7.24 -9.31 34.93
C THR H 123 -5.99 -9.61 35.76
N VAL H 124 -5.02 -10.27 35.13
CA VAL H 124 -3.76 -10.60 35.79
C VAL H 124 -2.72 -10.86 34.70
N ALA H 125 -1.46 -10.68 35.05
CA ALA H 125 -0.37 -10.94 34.11
C ALA H 125 -0.01 -12.42 34.14
N HIS H 126 -0.05 -13.07 32.98
CA HIS H 126 0.25 -14.51 32.93
C HIS H 126 0.52 -14.92 31.49
N LYS H 127 1.69 -15.51 31.26
CA LYS H 127 2.03 -15.98 29.91
C LYS H 127 1.07 -17.06 29.46
N VAL H 128 0.58 -16.93 28.23
CA VAL H 128 -0.30 -17.93 27.62
C VAL H 128 0.22 -18.26 26.24
N GLU H 129 0.57 -19.53 26.02
CA GLU H 129 1.00 -20.00 24.72
C GLU H 129 0.45 -21.40 24.50
N PHE H 130 0.34 -21.79 23.23
CA PHE H 130 -0.22 -23.12 22.92
C PHE H 130 0.50 -23.68 21.71
N ARG H 131 1.38 -24.64 21.95
CA ARG H 131 2.04 -25.38 20.88
C ARG H 131 1.22 -26.62 20.56
N PRO H 132 0.78 -26.82 19.33
CA PRO H 132 -0.02 -28.01 19.02
C PRO H 132 0.80 -29.28 19.13
N VAL H 133 0.12 -30.38 19.43
CA VAL H 133 0.80 -31.67 19.51
C VAL H 133 1.20 -32.10 18.12
N GLY H 134 2.47 -32.47 17.96
CA GLY H 134 3.01 -32.91 16.69
C GLY H 134 4.27 -32.16 16.33
N ARG H 135 4.78 -32.46 15.14
CA ARG H 135 6.01 -31.85 14.67
C ARG H 135 5.79 -30.54 13.92
N GLU H 136 4.55 -30.18 13.63
CA GLU H 136 4.25 -28.96 12.89
C GLU H 136 3.82 -27.90 13.87
N LYS H 137 4.73 -26.98 14.20
CA LYS H 137 4.46 -25.95 15.19
C LYS H 137 3.51 -24.92 14.57
N TYR H 138 2.24 -25.28 14.51
CA TYR H 138 1.20 -24.39 13.98
C TYR H 138 0.78 -23.40 15.08
N ARG H 139 -0.34 -22.68 14.86
CA ARG H 139 -0.84 -21.75 15.86
C ARG H 139 -2.36 -21.65 15.91
N HIS H 140 -3.12 -22.49 15.21
CA HIS H 140 -4.59 -22.52 15.32
C HIS H 140 -5.09 -23.91 14.90
N PRO H 141 -6.01 -24.54 15.66
CA PRO H 141 -6.41 -25.92 15.32
C PRO H 141 -6.98 -25.99 13.91
N PRO H 142 -6.36 -26.78 13.03
CA PRO H 142 -6.75 -26.81 11.62
C PRO H 142 -8.03 -27.61 11.39
N GLU H 143 -8.57 -27.41 10.19
CA GLU H 143 -9.80 -28.09 9.78
C GLU H 143 -9.63 -29.60 9.65
N HIS H 144 -8.48 -30.05 9.14
CA HIS H 144 -8.27 -31.47 8.87
C HIS H 144 -6.83 -31.86 9.21
N GLY H 145 -6.51 -33.14 9.02
CA GLY H 145 -5.15 -33.62 9.26
C GLY H 145 -5.13 -35.06 9.78
N VAL H 146 -4.28 -35.28 10.77
CA VAL H 146 -4.18 -36.56 11.48
C VAL H 146 -4.34 -36.29 12.97
N GLU H 147 -4.86 -37.27 13.70
CA GLU H 147 -5.12 -37.13 15.14
C GLU H 147 -3.94 -37.65 15.97
N LEU H 148 -3.67 -36.99 17.09
CA LEU H 148 -2.60 -37.40 17.98
C LEU H 148 -3.07 -37.31 19.43
N PRO H 149 -2.46 -38.10 20.35
CA PRO H 149 -2.89 -38.06 21.75
C PRO H 149 -2.44 -36.81 22.49
N CYS H 150 -3.22 -35.73 22.41
CA CYS H 150 -2.88 -34.50 23.08
C CYS H 150 -3.25 -34.55 24.57
N ASN H 151 -2.93 -33.48 25.27
CA ASN H 151 -3.36 -33.27 26.65
C ASN H 151 -4.33 -32.10 26.68
N ARG H 152 -5.54 -32.33 27.17
CA ARG H 152 -6.57 -31.31 27.16
C ARG H 152 -7.44 -31.46 28.39
N TYR H 153 -8.03 -30.34 28.82
CA TYR H 153 -8.91 -30.38 29.99
C TYR H 153 -10.26 -30.97 29.62
N THR H 154 -10.80 -31.78 30.54
CA THR H 154 -12.04 -32.50 30.25
C THR H 154 -13.19 -31.52 30.02
N HIS H 155 -13.96 -31.78 28.96
CA HIS H 155 -15.13 -30.96 28.67
C HIS H 155 -16.21 -31.14 29.74
N LYS H 156 -16.22 -32.28 30.42
CA LYS H 156 -17.24 -32.57 31.41
C LYS H 156 -16.90 -31.91 32.75
N ARG H 157 -17.80 -32.09 33.72
CA ARG H 157 -17.60 -31.56 35.06
C ARG H 157 -17.78 -32.58 36.17
N ALA H 158 -18.53 -33.67 35.93
CA ALA H 158 -18.82 -34.66 36.97
C ALA H 158 -17.66 -35.64 37.10
N ASP H 159 -16.52 -35.12 37.56
CA ASP H 159 -15.34 -35.96 37.77
C ASP H 159 -14.76 -35.69 39.16
N GLN H 160 -14.05 -36.68 39.69
CA GLN H 160 -13.46 -36.58 41.02
C GLN H 160 -12.01 -37.06 41.01
N GLY H 161 -11.28 -36.78 39.94
CA GLY H 161 -9.89 -37.17 39.89
C GLY H 161 -9.04 -36.47 40.93
N HIS H 162 -9.30 -35.18 41.15
CA HIS H 162 -8.54 -34.39 42.10
C HIS H 162 -9.51 -33.55 42.94
N TYR H 163 -9.03 -33.09 44.09
CA TYR H 163 -9.88 -32.37 45.04
C TYR H 163 -9.20 -31.09 45.49
N VAL H 164 -10.02 -30.13 45.90
CA VAL H 164 -9.57 -28.84 46.42
C VAL H 164 -10.28 -28.60 47.74
N GLU H 165 -9.52 -28.22 48.77
CA GLU H 165 -10.07 -28.09 50.11
C GLU H 165 -10.83 -26.77 50.25
N MET H 166 -12.00 -26.83 50.88
CA MET H 166 -12.80 -25.65 51.22
C MET H 166 -13.00 -25.66 52.73
N HIS H 167 -12.23 -24.83 53.44
CA HIS H 167 -12.35 -24.72 54.89
C HIS H 167 -13.26 -23.55 55.23
N GLN H 168 -13.39 -23.23 56.52
CA GLN H 168 -14.16 -22.04 56.88
C GLN H 168 -13.37 -20.78 56.52
N PRO H 169 -14.02 -19.78 55.90
CA PRO H 169 -13.31 -18.52 55.59
C PRO H 169 -12.86 -17.82 56.87
N GLY H 170 -12.01 -16.78 56.70
CA GLY H 170 -11.60 -15.95 57.81
C GLY H 170 -12.37 -14.64 57.83
N LEU H 171 -12.49 -14.02 59.00
CA LEU H 171 -13.29 -12.81 59.13
C LEU H 171 -12.86 -11.73 58.15
N VAL H 172 -13.85 -11.11 57.51
CA VAL H 172 -13.72 -9.95 56.63
C VAL H 172 -14.16 -8.70 57.39
N ALA H 173 -13.43 -7.61 57.24
CA ALA H 173 -13.89 -6.33 57.78
C ALA H 173 -15.02 -5.74 56.92
N ASP H 174 -15.89 -4.92 57.54
CA ASP H 174 -16.74 -3.99 56.78
C ASP H 174 -17.18 -2.83 57.69
N HIS H 175 -16.50 -1.68 57.55
CA HIS H 175 -16.78 -0.50 58.38
C HIS H 175 -18.16 0.11 58.14
N SER H 176 -18.90 -0.34 57.13
CA SER H 176 -20.27 0.13 56.94
C SER H 176 -21.24 -0.50 57.95
N LEU H 177 -20.83 -1.59 58.62
CA LEU H 177 -21.57 -2.09 59.78
C LEU H 177 -21.58 -1.08 60.92
N LEU H 178 -20.57 -0.21 60.99
CA LEU H 178 -20.41 0.75 62.08
C LEU H 178 -21.24 2.02 61.80
N SER H 179 -22.55 1.89 62.01
CA SER H 179 -23.47 3.01 61.98
C SER H 179 -23.22 3.96 63.17
N ILE H 180 -23.83 5.15 63.13
CA ILE H 180 -23.65 6.18 64.17
C ILE H 180 -24.91 6.31 65.02
N HIS H 181 -24.76 6.18 66.36
CA HIS H 181 -25.86 6.30 67.34
C HIS H 181 -25.86 7.68 68.03
N SER H 182 -25.90 8.73 67.20
CA SER H 182 -25.86 10.17 67.51
C SER H 182 -24.53 10.73 68.08
N ALA H 183 -23.82 9.97 68.91
CA ALA H 183 -22.53 10.39 69.46
C ALA H 183 -21.57 9.23 69.70
N LYS H 184 -21.94 7.99 69.34
CA LYS H 184 -21.18 6.76 69.58
C LYS H 184 -21.30 5.85 68.36
N VAL H 185 -20.36 4.90 68.20
CA VAL H 185 -20.39 3.99 67.05
C VAL H 185 -21.17 2.72 67.39
N LYS H 186 -22.05 2.30 66.48
CA LYS H 186 -23.09 1.28 66.67
C LYS H 186 -22.97 0.22 65.56
N ILE H 187 -22.40 -0.96 65.89
CA ILE H 187 -22.26 -2.05 64.92
C ILE H 187 -23.59 -2.79 64.77
N THR H 188 -23.92 -3.24 63.55
CA THR H 188 -25.16 -4.02 63.34
C THR H 188 -24.86 -5.29 62.52
N VAL H 189 -25.73 -6.29 62.63
CA VAL H 189 -25.41 -7.63 62.10
C VAL H 189 -26.10 -7.94 60.78
N PRO H 190 -25.52 -8.87 59.94
CA PRO H 190 -26.19 -9.25 58.68
C PRO H 190 -27.39 -10.16 58.87
N SER H 191 -27.23 -11.26 59.61
CA SER H 191 -28.38 -12.12 59.90
C SER H 191 -28.28 -12.78 61.26
N GLY H 192 -27.58 -12.14 62.20
CA GLY H 192 -27.10 -12.85 63.37
C GLY H 192 -25.73 -13.45 63.19
N ALA H 193 -25.03 -13.11 62.11
CA ALA H 193 -23.67 -13.60 61.90
C ALA H 193 -22.74 -13.09 63.01
N GLN H 194 -21.65 -13.81 63.23
CA GLN H 194 -20.72 -13.43 64.30
C GLN H 194 -19.92 -12.19 63.90
N VAL H 195 -19.82 -11.22 64.81
CA VAL H 195 -19.06 -10.00 64.55
C VAL H 195 -17.97 -9.82 65.60
N LYS H 196 -16.80 -10.42 65.36
CA LYS H 196 -15.64 -10.17 66.22
C LYS H 196 -15.46 -8.66 66.35
N TYR H 197 -15.45 -8.13 67.59
CA TYR H 197 -15.53 -6.68 67.76
C TYR H 197 -14.62 -6.16 68.88
N TYR H 198 -13.95 -5.02 68.63
CA TYR H 198 -13.13 -4.30 69.63
C TYR H 198 -12.56 -3.02 69.00
N CYS H 199 -12.22 -2.01 69.80
CA CYS H 199 -11.59 -0.79 69.27
C CYS H 199 -10.26 -0.53 69.97
N LYS H 200 -9.51 0.45 69.44
CA LYS H 200 -8.22 0.81 70.06
C LYS H 200 -8.41 1.24 71.52
N CYS H 201 -9.50 1.96 71.83
CA CYS H 201 -9.89 2.23 73.22
C CYS H 201 -10.42 0.96 73.90
N PRO H 202 -10.29 0.86 75.25
CA PRO H 202 -10.84 -0.33 75.95
C PRO H 202 -12.37 -0.40 76.01
N ASP H 203 -12.97 -1.41 75.37
CA ASP H 203 -14.42 -1.67 75.31
C ASP H 203 -14.65 -3.18 75.14
N VAL H 204 -15.85 -3.59 74.67
CA VAL H 204 -16.17 -5.01 74.39
C VAL H 204 -15.08 -5.64 73.54
N ARG H 205 -14.43 -6.69 74.06
CA ARG H 205 -13.17 -7.18 73.48
C ARG H 205 -13.29 -8.40 72.57
N GLU H 206 -14.38 -9.19 72.62
CA GLU H 206 -14.56 -10.31 71.69
C GLU H 206 -15.53 -10.00 70.56
N GLY H 207 -16.78 -9.68 70.87
CA GLY H 207 -17.80 -9.61 69.84
C GLY H 207 -18.31 -10.93 69.28
N ILE H 208 -19.24 -11.59 69.99
CA ILE H 208 -20.00 -12.71 69.43
C ILE H 208 -21.47 -12.41 69.77
N THR H 209 -22.17 -11.64 68.92
CA THR H 209 -23.32 -10.86 69.36
C THR H 209 -24.32 -10.59 68.24
N SER H 210 -25.48 -10.01 68.62
CA SER H 210 -26.34 -9.22 67.75
C SER H 210 -25.79 -7.79 67.65
N SER H 211 -26.59 -6.82 67.16
CA SER H 211 -26.11 -5.44 66.99
C SER H 211 -25.74 -4.76 68.32
N ASP H 212 -24.44 -4.63 68.59
CA ASP H 212 -23.90 -3.92 69.75
C ASP H 212 -23.69 -2.43 69.50
N HIS H 213 -23.56 -1.67 70.59
CA HIS H 213 -23.02 -0.32 70.58
C HIS H 213 -21.66 -0.27 71.29
N THR H 214 -20.90 0.78 70.99
CA THR H 214 -19.55 1.00 71.52
C THR H 214 -19.59 2.03 72.64
N THR H 215 -19.20 1.64 73.86
CA THR H 215 -19.18 2.62 74.95
C THR H 215 -18.02 3.59 74.81
N THR H 216 -16.82 3.11 74.43
CA THR H 216 -15.60 3.92 74.63
C THR H 216 -15.20 4.72 73.40
N CYS H 217 -14.78 4.05 72.32
CA CYS H 217 -14.33 4.74 71.12
C CYS H 217 -15.50 5.39 70.36
N THR H 218 -15.18 6.40 69.56
CA THR H 218 -16.17 7.23 68.87
C THR H 218 -16.00 7.21 67.36
N ASP H 219 -14.77 7.39 66.87
CA ASP H 219 -14.45 7.32 65.45
C ASP H 219 -14.48 5.88 64.94
N VAL H 220 -15.25 5.65 63.87
CA VAL H 220 -15.38 4.32 63.28
C VAL H 220 -14.05 3.76 62.76
N LYS H 221 -13.07 4.62 62.47
CA LYS H 221 -11.84 4.19 61.80
C LYS H 221 -10.88 3.41 62.72
N GLN H 222 -11.15 3.32 64.01
CA GLN H 222 -10.32 2.62 64.99
C GLN H 222 -11.08 1.48 65.65
N CYS H 223 -11.86 0.72 64.86
CA CYS H 223 -12.73 -0.34 65.38
C CYS H 223 -12.79 -1.51 64.41
N ARG H 224 -12.96 -2.71 64.97
CA ARG H 224 -12.91 -3.98 64.24
C ARG H 224 -14.30 -4.35 63.73
N ALA H 225 -14.61 -3.95 62.49
CA ALA H 225 -15.93 -4.20 61.93
C ALA H 225 -15.99 -5.58 61.27
N TYR H 226 -15.62 -6.63 62.00
CA TYR H 226 -15.37 -7.94 61.39
C TYR H 226 -16.64 -8.79 61.27
N LEU H 227 -16.69 -9.64 60.24
CA LEU H 227 -17.75 -10.64 60.07
C LEU H 227 -17.16 -12.04 59.93
N ILE H 228 -17.37 -12.86 60.95
CA ILE H 228 -17.17 -14.31 60.87
C ILE H 228 -18.48 -14.88 60.34
N ASP H 229 -18.47 -15.39 59.11
CA ASP H 229 -19.71 -15.80 58.44
C ASP H 229 -19.52 -17.16 57.78
N ASN H 230 -19.02 -18.11 58.56
CA ASN H 230 -18.69 -19.42 58.03
C ASN H 230 -19.91 -20.35 58.02
N LYS H 231 -21.13 -19.79 57.86
CA LYS H 231 -22.30 -20.63 57.56
C LYS H 231 -22.19 -21.30 56.20
N LYS H 232 -21.44 -20.71 55.28
CA LYS H 232 -21.13 -21.32 53.99
C LYS H 232 -19.64 -21.18 53.75
N TRP H 233 -18.93 -22.29 53.69
CA TRP H 233 -17.48 -22.26 53.66
C TRP H 233 -16.97 -21.82 52.28
N VAL H 234 -15.69 -21.45 52.24
CA VAL H 234 -15.04 -20.98 51.02
C VAL H 234 -13.73 -21.72 50.83
N TYR H 235 -13.13 -21.53 49.66
CA TYR H 235 -11.83 -22.09 49.35
C TYR H 235 -10.73 -21.32 50.07
N ASN H 236 -9.70 -22.04 50.52
CA ASN H 236 -8.60 -21.41 51.25
C ASN H 236 -7.74 -20.63 50.27
N SER H 237 -8.26 -19.51 49.80
CA SER H 237 -7.53 -18.67 48.87
C SER H 237 -6.38 -17.95 49.56
N GLY H 238 -5.38 -17.58 48.77
CA GLY H 238 -4.24 -16.85 49.32
C GLY H 238 -4.50 -15.38 49.58
N ARG H 239 -5.62 -14.88 49.08
CA ARG H 239 -6.04 -13.49 49.24
C ARG H 239 -6.99 -13.30 50.42
N LEU H 240 -7.49 -14.38 51.02
CA LEU H 240 -8.36 -14.33 52.19
C LEU H 240 -7.59 -14.72 53.44
N PRO H 241 -7.65 -13.95 54.53
CA PRO H 241 -6.93 -14.33 55.75
C PRO H 241 -7.57 -15.53 56.43
N ARG H 242 -6.77 -16.22 57.26
CA ARG H 242 -7.15 -17.54 57.76
C ARG H 242 -8.02 -17.44 59.01
N GLY H 243 -8.99 -18.35 59.12
CA GLY H 243 -9.77 -18.48 60.34
C GLY H 243 -9.00 -19.20 61.43
N GLU H 244 -8.76 -18.51 62.55
CA GLU H 244 -7.91 -19.04 63.62
C GLU H 244 -8.45 -20.34 64.22
N GLY H 245 -9.74 -20.62 64.08
CA GLY H 245 -10.33 -21.76 64.73
C GLY H 245 -9.84 -23.09 64.21
N ASP H 246 -10.19 -23.41 62.96
CA ASP H 246 -9.84 -24.70 62.38
C ASP H 246 -10.11 -24.65 60.89
N THR H 247 -9.52 -25.58 60.16
CA THR H 247 -9.80 -25.76 58.74
C THR H 247 -10.91 -26.78 58.60
N PHE H 248 -12.12 -26.32 58.31
CA PHE H 248 -13.26 -27.21 58.26
C PHE H 248 -13.17 -28.16 57.06
N LYS H 249 -14.05 -29.15 57.07
CA LYS H 249 -14.13 -30.10 55.97
C LYS H 249 -14.81 -29.42 54.80
N GLY H 250 -15.08 -30.17 53.73
CA GLY H 250 -15.60 -29.60 52.51
C GLY H 250 -14.67 -29.87 51.34
N LYS H 251 -13.95 -30.99 51.42
CA LYS H 251 -13.09 -31.40 50.33
C LYS H 251 -13.86 -31.44 49.02
N LEU H 252 -13.50 -30.58 48.07
CA LEU H 252 -14.30 -30.37 46.87
C LEU H 252 -13.53 -30.81 45.64
N HIS H 253 -14.19 -31.58 44.78
CA HIS H 253 -13.55 -32.13 43.58
C HIS H 253 -13.22 -31.02 42.58
N VAL H 254 -12.10 -31.18 41.89
CA VAL H 254 -11.74 -30.24 40.82
C VAL H 254 -12.72 -30.40 39.67
N PRO H 255 -13.35 -29.32 39.19
CA PRO H 255 -14.39 -29.50 38.15
C PRO H 255 -13.86 -30.06 36.84
N PHE H 256 -12.82 -29.47 36.28
CA PHE H 256 -12.32 -29.83 34.95
C PHE H 256 -10.94 -30.44 35.11
N VAL H 257 -10.89 -31.77 35.16
CA VAL H 257 -9.63 -32.49 35.33
C VAL H 257 -9.00 -32.69 33.95
N PRO H 258 -7.72 -32.35 33.76
CA PRO H 258 -7.08 -32.63 32.47
C PRO H 258 -7.08 -34.12 32.16
N VAL H 259 -7.30 -34.44 30.89
CA VAL H 259 -7.35 -35.82 30.43
C VAL H 259 -6.61 -35.91 29.09
N LYS H 260 -6.20 -37.13 28.75
CA LYS H 260 -5.43 -37.34 27.52
C LYS H 260 -6.39 -37.66 26.38
N ALA H 261 -6.93 -36.60 25.78
CA ALA H 261 -7.82 -36.73 24.64
C ALA H 261 -7.00 -36.79 23.34
N LYS H 262 -7.69 -36.75 22.21
CA LYS H 262 -7.03 -36.80 20.90
C LYS H 262 -7.41 -35.56 20.10
N CYS H 263 -6.49 -34.60 20.04
CA CYS H 263 -6.72 -33.40 19.24
C CYS H 263 -6.40 -33.70 17.77
N ILE H 264 -6.95 -32.88 16.90
CA ILE H 264 -6.65 -32.96 15.47
C ILE H 264 -5.51 -32.01 15.16
N ALA H 265 -4.45 -32.54 14.55
CA ALA H 265 -3.24 -31.77 14.26
C ALA H 265 -3.10 -31.55 12.76
N THR H 266 -2.30 -30.56 12.41
CA THR H 266 -2.09 -30.20 11.01
C THR H 266 -1.24 -31.25 10.31
N LEU H 267 -1.25 -31.21 8.98
CA LEU H 267 -0.41 -32.07 8.16
C LEU H 267 0.25 -31.26 7.04
N ALA H 268 1.59 -31.26 7.01
CA ALA H 268 2.32 -30.49 6.01
C ALA H 268 2.16 -31.09 4.61
N PRO H 269 2.24 -30.27 3.56
CA PRO H 269 2.14 -30.82 2.19
C PRO H 269 3.26 -31.81 1.91
N GLU H 270 2.94 -32.85 1.14
CA GLU H 270 3.91 -33.89 0.88
C GLU H 270 5.08 -33.34 0.06
N PRO H 271 6.31 -33.70 0.40
CA PRO H 271 7.47 -33.19 -0.35
C PRO H 271 7.52 -33.76 -1.76
N LEU H 272 8.15 -33.00 -2.65
CA LEU H 272 8.41 -33.46 -4.01
C LEU H 272 9.77 -34.16 -4.01
N VAL H 273 9.75 -35.48 -4.21
CA VAL H 273 10.97 -36.29 -4.10
C VAL H 273 11.67 -36.34 -5.45
N GLU H 274 12.95 -36.02 -5.46
CA GLU H 274 13.78 -36.11 -6.66
C GLU H 274 14.99 -36.99 -6.35
N HIS H 275 15.25 -37.96 -7.23
CA HIS H 275 16.31 -38.94 -7.00
C HIS H 275 17.54 -38.64 -7.84
N LYS H 276 18.71 -38.83 -7.24
CA LYS H 276 19.97 -38.75 -7.96
C LYS H 276 20.77 -40.02 -7.70
N HIS H 277 22.03 -40.07 -8.17
CA HIS H 277 22.85 -41.25 -7.97
C HIS H 277 23.36 -41.26 -6.53
N ARG H 278 22.82 -42.18 -5.71
CA ARG H 278 23.26 -42.37 -4.34
C ARG H 278 23.12 -41.10 -3.50
N THR H 279 22.11 -40.30 -3.77
CA THR H 279 21.81 -39.15 -2.94
C THR H 279 20.34 -38.79 -3.13
N LEU H 280 19.69 -38.43 -2.02
CA LEU H 280 18.27 -38.13 -2.01
C LEU H 280 18.09 -36.62 -1.91
N ILE H 281 17.37 -36.04 -2.87
CA ILE H 281 17.06 -34.62 -2.86
C ILE H 281 15.60 -34.45 -2.50
N LEU H 282 15.33 -33.73 -1.41
CA LEU H 282 13.97 -33.49 -0.95
C LEU H 282 13.57 -32.06 -1.32
N HIS H 283 12.80 -31.93 -2.39
CA HIS H 283 12.24 -30.64 -2.79
C HIS H 283 10.91 -30.47 -2.05
N LEU H 284 10.87 -29.54 -1.10
CA LEU H 284 9.70 -29.42 -0.23
C LEU H 284 9.40 -27.95 0.03
N HIS H 285 8.15 -27.68 0.41
CA HIS H 285 7.68 -26.34 0.73
C HIS H 285 6.82 -26.39 1.98
N PRO H 286 7.36 -26.00 3.14
CA PRO H 286 6.56 -26.05 4.37
C PRO H 286 5.61 -24.87 4.48
N ASP H 287 4.38 -25.17 4.88
CA ASP H 287 3.41 -24.10 5.13
C ASP H 287 3.64 -23.43 6.48
N HIS H 288 4.04 -24.19 7.49
CA HIS H 288 4.35 -23.67 8.81
C HIS H 288 5.61 -24.35 9.31
N PRO H 289 6.35 -23.70 10.25
CA PRO H 289 7.62 -24.28 10.71
C PRO H 289 7.49 -25.73 11.15
N THR H 290 8.12 -26.64 10.42
CA THR H 290 8.10 -28.06 10.74
C THR H 290 9.52 -28.58 10.78
N LEU H 291 9.81 -29.47 11.72
CA LEU H 291 11.12 -30.09 11.81
C LEU H 291 11.08 -31.44 11.11
N LEU H 292 12.11 -31.71 10.32
CA LEU H 292 12.27 -33.02 9.68
C LEU H 292 13.50 -33.70 10.27
N THR H 293 13.41 -35.02 10.45
CA THR H 293 14.49 -35.79 11.05
C THR H 293 14.94 -36.87 10.07
N THR H 294 16.25 -37.04 9.98
CA THR H 294 16.83 -38.09 9.14
C THR H 294 17.75 -38.94 9.99
N ARG H 295 17.79 -40.23 9.66
CA ARG H 295 18.52 -41.19 10.48
C ARG H 295 18.99 -42.34 9.60
N SER H 296 20.31 -42.50 9.50
CA SER H 296 20.87 -43.57 8.69
C SER H 296 20.62 -44.92 9.38
N LEU H 297 20.36 -45.95 8.57
CA LEU H 297 20.11 -47.29 9.11
C LEU H 297 21.39 -48.07 9.35
N GLY H 298 22.56 -47.49 9.08
CA GLY H 298 23.81 -48.17 9.29
C GLY H 298 24.23 -48.14 10.76
N SER H 299 25.49 -48.51 10.99
CA SER H 299 26.01 -48.51 12.36
C SER H 299 26.02 -47.11 12.95
N ASP H 300 26.41 -46.12 12.16
CA ASP H 300 26.47 -44.73 12.61
C ASP H 300 25.18 -44.02 12.21
N ALA H 301 24.46 -43.50 13.19
CA ALA H 301 23.15 -42.90 12.91
C ALA H 301 23.30 -41.65 12.06
N ASN H 302 24.23 -40.77 12.42
CA ASN H 302 24.38 -39.45 11.78
C ASN H 302 23.03 -38.72 11.71
N PRO H 303 22.35 -38.53 12.84
CA PRO H 303 21.03 -37.90 12.80
C PRO H 303 21.12 -36.42 12.50
N THR H 304 19.99 -35.86 12.05
CA THR H 304 19.92 -34.43 11.79
C THR H 304 18.49 -33.96 12.00
N ARG H 305 18.32 -33.04 12.93
CA ARG H 305 17.03 -32.40 13.19
C ARG H 305 17.13 -30.94 12.81
N GLN H 306 16.16 -30.46 12.04
CA GLN H 306 16.22 -29.09 11.53
C GLN H 306 14.83 -28.56 11.27
N TRP H 307 14.38 -27.61 12.08
CA TRP H 307 13.16 -26.89 11.76
C TRP H 307 13.39 -26.02 10.52
N ILE H 308 12.41 -26.01 9.63
CA ILE H 308 12.48 -25.20 8.42
C ILE H 308 11.16 -24.47 8.24
N GLU H 309 11.25 -23.18 7.91
CA GLU H 309 10.06 -22.35 7.69
C GLU H 309 9.92 -21.93 6.23
N ARG H 310 10.93 -21.28 5.67
CA ARG H 310 10.87 -20.90 4.27
C ARG H 310 11.02 -22.14 3.39
N PRO H 311 10.49 -22.10 2.17
CA PRO H 311 10.74 -23.23 1.25
C PRO H 311 12.22 -23.39 1.00
N THR H 312 12.68 -24.64 1.02
CA THR H 312 14.10 -24.92 0.88
C THR H 312 14.28 -26.24 0.16
N THR H 313 15.49 -26.44 -0.37
CA THR H 313 15.88 -27.69 -0.99
C THR H 313 17.01 -28.29 -0.17
N VAL H 314 16.87 -29.56 0.17
CA VAL H 314 17.84 -30.24 1.00
C VAL H 314 18.34 -31.48 0.27
N ASN H 315 19.46 -32.01 0.73
CA ASN H 315 20.05 -33.20 0.14
C ASN H 315 20.39 -34.20 1.22
N PHE H 316 20.60 -35.44 0.80
CA PHE H 316 20.95 -36.48 1.75
C PHE H 316 21.76 -37.57 1.07
N THR H 317 22.89 -37.94 1.66
CA THR H 317 23.72 -39.00 1.08
C THR H 317 23.14 -40.34 1.53
N VAL H 318 22.39 -40.99 0.65
CA VAL H 318 21.77 -42.27 0.97
C VAL H 318 22.80 -43.37 0.72
N THR H 319 23.28 -43.99 1.79
CA THR H 319 24.28 -45.04 1.69
C THR H 319 23.63 -46.39 1.41
N GLY H 320 24.46 -47.38 1.07
CA GLY H 320 23.95 -48.71 0.80
C GLY H 320 23.17 -49.29 1.95
N GLU H 321 23.50 -48.88 3.18
CA GLU H 321 22.72 -49.31 4.33
C GLU H 321 21.28 -48.82 4.22
N GLY H 322 21.10 -47.57 3.80
CA GLY H 322 19.77 -47.00 3.63
C GLY H 322 19.57 -45.79 4.52
N LEU H 323 18.52 -45.04 4.19
CA LEU H 323 18.19 -43.81 4.90
C LEU H 323 16.69 -43.76 5.15
N GLU H 324 16.31 -43.17 6.29
CA GLU H 324 14.90 -42.93 6.59
C GLU H 324 14.73 -41.49 7.04
N TYR H 325 13.58 -40.91 6.70
CA TYR H 325 13.31 -39.51 7.02
C TYR H 325 11.85 -39.37 7.44
N THR H 326 11.60 -38.39 8.31
CA THR H 326 10.26 -38.11 8.82
C THR H 326 9.97 -36.64 8.57
N TRP H 327 9.19 -36.34 7.55
CA TRP H 327 8.84 -34.97 7.22
C TRP H 327 7.56 -34.59 7.95
N GLY H 328 7.66 -33.68 8.92
CA GLY H 328 6.49 -33.30 9.67
C GLY H 328 5.95 -34.47 10.48
N ASN H 329 4.64 -34.49 10.68
CA ASN H 329 3.97 -35.58 11.39
C ASN H 329 3.51 -36.70 10.46
N HIS H 330 3.97 -36.71 9.21
CA HIS H 330 3.73 -37.84 8.31
C HIS H 330 4.36 -39.11 8.87
N PRO H 331 3.85 -40.29 8.50
CA PRO H 331 4.50 -41.53 8.91
C PRO H 331 5.91 -41.61 8.36
N PRO H 332 6.84 -42.21 9.09
CA PRO H 332 8.23 -42.29 8.62
C PRO H 332 8.33 -43.10 7.34
N LYS H 333 9.30 -42.74 6.50
CA LYS H 333 9.57 -43.47 5.27
C LYS H 333 11.06 -43.75 5.17
N ARG H 334 11.38 -44.96 4.68
CA ARG H 334 12.76 -45.37 4.49
C ARG H 334 13.09 -45.37 3.00
N VAL H 335 14.36 -45.59 2.68
CA VAL H 335 14.80 -45.52 1.29
C VAL H 335 16.04 -46.39 1.10
N TRP H 336 16.24 -46.83 -0.14
CA TRP H 336 17.33 -47.71 -0.52
C TRP H 336 18.52 -46.92 -1.06
N ALA H 337 19.48 -47.63 -1.65
CA ALA H 337 20.56 -47.02 -2.43
C ALA H 337 20.94 -48.03 -3.52
N GLN H 338 20.50 -47.76 -4.74
CA GLN H 338 20.64 -48.72 -5.85
C GLN H 338 20.11 -50.09 -5.49
N ASP I 1 -32.00 0.56 -8.98
CA ASP I 1 -30.54 0.37 -9.20
C ASP I 1 -30.06 -0.86 -8.45
N LEU I 2 -30.23 -0.84 -7.12
CA LEU I 2 -29.79 -1.95 -6.29
C LEU I 2 -30.59 -3.21 -6.52
N ASP I 3 -31.74 -3.13 -7.16
CA ASP I 3 -32.57 -4.30 -7.46
C ASP I 3 -32.36 -4.80 -8.88
N THR I 4 -31.19 -4.53 -9.45
CA THR I 4 -30.86 -4.97 -10.80
C THR I 4 -29.91 -6.17 -10.79
N HIS I 5 -29.92 -6.95 -9.72
CA HIS I 5 -29.06 -8.12 -9.60
C HIS I 5 -29.85 -9.30 -9.05
N PHE I 6 -31.06 -9.50 -9.56
CA PHE I 6 -31.94 -10.53 -9.02
C PHE I 6 -31.49 -11.94 -9.35
N THR I 7 -30.49 -12.10 -10.22
CA THR I 7 -29.95 -13.43 -10.47
C THR I 7 -29.50 -14.08 -9.18
N GLN I 8 -28.83 -13.31 -8.32
CA GLN I 8 -28.43 -13.82 -7.02
C GLN I 8 -29.54 -13.66 -5.98
N TYR I 9 -30.31 -12.58 -6.08
CA TYR I 9 -31.22 -12.22 -5.00
C TYR I 9 -32.27 -13.29 -4.76
N LYS I 10 -33.12 -13.52 -5.76
CA LYS I 10 -34.26 -14.42 -5.56
C LYS I 10 -33.87 -15.87 -5.80
N LEU I 11 -33.02 -16.13 -6.79
CA LEU I 11 -32.76 -17.50 -7.22
C LEU I 11 -31.85 -18.27 -6.28
N ALA I 12 -31.18 -17.61 -5.34
CA ALA I 12 -30.27 -18.29 -4.43
C ALA I 12 -30.78 -18.20 -2.99
N ARG I 13 -30.49 -19.23 -2.20
CA ARG I 13 -30.94 -19.25 -0.80
C ARG I 13 -29.84 -19.82 0.09
N PRO I 14 -29.54 -19.17 1.22
CA PRO I 14 -28.44 -19.62 2.07
C PRO I 14 -28.74 -20.97 2.71
N TYR I 15 -27.68 -21.74 2.93
CA TYR I 15 -27.82 -23.04 3.59
C TYR I 15 -26.79 -23.15 4.72
N ILE I 16 -26.76 -24.32 5.35
CA ILE I 16 -25.97 -24.62 6.54
C ILE I 16 -24.84 -25.58 6.16
N ALA I 17 -23.66 -25.39 6.74
CA ALA I 17 -22.51 -26.25 6.44
C ALA I 17 -21.63 -26.39 7.68
N ASP I 18 -20.54 -27.15 7.54
CA ASP I 18 -19.79 -27.69 8.69
C ASP I 18 -18.63 -26.74 9.03
N CYS I 19 -18.88 -25.81 9.97
CA CYS I 19 -17.83 -24.87 10.38
C CYS I 19 -16.72 -25.56 11.18
N PRO I 20 -15.44 -25.30 10.87
CA PRO I 20 -14.35 -25.99 11.59
C PRO I 20 -14.35 -25.79 13.10
N ASN I 21 -14.64 -24.58 13.57
CA ASN I 21 -14.54 -24.24 15.00
C ASN I 21 -15.76 -23.43 15.43
N CYS I 22 -16.95 -23.94 15.11
CA CYS I 22 -18.17 -23.24 15.45
C CYS I 22 -18.35 -23.13 16.96
N GLY I 23 -18.20 -21.92 17.50
CA GLY I 23 -18.44 -21.66 18.90
C GLY I 23 -17.32 -22.14 19.80
N HIS I 24 -17.28 -23.45 20.01
CA HIS I 24 -16.20 -24.09 20.75
C HIS I 24 -15.77 -25.43 20.16
N SER I 25 -16.56 -26.02 19.27
CA SER I 25 -16.26 -27.32 18.69
C SER I 25 -16.62 -27.26 17.21
N ARG I 26 -16.60 -28.42 16.55
CA ARG I 26 -16.99 -28.52 15.14
C ARG I 26 -18.49 -28.79 15.05
N CYS I 27 -19.29 -27.72 15.11
CA CYS I 27 -20.73 -27.84 14.94
C CYS I 27 -21.08 -27.61 13.46
N ASP I 28 -22.37 -27.52 13.15
CA ASP I 28 -22.85 -27.16 11.81
C ASP I 28 -23.52 -25.78 11.92
N SER I 29 -22.71 -24.71 11.81
CA SER I 29 -23.25 -23.36 11.94
C SER I 29 -23.88 -22.89 10.62
N PRO I 30 -24.87 -21.98 10.69
CA PRO I 30 -25.41 -21.39 9.47
C PRO I 30 -24.52 -20.34 8.82
N ILE I 31 -23.41 -19.96 9.46
CA ILE I 31 -22.54 -18.93 8.91
C ILE I 31 -21.19 -19.54 8.53
N ALA I 32 -21.20 -20.80 8.06
CA ALA I 32 -19.98 -21.51 7.72
C ALA I 32 -19.14 -20.70 6.73
N ILE I 33 -17.83 -20.69 6.95
CA ILE I 33 -16.92 -19.79 6.21
C ILE I 33 -16.25 -20.55 5.08
N GLU I 34 -16.25 -19.96 3.88
CA GLU I 34 -15.58 -20.51 2.71
C GLU I 34 -14.69 -19.45 2.07
N GLU I 35 -13.59 -19.90 1.46
CA GLU I 35 -12.81 -19.09 0.52
C GLU I 35 -12.44 -17.70 1.06
N VAL I 36 -11.79 -17.67 2.23
CA VAL I 36 -11.23 -16.40 2.73
C VAL I 36 -10.18 -15.90 1.74
N ARG I 37 -10.38 -14.70 1.23
CA ARG I 37 -9.57 -14.18 0.13
C ARG I 37 -8.77 -12.96 0.61
N GLY I 38 -7.62 -13.25 1.24
CA GLY I 38 -6.74 -12.22 1.73
C GLY I 38 -5.62 -11.91 0.75
N ASP I 39 -5.94 -11.21 -0.35
CA ASP I 39 -4.93 -10.93 -1.37
C ASP I 39 -4.83 -9.45 -1.72
N ALA I 40 -5.72 -8.61 -1.20
CA ALA I 40 -5.63 -7.17 -1.39
C ALA I 40 -4.37 -6.60 -0.70
N HIS I 41 -3.97 -5.41 -1.14
CA HIS I 41 -2.81 -4.76 -0.53
C HIS I 41 -3.13 -4.11 0.81
N ALA I 42 -4.17 -3.29 0.90
CA ALA I 42 -4.42 -2.49 2.11
C ALA I 42 -5.04 -3.30 3.27
N GLY I 43 -4.87 -4.61 3.30
CA GLY I 43 -5.43 -5.45 4.34
C GLY I 43 -6.93 -5.69 4.23
N VAL I 44 -7.52 -5.43 3.07
CA VAL I 44 -8.95 -5.67 2.86
C VAL I 44 -9.17 -7.16 2.60
N ILE I 45 -10.23 -7.70 3.19
CA ILE I 45 -10.53 -9.13 3.15
C ILE I 45 -11.91 -9.34 2.52
N ARG I 46 -12.01 -10.34 1.65
CA ARG I 46 -13.31 -10.85 1.19
C ARG I 46 -13.55 -12.21 1.82
N ILE I 47 -14.74 -12.41 2.38
CA ILE I 47 -15.13 -13.68 3.00
C ILE I 47 -16.40 -14.16 2.33
N GLN I 48 -16.45 -15.45 1.98
CA GLN I 48 -17.67 -16.06 1.43
C GLN I 48 -18.31 -16.99 2.45
N THR I 49 -19.29 -16.48 3.21
CA THR I 49 -20.03 -17.30 4.16
C THR I 49 -21.17 -18.05 3.48
N SER I 50 -21.57 -19.19 4.07
CA SER I 50 -22.75 -19.88 3.57
C SER I 50 -24.06 -19.15 3.86
N ALA I 51 -24.06 -18.12 4.71
CA ALA I 51 -25.26 -17.32 4.94
C ALA I 51 -25.33 -16.19 3.93
N MET I 52 -26.55 -15.86 3.51
CA MET I 52 -26.77 -14.88 2.45
C MET I 52 -27.06 -13.52 3.07
N PHE I 53 -26.13 -12.59 2.93
CA PHE I 53 -26.31 -11.22 3.40
C PHE I 53 -26.75 -10.33 2.24
N GLY I 54 -27.57 -9.35 2.56
CA GLY I 54 -28.09 -8.46 1.53
C GLY I 54 -29.58 -8.20 1.66
N LEU I 55 -30.34 -8.63 0.66
CA LEU I 55 -31.75 -8.26 0.60
C LEU I 55 -32.61 -9.18 1.46
N LYS I 56 -33.86 -8.75 1.65
CA LYS I 56 -34.85 -9.51 2.40
C LYS I 56 -35.41 -10.62 1.49
N THR I 57 -36.53 -11.22 1.90
CA THR I 57 -37.11 -12.34 1.20
C THR I 57 -37.25 -12.06 -0.29
N ASP I 58 -37.84 -10.91 -0.65
CA ASP I 58 -38.07 -10.65 -2.06
C ASP I 58 -37.06 -9.68 -2.66
N GLY I 59 -37.04 -8.42 -2.22
CA GLY I 59 -36.15 -7.46 -2.84
C GLY I 59 -35.64 -6.31 -2.00
N VAL I 60 -35.90 -6.32 -0.71
CA VAL I 60 -35.74 -5.11 0.11
C VAL I 60 -34.81 -5.36 1.29
N ASP I 61 -34.68 -4.35 2.15
CA ASP I 61 -33.97 -4.45 3.42
C ASP I 61 -32.50 -4.82 3.23
N LEU I 62 -31.78 -3.87 2.62
CA LEU I 62 -30.32 -3.98 2.57
C LEU I 62 -29.75 -4.18 3.97
N ALA I 63 -30.35 -3.57 4.97
CA ALA I 63 -29.91 -3.70 6.35
C ALA I 63 -30.40 -4.98 7.02
N TYR I 64 -30.79 -5.98 6.25
CA TYR I 64 -31.21 -7.26 6.79
C TYR I 64 -30.30 -8.38 6.28
N MET I 65 -30.38 -9.52 6.95
CA MET I 65 -29.63 -10.70 6.57
C MET I 65 -30.55 -11.90 6.60
N SER I 66 -30.15 -12.94 5.87
CA SER I 66 -30.94 -14.16 5.78
C SER I 66 -30.03 -15.35 5.99
N PHE I 67 -30.28 -16.11 7.04
CA PHE I 67 -29.60 -17.37 7.28
C PHE I 67 -30.63 -18.49 7.31
N MET I 68 -30.15 -19.72 7.39
CA MET I 68 -31.03 -20.89 7.39
C MET I 68 -31.01 -21.57 8.75
N ASN I 69 -32.16 -21.61 9.42
CA ASN I 69 -32.31 -22.20 10.76
C ASN I 69 -33.04 -23.54 10.61
N GLY I 70 -32.28 -24.63 10.62
CA GLY I 70 -32.87 -25.94 10.34
C GLY I 70 -33.37 -26.02 8.91
N LYS I 71 -34.52 -26.66 8.70
CA LYS I 71 -35.06 -26.85 7.35
C LYS I 71 -35.67 -25.59 6.73
N THR I 72 -35.77 -24.49 7.47
CA THR I 72 -36.36 -23.26 6.95
C THR I 72 -35.49 -22.07 7.30
N GLN I 73 -35.58 -21.01 6.50
CA GLN I 73 -34.83 -19.79 6.76
C GLN I 73 -35.70 -18.79 7.52
N LYS I 74 -35.03 -17.78 8.07
CA LYS I 74 -35.75 -16.70 8.77
C LYS I 74 -34.91 -15.43 8.67
N SER I 75 -35.30 -14.55 7.76
CA SER I 75 -34.58 -13.29 7.56
C SER I 75 -34.76 -12.39 8.78
N ILE I 76 -33.66 -11.85 9.28
CA ILE I 76 -33.69 -10.91 10.40
C ILE I 76 -32.82 -9.70 10.06
N LYS I 77 -32.68 -8.81 11.03
CA LYS I 77 -31.88 -7.61 10.84
C LYS I 77 -30.39 -7.96 10.86
N ILE I 78 -29.57 -6.96 10.55
CA ILE I 78 -28.12 -7.10 10.52
C ILE I 78 -27.56 -6.52 11.81
N ASP I 79 -28.39 -6.52 12.86
CA ASP I 79 -28.16 -5.75 14.08
C ASP I 79 -26.71 -5.77 14.55
N ASN I 80 -26.13 -6.95 14.76
CA ASN I 80 -24.82 -7.05 15.39
C ASN I 80 -23.93 -8.03 14.63
N LEU I 81 -23.89 -7.89 13.31
CA LEU I 81 -22.91 -8.64 12.52
C LEU I 81 -21.51 -8.12 12.81
N HIS I 82 -20.58 -9.04 13.02
CA HIS I 82 -19.20 -8.64 13.33
C HIS I 82 -18.25 -9.68 12.74
N VAL I 83 -17.21 -9.21 12.05
CA VAL I 83 -16.13 -10.05 11.55
C VAL I 83 -14.88 -9.71 12.34
N ARG I 84 -14.18 -10.72 12.81
CA ARG I 84 -13.13 -10.50 13.79
C ARG I 84 -11.91 -11.33 13.45
N THR I 85 -10.75 -10.82 13.86
CA THR I 85 -9.46 -11.50 13.74
C THR I 85 -8.70 -11.30 15.04
N SER I 86 -7.36 -11.40 15.01
CA SER I 86 -6.54 -11.07 16.18
C SER I 86 -7.04 -9.82 16.90
N ALA I 87 -7.47 -8.80 16.14
CA ALA I 87 -8.18 -7.66 16.67
C ALA I 87 -9.49 -7.50 15.91
N PRO I 88 -10.52 -6.93 16.54
CA PRO I 88 -11.80 -6.79 15.83
C PRO I 88 -11.65 -5.97 14.56
N CYS I 89 -12.34 -6.39 13.50
CA CYS I 89 -12.23 -5.73 12.21
C CYS I 89 -13.30 -4.66 12.07
N SER I 90 -13.42 -4.11 10.87
CA SER I 90 -14.45 -3.10 10.55
C SER I 90 -15.08 -3.49 9.22
N LEU I 91 -16.34 -3.91 9.25
CA LEU I 91 -17.01 -4.32 8.02
C LEU I 91 -17.22 -3.12 7.10
N VAL I 92 -17.16 -3.37 5.79
CA VAL I 92 -17.32 -2.33 4.77
C VAL I 92 -18.62 -2.52 3.99
N SER I 93 -18.84 -3.71 3.45
CA SER I 93 -20.07 -3.96 2.69
C SER I 93 -20.34 -5.45 2.70
N HIS I 94 -21.63 -5.79 2.67
CA HIS I 94 -22.07 -7.17 2.62
C HIS I 94 -23.05 -7.35 1.47
N HIS I 95 -22.92 -8.46 0.75
CA HIS I 95 -23.77 -8.69 -0.43
C HIS I 95 -23.77 -10.17 -0.78
N GLY I 96 -24.96 -10.76 -0.88
CA GLY I 96 -25.04 -12.17 -1.19
C GLY I 96 -24.33 -13.01 -0.16
N TYR I 97 -23.49 -13.94 -0.61
CA TYR I 97 -22.71 -14.76 0.31
C TYR I 97 -21.44 -14.08 0.77
N TYR I 98 -21.13 -12.90 0.28
CA TYR I 98 -19.81 -12.30 0.46
C TYR I 98 -19.85 -11.10 1.40
N ILE I 99 -18.80 -10.98 2.19
CA ILE I 99 -18.60 -9.86 3.09
C ILE I 99 -17.24 -9.24 2.80
N LEU I 100 -17.20 -7.92 2.73
CA LEU I 100 -15.97 -7.15 2.56
C LEU I 100 -15.67 -6.40 3.86
N ALA I 101 -14.44 -6.54 4.35
CA ALA I 101 -14.05 -5.87 5.59
C ALA I 101 -12.58 -5.52 5.57
N GLN I 102 -12.17 -4.62 6.48
CA GLN I 102 -10.76 -4.25 6.65
C GLN I 102 -10.28 -4.78 7.99
N CYS I 103 -9.47 -5.85 7.97
CA CYS I 103 -9.01 -6.47 9.22
C CYS I 103 -7.57 -6.12 9.55
N PRO I 104 -7.25 -5.97 10.84
CA PRO I 104 -5.84 -5.97 11.27
C PRO I 104 -5.15 -7.26 10.89
N PRO I 105 -3.83 -7.30 10.84
CA PRO I 105 -3.13 -8.57 10.61
C PRO I 105 -3.38 -9.55 11.73
N GLY I 106 -3.43 -10.83 11.38
CA GLY I 106 -3.69 -11.86 12.38
C GLY I 106 -3.75 -13.23 11.73
N ASP I 107 -3.80 -14.25 12.60
CA ASP I 107 -3.65 -15.63 12.16
C ASP I 107 -4.97 -16.36 11.95
N THR I 108 -6.04 -15.93 12.62
CA THR I 108 -7.34 -16.56 12.53
C THR I 108 -8.39 -15.52 12.14
N VAL I 109 -9.40 -15.96 11.40
CA VAL I 109 -10.51 -15.11 10.97
C VAL I 109 -11.81 -15.72 11.47
N THR I 110 -12.66 -14.88 12.03
CA THR I 110 -13.94 -15.30 12.59
C THR I 110 -15.02 -14.43 11.98
N VAL I 111 -16.19 -15.01 11.76
CA VAL I 111 -17.37 -14.27 11.34
C VAL I 111 -18.50 -14.64 12.26
N GLY I 112 -19.23 -13.63 12.72
CA GLY I 112 -20.35 -13.91 13.60
C GLY I 112 -21.36 -12.80 13.69
N PHE I 113 -22.63 -13.14 13.50
CA PHE I 113 -23.71 -12.19 13.73
C PHE I 113 -24.19 -12.38 15.18
N HIS I 114 -25.33 -11.78 15.52
CA HIS I 114 -25.88 -11.94 16.86
C HIS I 114 -27.39 -11.94 16.73
N ASP I 115 -28.00 -13.12 16.86
CA ASP I 115 -29.45 -13.23 16.73
C ASP I 115 -30.17 -12.53 17.87
N GLY I 116 -29.52 -12.35 19.01
CA GLY I 116 -30.11 -11.67 20.15
C GLY I 116 -30.22 -12.55 21.38
N PRO I 117 -30.70 -13.79 21.22
CA PRO I 117 -30.58 -14.77 22.31
C PRO I 117 -29.38 -15.70 22.17
N ASN I 118 -28.67 -15.63 21.04
CA ASN I 118 -27.53 -16.51 20.80
C ASN I 118 -26.55 -15.82 19.86
N ARG I 119 -25.30 -16.29 19.89
CA ARG I 119 -24.26 -15.66 19.06
C ARG I 119 -24.23 -16.27 17.67
N HIS I 120 -24.04 -17.59 17.58
CA HIS I 120 -24.00 -18.29 16.29
C HIS I 120 -22.89 -17.73 15.40
N THR I 121 -21.65 -17.91 15.85
CA THR I 121 -20.47 -17.46 15.13
C THR I 121 -19.73 -18.67 14.54
N CYS I 122 -18.74 -18.38 13.69
CA CYS I 122 -17.89 -19.41 13.09
C CYS I 122 -16.48 -18.84 12.89
N THR I 123 -15.47 -19.70 12.87
CA THR I 123 -14.10 -19.24 12.61
C THR I 123 -13.29 -20.34 11.95
N VAL I 124 -12.27 -19.94 11.19
CA VAL I 124 -11.42 -20.85 10.44
C VAL I 124 -9.97 -20.39 10.55
N ALA I 125 -9.05 -21.35 10.67
CA ALA I 125 -7.62 -21.05 10.70
C ALA I 125 -7.16 -20.63 9.31
N HIS I 126 -6.86 -19.34 9.13
CA HIS I 126 -6.40 -18.82 7.83
C HIS I 126 -5.70 -17.48 8.08
N LYS I 127 -4.38 -17.44 7.92
CA LYS I 127 -3.63 -16.24 8.26
C LYS I 127 -3.93 -15.11 7.26
N VAL I 128 -3.98 -13.88 7.77
CA VAL I 128 -4.17 -12.68 6.95
C VAL I 128 -3.06 -11.69 7.28
N GLU I 129 -2.18 -11.45 6.32
CA GLU I 129 -1.05 -10.55 6.49
C GLU I 129 -1.35 -9.18 5.89
N PHE I 130 -0.49 -8.22 6.24
CA PHE I 130 -0.52 -6.88 5.70
C PHE I 130 0.65 -6.72 4.73
N ARG I 131 0.40 -6.27 3.50
CA ARG I 131 1.46 -6.05 2.52
C ARG I 131 1.39 -4.60 2.07
N PRO I 132 2.21 -3.72 2.64
CA PRO I 132 2.14 -2.30 2.29
C PRO I 132 2.60 -2.05 0.86
N VAL I 133 1.86 -1.20 0.17
CA VAL I 133 2.20 -0.87 -1.20
C VAL I 133 3.56 -0.17 -1.21
N GLY I 134 4.42 -0.55 -2.15
CA GLY I 134 5.72 0.10 -2.25
C GLY I 134 6.86 -0.60 -1.55
N ARG I 135 7.80 0.17 -0.99
CA ARG I 135 9.05 -0.35 -0.44
C ARG I 135 9.18 -0.06 1.06
N GLU I 136 8.09 0.32 1.72
CA GLU I 136 8.09 0.80 3.10
C GLU I 136 7.20 -0.13 3.90
N LYS I 137 7.82 -0.99 4.71
CA LYS I 137 7.11 -2.13 5.30
C LYS I 137 6.35 -1.71 6.58
N TYR I 138 5.39 -0.81 6.37
CA TYR I 138 4.50 -0.29 7.41
C TYR I 138 3.53 -1.33 7.95
N ARG I 139 2.67 -0.94 8.90
CA ARG I 139 1.66 -1.84 9.43
C ARG I 139 0.22 -1.31 9.38
N HIS I 140 0.01 -0.03 9.09
CA HIS I 140 -1.34 0.51 8.96
C HIS I 140 -1.34 1.70 8.00
N PRO I 141 -2.40 1.90 7.21
CA PRO I 141 -2.40 3.04 6.25
C PRO I 141 -2.25 4.38 6.97
N PRO I 142 -1.23 5.15 6.62
CA PRO I 142 -1.01 6.45 7.27
C PRO I 142 -2.00 7.50 6.76
N GLU I 143 -2.07 8.60 7.51
CA GLU I 143 -2.98 9.68 7.16
C GLU I 143 -2.49 10.52 6.00
N HIS I 144 -1.21 10.48 5.68
CA HIS I 144 -0.68 11.24 4.55
C HIS I 144 0.35 10.39 3.83
N GLY I 145 1.08 11.00 2.91
CA GLY I 145 2.11 10.33 2.13
C GLY I 145 1.76 10.32 0.64
N VAL I 146 2.67 9.77 -0.14
CA VAL I 146 2.51 9.69 -1.59
C VAL I 146 1.70 8.44 -1.92
N GLU I 147 0.79 8.57 -2.88
CA GLU I 147 -0.06 7.46 -3.29
C GLU I 147 0.62 6.62 -4.37
N LEU I 148 0.24 5.34 -4.42
CA LEU I 148 0.84 4.38 -5.34
C LEU I 148 -0.24 3.49 -5.95
N PRO I 149 0.05 2.91 -7.14
CA PRO I 149 -0.94 2.02 -7.78
C PRO I 149 -1.01 0.66 -7.08
N CYS I 150 -1.78 0.62 -6.00
CA CYS I 150 -2.03 -0.61 -5.25
C CYS I 150 -3.04 -1.48 -6.00
N ASN I 151 -3.32 -2.66 -5.44
CA ASN I 151 -4.42 -3.50 -5.92
C ASN I 151 -5.32 -3.81 -4.73
N ARG I 152 -6.63 -3.63 -4.89
CA ARG I 152 -7.55 -3.67 -3.76
C ARG I 152 -8.96 -4.04 -4.24
N TYR I 153 -9.74 -4.68 -3.36
CA TYR I 153 -11.12 -4.99 -3.71
C TYR I 153 -11.97 -3.73 -3.68
N THR I 154 -12.90 -3.61 -4.62
CA THR I 154 -13.78 -2.45 -4.72
C THR I 154 -15.03 -2.66 -3.87
N HIS I 155 -15.48 -1.58 -3.22
CA HIS I 155 -16.69 -1.65 -2.42
C HIS I 155 -17.95 -1.83 -3.28
N LYS I 156 -17.87 -1.56 -4.57
CA LYS I 156 -19.03 -1.72 -5.43
C LYS I 156 -19.36 -3.20 -5.61
N ARG I 157 -20.63 -3.47 -5.92
CA ARG I 157 -21.11 -4.83 -6.12
C ARG I 157 -21.72 -5.05 -7.48
N ALA I 158 -22.26 -4.02 -8.11
CA ALA I 158 -22.91 -4.15 -9.41
C ALA I 158 -21.84 -4.35 -10.48
N ASP I 159 -21.20 -5.51 -10.48
CA ASP I 159 -20.17 -5.85 -11.45
C ASP I 159 -20.43 -7.25 -11.98
N GLN I 160 -19.92 -7.51 -13.18
CA GLN I 160 -20.11 -8.81 -13.83
C GLN I 160 -18.77 -9.41 -14.26
N GLY I 161 -17.67 -9.03 -13.61
CA GLY I 161 -16.37 -9.50 -14.04
C GLY I 161 -16.20 -11.01 -13.95
N HIS I 162 -16.72 -11.62 -12.88
CA HIS I 162 -16.51 -13.04 -12.64
C HIS I 162 -17.81 -13.67 -12.17
N TYR I 163 -17.90 -14.99 -12.30
CA TYR I 163 -19.09 -15.74 -11.92
C TYR I 163 -18.70 -17.00 -11.17
N VAL I 164 -19.66 -17.51 -10.40
CA VAL I 164 -19.50 -18.75 -9.67
C VAL I 164 -20.76 -19.60 -9.86
N GLU I 165 -20.57 -20.89 -10.09
CA GLU I 165 -21.70 -21.75 -10.40
C GLU I 165 -22.62 -21.91 -9.19
N MET I 166 -23.93 -21.91 -9.46
CA MET I 166 -24.95 -22.08 -8.43
C MET I 166 -25.88 -23.19 -8.90
N HIS I 167 -25.56 -24.42 -8.54
CA HIS I 167 -26.35 -25.56 -8.98
C HIS I 167 -27.43 -25.88 -7.94
N GLN I 168 -28.35 -26.77 -8.30
CA GLN I 168 -29.32 -27.22 -7.32
C GLN I 168 -28.53 -27.83 -6.16
N PRO I 169 -28.76 -27.39 -4.93
CA PRO I 169 -28.04 -27.99 -3.81
C PRO I 169 -28.31 -29.48 -3.76
N GLY I 170 -27.39 -30.22 -3.16
CA GLY I 170 -27.76 -31.55 -2.71
C GLY I 170 -28.86 -31.51 -1.66
N LEU I 171 -29.48 -32.66 -1.48
CA LEU I 171 -30.51 -32.85 -0.47
C LEU I 171 -29.90 -32.80 0.94
N VAL I 172 -30.74 -32.48 1.92
CA VAL I 172 -30.31 -32.37 3.32
C VAL I 172 -31.14 -33.33 4.18
N ALA I 173 -30.48 -33.97 5.14
CA ALA I 173 -31.21 -34.79 6.12
C ALA I 173 -31.85 -33.91 7.18
N ASP I 174 -33.07 -34.28 7.61
CA ASP I 174 -33.71 -33.65 8.78
C ASP I 174 -34.45 -34.72 9.59
N HIS I 175 -33.76 -35.27 10.60
CA HIS I 175 -34.37 -36.28 11.47
C HIS I 175 -35.63 -35.78 12.17
N SER I 176 -35.83 -34.46 12.28
CA SER I 176 -37.05 -33.98 12.92
C SER I 176 -38.28 -34.14 12.03
N LEU I 177 -38.11 -34.43 10.75
CA LEU I 177 -39.22 -34.94 9.93
C LEU I 177 -39.72 -36.27 10.46
N LEU I 178 -38.83 -37.10 10.98
CA LEU I 178 -39.16 -38.48 11.37
C LEU I 178 -39.78 -38.50 12.76
N SER I 179 -41.00 -37.97 12.82
CA SER I 179 -41.92 -38.13 13.94
C SER I 179 -42.37 -39.59 14.09
N ILE I 180 -43.23 -39.89 15.08
CA ILE I 180 -43.73 -41.25 15.32
C ILE I 180 -45.26 -41.26 15.16
N HIS I 181 -45.76 -42.17 14.30
CA HIS I 181 -47.20 -42.45 14.12
C HIS I 181 -47.67 -43.51 15.13
N SER I 182 -47.44 -43.18 16.40
CA SER I 182 -47.67 -43.97 17.62
C SER I 182 -46.88 -45.29 17.72
N ALA I 183 -46.56 -45.93 16.59
CA ALA I 183 -45.78 -47.17 16.58
C ALA I 183 -44.82 -47.30 15.40
N LYS I 184 -44.96 -46.49 14.35
CA LYS I 184 -44.13 -46.50 13.14
C LYS I 184 -43.47 -45.14 12.98
N VAL I 185 -42.30 -45.09 12.34
CA VAL I 185 -41.66 -43.79 12.05
C VAL I 185 -42.38 -43.12 10.87
N LYS I 186 -42.60 -41.80 10.99
CA LYS I 186 -43.57 -41.02 10.21
C LYS I 186 -42.93 -39.73 9.72
N ILE I 187 -43.04 -39.43 8.42
CA ILE I 187 -42.32 -38.31 7.78
C ILE I 187 -43.32 -37.26 7.29
N THR I 188 -43.11 -35.98 7.69
CA THR I 188 -43.94 -34.86 7.21
C THR I 188 -43.26 -34.20 6.00
N VAL I 189 -43.79 -33.07 5.50
CA VAL I 189 -43.11 -32.30 4.43
C VAL I 189 -43.08 -30.80 4.73
N PRO I 190 -41.97 -30.08 4.40
CA PRO I 190 -41.93 -28.62 4.63
C PRO I 190 -42.99 -27.85 3.86
N SER I 191 -43.03 -27.97 2.54
CA SER I 191 -44.08 -27.27 1.79
C SER I 191 -44.56 -28.08 0.59
N GLY I 192 -44.45 -29.39 0.65
CA GLY I 192 -44.49 -30.20 -0.54
C GLY I 192 -43.14 -30.42 -1.17
N ALA I 193 -42.07 -30.06 -0.49
CA ALA I 193 -40.73 -30.32 -0.99
C ALA I 193 -40.51 -31.82 -1.15
N GLN I 194 -39.56 -32.19 -2.02
CA GLN I 194 -39.31 -33.60 -2.31
C GLN I 194 -38.55 -34.25 -1.15
N VAL I 195 -39.16 -35.27 -0.56
CA VAL I 195 -38.59 -35.98 0.60
C VAL I 195 -38.04 -37.33 0.12
N LYS I 196 -36.76 -37.37 -0.25
CA LYS I 196 -36.16 -38.68 -0.55
C LYS I 196 -36.28 -39.57 0.68
N TYR I 197 -36.72 -40.82 0.51
CA TYR I 197 -37.06 -41.62 1.71
C TYR I 197 -36.86 -43.12 1.51
N TYR I 198 -36.32 -43.80 2.53
CA TYR I 198 -36.14 -45.25 2.58
C TYR I 198 -35.45 -45.59 3.89
N CYS I 199 -35.58 -46.84 4.33
CA CYS I 199 -34.98 -47.29 5.59
C CYS I 199 -34.07 -48.49 5.34
N LYS I 200 -33.34 -48.94 6.38
CA LYS I 200 -32.58 -50.18 6.23
C LYS I 200 -33.52 -51.32 5.85
N CYS I 201 -34.63 -51.49 6.58
CA CYS I 201 -35.64 -52.47 6.25
C CYS I 201 -36.30 -52.16 4.91
N PRO I 202 -36.83 -53.16 4.21
CA PRO I 202 -37.51 -52.92 2.91
C PRO I 202 -38.87 -52.23 3.07
N ASP I 203 -38.99 -51.02 2.53
CA ASP I 203 -40.21 -50.18 2.53
C ASP I 203 -40.19 -49.27 1.30
N VAL I 204 -40.95 -48.16 1.32
CA VAL I 204 -40.97 -47.17 0.22
C VAL I 204 -39.54 -46.74 -0.12
N ARG I 205 -39.12 -46.98 -1.37
CA ARG I 205 -37.70 -46.94 -1.74
C ARG I 205 -37.23 -45.64 -2.41
N GLU I 206 -38.11 -44.83 -3.01
CA GLU I 206 -37.70 -43.53 -3.55
C GLU I 206 -38.06 -42.35 -2.65
N GLY I 207 -39.34 -42.16 -2.35
CA GLY I 207 -39.77 -40.94 -1.69
C GLY I 207 -39.82 -39.68 -2.56
N ILE I 208 -40.89 -39.51 -3.34
CA ILE I 208 -41.21 -38.24 -3.98
C ILE I 208 -42.68 -37.95 -3.68
N THR I 209 -42.96 -37.31 -2.54
CA THR I 209 -44.27 -37.47 -1.89
C THR I 209 -44.65 -36.25 -1.03
N SER I 210 -45.91 -36.24 -0.57
CA SER I 210 -46.35 -35.52 0.64
C SER I 210 -45.97 -36.34 1.88
N SER I 211 -46.56 -36.04 3.04
CA SER I 211 -46.21 -36.72 4.29
C SER I 211 -46.57 -38.21 4.28
N ASP I 212 -45.56 -39.08 4.11
CA ASP I 212 -45.69 -40.54 4.17
C ASP I 212 -45.57 -41.08 5.60
N HIS I 213 -45.99 -42.34 5.76
CA HIS I 213 -45.70 -43.16 6.94
C HIS I 213 -44.89 -44.38 6.55
N THR I 214 -44.14 -44.93 7.52
CA THR I 214 -43.34 -46.16 7.34
C THR I 214 -44.21 -47.39 7.60
N THR I 215 -44.16 -48.36 6.70
CA THR I 215 -44.78 -49.66 6.97
C THR I 215 -43.84 -50.60 7.73
N THR I 216 -42.54 -50.63 7.38
CA THR I 216 -41.66 -51.69 7.90
C THR I 216 -40.83 -51.26 9.12
N CYS I 217 -39.83 -50.39 8.96
CA CYS I 217 -38.89 -50.06 10.04
C CYS I 217 -39.58 -49.35 11.21
N THR I 218 -38.87 -49.29 12.35
CA THR I 218 -39.35 -48.68 13.59
C THR I 218 -38.47 -47.53 14.10
N ASP I 219 -37.15 -47.62 13.99
CA ASP I 219 -36.24 -46.65 14.60
C ASP I 219 -35.98 -45.45 13.68
N VAL I 220 -36.12 -44.24 14.24
CA VAL I 220 -35.81 -43.00 13.52
C VAL I 220 -34.34 -42.91 13.12
N LYS I 221 -33.46 -43.69 13.76
CA LYS I 221 -32.04 -43.75 13.41
C LYS I 221 -31.74 -44.91 12.47
N GLN I 222 -32.71 -45.30 11.65
CA GLN I 222 -32.48 -46.31 10.63
C GLN I 222 -33.31 -46.00 9.37
N CYS I 223 -33.60 -44.72 9.13
CA CYS I 223 -34.29 -44.25 7.93
C CYS I 223 -33.61 -43.01 7.37
N ARG I 224 -33.77 -42.83 6.06
CA ARG I 224 -33.23 -41.68 5.34
C ARG I 224 -34.26 -40.55 5.40
N ALA I 225 -33.87 -39.44 6.01
CA ALA I 225 -34.78 -38.34 6.34
C ALA I 225 -34.59 -37.13 5.43
N TYR I 226 -34.53 -37.28 4.10
CA TYR I 226 -33.93 -36.24 3.25
C TYR I 226 -34.93 -35.21 2.71
N LEU I 227 -34.38 -34.05 2.28
CA LEU I 227 -35.13 -32.95 1.64
C LEU I 227 -34.39 -32.44 0.40
N ILE I 228 -34.85 -32.87 -0.77
CA ILE I 228 -34.52 -32.23 -2.04
C ILE I 228 -35.38 -30.97 -2.12
N ASP I 229 -34.75 -29.79 -2.01
CA ASP I 229 -35.49 -28.53 -1.92
C ASP I 229 -34.91 -27.49 -2.87
N ASN I 230 -34.57 -27.94 -4.08
CA ASN I 230 -33.94 -27.10 -5.09
C ASN I 230 -34.94 -26.17 -5.81
N LYS I 231 -36.10 -25.87 -5.22
CA LYS I 231 -36.87 -24.72 -5.65
C LYS I 231 -36.07 -23.44 -5.46
N LYS I 232 -35.08 -23.50 -4.60
CA LYS I 232 -34.15 -22.40 -4.36
C LYS I 232 -32.75 -22.98 -4.43
N TRP I 233 -31.85 -22.29 -5.13
CA TRP I 233 -30.55 -22.86 -5.43
C TRP I 233 -29.51 -22.42 -4.41
N VAL I 234 -28.41 -23.18 -4.36
CA VAL I 234 -27.36 -22.95 -3.37
C VAL I 234 -26.01 -22.94 -4.08
N TYR I 235 -25.03 -22.36 -3.38
CA TYR I 235 -23.69 -22.28 -3.94
C TYR I 235 -23.05 -23.66 -4.05
N ASN I 236 -22.12 -23.78 -5.00
CA ASN I 236 -21.39 -25.02 -5.26
C ASN I 236 -20.31 -25.23 -4.19
N SER I 237 -20.77 -25.34 -2.94
CA SER I 237 -19.87 -25.47 -1.80
C SER I 237 -19.28 -26.87 -1.71
N GLY I 238 -18.02 -26.95 -1.29
CA GLY I 238 -17.38 -28.22 -1.02
C GLY I 238 -17.79 -28.92 0.26
N ARG I 239 -18.68 -28.32 1.04
CA ARG I 239 -19.16 -28.90 2.29
C ARG I 239 -20.57 -29.49 2.21
N LEU I 240 -21.24 -29.39 1.08
CA LEU I 240 -22.55 -30.01 0.93
C LEU I 240 -22.48 -31.19 -0.04
N PRO I 241 -23.24 -32.26 0.19
CA PRO I 241 -23.30 -33.33 -0.82
C PRO I 241 -23.91 -32.79 -2.10
N ARG I 242 -23.58 -33.43 -3.21
CA ARG I 242 -24.10 -33.02 -4.51
C ARG I 242 -25.16 -34.01 -4.99
N GLY I 243 -26.34 -33.49 -5.32
CA GLY I 243 -27.41 -34.32 -5.84
C GLY I 243 -27.02 -35.01 -7.13
N GLU I 244 -27.12 -36.33 -7.18
CA GLU I 244 -26.66 -37.08 -8.35
C GLU I 244 -27.56 -36.89 -9.58
N GLY I 245 -28.72 -36.26 -9.42
CA GLY I 245 -29.60 -36.03 -10.55
C GLY I 245 -28.92 -35.30 -11.68
N ASP I 246 -28.57 -34.03 -11.45
CA ASP I 246 -27.83 -33.25 -12.43
C ASP I 246 -27.32 -31.99 -11.75
N THR I 247 -26.36 -31.34 -12.39
CA THR I 247 -25.78 -30.09 -11.86
C THR I 247 -26.43 -28.92 -12.58
N PHE I 248 -27.18 -28.11 -11.84
CA PHE I 248 -27.82 -26.96 -12.44
C PHE I 248 -26.80 -25.87 -12.77
N LYS I 249 -27.17 -25.04 -13.73
CA LYS I 249 -26.44 -23.81 -14.01
C LYS I 249 -27.10 -22.66 -13.23
N GLY I 250 -26.78 -21.42 -13.60
CA GLY I 250 -27.33 -20.28 -12.89
C GLY I 250 -26.24 -19.47 -12.23
N LYS I 251 -25.06 -19.46 -12.85
CA LYS I 251 -23.92 -18.74 -12.28
C LYS I 251 -24.26 -17.27 -12.07
N LEU I 252 -23.90 -16.74 -10.91
CA LEU I 252 -24.16 -15.34 -10.58
C LEU I 252 -22.85 -14.60 -10.38
N HIS I 253 -22.91 -13.27 -10.56
CA HIS I 253 -21.71 -12.46 -10.55
C HIS I 253 -21.08 -12.41 -9.16
N VAL I 254 -19.75 -12.36 -9.15
CA VAL I 254 -19.01 -12.18 -7.88
C VAL I 254 -19.15 -10.74 -7.42
N PRO I 255 -19.48 -10.48 -6.15
CA PRO I 255 -19.74 -9.08 -5.75
C PRO I 255 -18.55 -8.15 -5.90
N PHE I 256 -17.41 -8.51 -5.33
CA PHE I 256 -16.29 -7.57 -5.19
C PHE I 256 -15.10 -8.03 -6.04
N VAL I 257 -15.05 -7.53 -7.27
CA VAL I 257 -13.94 -7.84 -8.16
C VAL I 257 -12.72 -7.02 -7.75
N PRO I 258 -11.52 -7.61 -7.69
CA PRO I 258 -10.32 -6.79 -7.45
C PRO I 258 -10.14 -5.75 -8.54
N VAL I 259 -9.68 -4.57 -8.15
CA VAL I 259 -9.42 -3.48 -9.10
C VAL I 259 -8.08 -2.85 -8.77
N LYS I 260 -7.55 -2.11 -9.75
CA LYS I 260 -6.24 -1.47 -9.60
C LYS I 260 -6.43 -0.02 -9.12
N ALA I 261 -6.77 0.10 -7.84
CA ALA I 261 -7.06 1.40 -7.26
C ALA I 261 -5.75 2.10 -6.88
N LYS I 262 -5.85 3.20 -6.13
CA LYS I 262 -4.68 3.96 -5.68
C LYS I 262 -4.80 4.20 -4.19
N CYS I 263 -3.96 3.50 -3.42
CA CYS I 263 -3.91 3.62 -1.97
C CYS I 263 -2.85 4.66 -1.58
N ILE I 264 -3.11 5.37 -0.45
CA ILE I 264 -2.06 6.21 0.11
C ILE I 264 -0.97 5.31 0.69
N ALA I 265 0.29 5.68 0.45
CA ALA I 265 1.43 4.94 1.00
C ALA I 265 2.28 5.86 1.88
N THR I 266 2.90 5.27 2.91
CA THR I 266 3.73 6.05 3.84
C THR I 266 4.96 6.63 3.15
N LEU I 267 5.45 7.73 3.70
CA LEU I 267 6.65 8.41 3.22
C LEU I 267 7.68 8.50 4.35
N ALA I 268 8.83 7.82 4.18
CA ALA I 268 9.85 7.77 5.23
C ALA I 268 10.49 9.15 5.45
N PRO I 269 10.95 9.45 6.67
CA PRO I 269 11.62 10.74 6.91
C PRO I 269 12.84 10.91 6.00
N GLU I 270 13.05 12.13 5.51
CA GLU I 270 14.11 12.34 4.54
C GLU I 270 15.51 12.22 5.18
N PRO I 271 16.50 11.71 4.43
CA PRO I 271 17.85 11.54 5.00
C PRO I 271 18.55 12.86 5.26
N LEU I 272 19.49 12.84 6.21
CA LEU I 272 20.41 13.95 6.42
C LEU I 272 21.68 13.67 5.62
N VAL I 273 21.99 14.52 4.64
CA VAL I 273 23.10 14.28 3.73
C VAL I 273 24.36 14.98 4.24
N GLU I 274 25.49 14.27 4.18
CA GLU I 274 26.79 14.78 4.58
C GLU I 274 27.83 14.21 3.62
N HIS I 275 28.96 14.92 3.43
CA HIS I 275 29.87 14.43 2.39
C HIS I 275 31.35 14.73 2.68
N LYS I 276 32.19 13.87 2.09
CA LYS I 276 33.65 13.90 2.14
C LYS I 276 34.17 13.60 0.73
N HIS I 277 35.47 13.78 0.52
CA HIS I 277 36.04 13.62 -0.83
C HIS I 277 35.59 12.30 -1.48
N ARG I 278 34.94 12.42 -2.63
CA ARG I 278 34.41 11.27 -3.41
C ARG I 278 33.64 10.28 -2.53
N THR I 279 32.96 10.79 -1.51
CA THR I 279 32.35 9.95 -0.48
C THR I 279 31.06 10.59 0.03
N LEU I 280 29.93 10.01 -0.35
CA LEU I 280 28.65 10.35 0.27
C LEU I 280 28.54 9.65 1.63
N ILE I 281 28.18 10.41 2.67
CA ILE I 281 27.79 9.84 3.95
C ILE I 281 26.29 10.10 4.12
N LEU I 282 25.54 9.08 4.48
CA LEU I 282 24.08 9.16 4.51
C LEU I 282 23.59 8.86 5.91
N HIS I 283 22.85 9.80 6.49
CA HIS I 283 22.24 9.60 7.80
C HIS I 283 20.78 9.23 7.63
N LEU I 284 20.37 8.12 8.22
CA LEU I 284 19.02 7.60 8.09
C LEU I 284 18.38 7.45 9.46
N HIS I 285 17.12 7.89 9.57
CA HIS I 285 16.36 7.79 10.81
C HIS I 285 14.98 7.23 10.48
N PRO I 286 14.90 5.97 10.06
CA PRO I 286 13.58 5.40 9.71
C PRO I 286 12.72 5.20 10.94
N ASP I 287 11.42 5.32 10.74
CA ASP I 287 10.47 4.92 11.78
C ASP I 287 10.00 3.48 11.63
N HIS I 288 9.89 2.98 10.41
CA HIS I 288 9.51 1.62 10.08
C HIS I 288 10.52 1.07 9.08
N PRO I 289 10.68 -0.26 8.98
CA PRO I 289 11.64 -0.81 8.00
C PRO I 289 11.33 -0.33 6.59
N THR I 290 12.30 0.34 5.98
CA THR I 290 12.15 0.81 4.62
C THR I 290 13.35 0.39 3.79
N LEU I 291 13.08 -0.12 2.62
CA LEU I 291 14.14 -0.57 1.74
C LEU I 291 14.91 0.61 1.16
N LEU I 292 16.24 0.57 1.31
CA LEU I 292 17.14 1.50 0.62
C LEU I 292 17.84 0.76 -0.52
N THR I 293 17.87 1.36 -1.71
CA THR I 293 18.60 0.82 -2.85
C THR I 293 19.57 1.88 -3.37
N THR I 294 20.72 1.42 -3.88
CA THR I 294 21.68 2.32 -4.49
C THR I 294 22.19 1.70 -5.79
N ARG I 295 22.68 2.57 -6.68
CA ARG I 295 23.05 2.14 -8.03
C ARG I 295 24.08 3.11 -8.60
N SER I 296 25.27 2.61 -8.91
CA SER I 296 26.27 3.44 -9.56
C SER I 296 25.98 3.54 -11.05
N LEU I 297 26.15 4.75 -11.60
CA LEU I 297 25.84 5.00 -13.01
C LEU I 297 27.00 4.71 -13.95
N GLY I 298 28.10 4.15 -13.45
CA GLY I 298 29.23 3.80 -14.30
C GLY I 298 28.97 2.54 -15.09
N SER I 299 30.04 2.04 -15.72
CA SER I 299 29.92 0.80 -16.50
C SER I 299 29.50 -0.36 -15.61
N ASP I 300 30.09 -0.46 -14.42
CA ASP I 300 29.72 -1.49 -13.45
C ASP I 300 28.59 -0.96 -12.58
N ALA I 301 27.44 -1.64 -12.62
CA ALA I 301 26.29 -1.17 -11.84
C ALA I 301 26.61 -1.22 -10.36
N ASN I 302 27.18 -2.31 -9.88
CA ASN I 302 27.55 -2.48 -8.48
C ASN I 302 26.37 -2.16 -7.56
N PRO I 303 25.26 -2.87 -7.67
CA PRO I 303 24.06 -2.53 -6.89
C PRO I 303 24.25 -2.88 -5.42
N THR I 304 23.42 -2.26 -4.59
CA THR I 304 23.43 -2.54 -3.16
C THR I 304 22.10 -2.12 -2.58
N ARG I 305 21.42 -3.05 -1.91
CA ARG I 305 20.13 -2.77 -1.31
C ARG I 305 20.02 -3.54 0.00
N GLN I 306 19.42 -2.91 1.01
CA GLN I 306 19.31 -3.53 2.32
C GLN I 306 18.14 -2.93 3.07
N TRP I 307 17.37 -3.78 3.74
CA TRP I 307 16.36 -3.29 4.66
C TRP I 307 17.02 -2.74 5.91
N ILE I 308 16.64 -1.54 6.31
CA ILE I 308 17.21 -0.87 7.48
C ILE I 308 16.07 -0.55 8.44
N GLU I 309 16.21 -0.99 9.70
CA GLU I 309 15.18 -0.76 10.70
C GLU I 309 15.66 0.18 11.79
N ARG I 310 16.76 -0.15 12.44
CA ARG I 310 17.32 0.74 13.43
C ARG I 310 17.95 1.95 12.75
N PRO I 311 17.92 3.12 13.38
CA PRO I 311 18.62 4.27 12.80
C PRO I 311 20.09 3.95 12.59
N THR I 312 20.61 4.35 11.43
CA THR I 312 21.97 4.00 11.05
C THR I 312 22.53 5.07 10.15
N THR I 313 23.86 5.12 10.08
CA THR I 313 24.57 5.98 9.15
C THR I 313 25.40 5.10 8.24
N VAL I 314 25.25 5.30 6.93
CA VAL I 314 25.93 4.49 5.93
C VAL I 314 26.77 5.40 5.04
N ASN I 315 27.61 4.78 4.22
CA ASN I 315 28.43 5.55 3.29
C ASN I 315 28.37 4.96 1.90
N PHE I 316 28.90 5.73 0.95
CA PHE I 316 28.93 5.29 -0.44
C PHE I 316 30.09 5.94 -1.18
N THR I 317 30.89 5.12 -1.87
CA THR I 317 32.01 5.64 -2.65
C THR I 317 31.48 6.21 -3.97
N VAL I 318 31.42 7.53 -4.08
CA VAL I 318 30.84 8.21 -5.24
C VAL I 318 31.95 8.49 -6.26
N THR I 319 31.98 7.72 -7.35
CA THR I 319 32.92 7.97 -8.45
C THR I 319 32.40 9.09 -9.37
N GLY I 320 33.31 9.65 -10.17
CA GLY I 320 32.93 10.72 -11.10
C GLY I 320 31.84 10.34 -12.09
N GLU I 321 31.67 9.04 -12.35
CA GLU I 321 30.54 8.57 -13.15
C GLU I 321 29.19 8.85 -12.48
N GLY I 322 29.17 9.05 -11.16
CA GLY I 322 27.96 9.39 -10.44
C GLY I 322 27.25 8.19 -9.82
N LEU I 323 26.34 8.50 -8.89
CA LEU I 323 25.70 7.52 -8.02
C LEU I 323 24.22 7.88 -7.79
N GLU I 324 23.34 6.89 -7.84
CA GLU I 324 21.91 7.07 -7.56
C GLU I 324 21.49 6.31 -6.31
N TYR I 325 20.50 6.83 -5.59
CA TYR I 325 19.99 6.14 -4.42
C TYR I 325 18.52 6.49 -4.23
N THR I 326 17.76 5.55 -3.64
CA THR I 326 16.31 5.66 -3.57
C THR I 326 15.87 5.25 -2.16
N TRP I 327 15.94 6.21 -1.25
CA TRP I 327 15.49 5.98 0.12
C TRP I 327 13.98 5.94 0.18
N GLY I 328 13.45 4.83 0.66
CA GLY I 328 12.00 4.70 0.72
C GLY I 328 11.39 4.77 -0.67
N ASN I 329 10.26 5.46 -0.75
CA ASN I 329 9.58 5.74 -2.01
C ASN I 329 9.74 7.21 -2.42
N HIS I 330 10.73 7.90 -1.87
CA HIS I 330 11.05 9.25 -2.34
C HIS I 330 11.60 9.15 -3.76
N PRO I 331 11.34 10.12 -4.64
CA PRO I 331 11.94 10.09 -5.99
C PRO I 331 13.44 9.84 -5.91
N PRO I 332 14.00 9.03 -6.81
CA PRO I 332 15.47 8.80 -6.79
C PRO I 332 16.26 10.09 -6.98
N LYS I 333 17.42 10.17 -6.32
CA LYS I 333 18.34 11.31 -6.45
C LYS I 333 19.68 10.84 -7.05
N ARG I 334 20.43 11.75 -7.67
CA ARG I 334 21.74 11.39 -8.24
C ARG I 334 22.76 12.53 -8.11
N VAL I 335 24.07 12.17 -8.15
CA VAL I 335 25.16 13.07 -7.75
C VAL I 335 26.43 12.90 -8.60
N TRP I 336 27.30 13.96 -8.63
CA TRP I 336 28.70 13.91 -9.17
C TRP I 336 29.70 14.00 -7.99
N ALA I 337 31.00 13.92 -8.29
CA ALA I 337 32.02 14.17 -7.25
C ALA I 337 33.32 14.77 -7.81
N GLN I 338 33.97 15.58 -6.97
CA GLN I 338 35.16 16.43 -7.29
C GLN I 338 36.38 15.74 -7.93
N ASP J 1 -34.20 -1.08 -50.82
CA ASP J 1 -32.77 -0.86 -51.12
C ASP J 1 -32.57 0.49 -51.80
N LEU J 2 -33.60 0.95 -52.51
CA LEU J 2 -33.50 2.19 -53.27
C LEU J 2 -33.26 3.39 -52.36
N ASP J 3 -33.72 3.32 -51.11
CA ASP J 3 -33.55 4.41 -50.16
C ASP J 3 -32.29 4.25 -49.32
N THR J 4 -31.46 3.28 -49.63
CA THR J 4 -30.23 3.03 -48.89
C THR J 4 -29.02 3.72 -49.51
N HIS J 5 -29.22 4.47 -50.59
CA HIS J 5 -28.14 5.23 -51.22
C HIS J 5 -28.61 6.63 -51.58
N PHE J 6 -29.53 7.19 -50.81
CA PHE J 6 -30.16 8.46 -51.16
C PHE J 6 -29.23 9.67 -51.05
N THR J 7 -28.08 9.50 -50.38
CA THR J 7 -27.13 10.61 -50.29
C THR J 7 -26.73 11.08 -51.68
N GLN J 8 -26.34 10.14 -52.54
CA GLN J 8 -25.98 10.49 -53.91
C GLN J 8 -27.19 10.83 -54.74
N TYR J 9 -28.32 10.17 -54.47
CA TYR J 9 -29.48 10.32 -55.34
C TYR J 9 -30.00 11.74 -55.31
N LYS J 10 -30.03 12.37 -54.14
CA LYS J 10 -30.58 13.71 -54.05
C LYS J 10 -29.51 14.79 -54.00
N LEU J 11 -28.50 14.62 -53.16
CA LEU J 11 -27.59 15.73 -52.92
C LEU J 11 -26.57 15.94 -54.03
N ALA J 12 -26.43 14.99 -54.94
CA ALA J 12 -25.46 15.13 -56.02
C ALA J 12 -26.07 15.87 -57.19
N ARG J 13 -25.21 16.30 -58.11
CA ARG J 13 -25.65 16.96 -59.32
C ARG J 13 -24.69 16.60 -60.45
N PRO J 14 -25.19 16.27 -61.65
CA PRO J 14 -24.30 16.04 -62.80
C PRO J 14 -23.63 17.33 -63.24
N TYR J 15 -22.32 17.42 -63.10
CA TYR J 15 -21.58 18.61 -63.46
C TYR J 15 -20.92 18.44 -64.83
N ILE J 16 -20.35 19.53 -65.33
CA ILE J 16 -19.74 19.56 -66.64
C ILE J 16 -18.29 20.01 -66.49
N ALA J 17 -17.39 19.35 -67.22
CA ALA J 17 -15.96 19.64 -67.16
C ALA J 17 -15.41 19.62 -68.58
N ASP J 18 -14.09 19.57 -68.70
CA ASP J 18 -13.42 19.60 -70.01
C ASP J 18 -12.94 18.21 -70.37
N CYS J 19 -13.29 17.77 -71.56
CA CYS J 19 -12.76 16.50 -72.06
C CYS J 19 -11.54 16.74 -72.93
N PRO J 20 -10.41 16.09 -72.65
CA PRO J 20 -9.18 16.39 -73.44
C PRO J 20 -9.34 16.13 -74.92
N ASN J 21 -10.09 15.10 -75.33
CA ASN J 21 -10.24 14.74 -76.73
C ASN J 21 -11.70 14.51 -77.07
N CYS J 22 -12.51 15.51 -76.76
CA CYS J 22 -13.95 15.42 -76.98
C CYS J 22 -14.24 15.52 -78.47
N GLY J 23 -14.22 14.36 -79.15
CA GLY J 23 -14.57 14.29 -80.56
C GLY J 23 -13.44 14.67 -81.48
N HIS J 24 -13.14 15.96 -81.56
CA HIS J 24 -12.05 16.47 -82.39
C HIS J 24 -11.03 17.25 -81.60
N SER J 25 -11.47 18.07 -80.64
CA SER J 25 -10.56 18.92 -79.88
C SER J 25 -11.12 19.06 -78.47
N ARG J 26 -10.64 20.06 -77.74
CA ARG J 26 -10.95 20.26 -76.32
C ARG J 26 -12.32 20.92 -76.18
N CYS J 27 -13.37 20.12 -76.21
CA CYS J 27 -14.69 20.65 -75.93
C CYS J 27 -14.95 20.56 -74.42
N ASP J 28 -16.19 20.82 -73.99
CA ASP J 28 -16.59 20.70 -72.60
C ASP J 28 -17.75 19.71 -72.55
N SER J 29 -17.42 18.43 -72.50
CA SER J 29 -18.45 17.40 -72.53
C SER J 29 -19.14 17.30 -71.17
N PRO J 30 -20.40 16.87 -71.15
CA PRO J 30 -21.07 16.58 -69.86
C PRO J 30 -20.63 15.28 -69.22
N ILE J 31 -19.83 14.48 -69.91
CA ILE J 31 -19.42 13.17 -69.39
C ILE J 31 -17.90 13.11 -69.31
N ALA J 32 -17.26 14.25 -69.02
CA ALA J 32 -15.81 14.30 -68.96
C ALA J 32 -15.29 13.24 -67.99
N ILE J 33 -14.30 12.49 -68.42
CA ILE J 33 -13.84 11.31 -67.68
C ILE J 33 -12.89 11.72 -66.57
N GLU J 34 -12.96 11.01 -65.45
CA GLU J 34 -12.08 11.28 -64.31
C GLU J 34 -11.75 9.99 -63.59
N GLU J 35 -10.47 9.83 -63.25
CA GLU J 35 -10.00 8.79 -62.34
C GLU J 35 -10.34 7.39 -62.87
N VAL J 36 -9.71 7.05 -63.98
CA VAL J 36 -9.78 5.68 -64.50
C VAL J 36 -8.84 4.81 -63.67
N ARG J 37 -9.40 3.80 -63.00
CA ARG J 37 -8.63 2.96 -62.08
C ARG J 37 -8.72 1.51 -62.55
N GLY J 38 -7.85 1.15 -63.49
CA GLY J 38 -7.82 -0.20 -64.00
C GLY J 38 -6.82 -1.11 -63.30
N ASP J 39 -7.02 -1.37 -62.01
CA ASP J 39 -6.08 -2.16 -61.23
C ASP J 39 -6.60 -3.54 -60.84
N ALA J 40 -7.74 -3.97 -61.39
CA ALA J 40 -8.23 -5.31 -61.09
C ALA J 40 -7.45 -6.33 -61.91
N HIS J 41 -7.83 -7.60 -61.79
CA HIS J 41 -7.15 -8.67 -62.51
C HIS J 41 -7.92 -9.15 -63.73
N ALA J 42 -9.25 -9.18 -63.66
CA ALA J 42 -10.05 -9.65 -64.78
C ALA J 42 -10.18 -8.61 -65.89
N GLY J 43 -9.37 -7.56 -65.86
CA GLY J 43 -9.47 -6.51 -66.85
C GLY J 43 -10.75 -5.71 -66.79
N VAL J 44 -11.27 -5.48 -65.59
CA VAL J 44 -12.45 -4.65 -65.39
C VAL J 44 -11.99 -3.25 -65.03
N ILE J 45 -12.81 -2.25 -65.36
CA ILE J 45 -12.43 -0.85 -65.20
C ILE J 45 -13.52 -0.13 -64.42
N ARG J 46 -13.12 0.61 -63.40
CA ARG J 46 -14.02 1.52 -62.69
C ARG J 46 -13.64 2.93 -63.08
N ILE J 47 -14.59 3.67 -63.64
CA ILE J 47 -14.34 5.00 -64.18
C ILE J 47 -15.36 5.97 -63.61
N GLN J 48 -14.89 7.13 -63.15
CA GLN J 48 -15.75 8.15 -62.59
C GLN J 48 -16.09 9.17 -63.67
N THR J 49 -17.36 9.27 -64.01
CA THR J 49 -17.81 10.15 -65.10
C THR J 49 -18.40 11.43 -64.54
N SER J 50 -18.29 12.51 -65.34
CA SER J 50 -18.85 13.78 -64.92
C SER J 50 -20.37 13.73 -64.86
N ALA J 51 -20.99 12.86 -65.66
CA ALA J 51 -22.43 12.70 -65.58
C ALA J 51 -22.82 11.96 -64.31
N MET J 52 -24.09 12.09 -63.93
CA MET J 52 -24.62 11.46 -62.72
C MET J 52 -25.59 10.36 -63.17
N PHE J 53 -25.09 9.13 -63.27
CA PHE J 53 -25.91 8.01 -63.71
C PHE J 53 -26.85 7.58 -62.59
N GLY J 54 -27.58 6.50 -62.82
CA GLY J 54 -28.40 5.89 -61.79
C GLY J 54 -29.82 6.43 -61.79
N LEU J 55 -30.26 6.91 -60.63
CA LEU J 55 -31.66 7.31 -60.45
C LEU J 55 -31.96 8.60 -61.22
N LYS J 56 -33.23 8.79 -61.52
CA LYS J 56 -33.68 9.94 -62.28
C LYS J 56 -33.79 11.16 -61.36
N THR J 57 -34.48 12.21 -61.83
CA THR J 57 -34.52 13.48 -61.11
C THR J 57 -34.97 13.29 -59.67
N ASP J 58 -36.10 12.61 -59.45
CA ASP J 58 -36.63 12.51 -58.09
C ASP J 58 -36.33 11.17 -57.43
N GLY J 59 -36.89 10.08 -57.93
CA GLY J 59 -36.69 8.80 -57.26
C GLY J 59 -36.70 7.55 -58.10
N VAL J 60 -36.73 7.67 -59.43
CA VAL J 60 -37.07 6.53 -60.27
C VAL J 60 -36.07 6.37 -61.42
N ASP J 61 -36.38 5.44 -62.33
CA ASP J 61 -35.61 5.22 -63.56
C ASP J 61 -34.17 4.84 -63.25
N LEU J 62 -34.02 3.68 -62.62
CA LEU J 62 -32.69 3.11 -62.42
C LEU J 62 -31.98 2.91 -63.76
N ALA J 63 -32.73 2.51 -64.79
CA ALA J 63 -32.16 2.28 -66.11
C ALA J 63 -32.05 3.55 -66.94
N TYR J 64 -32.00 4.72 -66.31
CA TYR J 64 -31.84 5.99 -67.00
C TYR J 64 -30.57 6.68 -66.54
N MET J 65 -30.22 7.75 -67.25
CA MET J 65 -29.06 8.57 -66.92
C MET J 65 -29.49 10.02 -66.85
N SER J 66 -28.70 10.81 -66.13
CA SER J 66 -28.99 12.24 -65.95
C SER J 66 -27.71 13.02 -66.12
N PHE J 67 -27.53 13.64 -67.28
CA PHE J 67 -26.42 14.53 -67.52
C PHE J 67 -26.90 15.97 -67.45
N MET J 68 -25.97 16.91 -67.68
CA MET J 68 -26.30 18.33 -67.65
C MET J 68 -26.00 18.97 -69.00
N ASN J 69 -27.03 19.53 -69.63
CA ASN J 69 -26.92 20.22 -70.92
C ASN J 69 -27.16 21.70 -70.71
N GLY J 70 -26.18 22.52 -71.07
CA GLY J 70 -26.30 23.94 -70.79
C GLY J 70 -26.30 24.20 -69.29
N LYS J 71 -27.18 25.09 -68.85
CA LYS J 71 -27.31 25.46 -67.43
C LYS J 71 -28.26 24.56 -66.65
N THR J 72 -28.98 23.66 -67.31
CA THR J 72 -30.03 22.88 -66.65
C THR J 72 -29.84 21.39 -66.92
N GLN J 73 -30.31 20.58 -65.99
CA GLN J 73 -30.24 19.14 -66.15
C GLN J 73 -31.24 18.67 -67.21
N LYS J 74 -30.98 17.50 -67.77
CA LYS J 74 -31.90 16.90 -68.74
C LYS J 74 -31.74 15.38 -68.64
N SER J 75 -32.61 14.75 -67.87
CA SER J 75 -32.53 13.31 -67.63
C SER J 75 -33.20 12.57 -68.78
N ILE J 76 -32.46 11.70 -69.45
CA ILE J 76 -32.97 10.93 -70.57
C ILE J 76 -32.65 9.45 -70.37
N LYS J 77 -33.02 8.64 -71.35
CA LYS J 77 -32.74 7.21 -71.27
C LYS J 77 -31.25 6.96 -71.48
N ILE J 78 -30.84 5.72 -71.21
CA ILE J 78 -29.44 5.31 -71.32
C ILE J 78 -29.18 4.52 -72.60
N ASP J 79 -30.02 4.69 -73.62
CA ASP J 79 -30.19 3.75 -74.72
C ASP J 79 -28.91 3.15 -75.34
N ASN J 80 -27.86 3.94 -75.53
CA ASN J 80 -26.67 3.45 -76.25
C ASN J 80 -25.39 3.96 -75.59
N LEU J 81 -25.36 4.00 -74.26
CA LEU J 81 -24.13 4.27 -73.51
C LEU J 81 -23.12 3.17 -73.78
N HIS J 82 -21.90 3.56 -74.14
CA HIS J 82 -20.87 2.59 -74.48
C HIS J 82 -19.52 3.07 -73.99
N VAL J 83 -18.82 2.22 -73.24
CA VAL J 83 -17.44 2.48 -72.84
C VAL J 83 -16.54 1.78 -73.83
N ARG J 84 -15.52 2.48 -74.32
CA ARG J 84 -14.73 1.97 -75.42
C ARG J 84 -13.24 2.12 -75.14
N THR J 85 -12.48 1.22 -75.74
CA THR J 85 -11.01 1.17 -75.67
C THR J 85 -10.53 0.71 -77.04
N SER J 86 -9.33 0.13 -77.10
CA SER J 86 -8.82 -0.43 -78.37
C SER J 86 -9.88 -1.22 -79.12
N ALA J 87 -10.74 -1.95 -78.42
CA ALA J 87 -11.93 -2.58 -78.97
C ALA J 87 -13.14 -2.23 -78.09
N PRO J 88 -14.36 -2.39 -78.59
CA PRO J 88 -15.54 -2.09 -77.75
C PRO J 88 -15.54 -2.92 -76.46
N CYS J 89 -15.81 -2.25 -75.34
CA CYS J 89 -15.92 -2.93 -74.05
C CYS J 89 -17.32 -3.52 -73.88
N SER J 90 -17.61 -4.05 -72.70
CA SER J 90 -18.97 -4.45 -72.35
C SER J 90 -19.37 -3.80 -71.04
N LEU J 91 -20.58 -3.23 -71.00
CA LEU J 91 -21.03 -2.55 -69.79
C LEU J 91 -21.42 -3.58 -68.72
N VAL J 92 -21.23 -3.19 -67.45
CA VAL J 92 -21.57 -4.08 -66.35
C VAL J 92 -22.61 -3.42 -65.45
N SER J 93 -22.26 -2.31 -64.83
CA SER J 93 -23.17 -1.64 -63.92
C SER J 93 -22.80 -0.17 -63.85
N HIS J 94 -23.79 0.65 -63.47
CA HIS J 94 -23.60 2.08 -63.33
C HIS J 94 -24.31 2.55 -62.07
N HIS J 95 -23.69 3.51 -61.36
CA HIS J 95 -24.26 3.98 -60.11
C HIS J 95 -23.76 5.41 -59.88
N GLY J 96 -24.64 6.37 -60.15
CA GLY J 96 -24.26 7.76 -59.90
C GLY J 96 -23.07 8.19 -60.72
N TYR J 97 -22.08 8.79 -60.06
CA TYR J 97 -20.90 9.28 -60.77
C TYR J 97 -20.10 8.15 -61.39
N TYR J 98 -20.05 7.00 -60.75
CA TYR J 98 -19.15 5.92 -61.15
C TYR J 98 -19.87 4.90 -62.01
N ILE J 99 -19.17 4.40 -63.01
CA ILE J 99 -19.69 3.40 -63.92
C ILE J 99 -18.66 2.29 -64.04
N LEU J 100 -19.11 1.04 -63.87
CA LEU J 100 -18.24 -0.11 -63.88
C LEU J 100 -18.34 -0.84 -65.21
N ALA J 101 -17.21 -1.08 -65.86
CA ALA J 101 -17.19 -1.74 -67.15
C ALA J 101 -15.99 -2.66 -67.25
N GLN J 102 -16.09 -3.61 -68.17
CA GLN J 102 -15.06 -4.60 -68.46
C GLN J 102 -14.49 -4.34 -69.84
N CYS J 103 -13.18 -4.07 -69.92
CA CYS J 103 -12.56 -3.67 -71.17
C CYS J 103 -11.39 -4.56 -71.56
N PRO J 104 -11.14 -4.75 -72.85
CA PRO J 104 -9.90 -5.38 -73.29
C PRO J 104 -8.73 -4.40 -73.18
N PRO J 105 -7.49 -4.88 -73.20
CA PRO J 105 -6.35 -3.97 -73.07
C PRO J 105 -6.31 -2.94 -74.20
N GLY J 106 -5.85 -1.74 -73.84
CA GLY J 106 -5.77 -0.67 -74.82
C GLY J 106 -5.09 0.53 -74.18
N ASP J 107 -4.83 1.54 -75.02
CA ASP J 107 -4.14 2.73 -74.57
C ASP J 107 -5.05 3.93 -74.33
N THR J 108 -6.29 3.88 -74.80
CA THR J 108 -7.23 4.98 -74.61
C THR J 108 -8.52 4.46 -74.02
N VAL J 109 -9.19 5.31 -73.25
CA VAL J 109 -10.50 5.02 -72.69
C VAL J 109 -11.48 6.07 -73.20
N THR J 110 -12.58 5.61 -73.78
CA THR J 110 -13.59 6.50 -74.35
C THR J 110 -14.95 6.13 -73.79
N VAL J 111 -15.78 7.15 -73.57
CA VAL J 111 -17.14 6.95 -73.07
C VAL J 111 -18.07 7.80 -73.92
N GLY J 112 -19.17 7.18 -74.37
CA GLY J 112 -20.13 7.91 -75.18
C GLY J 112 -21.55 7.42 -75.03
N PHE J 113 -22.47 8.32 -74.73
CA PHE J 113 -23.89 8.02 -74.68
C PHE J 113 -24.53 8.51 -75.97
N HIS J 114 -25.85 8.50 -76.02
CA HIS J 114 -26.56 8.98 -77.21
C HIS J 114 -27.77 9.81 -76.78
N ASP J 115 -27.69 11.12 -77.02
CA ASP J 115 -28.86 11.97 -76.81
C ASP J 115 -29.95 11.67 -77.84
N GLY J 116 -29.55 11.26 -79.04
CA GLY J 116 -30.48 10.90 -80.08
C GLY J 116 -30.25 11.67 -81.37
N PRO J 117 -30.04 12.99 -81.27
CA PRO J 117 -29.54 13.73 -82.44
C PRO J 117 -28.05 13.95 -82.41
N ASN J 118 -27.40 13.62 -81.30
CA ASN J 118 -25.98 13.94 -81.11
C ASN J 118 -25.23 12.72 -80.60
N ARG J 119 -23.93 12.70 -80.87
CA ARG J 119 -23.08 11.64 -80.33
C ARG J 119 -22.70 11.95 -78.88
N HIS J 120 -22.07 13.10 -78.65
CA HIS J 120 -21.76 13.58 -77.30
C HIS J 120 -20.92 12.55 -76.54
N THR J 121 -19.71 12.33 -77.04
CA THR J 121 -18.78 11.37 -76.44
C THR J 121 -17.58 12.09 -75.84
N CYS J 122 -16.75 11.30 -75.17
CA CYS J 122 -15.53 11.83 -74.57
C CYS J 122 -14.53 10.69 -74.43
N THR J 123 -13.25 11.04 -74.39
CA THR J 123 -12.20 10.03 -74.24
C THR J 123 -10.99 10.64 -73.55
N VAL J 124 -10.14 9.77 -73.02
CA VAL J 124 -8.96 10.20 -72.26
C VAL J 124 -7.83 9.22 -72.50
N ALA J 125 -6.63 9.75 -72.73
CA ALA J 125 -5.46 8.89 -72.92
C ALA J 125 -5.07 8.28 -71.59
N HIS J 126 -5.10 6.95 -71.50
CA HIS J 126 -4.79 6.27 -70.24
C HIS J 126 -4.46 4.81 -70.53
N LYS J 127 -3.29 4.36 -70.09
CA LYS J 127 -2.88 2.99 -70.36
C LYS J 127 -3.76 2.01 -69.59
N VAL J 128 -4.30 1.03 -70.30
CA VAL J 128 -5.12 -0.02 -69.70
C VAL J 128 -4.59 -1.37 -70.18
N GLU J 129 -4.13 -2.19 -69.25
CA GLU J 129 -3.58 -3.49 -69.58
C GLU J 129 -4.38 -4.59 -68.87
N PHE J 130 -4.34 -5.78 -69.46
CA PHE J 130 -5.07 -6.94 -68.95
C PHE J 130 -4.08 -7.79 -68.16
N ARG J 131 -3.96 -7.51 -66.88
CA ARG J 131 -3.02 -8.21 -66.02
C ARG J 131 -3.61 -9.53 -65.54
N PRO J 132 -3.15 -10.67 -66.06
CA PRO J 132 -3.73 -11.95 -65.68
C PRO J 132 -3.31 -12.39 -64.28
N VAL J 133 -4.23 -13.01 -63.56
CA VAL J 133 -3.95 -13.54 -62.23
C VAL J 133 -3.35 -14.93 -62.39
N GLY J 134 -2.21 -15.16 -61.75
CA GLY J 134 -1.55 -16.45 -61.78
C GLY J 134 -0.16 -16.36 -62.42
N ARG J 135 0.40 -17.54 -62.69
CA ARG J 135 1.77 -17.68 -63.17
C ARG J 135 1.86 -17.86 -64.68
N GLU J 136 0.75 -17.64 -65.40
CA GLU J 136 0.65 -17.84 -66.84
C GLU J 136 0.21 -16.52 -67.46
N LYS J 137 0.98 -16.03 -68.42
CA LYS J 137 0.78 -14.68 -68.92
C LYS J 137 -0.27 -14.67 -70.04
N TYR J 138 -1.45 -15.16 -69.66
CA TYR J 138 -2.59 -15.34 -70.56
C TYR J 138 -3.17 -13.99 -71.01
N ARG J 139 -4.15 -14.06 -71.93
CA ARG J 139 -4.69 -12.86 -72.56
C ARG J 139 -6.21 -12.64 -72.40
N HIS J 140 -6.97 -13.59 -71.85
CA HIS J 140 -8.43 -13.46 -71.77
C HIS J 140 -8.95 -14.48 -70.76
N PRO J 141 -10.03 -14.18 -70.01
CA PRO J 141 -10.52 -15.17 -69.02
C PRO J 141 -11.01 -16.43 -69.72
N PRO J 142 -10.39 -17.59 -69.47
CA PRO J 142 -10.74 -18.81 -70.24
C PRO J 142 -12.06 -19.41 -69.83
N GLU J 143 -12.47 -20.44 -70.58
CA GLU J 143 -13.71 -21.15 -70.28
C GLU J 143 -13.56 -22.04 -69.05
N HIS J 144 -12.35 -22.55 -68.77
CA HIS J 144 -12.16 -23.49 -67.67
C HIS J 144 -10.81 -23.20 -66.99
N GLY J 145 -10.40 -24.08 -66.10
CA GLY J 145 -9.14 -23.97 -65.40
C GLY J 145 -9.31 -23.94 -63.90
N VAL J 146 -8.22 -23.67 -63.20
CA VAL J 146 -8.20 -23.65 -61.74
C VAL J 146 -8.42 -22.23 -61.24
N GLU J 147 -9.12 -22.10 -60.13
CA GLU J 147 -9.39 -20.80 -59.53
C GLU J 147 -8.20 -20.32 -58.71
N LEU J 148 -8.15 -19.01 -58.50
CA LEU J 148 -7.08 -18.40 -57.73
C LEU J 148 -7.64 -17.17 -57.01
N PRO J 149 -7.05 -16.79 -55.87
CA PRO J 149 -7.55 -15.60 -55.15
C PRO J 149 -7.12 -14.29 -55.82
N CYS J 150 -7.87 -13.87 -56.83
CA CYS J 150 -7.57 -12.62 -57.50
C CYS J 150 -8.12 -11.45 -56.68
N ASN J 151 -7.88 -10.23 -57.18
CA ASN J 151 -8.47 -9.02 -56.60
C ASN J 151 -9.21 -8.29 -57.71
N ARG J 152 -10.46 -7.91 -57.43
CA ARG J 152 -11.31 -7.34 -58.47
C ARG J 152 -12.36 -6.45 -57.81
N TYR J 153 -12.93 -5.56 -58.62
CA TYR J 153 -13.97 -4.67 -58.12
C TYR J 153 -15.28 -5.43 -57.95
N THR J 154 -16.23 -4.79 -57.26
CA THR J 154 -17.49 -5.41 -56.91
C THR J 154 -18.62 -4.82 -57.75
N HIS J 155 -19.44 -5.69 -58.33
CA HIS J 155 -20.58 -5.21 -59.10
C HIS J 155 -21.67 -4.62 -58.20
N LYS J 156 -21.72 -5.02 -56.93
CA LYS J 156 -22.71 -4.48 -56.01
C LYS J 156 -22.34 -3.04 -55.63
N ARG J 157 -23.36 -2.26 -55.27
CA ARG J 157 -23.19 -0.85 -54.97
C ARG J 157 -23.32 -0.52 -53.49
N ALA J 158 -24.18 -1.23 -52.77
CA ALA J 158 -24.50 -0.88 -51.38
C ALA J 158 -23.32 -1.25 -50.49
N ASP J 159 -22.28 -0.43 -50.55
CA ASP J 159 -21.11 -0.59 -49.70
C ASP J 159 -20.70 0.76 -49.14
N GLN J 160 -20.06 0.74 -47.97
CA GLN J 160 -19.58 1.95 -47.32
C GLN J 160 -18.12 1.81 -46.90
N GLY J 161 -17.35 1.03 -47.66
CA GLY J 161 -15.94 0.84 -47.31
C GLY J 161 -15.14 2.12 -47.43
N HIS J 162 -15.42 2.93 -48.45
CA HIS J 162 -14.67 4.16 -48.68
C HIS J 162 -15.65 5.29 -49.00
N TYR J 163 -15.21 6.52 -48.75
CA TYR J 163 -16.05 7.70 -48.93
C TYR J 163 -15.32 8.73 -49.79
N VAL J 164 -16.12 9.54 -50.48
CA VAL J 164 -15.60 10.60 -51.34
C VAL J 164 -16.28 11.90 -50.96
N GLU J 165 -15.49 12.94 -50.74
CA GLU J 165 -16.06 14.24 -50.36
C GLU J 165 -16.85 14.83 -51.52
N MET J 166 -17.98 15.46 -51.18
CA MET J 166 -18.84 16.11 -52.17
C MET J 166 -19.28 17.46 -51.59
N HIS J 167 -18.47 18.49 -51.79
CA HIS J 167 -18.78 19.79 -51.19
C HIS J 167 -19.70 20.60 -52.10
N GLN J 168 -20.03 21.82 -51.70
CA GLN J 168 -20.96 22.64 -52.48
C GLN J 168 -20.32 23.05 -53.82
N PRO J 169 -21.08 23.08 -54.91
CA PRO J 169 -20.50 23.35 -56.23
C PRO J 169 -19.99 24.78 -56.34
N GLY J 170 -18.79 24.93 -56.89
CA GLY J 170 -18.30 26.26 -57.21
C GLY J 170 -19.02 26.82 -58.43
N LEU J 171 -19.04 28.15 -58.56
CA LEU J 171 -19.82 28.76 -59.62
C LEU J 171 -19.47 28.22 -61.01
N VAL J 172 -20.40 28.28 -61.96
CA VAL J 172 -20.13 27.95 -63.35
C VAL J 172 -20.47 29.16 -64.23
N ALA J 173 -19.76 29.27 -65.37
CA ALA J 173 -20.13 30.25 -66.40
C ALA J 173 -21.47 29.89 -67.01
N ASP J 174 -22.25 30.92 -67.38
CA ASP J 174 -23.38 30.68 -68.31
C ASP J 174 -23.70 31.98 -69.06
N HIS J 175 -23.03 32.16 -70.21
CA HIS J 175 -23.28 33.36 -71.02
C HIS J 175 -24.74 33.48 -71.43
N SER J 176 -25.40 32.34 -71.69
CA SER J 176 -26.79 32.41 -72.09
C SER J 176 -27.59 33.35 -71.21
N LEU J 177 -27.14 33.57 -69.96
CA LEU J 177 -27.84 34.46 -69.05
C LEU J 177 -27.62 35.94 -69.41
N LEU J 178 -26.44 36.29 -69.91
CA LEU J 178 -26.11 37.69 -70.19
C LEU J 178 -26.69 38.10 -71.54
N SER J 179 -28.00 38.29 -71.54
CA SER J 179 -28.70 38.82 -72.71
C SER J 179 -28.47 40.33 -72.75
N ILE J 180 -29.25 41.04 -73.58
CA ILE J 180 -29.15 42.49 -73.71
C ILE J 180 -30.49 43.11 -73.39
N HIS J 181 -30.48 44.16 -72.56
CA HIS J 181 -31.68 44.95 -72.26
C HIS J 181 -31.83 46.11 -73.25
N SER J 182 -31.70 45.77 -74.53
CA SER J 182 -31.90 46.66 -75.69
C SER J 182 -30.84 47.75 -75.81
N ALA J 183 -30.11 48.05 -74.74
CA ALA J 183 -28.83 48.73 -74.82
C ALA J 183 -27.81 48.23 -73.80
N LYS J 184 -28.25 47.58 -72.73
CA LYS J 184 -27.40 47.16 -71.63
C LYS J 184 -27.35 45.64 -71.57
N VAL J 185 -26.23 45.09 -71.09
CA VAL J 185 -26.15 43.64 -70.93
C VAL J 185 -27.05 43.22 -69.78
N LYS J 186 -27.83 42.18 -70.01
CA LYS J 186 -28.94 41.79 -69.12
C LYS J 186 -28.69 40.39 -68.61
N ILE J 187 -28.46 40.26 -67.30
CA ILE J 187 -28.33 38.95 -66.67
C ILE J 187 -29.72 38.46 -66.24
N THR J 188 -29.88 37.15 -66.16
CA THR J 188 -31.10 36.57 -65.58
C THR J 188 -30.73 35.47 -64.58
N VAL J 189 -31.72 34.69 -64.13
CA VAL J 189 -31.50 33.64 -63.13
C VAL J 189 -32.21 32.34 -63.54
N PRO J 190 -31.61 31.16 -63.21
CA PRO J 190 -32.30 29.87 -63.47
C PRO J 190 -33.63 29.76 -62.76
N SER J 191 -33.62 29.84 -61.43
CA SER J 191 -34.82 29.61 -60.64
C SER J 191 -34.83 30.48 -59.40
N GLY J 192 -34.17 31.64 -59.45
CA GLY J 192 -33.78 32.34 -58.25
C GLY J 192 -32.41 31.96 -57.73
N ALA J 193 -31.63 31.25 -58.52
CA ALA J 193 -30.28 30.88 -58.11
C ALA J 193 -29.40 32.13 -57.95
N GLN J 194 -28.33 32.00 -57.18
CA GLN J 194 -27.43 33.13 -56.94
C GLN J 194 -26.57 33.37 -58.18
N VAL J 195 -26.43 34.65 -58.56
CA VAL J 195 -25.68 34.97 -59.77
C VAL J 195 -24.59 36.00 -59.45
N LYS J 196 -23.43 35.54 -58.96
CA LYS J 196 -22.31 36.44 -58.74
C LYS J 196 -22.07 37.25 -60.00
N TYR J 197 -22.15 38.59 -59.90
CA TYR J 197 -22.12 39.42 -61.11
C TYR J 197 -21.31 40.70 -60.91
N TYR J 198 -20.66 41.15 -61.99
CA TYR J 198 -19.88 42.39 -62.06
C TYR J 198 -19.28 42.45 -63.46
N CYS J 199 -18.90 43.65 -63.92
CA CYS J 199 -18.24 43.76 -65.23
C CYS J 199 -16.88 44.46 -65.11
N LYS J 200 -16.19 44.59 -66.26
CA LYS J 200 -14.96 45.38 -66.29
C LYS J 200 -15.21 46.80 -65.83
N CYS J 201 -16.32 47.38 -66.25
CA CYS J 201 -16.71 48.70 -65.81
C CYS J 201 -17.13 48.62 -64.34
N PRO J 202 -17.36 49.77 -63.70
CA PRO J 202 -17.97 49.76 -62.36
C PRO J 202 -19.50 49.72 -62.41
N ASP J 203 -20.06 48.63 -61.90
CA ASP J 203 -21.51 48.42 -61.72
C ASP J 203 -21.69 47.51 -60.49
N VAL J 204 -22.85 46.86 -60.37
CA VAL J 204 -23.16 45.98 -59.23
C VAL J 204 -22.01 44.99 -59.01
N ARG J 205 -21.38 45.03 -57.83
CA ARG J 205 -20.10 44.38 -57.62
C ARG J 205 -20.16 43.01 -56.95
N GLU J 206 -21.26 42.64 -56.28
CA GLU J 206 -21.40 41.28 -55.77
C GLU J 206 -22.29 40.40 -56.66
N GLY J 207 -23.57 40.75 -56.78
CA GLY J 207 -24.53 39.91 -57.44
C GLY J 207 -24.98 38.79 -56.53
N ILE J 208 -26.06 38.98 -55.79
CA ILE J 208 -26.77 37.89 -55.12
C ILE J 208 -28.24 38.24 -55.37
N THR J 209 -28.79 37.83 -56.52
CA THR J 209 -29.94 38.58 -57.04
C THR J 209 -30.86 37.69 -57.86
N SER J 210 -32.03 38.26 -58.16
CA SER J 210 -32.86 37.83 -59.28
C SER J 210 -32.29 38.43 -60.56
N SER J 211 -33.04 38.41 -61.65
CA SER J 211 -32.56 38.95 -62.91
C SER J 211 -32.20 40.43 -62.78
N ASP J 212 -30.92 40.76 -62.85
CA ASP J 212 -30.46 42.15 -62.86
C ASP J 212 -30.26 42.65 -64.28
N HIS J 213 -30.11 43.96 -64.40
CA HIS J 213 -29.56 44.62 -65.57
C HIS J 213 -28.12 45.01 -65.28
N THR J 214 -27.50 45.78 -66.19
CA THR J 214 -26.15 46.30 -65.99
C THR J 214 -26.13 47.75 -66.44
N THR J 215 -26.11 48.67 -65.47
CA THR J 215 -26.11 50.09 -65.82
C THR J 215 -24.91 50.45 -66.69
N THR J 216 -23.71 50.03 -66.27
CA THR J 216 -22.47 50.61 -66.83
C THR J 216 -22.00 49.94 -68.12
N CYS J 217 -21.55 48.69 -68.03
CA CYS J 217 -21.01 47.99 -69.19
C CYS J 217 -22.12 47.59 -70.16
N THR J 218 -21.73 47.32 -71.41
CA THR J 218 -22.64 46.94 -72.50
C THR J 218 -22.30 45.60 -73.11
N ASP J 219 -21.02 45.31 -73.32
CA ASP J 219 -20.58 44.11 -74.00
C ASP J 219 -20.74 42.87 -73.12
N VAL J 220 -21.40 41.84 -73.66
CA VAL J 220 -21.56 40.56 -72.96
C VAL J 220 -20.20 39.96 -72.58
N LYS J 221 -19.14 40.29 -73.32
CA LYS J 221 -17.84 39.62 -73.16
C LYS J 221 -17.02 40.12 -71.99
N GLN J 222 -17.42 41.20 -71.32
CA GLN J 222 -16.66 41.76 -70.20
C GLN J 222 -17.47 41.73 -68.91
N CYS J 223 -18.12 40.60 -68.60
CA CYS J 223 -19.01 40.52 -67.44
C CYS J 223 -19.02 39.11 -66.84
N ARG J 224 -19.46 39.05 -65.57
CA ARG J 224 -19.36 37.84 -64.73
C ARG J 224 -20.66 37.02 -64.75
N ALA J 225 -20.77 36.15 -65.76
CA ALA J 225 -21.98 35.32 -65.92
C ALA J 225 -21.98 34.08 -65.01
N TYR J 226 -22.02 34.29 -63.69
CA TYR J 226 -21.79 33.19 -62.74
C TYR J 226 -23.09 32.60 -62.18
N LEU J 227 -23.08 31.28 -61.97
CA LEU J 227 -24.16 30.56 -61.27
C LEU J 227 -23.63 29.95 -59.97
N ILE J 228 -23.89 30.60 -58.83
CA ILE J 228 -23.82 29.88 -57.56
C ILE J 228 -25.16 29.16 -57.40
N ASP J 229 -25.13 27.84 -57.50
CA ASP J 229 -26.35 27.01 -57.56
C ASP J 229 -26.21 25.79 -56.68
N ASN J 230 -25.77 25.99 -55.43
CA ASN J 230 -25.47 24.89 -54.52
C ASN J 230 -26.73 24.32 -53.87
N LYS J 231 -27.87 24.43 -54.58
CA LYS J 231 -29.07 23.64 -54.28
C LYS J 231 -28.77 22.14 -54.27
N LYS J 232 -28.01 21.67 -55.25
CA LYS J 232 -27.57 20.29 -55.36
C LYS J 232 -26.05 20.27 -55.44
N TRP J 233 -25.41 19.49 -54.57
CA TRP J 233 -23.96 19.56 -54.45
C TRP J 233 -23.27 18.71 -55.51
N VAL J 234 -21.96 18.92 -55.67
CA VAL J 234 -21.16 18.24 -56.68
C VAL J 234 -19.88 17.71 -56.05
N TYR J 235 -19.19 16.87 -56.81
CA TYR J 235 -17.94 16.27 -56.35
C TYR J 235 -16.79 17.24 -56.47
N ASN J 236 -15.86 17.18 -55.51
CA ASN J 236 -14.73 18.09 -55.50
C ASN J 236 -13.74 17.75 -56.60
N SER J 237 -14.16 17.90 -57.86
CA SER J 237 -13.30 17.56 -58.99
C SER J 237 -12.22 18.61 -59.18
N GLY J 238 -11.08 18.16 -59.72
CA GLY J 238 -9.99 19.08 -60.01
C GLY J 238 -10.19 19.93 -61.25
N ARG J 239 -11.23 19.66 -62.03
CA ARG J 239 -11.54 20.43 -63.22
C ARG J 239 -12.65 21.45 -62.98
N LEU J 240 -12.96 21.75 -61.71
CA LEU J 240 -14.04 22.65 -61.37
C LEU J 240 -13.55 23.73 -60.42
N PRO J 241 -13.82 25.01 -60.70
CA PRO J 241 -13.43 26.07 -59.75
C PRO J 241 -14.09 25.88 -58.39
N ARG J 242 -13.27 25.89 -57.34
CA ARG J 242 -13.81 25.72 -55.99
C ARG J 242 -14.57 26.96 -55.54
N GLY J 243 -15.74 26.76 -54.95
CA GLY J 243 -16.45 27.86 -54.32
C GLY J 243 -15.68 28.38 -53.11
N GLU J 244 -15.44 29.69 -53.07
CA GLU J 244 -14.64 30.30 -52.03
C GLU J 244 -15.28 30.24 -50.65
N GLY J 245 -16.57 29.94 -50.57
CA GLY J 245 -17.27 29.96 -49.29
C GLY J 245 -16.80 28.92 -48.30
N ASP J 246 -17.11 27.66 -48.56
CA ASP J 246 -16.77 26.59 -47.64
C ASP J 246 -16.94 25.25 -48.33
N THR J 247 -16.20 24.25 -47.84
CA THR J 247 -16.34 22.88 -48.34
C THR J 247 -17.37 22.15 -47.49
N PHE J 248 -18.55 21.92 -48.05
CA PHE J 248 -19.61 21.25 -47.30
C PHE J 248 -19.26 19.81 -47.00
N LYS J 249 -20.06 19.20 -46.12
CA LYS J 249 -19.97 17.77 -45.84
C LYS J 249 -20.67 17.02 -46.96
N GLY J 250 -20.92 15.73 -46.75
CA GLY J 250 -21.54 14.94 -47.80
C GLY J 250 -20.69 13.78 -48.28
N LYS J 251 -19.97 13.15 -47.37
CA LYS J 251 -19.18 11.97 -47.72
C LYS J 251 -20.00 11.00 -48.54
N LEU J 252 -19.55 10.75 -49.76
CA LEU J 252 -20.27 9.89 -50.70
C LEU J 252 -19.59 8.52 -50.78
N HIS J 253 -20.34 7.47 -50.53
CA HIS J 253 -19.78 6.12 -50.57
C HIS J 253 -19.38 5.75 -52.00
N VAL J 254 -18.23 5.09 -52.12
CA VAL J 254 -17.77 4.64 -53.42
C VAL J 254 -18.58 3.40 -53.79
N PRO J 255 -19.26 3.37 -54.94
CA PRO J 255 -20.18 2.25 -55.20
C PRO J 255 -19.48 0.92 -55.43
N PHE J 256 -18.40 0.90 -56.21
CA PHE J 256 -17.75 -0.35 -56.59
C PHE J 256 -16.36 -0.38 -55.95
N VAL J 257 -16.29 -0.87 -54.72
CA VAL J 257 -15.02 -0.99 -54.00
C VAL J 257 -14.29 -2.24 -54.48
N PRO J 258 -12.95 -2.26 -54.48
CA PRO J 258 -12.23 -3.49 -54.81
C PRO J 258 -12.28 -4.50 -53.67
N VAL J 259 -12.43 -5.77 -54.02
CA VAL J 259 -12.44 -6.86 -53.06
C VAL J 259 -11.60 -8.00 -53.61
N LYS J 260 -11.42 -9.03 -52.79
CA LYS J 260 -10.67 -10.22 -53.19
C LYS J 260 -11.66 -11.33 -53.51
N ALA J 261 -11.97 -11.49 -54.79
CA ALA J 261 -12.83 -12.55 -55.27
C ALA J 261 -11.98 -13.67 -55.87
N LYS J 262 -12.64 -14.64 -56.48
CA LYS J 262 -11.96 -15.77 -57.12
C LYS J 262 -12.17 -15.69 -58.63
N CYS J 263 -11.08 -15.62 -59.38
CA CYS J 263 -11.15 -15.58 -60.83
C CYS J 263 -10.79 -16.95 -61.40
N ILE J 264 -11.34 -17.24 -62.57
CA ILE J 264 -11.02 -18.49 -63.26
C ILE J 264 -9.72 -18.29 -64.03
N ALA J 265 -8.63 -18.88 -63.55
CA ALA J 265 -7.34 -18.77 -64.20
C ALA J 265 -7.12 -19.94 -65.15
N THR J 266 -6.26 -19.73 -66.16
CA THR J 266 -5.94 -20.76 -67.14
C THR J 266 -5.16 -21.90 -66.49
N LEU J 267 -4.96 -22.96 -67.28
CA LEU J 267 -4.20 -24.13 -66.81
C LEU J 267 -3.37 -24.65 -67.97
N ALA J 268 -2.05 -24.61 -67.83
CA ALA J 268 -1.16 -24.98 -68.93
C ALA J 268 -1.31 -26.47 -69.27
N PRO J 269 -1.12 -26.84 -70.54
CA PRO J 269 -1.24 -28.26 -70.92
C PRO J 269 -0.21 -29.11 -70.22
N GLU J 270 -0.60 -30.36 -69.94
CA GLU J 270 0.24 -31.26 -69.16
C GLU J 270 1.58 -31.49 -69.85
N PRO J 271 2.70 -31.40 -69.13
CA PRO J 271 4.00 -31.70 -69.75
C PRO J 271 4.20 -33.19 -69.93
N LEU J 272 5.19 -33.53 -70.76
CA LEU J 272 5.54 -34.93 -71.04
C LEU J 272 6.83 -35.25 -70.29
N VAL J 273 6.74 -36.13 -69.30
CA VAL J 273 7.88 -36.49 -68.49
C VAL J 273 8.72 -37.53 -69.23
N GLU J 274 10.01 -37.27 -69.34
CA GLU J 274 10.95 -38.19 -69.99
C GLU J 274 12.15 -38.35 -69.07
N HIS J 275 12.23 -39.48 -68.38
CA HIS J 275 13.25 -39.65 -67.34
C HIS J 275 14.52 -40.28 -67.92
N LYS J 276 15.65 -39.96 -67.27
CA LYS J 276 16.94 -40.53 -67.60
C LYS J 276 17.68 -40.83 -66.30
N HIS J 277 18.97 -41.13 -66.39
CA HIS J 277 19.77 -41.42 -65.21
C HIS J 277 20.19 -40.11 -64.56
N ARG J 278 19.68 -39.86 -63.35
CA ARG J 278 20.00 -38.65 -62.60
C ARG J 278 19.68 -37.38 -63.37
N THR J 279 18.76 -37.47 -64.33
CA THR J 279 18.40 -36.33 -65.16
C THR J 279 16.91 -36.41 -65.48
N LEU J 280 16.26 -35.26 -65.51
CA LEU J 280 14.83 -35.17 -65.76
C LEU J 280 14.65 -34.36 -67.04
N ILE J 281 14.45 -35.03 -68.16
CA ILE J 281 14.12 -34.35 -69.42
C ILE J 281 12.63 -34.08 -69.41
N LEU J 282 12.28 -32.81 -69.50
CA LEU J 282 10.89 -32.36 -69.44
C LEU J 282 10.51 -31.76 -70.79
N HIS J 283 9.62 -32.42 -71.51
CA HIS J 283 9.06 -31.83 -72.73
C HIS J 283 7.97 -30.81 -72.38
N LEU J 284 7.99 -29.68 -73.07
CA LEU J 284 6.96 -28.64 -72.89
C LEU J 284 6.41 -28.18 -74.23
N HIS J 285 5.13 -27.81 -74.21
CA HIS J 285 4.48 -27.18 -75.36
C HIS J 285 3.28 -26.38 -74.86
N PRO J 286 3.52 -25.18 -74.35
CA PRO J 286 2.43 -24.33 -73.84
C PRO J 286 1.65 -23.71 -74.98
N ASP J 287 0.43 -23.27 -74.67
CA ASP J 287 -0.32 -22.50 -75.65
C ASP J 287 -0.14 -21.00 -75.45
N HIS J 288 0.14 -20.56 -74.22
CA HIS J 288 0.44 -19.17 -73.91
C HIS J 288 1.69 -19.08 -73.02
N PRO J 289 2.43 -17.96 -73.06
CA PRO J 289 3.67 -17.88 -72.26
C PRO J 289 3.42 -18.12 -70.78
N THR J 290 4.10 -19.14 -70.23
CA THR J 290 3.93 -19.52 -68.83
C THR J 290 5.27 -19.56 -68.10
N LEU J 291 5.20 -19.27 -66.81
CA LEU J 291 6.33 -19.47 -65.90
C LEU J 291 6.60 -20.95 -65.64
N LEU J 292 7.84 -21.36 -65.82
CA LEU J 292 8.36 -22.63 -65.33
C LEU J 292 9.40 -22.34 -64.25
N THR J 293 9.31 -23.01 -63.10
CA THR J 293 10.29 -22.81 -62.03
C THR J 293 10.74 -24.14 -61.44
N THR J 294 11.97 -24.14 -60.91
CA THR J 294 12.54 -25.34 -60.29
C THR J 294 13.50 -24.96 -59.16
N ARG J 295 13.59 -25.81 -58.14
CA ARG J 295 14.55 -25.65 -57.05
C ARG J 295 15.01 -27.00 -56.52
N SER J 296 16.27 -27.08 -56.08
CA SER J 296 16.79 -28.30 -55.47
C SER J 296 16.45 -28.33 -53.98
N LEU J 297 16.22 -29.54 -53.45
CA LEU J 297 15.89 -29.68 -52.04
C LEU J 297 17.11 -29.89 -51.16
N GLY J 298 18.31 -29.85 -51.72
CA GLY J 298 19.52 -29.98 -50.93
C GLY J 298 19.88 -28.68 -50.23
N SER J 299 21.11 -28.64 -49.71
CA SER J 299 21.59 -27.42 -49.07
C SER J 299 21.66 -26.26 -50.05
N ASP J 300 22.13 -26.52 -51.26
CA ASP J 300 22.20 -25.49 -52.30
C ASP J 300 20.90 -25.49 -53.09
N ALA J 301 20.19 -24.36 -53.08
CA ALA J 301 18.89 -24.28 -53.75
C ALA J 301 19.04 -24.37 -55.26
N ASN J 302 19.95 -23.58 -55.83
CA ASN J 302 20.09 -23.43 -57.27
C ASN J 302 18.75 -23.16 -57.96
N PRO J 303 18.05 -22.09 -57.58
CA PRO J 303 16.75 -21.83 -58.20
C PRO J 303 16.90 -21.44 -59.66
N THR J 304 15.85 -21.71 -60.44
CA THR J 304 15.83 -21.36 -61.86
C THR J 304 14.40 -21.16 -62.31
N ARG J 305 14.11 -19.99 -62.88
CA ARG J 305 12.80 -19.72 -63.49
C ARG J 305 12.98 -19.26 -64.92
N GLN J 306 12.02 -19.63 -65.79
CA GLN J 306 12.08 -19.29 -67.21
C GLN J 306 10.67 -19.14 -67.79
N TRP J 307 10.41 -18.01 -68.45
CA TRP J 307 9.15 -17.85 -69.17
C TRP J 307 9.22 -18.63 -70.48
N ILE J 308 8.42 -19.69 -70.60
CA ILE J 308 8.39 -20.54 -71.79
C ILE J 308 7.18 -20.15 -72.62
N GLU J 309 7.41 -19.83 -73.89
CA GLU J 309 6.33 -19.41 -74.79
C GLU J 309 6.24 -20.28 -76.02
N ARG J 310 7.35 -20.53 -76.71
CA ARG J 310 7.38 -21.51 -77.77
C ARG J 310 7.62 -22.90 -77.19
N PRO J 311 7.14 -23.96 -77.86
CA PRO J 311 7.41 -25.31 -77.36
C PRO J 311 8.91 -25.60 -77.33
N THR J 312 9.37 -26.20 -76.24
CA THR J 312 10.78 -26.47 -76.05
C THR J 312 10.94 -27.70 -75.18
N THR J 313 12.13 -28.30 -75.25
CA THR J 313 12.49 -29.42 -74.38
C THR J 313 13.62 -28.95 -73.47
N VAL J 314 13.40 -29.08 -72.16
CA VAL J 314 14.37 -28.68 -71.16
C VAL J 314 14.76 -29.92 -70.35
N ASN J 315 15.82 -29.79 -69.56
CA ASN J 315 16.26 -30.90 -68.72
C ASN J 315 16.82 -30.37 -67.42
N PHE J 316 16.81 -31.22 -66.40
CA PHE J 316 17.27 -30.84 -65.08
C PHE J 316 18.09 -31.97 -64.47
N THR J 317 19.19 -31.62 -63.81
CA THR J 317 20.01 -32.62 -63.14
C THR J 317 19.40 -32.92 -61.78
N VAL J 318 18.97 -34.15 -61.58
CA VAL J 318 18.30 -34.56 -60.34
C VAL J 318 19.32 -35.29 -59.46
N THR J 319 19.63 -34.70 -58.32
CA THR J 319 20.58 -35.30 -57.39
C THR J 319 19.88 -36.28 -56.46
N GLY J 320 20.66 -36.91 -55.58
CA GLY J 320 20.08 -37.81 -54.60
C GLY J 320 19.13 -37.12 -53.64
N GLU J 321 19.24 -35.80 -53.51
CA GLU J 321 18.32 -35.06 -52.65
C GLU J 321 16.93 -34.96 -53.30
N GLY J 322 16.86 -34.35 -54.46
CA GLY J 322 15.61 -34.27 -55.20
C GLY J 322 15.34 -32.89 -55.77
N LEU J 323 14.38 -32.83 -56.68
CA LEU J 323 14.01 -31.58 -57.35
C LEU J 323 12.53 -31.30 -57.15
N GLU J 324 12.20 -30.02 -57.12
CA GLU J 324 10.81 -29.58 -57.11
C GLU J 324 10.60 -28.65 -58.30
N TYR J 325 9.67 -29.00 -59.17
CA TYR J 325 9.36 -28.17 -60.32
C TYR J 325 7.89 -27.84 -60.37
N THR J 326 7.58 -26.62 -60.79
CA THR J 326 6.21 -26.12 -60.91
C THR J 326 6.03 -25.57 -62.31
N TRP J 327 5.12 -26.19 -63.06
CA TRP J 327 4.80 -25.77 -64.42
C TRP J 327 3.45 -25.07 -64.40
N GLY J 328 3.40 -23.86 -64.92
CA GLY J 328 2.18 -23.08 -64.79
C GLY J 328 1.79 -22.97 -63.32
N ASN J 329 0.50 -23.17 -63.06
CA ASN J 329 -0.07 -23.15 -61.71
C ASN J 329 -0.45 -24.55 -61.21
N HIS J 330 0.08 -25.59 -61.84
CA HIS J 330 -0.12 -26.93 -61.32
C HIS J 330 0.56 -27.05 -59.95
N PRO J 331 0.05 -27.88 -59.05
CA PRO J 331 0.71 -28.06 -57.75
C PRO J 331 2.11 -28.62 -57.95
N PRO J 332 3.07 -28.19 -57.13
CA PRO J 332 4.45 -28.66 -57.32
C PRO J 332 4.59 -30.15 -57.05
N LYS J 333 5.59 -30.75 -57.68
CA LYS J 333 5.88 -32.17 -57.52
C LYS J 333 7.34 -32.38 -57.17
N ARG J 334 7.62 -33.52 -56.56
CA ARG J 334 8.96 -33.91 -56.15
C ARG J 334 9.45 -35.08 -56.99
N VAL J 335 10.76 -35.31 -56.94
CA VAL J 335 11.37 -36.43 -57.66
C VAL J 335 12.59 -36.93 -56.88
N TRP J 336 12.92 -38.21 -57.06
CA TRP J 336 14.11 -38.83 -56.49
C TRP J 336 15.17 -39.07 -57.57
N ALA J 337 16.27 -39.72 -57.17
CA ALA J 337 17.31 -40.13 -58.10
C ALA J 337 17.90 -41.44 -57.62
N GLN J 338 18.24 -42.30 -58.57
CA GLN J 338 18.81 -43.62 -58.28
C GLN J 338 20.33 -43.52 -58.25
#